data_8EB4
#
_entry.id   8EB4
#
_entity_poly.entity_id   1
_entity_poly.type   'polypeptide(L)'
_entity_poly.pdbx_seq_one_letter_code
;MADTNRTDAAALIQEAYSDVFLDSVSETAKVIGTFPVYNMGTKTTNLPVLSTFPHAKWVGESATAPEGVKPTAKATWANK
TLVAEELAVILPIHENVLADATEDLLAELARMGGASIGRALDAAVLFGHQKPVTWASKSLFESADDAGQVVAVGNSNGVE
GDDISGSILQAAEMVADVYDPSHLLGYSGLRYRLANQRDANGQPLFQPYMQGTPGSDGMVHGLNTVFFSGNVDDGSNGDA
PVWDRDVASAIVVDRSRVVIGVRQDITVKYLDQATVGGINLAERDMVALRFCGRFAYALGDNIAQGRVAAENSPVAVITP
YAGS
;
_entity_poly.pdbx_strand_id   A,F,E,B,C,D,I,H,G
#
# COMPACT_ATOMS: atom_id res chain seq x y z
N ALA A 2 -104.24 36.46 92.08
CA ALA A 2 -105.37 36.51 91.16
C ALA A 2 -105.17 35.67 89.90
N ASP A 3 -104.01 35.04 89.73
CA ASP A 3 -103.75 34.13 88.57
C ASP A 3 -102.71 33.10 88.98
N THR A 4 -102.72 31.91 88.38
CA THR A 4 -101.64 30.91 88.61
C THR A 4 -100.52 31.43 87.71
N ASN A 5 -99.42 31.92 88.29
CA ASN A 5 -98.31 32.54 87.53
C ASN A 5 -97.28 31.44 87.29
N ARG A 6 -96.13 31.73 86.67
CA ARG A 6 -95.04 30.77 86.54
C ARG A 6 -94.42 30.40 87.88
N THR A 7 -94.31 31.33 88.83
CA THR A 7 -93.93 30.99 90.19
C THR A 7 -94.82 30.03 91.00
N ASP A 8 -96.12 29.91 90.71
CA ASP A 8 -97.04 28.96 91.32
C ASP A 8 -96.98 27.61 90.61
N ALA A 9 -96.86 27.63 89.28
CA ALA A 9 -96.63 26.42 88.51
C ALA A 9 -95.18 25.92 88.55
N ALA A 10 -94.27 26.53 89.31
CA ALA A 10 -92.84 26.30 89.20
C ALA A 10 -92.44 24.83 89.36
N ALA A 11 -92.97 24.13 90.36
CA ALA A 11 -92.72 22.70 90.57
C ALA A 11 -93.20 21.83 89.41
N LEU A 12 -94.24 22.27 88.69
CA LEU A 12 -94.66 21.65 87.44
C LEU A 12 -93.81 21.90 86.16
N ILE A 13 -92.91 22.90 86.20
CA ILE A 13 -91.95 23.22 85.15
C ILE A 13 -90.55 22.60 85.23
N GLN A 14 -90.02 22.17 84.09
CA GLN A 14 -89.00 21.13 84.05
C GLN A 14 -88.03 21.36 82.89
N GLU A 15 -86.80 21.74 83.19
CA GLU A 15 -85.78 22.05 82.18
C GLU A 15 -85.33 20.82 81.40
N ALA A 16 -84.95 21.02 80.14
CA ALA A 16 -84.36 20.00 79.27
C ALA A 16 -82.83 20.09 79.25
N TYR A 17 -82.20 19.08 78.69
CA TYR A 17 -80.76 19.00 78.49
C TYR A 17 -80.44 18.70 77.04
N SER A 18 -79.33 19.23 76.55
CA SER A 18 -78.76 18.78 75.29
C SER A 18 -77.23 18.59 75.09
N ASP A 19 -76.88 17.60 74.31
CA ASP A 19 -75.50 17.26 73.99
C ASP A 19 -74.82 17.91 72.77
N VAL A 20 -75.50 18.86 72.13
CA VAL A 20 -75.10 19.48 70.87
C VAL A 20 -73.70 20.11 70.89
N PHE A 21 -73.28 20.66 72.03
CA PHE A 21 -71.98 21.28 72.22
C PHE A 21 -71.04 20.47 73.13
N LEU A 22 -71.35 19.22 73.43
CA LEU A 22 -70.58 18.39 74.35
C LEU A 22 -69.71 17.39 73.59
N ASP A 23 -68.41 17.42 73.85
CA ASP A 23 -67.40 16.59 73.18
C ASP A 23 -66.28 16.15 74.13
N SER A 24 -65.65 15.02 73.84
CA SER A 24 -64.37 14.64 74.43
C SER A 24 -63.24 15.54 73.94
N VAL A 25 -62.10 15.56 74.61
CA VAL A 25 -60.89 16.15 74.03
C VAL A 25 -60.47 15.36 72.80
N SER A 26 -60.01 16.07 71.77
CA SER A 26 -59.53 15.48 70.52
C SER A 26 -58.11 14.95 70.66
N GLU A 27 -57.79 13.91 69.89
CA GLU A 27 -56.47 13.30 69.83
C GLU A 27 -55.55 14.09 68.88
N THR A 28 -55.04 15.25 69.29
CA THR A 28 -54.26 16.14 68.42
C THR A 28 -52.82 15.68 68.16
N ALA A 29 -52.33 14.68 68.89
CA ALA A 29 -50.92 14.27 68.87
C ALA A 29 -50.52 13.60 67.55
N LYS A 30 -49.30 13.84 67.07
CA LYS A 30 -48.86 13.42 65.73
C LYS A 30 -47.53 12.70 65.65
N VAL A 31 -46.53 12.91 66.51
CA VAL A 31 -45.18 12.42 66.18
C VAL A 31 -45.07 10.90 66.07
N ILE A 32 -45.78 10.14 66.91
CA ILE A 32 -45.84 8.68 66.80
C ILE A 32 -46.60 8.22 65.56
N GLY A 33 -47.56 9.02 65.08
CA GLY A 33 -48.29 8.72 63.84
C GLY A 33 -47.44 8.93 62.59
N THR A 34 -46.62 9.97 62.56
CA THR A 34 -45.88 10.37 61.36
C THR A 34 -44.49 9.74 61.26
N PHE A 35 -43.68 9.77 62.31
CA PHE A 35 -42.29 9.30 62.24
C PHE A 35 -42.13 7.80 62.46
N PRO A 36 -40.99 7.21 62.05
CA PRO A 36 -40.67 5.81 62.34
C PRO A 36 -40.62 5.52 63.84
N VAL A 37 -41.21 4.40 64.24
CA VAL A 37 -41.25 3.94 65.64
C VAL A 37 -40.40 2.68 65.81
N TYR A 38 -39.50 2.68 66.79
CA TYR A 38 -38.72 1.54 67.23
C TYR A 38 -39.17 1.07 68.62
N ASN A 39 -39.51 -0.19 68.80
CA ASN A 39 -39.89 -0.72 70.11
C ASN A 39 -38.67 -1.09 70.94
N MET A 40 -38.35 -0.31 71.97
CA MET A 40 -37.21 -0.56 72.85
C MET A 40 -37.53 -1.64 73.91
N GLY A 41 -36.51 -2.39 74.34
CA GLY A 41 -36.62 -3.40 75.40
C GLY A 41 -35.89 -3.09 76.70
N THR A 42 -35.19 -1.95 76.79
CA THR A 42 -34.37 -1.52 77.93
C THR A 42 -34.22 0.00 77.88
N LYS A 43 -33.79 0.67 78.94
CA LYS A 43 -33.80 2.13 79.01
C LYS A 43 -32.92 2.79 77.93
N THR A 44 -31.77 2.21 77.62
CA THR A 44 -30.84 2.77 76.63
C THR A 44 -30.66 1.84 75.44
N THR A 45 -30.71 2.38 74.22
CA THR A 45 -30.31 1.68 72.99
C THR A 45 -29.21 2.45 72.29
N ASN A 46 -28.18 1.76 71.83
CA ASN A 46 -27.09 2.31 71.05
C ASN A 46 -27.37 2.14 69.56
N LEU A 47 -27.17 3.19 68.79
CA LEU A 47 -27.36 3.26 67.36
C LEU A 47 -26.02 3.63 66.70
N PRO A 48 -25.22 2.68 66.22
CA PRO A 48 -24.00 2.99 65.49
C PRO A 48 -24.31 3.69 64.17
N VAL A 49 -23.42 4.59 63.76
CA VAL A 49 -23.51 5.33 62.49
C VAL A 49 -22.14 5.37 61.83
N LEU A 50 -22.08 5.24 60.51
CA LEU A 50 -20.84 5.50 59.77
C LEU A 50 -20.44 6.96 59.94
N SER A 51 -19.16 7.23 60.18
CA SER A 51 -18.64 8.56 60.51
C SER A 51 -17.67 9.08 59.45
N THR A 52 -16.69 8.29 59.02
CA THR A 52 -15.74 8.65 57.96
C THR A 52 -15.39 7.44 57.12
N PHE A 53 -14.91 7.62 55.89
CA PHE A 53 -14.60 6.54 54.97
C PHE A 53 -13.44 6.86 54.00
N PRO A 54 -12.87 5.86 53.31
CA PRO A 54 -11.67 6.00 52.48
C PRO A 54 -11.82 6.79 51.16
N HIS A 55 -10.67 7.20 50.61
CA HIS A 55 -10.50 7.64 49.22
C HIS A 55 -9.46 6.76 48.49
N ALA A 56 -9.66 6.49 47.21
CA ALA A 56 -8.63 5.88 46.36
C ALA A 56 -7.59 6.90 45.88
N LYS A 57 -6.41 6.45 45.45
CA LYS A 57 -5.40 7.31 44.80
C LYS A 57 -4.89 6.69 43.50
N TRP A 58 -4.49 7.52 42.56
CA TRP A 58 -3.67 7.10 41.42
C TRP A 58 -2.30 6.43 41.61
N VAL A 59 -2.08 5.37 40.86
CA VAL A 59 -0.85 4.58 40.93
C VAL A 59 0.05 4.31 39.71
N GLY A 60 1.33 4.17 39.97
CA GLY A 60 2.32 3.73 38.99
C GLY A 60 2.31 2.22 38.76
N GLU A 61 3.35 1.72 38.11
CA GLU A 61 3.51 0.29 37.79
C GLU A 61 4.86 -0.28 38.26
N SER A 62 5.80 0.56 38.69
CA SER A 62 7.14 0.13 39.09
C SER A 62 7.16 -0.90 40.24
N ALA A 63 8.10 -1.84 40.18
CA ALA A 63 8.44 -2.74 41.27
C ALA A 63 9.53 -2.19 42.22
N THR A 64 9.97 -0.95 42.04
CA THR A 64 11.08 -0.37 42.82
C THR A 64 10.90 1.11 43.17
N ALA A 65 10.31 1.93 42.29
CA ALA A 65 10.00 3.32 42.58
C ALA A 65 8.72 3.47 43.44
N PRO A 66 8.65 4.44 44.35
CA PRO A 66 7.58 4.53 45.35
C PRO A 66 6.19 4.79 44.77
N GLU A 67 6.07 5.45 43.61
CA GLU A 67 4.79 5.62 42.92
C GLU A 67 4.11 4.31 42.52
N GLY A 68 4.83 3.19 42.48
CA GLY A 68 4.23 1.87 42.17
C GLY A 68 3.36 1.30 43.28
N VAL A 69 3.66 1.58 44.55
CA VAL A 69 2.94 0.96 45.74
C VAL A 69 1.50 1.48 45.85
N LYS A 70 0.56 0.63 46.31
CA LYS A 70 -0.88 1.01 46.51
C LYS A 70 -1.04 1.55 47.95
N PRO A 71 -1.87 2.59 48.22
CA PRO A 71 -1.89 3.23 49.54
C PRO A 71 -2.83 2.53 50.53
N THR A 72 -2.56 2.69 51.83
CA THR A 72 -3.53 2.38 52.87
C THR A 72 -4.53 3.43 53.42
N ALA A 73 -5.72 2.98 53.84
CA ALA A 73 -6.77 3.86 54.36
C ALA A 73 -7.67 3.22 55.42
N LYS A 74 -8.44 4.03 56.16
CA LYS A 74 -9.33 3.62 57.25
C LYS A 74 -10.73 4.22 57.14
N ALA A 75 -11.70 3.52 57.70
CA ALA A 75 -13.04 4.03 57.98
C ALA A 75 -13.22 4.31 59.48
N THR A 76 -14.34 4.90 59.88
CA THR A 76 -14.66 5.12 61.30
C THR A 76 -16.16 5.13 61.50
N TRP A 77 -16.61 4.66 62.66
CA TRP A 77 -18.00 4.70 63.10
C TRP A 77 -18.13 5.48 64.40
N ALA A 78 -19.30 6.09 64.62
CA ALA A 78 -19.67 6.77 65.84
C ALA A 78 -20.97 6.19 66.40
N ASN A 79 -21.48 6.73 67.51
CA ASN A 79 -22.64 6.20 68.22
C ASN A 79 -23.64 7.30 68.57
N LYS A 80 -24.93 6.99 68.46
CA LYS A 80 -26.07 7.79 68.94
C LYS A 80 -26.90 6.95 69.90
N THR A 81 -27.61 7.55 70.84
CA THR A 81 -28.37 6.80 71.84
C THR A 81 -29.83 7.23 71.92
N LEU A 82 -30.75 6.27 71.92
CA LEU A 82 -32.10 6.46 72.45
C LEU A 82 -32.07 6.24 73.97
N VAL A 83 -32.59 7.17 74.77
CA VAL A 83 -32.79 7.00 76.21
C VAL A 83 -34.25 7.22 76.56
N ALA A 84 -34.90 6.23 77.17
CA ALA A 84 -36.34 6.25 77.42
C ALA A 84 -36.70 6.98 78.72
N GLU A 85 -37.54 7.99 78.62
CA GLU A 85 -38.00 8.84 79.73
C GLU A 85 -39.53 8.81 79.81
N GLU A 86 -40.12 9.09 80.98
CA GLU A 86 -41.54 8.82 81.25
C GLU A 86 -42.41 10.08 81.30
N LEU A 87 -43.53 10.06 80.58
CA LEU A 87 -44.63 11.03 80.69
C LEU A 87 -45.77 10.37 81.45
N ALA A 88 -46.34 11.05 82.45
CA ALA A 88 -47.40 10.49 83.28
C ALA A 88 -48.39 11.54 83.82
N VAL A 89 -49.61 11.12 84.16
CA VAL A 89 -50.60 11.91 84.91
C VAL A 89 -51.55 10.99 85.70
N ILE A 90 -52.06 11.43 86.85
CA ILE A 90 -53.08 10.73 87.62
C ILE A 90 -54.35 11.58 87.70
N LEU A 91 -55.49 11.00 87.33
CA LEU A 91 -56.81 11.65 87.31
C LEU A 91 -57.75 11.02 88.35
N PRO A 92 -57.83 11.54 89.59
CA PRO A 92 -58.72 11.03 90.62
C PRO A 92 -60.16 11.53 90.45
N ILE A 93 -61.14 10.69 90.78
CA ILE A 93 -62.57 10.98 90.73
C ILE A 93 -63.31 10.22 91.84
N HIS A 94 -64.34 10.80 92.43
CA HIS A 94 -65.14 10.14 93.45
C HIS A 94 -66.20 9.22 92.83
N GLU A 95 -66.44 8.02 93.37
CA GLU A 95 -67.30 7.05 92.69
C GLU A 95 -68.77 7.45 92.59
N ASN A 96 -69.31 8.22 93.53
CA ASN A 96 -70.67 8.73 93.40
C ASN A 96 -70.79 9.74 92.26
N VAL A 97 -69.79 10.61 92.07
CA VAL A 97 -69.79 11.59 90.95
C VAL A 97 -69.75 10.85 89.63
N LEU A 98 -68.93 9.82 89.56
CA LEU A 98 -68.81 8.93 88.42
C LEU A 98 -70.09 8.12 88.17
N ALA A 99 -70.86 7.79 89.20
CA ALA A 99 -72.14 7.09 89.07
C ALA A 99 -73.30 8.02 88.68
N ASP A 100 -73.32 9.24 89.22
CA ASP A 100 -74.37 10.22 88.99
C ASP A 100 -74.30 10.90 87.61
N ALA A 101 -73.11 11.07 87.03
CA ALA A 101 -72.94 11.75 85.75
C ALA A 101 -73.70 11.06 84.60
N THR A 102 -74.17 11.84 83.64
CA THR A 102 -74.89 11.32 82.46
C THR A 102 -73.96 10.73 81.41
N GLU A 103 -72.70 11.18 81.37
CA GLU A 103 -71.66 10.65 80.49
C GLU A 103 -70.83 9.59 81.22
N ASP A 104 -70.20 8.67 80.48
CA ASP A 104 -69.19 7.78 81.06
C ASP A 104 -67.89 8.55 81.33
N LEU A 105 -67.75 9.11 82.54
CA LEU A 105 -66.57 9.88 82.88
C LEU A 105 -65.29 9.03 82.95
N LEU A 106 -65.32 7.71 83.08
CA LEU A 106 -64.09 6.95 82.89
C LEU A 106 -63.68 6.90 81.42
N ALA A 107 -64.63 6.81 80.49
CA ALA A 107 -64.29 6.91 79.08
C ALA A 107 -63.77 8.31 78.72
N GLU A 108 -64.33 9.37 79.31
CA GLU A 108 -63.78 10.71 79.14
C GLU A 108 -62.39 10.87 79.74
N LEU A 109 -62.18 10.45 80.98
CA LEU A 109 -60.87 10.57 81.60
C LEU A 109 -59.82 9.70 80.90
N ALA A 110 -60.20 8.54 80.34
CA ALA A 110 -59.30 7.75 79.50
C ALA A 110 -58.83 8.52 78.27
N ARG A 111 -59.74 9.20 77.57
CA ARG A 111 -59.39 10.06 76.43
C ARG A 111 -58.52 11.25 76.86
N MET A 112 -58.83 11.90 77.97
CA MET A 112 -58.04 13.04 78.45
C MET A 112 -56.63 12.64 78.85
N GLY A 113 -56.46 11.55 79.59
CA GLY A 113 -55.16 11.07 80.00
C GLY A 113 -54.28 10.75 78.80
N GLY A 114 -54.77 9.90 77.90
CA GLY A 114 -54.01 9.49 76.71
C GLY A 114 -53.59 10.68 75.85
N ALA A 115 -54.51 11.58 75.52
CA ALA A 115 -54.21 12.72 74.68
C ALA A 115 -53.11 13.61 75.26
N SER A 116 -53.08 13.80 76.58
CA SER A 116 -52.12 14.70 77.21
C SER A 116 -50.68 14.25 77.03
N ILE A 117 -50.44 12.94 77.10
CA ILE A 117 -49.11 12.36 76.91
C ILE A 117 -48.67 12.50 75.46
N GLY A 118 -49.58 12.33 74.50
CA GLY A 118 -49.33 12.63 73.10
C GLY A 118 -48.88 14.08 72.86
N ARG A 119 -49.63 15.07 73.36
CA ARG A 119 -49.27 16.48 73.20
C ARG A 119 -47.91 16.82 73.80
N ALA A 120 -47.60 16.29 74.97
CA ALA A 120 -46.34 16.55 75.64
C ALA A 120 -45.15 15.97 74.88
N LEU A 121 -45.30 14.80 74.28
CA LEU A 121 -44.26 14.21 73.44
C LEU A 121 -44.00 15.04 72.19
N ASP A 122 -45.04 15.45 71.46
CA ASP A 122 -44.88 16.29 70.27
C ASP A 122 -44.10 17.57 70.58
N ALA A 123 -44.43 18.27 71.66
CA ALA A 123 -43.76 19.51 72.04
C ALA A 123 -42.28 19.33 72.40
N ALA A 124 -41.87 18.18 72.91
CA ALA A 124 -40.47 17.90 73.19
C ALA A 124 -39.67 17.68 71.91
N VAL A 125 -40.19 16.87 70.99
CA VAL A 125 -39.48 16.50 69.74
C VAL A 125 -39.27 17.71 68.84
N LEU A 126 -40.29 18.54 68.63
CA LEU A 126 -40.22 19.66 67.68
C LEU A 126 -39.39 20.84 68.21
N PHE A 127 -39.71 21.36 69.39
CA PHE A 127 -39.12 22.59 69.91
C PHE A 127 -38.27 22.40 71.16
N GLY A 128 -38.18 21.20 71.69
CA GLY A 128 -37.44 20.95 72.92
C GLY A 128 -38.13 21.49 74.16
N HIS A 129 -39.46 21.67 74.14
CA HIS A 129 -40.20 22.17 75.30
C HIS A 129 -40.20 21.13 76.42
N GLN A 130 -39.64 21.46 77.58
CA GLN A 130 -39.44 20.53 78.69
C GLN A 130 -38.74 19.21 78.27
N LYS A 131 -37.87 19.24 77.26
CA LYS A 131 -37.16 18.04 76.76
C LYS A 131 -36.36 17.40 77.89
N PRO A 132 -36.39 16.07 78.08
CA PRO A 132 -35.59 15.42 79.10
C PRO A 132 -34.10 15.68 78.90
N VAL A 133 -33.36 15.92 79.99
CA VAL A 133 -31.92 16.21 79.93
C VAL A 133 -31.11 15.04 79.37
N THR A 134 -31.60 13.80 79.50
CA THR A 134 -30.94 12.60 78.99
C THR A 134 -31.08 12.41 77.48
N TRP A 135 -31.97 13.12 76.79
CA TRP A 135 -32.05 13.07 75.34
C TRP A 135 -30.89 13.86 74.70
N ALA A 136 -29.97 13.16 74.06
CA ALA A 136 -28.75 13.74 73.51
C ALA A 136 -28.94 14.38 72.12
N SER A 137 -29.95 13.95 71.35
CA SER A 137 -30.29 14.60 70.09
C SER A 137 -30.84 16.01 70.30
N LYS A 138 -30.50 16.92 69.40
CA LYS A 138 -31.16 18.22 69.28
C LYS A 138 -32.61 18.01 68.84
N SER A 139 -33.54 18.81 69.34
CA SER A 139 -34.92 18.87 68.83
C SER A 139 -34.96 19.33 67.37
N LEU A 140 -36.06 19.16 66.66
CA LEU A 140 -36.09 19.48 65.23
C LEU A 140 -35.73 20.95 64.96
N PHE A 141 -36.32 21.90 65.68
CA PHE A 141 -35.96 23.31 65.54
C PHE A 141 -34.48 23.56 65.84
N GLU A 142 -34.00 23.02 66.95
CA GLU A 142 -32.64 23.21 67.45
C GLU A 142 -31.58 22.58 66.54
N SER A 143 -31.90 21.46 65.90
CA SER A 143 -31.01 20.83 64.93
C SER A 143 -30.83 21.71 63.71
N ALA A 144 -31.93 22.17 63.12
CA ALA A 144 -31.88 23.04 61.95
C ALA A 144 -31.22 24.38 62.27
N ASP A 145 -31.52 24.97 63.42
CA ASP A 145 -30.93 26.23 63.87
C ASP A 145 -29.42 26.12 64.03
N ASP A 146 -28.93 25.10 64.74
CA ASP A 146 -27.50 24.91 64.92
C ASP A 146 -26.78 24.53 63.62
N ALA A 147 -27.45 23.80 62.71
CA ALA A 147 -26.96 23.53 61.37
C ALA A 147 -27.00 24.76 60.43
N GLY A 148 -27.58 25.89 60.84
CA GLY A 148 -27.75 27.08 60.01
C GLY A 148 -28.81 26.94 58.91
N GLN A 149 -29.66 25.91 58.94
CA GLN A 149 -30.69 25.66 57.93
C GLN A 149 -32.00 26.40 58.23
N VAL A 150 -31.88 27.69 58.52
CA VAL A 150 -32.98 28.58 58.87
C VAL A 150 -33.23 29.57 57.73
N VAL A 151 -34.47 29.62 57.25
CA VAL A 151 -34.91 30.49 56.16
C VAL A 151 -35.94 31.47 56.71
N ALA A 152 -35.59 32.75 56.81
CA ALA A 152 -36.50 33.76 57.31
C ALA A 152 -37.38 34.30 56.18
N VAL A 153 -38.70 34.26 56.36
CA VAL A 153 -39.64 34.91 55.43
C VAL A 153 -39.39 36.41 55.44
N GLY A 154 -39.46 37.04 54.27
CA GLY A 154 -39.16 38.46 54.09
C GLY A 154 -40.36 39.28 53.64
N ASN A 155 -40.21 40.60 53.67
CA ASN A 155 -41.23 41.56 53.24
C ASN A 155 -41.08 41.99 51.77
N SER A 156 -40.46 41.16 50.93
CA SER A 156 -40.09 41.54 49.54
C SER A 156 -41.23 41.43 48.53
N ASN A 157 -42.43 41.00 48.92
CA ASN A 157 -43.48 40.53 48.00
C ASN A 157 -43.00 39.45 47.02
N GLY A 158 -42.09 38.60 47.52
CA GLY A 158 -41.51 37.53 46.71
C GLY A 158 -40.61 38.09 45.63
N VAL A 159 -40.20 39.35 45.65
CA VAL A 159 -39.22 39.83 44.64
C VAL A 159 -37.92 39.08 44.94
N GLU A 160 -37.49 39.03 46.21
CA GLU A 160 -36.18 38.42 46.60
C GLU A 160 -36.28 36.91 46.84
N GLY A 161 -37.42 36.24 46.51
CA GLY A 161 -37.55 34.77 46.64
C GLY A 161 -37.87 34.35 48.06
N ASP A 162 -38.23 35.28 48.97
CA ASP A 162 -38.39 34.95 50.41
C ASP A 162 -39.85 34.94 50.89
N ASP A 163 -40.88 35.00 50.05
CA ASP A 163 -42.25 34.76 50.54
C ASP A 163 -42.34 33.36 51.19
N ILE A 164 -43.49 32.98 51.74
CA ILE A 164 -43.67 31.65 52.36
C ILE A 164 -43.33 30.56 51.34
N SER A 165 -43.87 30.64 50.13
CA SER A 165 -43.70 29.61 49.12
C SER A 165 -42.26 29.51 48.63
N GLY A 166 -41.59 30.64 48.40
CA GLY A 166 -40.18 30.63 48.07
C GLY A 166 -39.35 30.03 49.20
N SER A 167 -39.62 30.42 50.44
CA SER A 167 -38.92 29.93 51.61
C SER A 167 -39.09 28.42 51.83
N ILE A 168 -40.24 27.83 51.52
CA ILE A 168 -40.40 26.37 51.61
C ILE A 168 -39.50 25.67 50.61
N LEU A 169 -39.40 26.17 49.37
CA LEU A 169 -38.52 25.57 48.37
C LEU A 169 -37.05 25.70 48.76
N GLN A 170 -36.64 26.83 49.31
CA GLN A 170 -35.28 26.97 49.83
C GLN A 170 -34.99 25.98 50.95
N ALA A 171 -35.91 25.81 51.90
CA ALA A 171 -35.76 24.85 52.98
C ALA A 171 -35.75 23.41 52.47
N ALA A 172 -36.61 23.05 51.53
CA ALA A 172 -36.57 21.75 50.89
C ALA A 172 -35.24 21.51 50.20
N GLU A 173 -34.69 22.51 49.50
CA GLU A 173 -33.39 22.38 48.86
C GLU A 173 -32.27 22.15 49.87
N MET A 174 -32.28 22.82 51.02
CA MET A 174 -31.30 22.58 52.08
C MET A 174 -31.32 21.13 52.52
N VAL A 175 -32.50 20.57 52.80
CA VAL A 175 -32.60 19.17 53.22
C VAL A 175 -32.23 18.22 52.08
N ALA A 176 -32.67 18.52 50.85
CA ALA A 176 -32.42 17.68 49.67
C ALA A 176 -30.93 17.58 49.29
N ASP A 177 -30.08 18.45 49.83
CA ASP A 177 -28.64 18.43 49.57
C ASP A 177 -27.97 17.10 49.97
N VAL A 178 -28.45 16.45 51.04
CA VAL A 178 -27.90 15.21 51.60
C VAL A 178 -28.99 14.19 51.92
N TYR A 179 -30.16 14.64 52.35
CA TYR A 179 -31.29 13.82 52.73
C TYR A 179 -32.38 13.85 51.67
N ASP A 180 -33.56 13.31 51.94
CA ASP A 180 -34.71 13.38 51.04
C ASP A 180 -35.91 14.03 51.76
N PRO A 181 -36.19 15.33 51.57
CA PRO A 181 -37.28 16.00 52.28
C PRO A 181 -38.62 15.38 51.88
N SER A 182 -39.49 15.24 52.86
CA SER A 182 -40.63 14.34 52.79
C SER A 182 -41.91 14.92 53.38
N HIS A 183 -41.77 15.66 54.48
CA HIS A 183 -42.88 16.19 55.25
C HIS A 183 -42.65 17.66 55.56
N LEU A 184 -43.73 18.44 55.59
CA LEU A 184 -43.78 19.80 56.05
C LEU A 184 -44.59 19.85 57.34
N LEU A 185 -43.98 20.25 58.45
CA LEU A 185 -44.62 20.35 59.75
C LEU A 185 -45.02 21.80 60.00
N GLY A 186 -46.21 22.06 60.53
CA GLY A 186 -46.63 23.42 60.87
C GLY A 186 -47.89 23.49 61.69
N TYR A 187 -48.58 24.63 61.66
CA TYR A 187 -49.92 24.81 62.22
C TYR A 187 -50.95 24.95 61.11
N SER A 188 -52.20 24.58 61.41
CA SER A 188 -53.28 24.45 60.43
C SER A 188 -53.62 25.75 59.71
N GLY A 189 -54.45 25.67 58.67
CA GLY A 189 -54.85 26.82 57.86
C GLY A 189 -53.80 27.27 56.85
N LEU A 190 -52.83 26.41 56.53
CA LEU A 190 -51.77 26.74 55.58
C LEU A 190 -52.33 27.11 54.20
N ARG A 191 -53.41 26.49 53.74
CA ARG A 191 -54.07 26.84 52.48
C ARG A 191 -54.48 28.31 52.40
N TYR A 192 -54.91 28.92 53.49
CA TYR A 192 -55.26 30.34 53.55
C TYR A 192 -54.05 31.26 53.53
N ARG A 193 -52.86 30.79 53.93
CA ARG A 193 -51.60 31.55 53.92
C ARG A 193 -50.84 31.39 52.61
N LEU A 194 -51.00 30.25 51.92
CA LEU A 194 -50.42 30.01 50.60
C LEU A 194 -51.20 30.74 49.51
N ALA A 195 -52.52 30.67 49.55
CA ALA A 195 -53.39 31.68 48.93
C ALA A 195 -53.13 33.05 49.56
N ASN A 196 -53.65 34.13 48.98
CA ASN A 196 -53.44 35.48 49.51
C ASN A 196 -51.95 35.88 49.66
N GLN A 197 -51.09 35.31 48.83
CA GLN A 197 -49.66 35.54 48.80
C GLN A 197 -49.30 36.25 47.49
N ARG A 198 -48.72 37.44 47.55
CA ARG A 198 -48.80 38.42 46.44
C ARG A 198 -47.44 38.82 45.87
N ASP A 199 -47.42 39.11 44.57
CA ASP A 199 -46.31 39.78 43.89
C ASP A 199 -46.22 41.27 44.28
N ALA A 200 -45.25 42.01 43.75
CA ALA A 200 -45.06 43.41 44.06
C ALA A 200 -46.18 44.35 43.55
N ASN A 201 -47.08 43.88 42.70
CA ASN A 201 -48.25 44.62 42.23
C ASN A 201 -49.55 44.23 42.94
N GLY A 202 -49.56 43.12 43.68
CA GLY A 202 -50.75 42.60 44.35
C GLY A 202 -51.40 41.43 43.62
N GLN A 203 -50.87 40.93 42.52
CA GLN A 203 -51.38 39.69 41.92
C GLN A 203 -50.98 38.49 42.79
N PRO A 204 -51.81 37.43 42.90
CA PRO A 204 -51.43 36.22 43.59
C PRO A 204 -50.28 35.45 42.91
N LEU A 205 -49.29 35.01 43.68
CA LEU A 205 -48.20 34.13 43.23
C LEU A 205 -48.60 32.67 43.12
N PHE A 206 -49.47 32.21 44.01
CA PHE A 206 -49.64 30.78 44.23
C PHE A 206 -50.52 30.09 43.21
N GLN A 207 -51.61 30.72 42.80
CA GLN A 207 -52.50 30.25 41.74
C GLN A 207 -52.98 31.45 40.91
N PRO A 208 -53.58 31.25 39.73
CA PRO A 208 -53.89 32.33 38.80
C PRO A 208 -54.59 33.57 39.38
N TYR A 209 -55.70 33.42 40.10
CA TYR A 209 -56.51 34.55 40.61
C TYR A 209 -57.19 34.23 41.93
N MET A 210 -57.62 35.27 42.66
CA MET A 210 -58.33 35.12 43.93
C MET A 210 -59.67 34.37 43.81
N GLN A 211 -60.23 34.28 42.61
CA GLN A 211 -61.54 33.71 42.31
C GLN A 211 -61.83 32.36 42.96
N GLY A 212 -60.88 31.43 42.93
CA GLY A 212 -61.01 30.07 43.49
C GLY A 212 -59.97 29.76 44.56
N THR A 213 -59.57 30.75 45.34
CA THR A 213 -58.23 30.77 45.94
C THR A 213 -57.93 29.75 47.05
N PRO A 214 -58.81 29.37 47.99
CA PRO A 214 -58.43 28.42 49.02
C PRO A 214 -58.36 27.01 48.43
N GLY A 215 -57.15 26.54 48.13
CA GLY A 215 -56.89 25.19 47.64
C GLY A 215 -56.82 24.16 48.75
N SER A 216 -56.35 22.97 48.45
CA SER A 216 -55.98 21.98 49.46
C SER A 216 -54.62 22.31 50.09
N ASP A 217 -54.33 21.75 51.25
CA ASP A 217 -53.01 21.80 51.89
C ASP A 217 -52.56 20.45 52.47
N GLY A 218 -53.09 19.32 51.98
CA GLY A 218 -52.57 18.00 52.35
C GLY A 218 -51.18 17.72 51.76
N MET A 219 -50.92 18.25 50.57
CA MET A 219 -49.62 18.29 49.89
C MET A 219 -49.24 19.73 49.60
N VAL A 220 -48.01 20.12 49.89
CA VAL A 220 -47.48 21.46 49.60
C VAL A 220 -46.08 21.30 49.06
N HIS A 221 -45.83 21.72 47.82
CA HIS A 221 -44.52 21.56 47.16
C HIS A 221 -43.99 20.13 47.17
N GLY A 222 -44.89 19.16 46.98
CA GLY A 222 -44.59 17.74 47.04
C GLY A 222 -44.36 17.16 48.44
N LEU A 223 -44.33 18.00 49.48
CA LEU A 223 -44.21 17.57 50.87
C LEU A 223 -45.58 17.25 51.44
N ASN A 224 -45.72 16.16 52.18
CA ASN A 224 -46.91 15.87 52.95
C ASN A 224 -46.99 16.82 54.14
N THR A 225 -48.11 17.49 54.38
CA THR A 225 -48.20 18.38 55.54
C THR A 225 -48.59 17.63 56.81
N VAL A 226 -48.17 18.15 57.97
CA VAL A 226 -48.57 17.69 59.29
C VAL A 226 -48.86 18.90 60.15
N PHE A 227 -50.03 18.97 60.77
CA PHE A 227 -50.43 20.12 61.57
C PHE A 227 -50.46 19.78 63.06
N PHE A 228 -49.80 20.59 63.86
CA PHE A 228 -49.68 20.45 65.31
C PHE A 228 -50.55 21.47 66.04
N SER A 229 -51.24 21.05 67.09
CA SER A 229 -52.18 21.90 67.82
C SER A 229 -52.38 21.46 69.26
N GLY A 230 -52.91 22.38 70.07
CA GLY A 230 -53.17 22.20 71.49
C GLY A 230 -52.06 22.77 72.37
N ASN A 231 -52.16 22.48 73.66
CA ASN A 231 -51.29 23.05 74.68
C ASN A 231 -50.64 21.96 75.52
N VAL A 232 -49.62 22.35 76.28
CA VAL A 232 -48.86 21.52 77.21
C VAL A 232 -48.59 22.32 78.49
N ASP A 233 -48.14 21.64 79.53
CA ASP A 233 -47.73 22.27 80.78
C ASP A 233 -46.70 23.39 80.55
N ASP A 234 -46.92 24.59 81.09
CA ASP A 234 -45.93 25.68 81.04
C ASP A 234 -44.90 25.64 82.18
N GLY A 235 -45.00 24.68 83.10
CA GLY A 235 -44.15 24.57 84.27
C GLY A 235 -44.54 25.46 85.45
N SER A 236 -45.66 26.17 85.36
CA SER A 236 -46.20 27.10 86.36
C SER A 236 -47.71 26.97 86.52
N ASN A 237 -48.24 25.76 86.31
CA ASN A 237 -49.66 25.42 86.38
C ASN A 237 -50.57 26.19 85.38
N GLY A 238 -50.03 26.58 84.22
CA GLY A 238 -50.77 27.13 83.09
C GLY A 238 -50.44 26.41 81.77
N ASP A 239 -50.79 27.05 80.66
CA ASP A 239 -50.66 26.51 79.30
C ASP A 239 -49.52 27.16 78.52
N ALA A 240 -48.77 26.36 77.76
CA ALA A 240 -47.93 26.79 76.66
C ALA A 240 -48.36 26.06 75.37
N PRO A 241 -48.27 26.66 74.17
CA PRO A 241 -48.67 25.99 72.93
C PRO A 241 -47.69 24.87 72.54
N VAL A 242 -48.20 23.82 71.90
CA VAL A 242 -47.35 22.76 71.33
C VAL A 242 -46.43 23.32 70.25
N TRP A 243 -46.95 24.19 69.39
CA TRP A 243 -46.19 24.89 68.35
C TRP A 243 -46.09 26.37 68.67
N ASP A 244 -44.89 26.91 68.85
CA ASP A 244 -44.73 28.35 69.04
C ASP A 244 -44.65 29.09 67.71
N ARG A 245 -45.76 29.69 67.28
CA ARG A 245 -45.89 30.39 66.00
C ARG A 245 -44.95 31.59 65.85
N ASP A 246 -44.40 32.10 66.94
CA ASP A 246 -43.45 33.21 66.91
C ASP A 246 -42.01 32.77 66.63
N VAL A 247 -41.68 31.47 66.71
CA VAL A 247 -40.32 30.98 66.38
C VAL A 247 -40.26 30.28 65.03
N ALA A 248 -41.32 29.61 64.60
CA ALA A 248 -41.33 28.91 63.31
C ALA A 248 -42.68 28.98 62.62
N SER A 249 -42.67 29.23 61.32
CA SER A 249 -43.83 29.14 60.45
C SER A 249 -44.07 27.70 59.99
N ALA A 250 -42.99 26.98 59.70
CA ALA A 250 -43.01 25.57 59.34
C ALA A 250 -41.62 24.96 59.48
N ILE A 251 -41.53 23.62 59.47
CA ILE A 251 -40.29 22.86 59.45
C ILE A 251 -40.37 21.86 58.29
N VAL A 252 -39.32 21.75 57.47
CA VAL A 252 -39.18 20.70 56.45
C VAL A 252 -38.28 19.62 57.01
N VAL A 253 -38.65 18.35 56.84
CA VAL A 253 -37.88 17.23 57.39
C VAL A 253 -37.84 16.03 56.44
N ASP A 254 -36.72 15.30 56.44
CA ASP A 254 -36.68 13.91 55.96
C ASP A 254 -37.19 12.99 57.07
N ARG A 255 -38.40 12.45 56.90
CA ARG A 255 -39.07 11.55 57.85
C ARG A 255 -38.15 10.41 58.29
N SER A 256 -37.36 9.86 57.39
CA SER A 256 -36.61 8.62 57.63
C SER A 256 -35.46 8.79 58.64
N ARG A 257 -35.04 10.02 58.93
CA ARG A 257 -33.92 10.31 59.84
C ARG A 257 -34.35 10.62 61.26
N VAL A 258 -35.64 10.56 61.55
CA VAL A 258 -36.17 10.63 62.92
C VAL A 258 -36.47 9.21 63.36
N VAL A 259 -36.15 8.84 64.59
CA VAL A 259 -36.71 7.62 65.20
C VAL A 259 -37.26 7.94 66.57
N ILE A 260 -38.49 7.49 66.81
CA ILE A 260 -39.14 7.56 68.10
C ILE A 260 -39.03 6.18 68.74
N GLY A 261 -38.37 6.10 69.88
CA GLY A 261 -38.30 4.88 70.67
C GLY A 261 -39.52 4.76 71.55
N VAL A 262 -40.38 3.77 71.33
CA VAL A 262 -41.51 3.48 72.21
C VAL A 262 -41.09 2.37 73.16
N ARG A 263 -40.57 2.73 74.33
CA ARG A 263 -40.18 1.77 75.36
C ARG A 263 -41.37 1.14 76.06
N GLN A 264 -42.42 1.94 76.28
CA GLN A 264 -43.71 1.48 76.79
C GLN A 264 -44.77 2.41 76.25
N ASP A 265 -45.65 1.90 75.41
CA ASP A 265 -46.77 2.68 74.87
C ASP A 265 -47.70 3.16 75.99
N ILE A 266 -48.59 4.11 75.73
CA ILE A 266 -49.45 4.69 76.78
C ILE A 266 -50.30 3.59 77.42
N THR A 267 -50.13 3.39 78.73
CA THR A 267 -50.90 2.41 79.52
C THR A 267 -51.71 3.12 80.59
N VAL A 268 -52.87 2.55 80.92
CA VAL A 268 -53.79 3.04 81.95
C VAL A 268 -53.85 2.05 83.10
N LYS A 269 -53.66 2.51 84.34
CA LYS A 269 -53.87 1.73 85.56
C LYS A 269 -55.05 2.31 86.33
N TYR A 270 -56.05 1.48 86.62
CA TYR A 270 -57.18 1.83 87.48
C TYR A 270 -56.78 1.66 88.94
N LEU A 271 -56.73 2.74 89.71
CA LEU A 271 -56.34 2.75 91.11
C LEU A 271 -57.58 2.90 91.99
N ASP A 272 -57.75 2.00 92.96
CA ASP A 272 -58.88 2.02 93.89
C ASP A 272 -58.46 1.86 95.36
N GLN A 273 -57.16 1.72 95.65
CA GLN A 273 -56.62 1.57 97.01
C GLN A 273 -55.43 2.48 97.31
N ALA A 274 -54.77 3.04 96.31
CA ALA A 274 -53.59 3.86 96.49
C ALA A 274 -53.87 5.15 97.28
N THR A 275 -52.82 5.76 97.83
CA THR A 275 -52.86 7.16 98.25
C THR A 275 -52.23 8.00 97.14
N VAL A 276 -52.98 8.89 96.50
CA VAL A 276 -52.49 9.72 95.39
C VAL A 276 -52.74 11.19 95.68
N GLY A 277 -51.74 12.05 95.55
CA GLY A 277 -51.87 13.47 95.86
C GLY A 277 -52.39 13.77 97.28
N GLY A 278 -52.14 12.88 98.25
CA GLY A 278 -52.67 12.96 99.61
C GLY A 278 -54.08 12.40 99.82
N ILE A 279 -54.74 11.89 98.78
CA ILE A 279 -56.08 11.30 98.84
C ILE A 279 -55.96 9.80 99.05
N ASN A 280 -56.43 9.27 100.18
CA ASN A 280 -56.55 7.83 100.39
C ASN A 280 -57.75 7.29 99.61
N LEU A 281 -57.55 6.69 98.43
CA LEU A 281 -58.67 6.39 97.55
C LEU A 281 -59.71 5.46 98.18
N ALA A 282 -59.29 4.42 98.91
CA ALA A 282 -60.20 3.46 99.53
C ALA A 282 -61.00 4.04 100.71
N GLU A 283 -60.39 4.82 101.60
CA GLU A 283 -61.10 5.47 102.72
C GLU A 283 -62.22 6.37 102.24
N ARG A 284 -62.04 7.01 101.09
CA ARG A 284 -62.85 8.15 100.64
C ARG A 284 -63.78 7.80 99.48
N ASP A 285 -63.92 6.51 99.16
CA ASP A 285 -64.76 6.00 98.07
C ASP A 285 -64.41 6.61 96.70
N MET A 286 -63.13 6.95 96.50
CA MET A 286 -62.61 7.48 95.25
C MET A 286 -61.90 6.41 94.44
N VAL A 287 -61.62 6.72 93.19
CA VAL A 287 -60.75 5.96 92.28
C VAL A 287 -59.88 6.95 91.53
N ALA A 288 -58.87 6.47 90.82
CA ALA A 288 -58.14 7.28 89.88
C ALA A 288 -57.74 6.46 88.65
N LEU A 289 -57.53 7.13 87.53
CA LEU A 289 -56.82 6.55 86.40
C LEU A 289 -55.41 7.11 86.40
N ARG A 290 -54.40 6.26 86.36
CA ARG A 290 -53.00 6.65 86.15
C ARG A 290 -52.61 6.32 84.74
N PHE A 291 -52.06 7.29 84.02
CA PHE A 291 -51.57 7.14 82.68
C PHE A 291 -50.07 7.29 82.69
N CYS A 292 -49.35 6.43 81.98
CA CYS A 292 -47.96 6.72 81.65
C CYS A 292 -47.51 6.07 80.35
N GLY A 293 -46.50 6.64 79.72
CA GLY A 293 -45.77 6.05 78.60
C GLY A 293 -44.29 6.40 78.68
N ARG A 294 -43.43 5.56 78.13
CA ARG A 294 -41.98 5.76 78.12
C ARG A 294 -41.48 5.90 76.70
N PHE A 295 -40.80 7.00 76.41
CA PHE A 295 -40.41 7.39 75.06
C PHE A 295 -38.97 7.85 74.98
N ALA A 296 -38.37 7.65 73.83
CA ALA A 296 -37.05 8.15 73.48
C ALA A 296 -37.10 8.79 72.08
N TYR A 297 -36.14 9.65 71.77
CA TYR A 297 -36.03 10.30 70.47
C TYR A 297 -34.57 10.34 70.05
N ALA A 298 -34.29 10.06 68.78
CA ALA A 298 -32.98 10.23 68.18
C ALA A 298 -33.09 10.74 66.75
N LEU A 299 -32.14 11.58 66.35
CA LEU A 299 -32.04 12.17 65.02
C LEU A 299 -30.77 11.67 64.32
N GLY A 300 -30.93 11.01 63.17
CA GLY A 300 -29.85 10.45 62.36
C GLY A 300 -29.20 11.51 61.48
N ASP A 301 -28.58 12.52 62.09
CA ASP A 301 -28.37 13.82 61.49
C ASP A 301 -27.02 14.12 60.83
N ASN A 302 -25.97 13.33 60.98
CA ASN A 302 -24.65 13.64 60.41
C ASN A 302 -24.17 12.51 59.50
N ILE A 303 -24.92 12.22 58.42
CA ILE A 303 -24.48 11.30 57.37
C ILE A 303 -23.04 11.61 56.94
N ALA A 304 -22.18 10.58 56.89
CA ALA A 304 -20.77 10.68 56.57
C ALA A 304 -20.52 11.08 55.10
N GLN A 305 -19.48 11.88 54.86
CA GLN A 305 -19.20 12.46 53.54
C GLN A 305 -17.80 12.14 52.98
N GLY A 306 -16.82 11.81 53.82
CA GLY A 306 -15.43 11.68 53.39
C GLY A 306 -14.48 11.26 54.51
N ARG A 307 -13.23 11.72 54.46
CA ARG A 307 -12.23 11.42 55.50
C ARG A 307 -12.45 12.21 56.78
N VAL A 308 -13.03 13.41 56.70
CA VAL A 308 -13.33 14.26 57.87
C VAL A 308 -14.79 14.12 58.26
N ALA A 309 -15.08 14.03 59.56
CA ALA A 309 -16.45 13.88 60.06
C ALA A 309 -17.34 15.06 59.66
N ALA A 310 -18.53 14.76 59.14
CA ALA A 310 -19.44 15.74 58.57
C ALA A 310 -20.36 16.40 59.59
N GLU A 311 -20.84 17.60 59.27
CA GLU A 311 -21.93 18.28 59.97
C GLU A 311 -23.06 18.62 59.00
N ASN A 312 -24.24 18.03 59.21
CA ASN A 312 -25.44 18.23 58.40
C ASN A 312 -26.68 18.29 59.32
N SER A 313 -27.86 18.55 58.77
CA SER A 313 -29.12 18.24 59.44
C SER A 313 -30.18 17.79 58.44
N PRO A 314 -31.08 16.84 58.78
CA PRO A 314 -32.20 16.44 57.94
C PRO A 314 -33.40 17.38 58.08
N VAL A 315 -33.23 18.56 58.69
CA VAL A 315 -34.27 19.48 59.11
C VAL A 315 -33.94 20.91 58.68
N ALA A 316 -34.92 21.66 58.20
CA ALA A 316 -34.79 23.09 57.91
C ALA A 316 -36.02 23.86 58.40
N VAL A 317 -35.85 25.06 58.97
CA VAL A 317 -36.95 25.85 59.54
C VAL A 317 -37.28 27.03 58.65
N ILE A 318 -38.55 27.24 58.34
CA ILE A 318 -39.05 28.52 57.82
C ILE A 318 -39.52 29.34 59.01
N THR A 319 -39.01 30.56 59.19
CA THR A 319 -39.33 31.40 60.35
C THR A 319 -40.05 32.69 59.91
N PRO A 320 -40.98 33.21 60.72
CA PRO A 320 -41.84 34.31 60.31
C PRO A 320 -41.08 35.64 60.14
N TYR A 321 -41.64 36.57 59.37
CA TYR A 321 -41.06 37.91 59.24
C TYR A 321 -41.17 38.67 60.56
N ALA A 322 -40.02 38.96 61.18
CA ALA A 322 -39.95 39.54 62.52
C ALA A 322 -39.80 41.07 62.54
N GLY A 323 -39.52 41.69 61.40
CA GLY A 323 -39.26 43.13 61.29
C GLY A 323 -40.52 44.00 61.39
N SER A 324 -40.36 45.28 61.03
CA SER A 324 -41.43 46.29 60.91
C SER A 324 -42.41 45.98 59.78
N ALA B 2 -34.15 1.81 102.05
CA ALA B 2 -35.57 1.53 101.99
C ALA B 2 -36.11 1.37 100.55
N ASP B 3 -35.40 1.73 99.47
CA ASP B 3 -36.05 1.82 98.12
C ASP B 3 -35.36 1.13 96.94
N THR B 4 -34.16 0.57 97.08
CA THR B 4 -33.36 0.11 95.90
C THR B 4 -33.22 1.38 95.04
N ASN B 5 -32.88 1.29 93.75
CA ASN B 5 -32.77 2.45 92.82
C ASN B 5 -32.24 1.95 91.47
N ARG B 6 -32.21 2.79 90.44
CA ARG B 6 -31.52 2.42 89.19
C ARG B 6 -30.01 2.39 89.36
N THR B 7 -29.44 3.34 90.09
CA THR B 7 -28.05 3.23 90.51
C THR B 7 -27.59 2.04 91.38
N ASP B 8 -28.40 1.52 92.30
CA ASP B 8 -28.13 0.28 93.04
C ASP B 8 -28.23 -0.94 92.14
N ALA B 9 -29.20 -0.96 91.25
CA ALA B 9 -29.50 -2.07 90.35
C ALA B 9 -28.67 -2.07 89.05
N ALA B 10 -27.84 -1.05 88.82
CA ALA B 10 -27.22 -0.76 87.52
C ALA B 10 -26.55 -1.97 86.84
N ALA B 11 -25.80 -2.76 87.59
CA ALA B 11 -25.10 -3.94 87.05
C ALA B 11 -26.05 -5.01 86.47
N LEU B 12 -27.32 -5.02 86.86
CA LEU B 12 -28.37 -5.78 86.17
C LEU B 12 -29.00 -5.30 84.86
N ILE B 13 -28.57 -4.12 84.38
CA ILE B 13 -29.21 -3.41 83.27
C ILE B 13 -28.46 -3.10 81.98
N GLN B 14 -28.41 -4.09 81.11
CA GLN B 14 -27.70 -4.03 79.84
C GLN B 14 -28.38 -3.11 78.81
N GLU B 15 -27.57 -2.50 77.96
CA GLU B 15 -28.02 -1.64 76.87
C GLU B 15 -28.31 -2.44 75.61
N ALA B 16 -29.30 -2.01 74.83
CA ALA B 16 -29.62 -2.59 73.53
C ALA B 16 -28.77 -2.00 72.40
N TYR B 17 -28.89 -2.59 71.21
CA TYR B 17 -28.19 -2.19 69.99
C TYR B 17 -29.15 -2.17 68.81
N SER B 18 -29.10 -1.13 68.00
CA SER B 18 -29.85 -1.09 66.74
C SER B 18 -29.25 -0.57 65.41
N ASP B 19 -29.49 -1.29 64.34
CA ASP B 19 -29.11 -0.83 63.01
C ASP B 19 -29.84 0.31 62.27
N VAL B 20 -30.76 1.01 62.92
CA VAL B 20 -31.73 1.88 62.24
C VAL B 20 -31.08 3.03 61.43
N PHE B 21 -30.00 3.61 61.95
CA PHE B 21 -29.21 4.65 61.27
C PHE B 21 -27.90 4.13 60.68
N LEU B 22 -27.64 2.82 60.70
CA LEU B 22 -26.41 2.26 60.17
C LEU B 22 -26.54 2.03 58.67
N ASP B 23 -25.98 2.92 57.88
CA ASP B 23 -25.98 2.88 56.42
C ASP B 23 -24.56 2.66 55.89
N SER B 24 -24.40 1.76 54.93
CA SER B 24 -23.15 1.62 54.17
C SER B 24 -22.98 2.75 53.15
N VAL B 25 -21.77 2.98 52.63
CA VAL B 25 -21.56 4.08 51.67
C VAL B 25 -22.36 3.86 50.38
N SER B 26 -22.96 4.94 49.88
CA SER B 26 -23.69 4.94 48.62
C SER B 26 -22.74 5.03 47.42
N GLU B 27 -23.17 4.46 46.29
CA GLU B 27 -22.42 4.45 45.04
C GLU B 27 -22.71 5.73 44.23
N THR B 28 -22.04 6.84 44.56
CA THR B 28 -22.29 8.15 43.91
C THR B 28 -21.60 8.35 42.55
N ALA B 29 -20.83 7.37 42.07
CA ALA B 29 -20.06 7.48 40.82
C ALA B 29 -20.95 7.51 39.57
N LYS B 30 -20.66 8.39 38.60
CA LYS B 30 -21.56 8.66 37.47
C LYS B 30 -20.95 8.69 36.08
N VAL B 31 -19.64 8.89 35.87
CA VAL B 31 -19.16 9.03 34.47
C VAL B 31 -19.31 7.75 33.64
N ILE B 32 -19.12 6.57 34.22
CA ILE B 32 -19.24 5.28 33.51
C ILE B 32 -20.69 5.00 33.09
N GLY B 33 -21.67 5.42 33.88
CA GLY B 33 -23.08 5.33 33.49
C GLY B 33 -23.51 6.42 32.49
N THR B 34 -22.86 7.58 32.53
CA THR B 34 -23.25 8.74 31.72
C THR B 34 -22.73 8.65 30.29
N PHE B 35 -21.42 8.50 30.13
CA PHE B 35 -20.74 8.67 28.85
C PHE B 35 -20.54 7.35 28.09
N PRO B 36 -20.22 7.40 26.78
CA PRO B 36 -19.80 6.23 26.02
C PRO B 36 -18.62 5.52 26.67
N VAL B 37 -18.73 4.20 26.82
CA VAL B 37 -17.67 3.35 27.36
C VAL B 37 -17.04 2.52 26.25
N TYR B 38 -15.71 2.48 26.23
CA TYR B 38 -14.91 1.62 25.36
C TYR B 38 -14.20 0.55 26.21
N ASN B 39 -14.39 -0.73 25.91
CA ASN B 39 -13.69 -1.80 26.62
C ASN B 39 -12.27 -1.98 26.06
N MET B 40 -11.29 -1.33 26.67
CA MET B 40 -9.89 -1.43 26.25
C MET B 40 -9.36 -2.86 26.42
N GLY B 41 -8.62 -3.36 25.43
CA GLY B 41 -7.95 -4.67 25.47
C GLY B 41 -6.44 -4.61 25.68
N THR B 42 -5.88 -3.41 25.84
CA THR B 42 -4.44 -3.12 25.92
C THR B 42 -4.22 -1.75 26.57
N LYS B 43 -3.01 -1.44 27.01
CA LYS B 43 -2.63 -0.20 27.72
C LYS B 43 -3.00 1.07 26.96
N THR B 44 -2.86 1.08 25.64
CA THR B 44 -3.03 2.29 24.82
C THR B 44 -3.91 2.02 23.61
N THR B 45 -4.78 2.95 23.28
CA THR B 45 -5.58 2.93 22.04
C THR B 45 -5.44 4.25 21.32
N ASN B 46 -5.21 4.18 20.02
CA ASN B 46 -5.05 5.32 19.12
C ASN B 46 -6.36 5.64 18.43
N LEU B 47 -6.73 6.91 18.41
CA LEU B 47 -7.96 7.43 17.85
C LEU B 47 -7.58 8.43 16.75
N PRO B 48 -7.50 8.01 15.47
CA PRO B 48 -7.24 8.92 14.37
C PRO B 48 -8.39 9.92 14.20
N VAL B 49 -8.06 11.16 13.83
CA VAL B 49 -9.02 12.25 13.60
C VAL B 49 -8.60 13.08 12.39
N LEU B 50 -9.56 13.56 11.59
CA LEU B 50 -9.29 14.54 10.55
C LEU B 50 -8.86 15.86 11.21
N SER B 51 -7.77 16.45 10.76
CA SER B 51 -7.14 17.62 11.38
C SER B 51 -7.29 18.88 10.53
N THR B 52 -7.05 18.78 9.23
CA THR B 52 -7.22 19.86 8.26
C THR B 52 -7.67 19.31 6.91
N PHE B 53 -8.30 20.14 6.08
CA PHE B 53 -8.83 19.76 4.78
C PHE B 53 -8.74 20.93 3.77
N PRO B 54 -8.75 20.68 2.46
CA PRO B 54 -8.43 21.68 1.44
C PRO B 54 -9.56 22.66 1.13
N HIS B 55 -9.22 23.78 0.49
CA HIS B 55 -10.12 24.81 -0.03
C HIS B 55 -10.00 24.96 -1.55
N ALA B 56 -11.11 25.24 -2.23
CA ALA B 56 -11.10 25.59 -3.66
C ALA B 56 -10.60 27.01 -3.90
N LYS B 57 -10.22 27.31 -5.14
CA LYS B 57 -9.83 28.64 -5.60
C LYS B 57 -10.63 29.07 -6.83
N TRP B 58 -10.92 30.37 -7.00
CA TRP B 58 -11.53 30.89 -8.26
C TRP B 58 -10.39 30.96 -9.30
N VAL B 59 -10.49 30.28 -10.46
CA VAL B 59 -9.37 30.17 -11.46
C VAL B 59 -9.79 30.78 -12.80
N GLY B 60 -8.82 31.24 -13.63
CA GLY B 60 -9.07 31.91 -14.93
C GLY B 60 -8.82 31.01 -16.14
N GLU B 61 -8.58 31.52 -17.36
CA GLU B 61 -8.55 30.67 -18.60
C GLU B 61 -7.27 30.83 -19.44
N SER B 62 -6.16 31.31 -18.87
CA SER B 62 -4.91 31.59 -19.63
C SER B 62 -4.11 30.30 -19.90
N ALA B 63 -3.32 30.27 -20.98
CA ALA B 63 -2.42 29.12 -21.32
C ALA B 63 -1.05 29.31 -20.69
N THR B 64 -0.61 30.56 -20.49
CA THR B 64 0.73 30.89 -19.94
C THR B 64 0.64 31.71 -18.64
N ALA B 65 -0.38 32.55 -18.43
CA ALA B 65 -0.38 33.40 -17.23
C ALA B 65 -0.71 32.60 -15.95
N PRO B 66 -0.19 32.99 -14.78
CA PRO B 66 -0.32 32.22 -13.55
C PRO B 66 -1.76 31.91 -13.14
N GLU B 67 -2.70 32.83 -13.30
CA GLU B 67 -4.10 32.49 -13.04
C GLU B 67 -4.84 31.44 -13.89
N GLY B 68 -4.21 30.88 -14.93
CA GLY B 68 -4.81 29.86 -15.80
C GLY B 68 -4.42 28.44 -15.38
N VAL B 69 -3.80 28.26 -14.20
CA VAL B 69 -3.34 26.93 -13.68
C VAL B 69 -4.10 26.70 -12.37
N LYS B 70 -4.48 25.44 -12.06
CA LYS B 70 -5.30 25.10 -10.87
C LYS B 70 -4.39 24.77 -9.68
N PRO B 71 -4.72 25.18 -8.42
CA PRO B 71 -3.83 24.97 -7.30
C PRO B 71 -3.85 23.53 -6.80
N THR B 72 -2.72 23.09 -6.27
CA THR B 72 -2.64 21.95 -5.36
C THR B 72 -2.93 22.07 -3.85
N ALA B 73 -3.42 21.01 -3.22
CA ALA B 73 -3.73 21.04 -1.78
C ALA B 73 -3.63 19.70 -1.05
N LYS B 74 -3.44 19.76 0.28
CA LYS B 74 -3.33 18.63 1.21
C LYS B 74 -4.62 18.40 2.00
N ALA B 75 -4.73 17.22 2.58
CA ALA B 75 -5.55 16.93 3.76
C ALA B 75 -4.64 16.35 4.85
N THR B 76 -4.98 16.53 6.12
CA THR B 76 -4.13 16.07 7.24
C THR B 76 -4.95 15.38 8.30
N TRP B 77 -4.44 14.29 8.86
CA TRP B 77 -5.02 13.61 10.02
C TRP B 77 -4.07 13.72 11.22
N ALA B 78 -4.62 13.56 12.41
CA ALA B 78 -3.91 13.57 13.68
C ALA B 78 -4.38 12.41 14.57
N ASN B 79 -3.77 12.24 15.74
CA ASN B 79 -4.05 11.12 16.63
C ASN B 79 -4.35 11.61 18.06
N LYS B 80 -5.35 10.99 18.69
CA LYS B 80 -5.70 11.13 20.11
C LYS B 80 -5.55 9.78 20.80
N THR B 81 -5.19 9.72 22.08
CA THR B 81 -4.92 8.44 22.74
C THR B 81 -5.72 8.26 24.02
N LEU B 82 -6.41 7.13 24.15
CA LEU B 82 -6.75 6.56 25.45
C LEU B 82 -5.52 5.87 26.03
N VAL B 83 -5.08 6.22 27.23
CA VAL B 83 -4.03 5.53 27.96
C VAL B 83 -4.58 5.05 29.29
N ALA B 84 -4.59 3.74 29.55
CA ALA B 84 -5.17 3.18 30.77
C ALA B 84 -4.27 3.44 31.97
N GLU B 85 -4.83 4.00 33.03
CA GLU B 85 -4.16 4.33 34.28
C GLU B 85 -4.89 3.68 35.44
N GLU B 86 -4.16 3.33 36.49
CA GLU B 86 -4.68 2.54 37.59
C GLU B 86 -4.87 3.39 38.84
N LEU B 87 -5.98 3.20 39.54
CA LEU B 87 -6.17 3.77 40.87
C LEU B 87 -6.73 2.75 41.84
N ALA B 88 -6.33 2.89 43.10
CA ALA B 88 -6.37 1.80 44.05
C ALA B 88 -6.41 2.28 45.50
N VAL B 89 -6.80 1.37 46.39
CA VAL B 89 -6.67 1.53 47.85
C VAL B 89 -6.55 0.18 48.53
N ILE B 90 -5.92 0.14 49.69
CA ILE B 90 -5.86 -1.02 50.57
C ILE B 90 -6.45 -0.66 51.93
N LEU B 91 -7.37 -1.49 52.43
CA LEU B 91 -8.11 -1.29 53.67
C LEU B 91 -7.74 -2.35 54.72
N PRO B 92 -6.69 -2.14 55.54
CA PRO B 92 -6.27 -3.07 56.57
C PRO B 92 -7.09 -2.98 57.87
N ILE B 93 -7.29 -4.11 58.55
CA ILE B 93 -8.06 -4.25 59.79
C ILE B 93 -7.58 -5.44 60.63
N HIS B 94 -7.74 -5.40 61.94
CA HIS B 94 -7.33 -6.47 62.85
C HIS B 94 -8.33 -7.63 62.91
N GLU B 95 -7.86 -8.87 62.86
CA GLU B 95 -8.72 -10.06 62.83
C GLU B 95 -9.62 -10.16 64.07
N ASN B 96 -9.18 -9.68 65.23
CA ASN B 96 -10.01 -9.64 66.44
C ASN B 96 -11.20 -8.69 66.28
N VAL B 97 -11.00 -7.54 65.64
CA VAL B 97 -12.07 -6.55 65.41
C VAL B 97 -13.11 -7.13 64.46
N LEU B 98 -12.69 -7.85 63.41
CA LEU B 98 -13.62 -8.57 62.55
C LEU B 98 -14.43 -9.62 63.30
N ALA B 99 -13.84 -10.28 64.30
CA ALA B 99 -14.51 -11.31 65.08
C ALA B 99 -15.49 -10.73 66.11
N ASP B 100 -15.15 -9.61 66.76
CA ASP B 100 -15.94 -9.00 67.82
C ASP B 100 -17.06 -8.09 67.33
N ALA B 101 -16.97 -7.52 66.13
CA ALA B 101 -18.02 -6.67 65.56
C ALA B 101 -19.33 -7.44 65.31
N THR B 102 -20.46 -6.79 65.53
CA THR B 102 -21.79 -7.35 65.22
C THR B 102 -22.04 -7.45 63.72
N GLU B 103 -21.53 -6.47 62.98
CA GLU B 103 -21.73 -6.30 61.54
C GLU B 103 -20.67 -7.02 60.71
N ASP B 104 -20.97 -7.37 59.46
CA ASP B 104 -19.97 -7.92 58.54
C ASP B 104 -19.06 -6.80 58.00
N LEU B 105 -18.04 -6.42 58.77
CA LEU B 105 -17.11 -5.37 58.41
C LEU B 105 -16.37 -5.62 57.09
N LEU B 106 -16.12 -6.86 56.68
CA LEU B 106 -15.55 -7.09 55.36
C LEU B 106 -16.54 -6.75 54.25
N ALA B 107 -17.83 -6.98 54.42
CA ALA B 107 -18.81 -6.54 53.43
C ALA B 107 -18.93 -5.02 53.38
N GLU B 108 -18.81 -4.35 54.52
CA GLU B 108 -18.80 -2.88 54.56
C GLU B 108 -17.56 -2.31 53.92
N LEU B 109 -16.37 -2.81 54.25
CA LEU B 109 -15.14 -2.37 53.61
C LEU B 109 -15.13 -2.70 52.11
N ALA B 110 -15.71 -3.83 51.69
CA ALA B 110 -15.88 -4.14 50.28
C ALA B 110 -16.76 -3.11 49.55
N ARG B 111 -17.80 -2.58 50.20
CA ARG B 111 -18.60 -1.48 49.65
C ARG B 111 -17.81 -0.17 49.61
N MET B 112 -17.06 0.16 50.66
CA MET B 112 -16.24 1.36 50.72
C MET B 112 -15.16 1.44 49.65
N GLY B 113 -14.42 0.35 49.43
CA GLY B 113 -13.34 0.33 48.44
C GLY B 113 -13.82 0.64 47.03
N GLY B 114 -14.86 -0.04 46.55
CA GLY B 114 -15.41 0.19 45.21
C GLY B 114 -15.92 1.61 44.98
N ALA B 115 -16.73 2.13 45.90
CA ALA B 115 -17.24 3.49 45.80
C ALA B 115 -16.12 4.54 45.77
N SER B 116 -15.04 4.33 46.51
CA SER B 116 -13.93 5.29 46.58
C SER B 116 -13.24 5.48 45.24
N ILE B 117 -13.18 4.44 44.41
CA ILE B 117 -12.54 4.48 43.09
C ILE B 117 -13.44 5.23 42.12
N GLY B 118 -14.73 4.93 42.09
CA GLY B 118 -15.67 5.60 41.20
C GLY B 118 -15.72 7.11 41.40
N ARG B 119 -15.66 7.60 42.64
CA ARG B 119 -15.58 9.04 42.93
C ARG B 119 -14.31 9.68 42.41
N ALA B 120 -13.18 9.00 42.55
CA ALA B 120 -11.90 9.53 42.09
C ALA B 120 -11.82 9.61 40.56
N LEU B 121 -12.44 8.66 39.86
CA LEU B 121 -12.57 8.73 38.41
C LEU B 121 -13.42 9.93 37.98
N ASP B 122 -14.62 10.12 38.55
CA ASP B 122 -15.46 11.28 38.22
C ASP B 122 -14.71 12.61 38.40
N ALA B 123 -14.06 12.82 39.53
CA ALA B 123 -13.37 14.08 39.80
C ALA B 123 -12.22 14.37 38.81
N ALA B 124 -11.54 13.32 38.32
CA ALA B 124 -10.48 13.47 37.35
C ALA B 124 -11.04 13.91 35.99
N VAL B 125 -12.10 13.27 35.50
CA VAL B 125 -12.70 13.57 34.20
C VAL B 125 -13.33 14.96 34.17
N LEU B 126 -14.11 15.33 35.18
CA LEU B 126 -14.86 16.57 35.19
C LEU B 126 -13.97 17.80 35.41
N PHE B 127 -13.13 17.80 36.44
CA PHE B 127 -12.40 19.00 36.85
C PHE B 127 -10.88 18.83 36.80
N GLY B 128 -10.37 17.68 36.35
CA GLY B 128 -8.94 17.44 36.25
C GLY B 128 -8.26 17.18 37.59
N HIS B 129 -9.00 16.91 38.66
CA HIS B 129 -8.45 16.75 39.99
C HIS B 129 -7.57 15.50 40.07
N GLN B 130 -6.28 15.67 40.33
CA GLN B 130 -5.28 14.59 40.33
C GLN B 130 -5.28 13.74 39.05
N LYS B 131 -5.61 14.33 37.90
CA LYS B 131 -5.64 13.65 36.60
C LYS B 131 -4.26 13.06 36.29
N PRO B 132 -4.14 11.81 35.81
CA PRO B 132 -2.86 11.26 35.37
C PRO B 132 -2.18 12.13 34.32
N VAL B 133 -0.87 12.34 34.42
CA VAL B 133 -0.11 13.18 33.48
C VAL B 133 -0.13 12.61 32.06
N THR B 134 -0.32 11.31 31.92
CA THR B 134 -0.42 10.58 30.65
C THR B 134 -1.75 10.76 29.93
N TRP B 135 -2.79 11.28 30.59
CA TRP B 135 -4.04 11.64 29.92
C TRP B 135 -3.88 12.98 29.20
N ALA B 136 -3.72 12.94 27.89
CA ALA B 136 -3.47 14.11 27.06
C ALA B 136 -4.70 15.03 26.90
N SER B 137 -5.91 14.50 27.03
CA SER B 137 -7.14 15.28 26.91
C SER B 137 -7.37 16.22 28.08
N LYS B 138 -7.96 17.38 27.81
CA LYS B 138 -8.43 18.32 28.83
C LYS B 138 -9.58 17.71 29.61
N SER B 139 -9.66 17.97 30.90
CA SER B 139 -10.87 17.69 31.68
C SER B 139 -12.03 18.53 31.15
N LEU B 140 -13.28 18.15 31.44
CA LEU B 140 -14.44 18.86 30.88
C LEU B 140 -14.41 20.35 31.21
N PHE B 141 -14.18 20.73 32.46
CA PHE B 141 -14.10 22.12 32.86
C PHE B 141 -12.96 22.88 32.15
N GLU B 142 -11.79 22.28 32.07
CA GLU B 142 -10.61 22.85 31.43
C GLU B 142 -10.79 23.05 29.93
N SER B 143 -11.51 22.16 29.27
CA SER B 143 -11.91 22.31 27.87
C SER B 143 -12.75 23.56 27.67
N ALA B 144 -13.83 23.73 28.43
CA ALA B 144 -14.70 24.89 28.33
C ALA B 144 -13.95 26.18 28.68
N ASP B 145 -13.19 26.16 29.77
CA ASP B 145 -12.45 27.32 30.27
C ASP B 145 -11.43 27.83 29.25
N ASP B 146 -10.66 26.94 28.63
CA ASP B 146 -9.70 27.34 27.61
C ASP B 146 -10.36 27.80 26.31
N ALA B 147 -11.47 27.19 25.90
CA ALA B 147 -12.27 27.67 24.78
C ALA B 147 -12.99 28.99 25.06
N GLY B 148 -13.02 29.45 26.32
CA GLY B 148 -13.77 30.64 26.73
C GLY B 148 -15.28 30.45 26.73
N GLN B 149 -15.76 29.21 26.69
CA GLN B 149 -17.17 28.85 26.71
C GLN B 149 -17.70 28.83 28.15
N VAL B 150 -17.63 29.97 28.80
CA VAL B 150 -17.96 30.16 30.21
C VAL B 150 -19.05 31.22 30.36
N VAL B 151 -20.13 30.89 31.07
CA VAL B 151 -21.28 31.78 31.31
C VAL B 151 -21.43 32.08 32.79
N ALA B 152 -21.37 33.33 33.21
CA ALA B 152 -21.61 33.69 34.60
C ALA B 152 -23.10 33.92 34.87
N VAL B 153 -23.64 33.28 35.91
CA VAL B 153 -24.96 33.63 36.47
C VAL B 153 -24.89 35.04 37.08
N GLY B 154 -25.96 35.82 36.96
CA GLY B 154 -26.08 37.17 37.50
C GLY B 154 -27.17 37.31 38.56
N ASN B 155 -27.31 38.53 39.08
CA ASN B 155 -28.23 38.89 40.16
C ASN B 155 -29.35 39.83 39.67
N SER B 156 -29.83 39.65 38.44
CA SER B 156 -30.63 40.63 37.72
C SER B 156 -32.15 40.45 37.86
N ASN B 157 -32.63 39.46 38.62
CA ASN B 157 -34.01 38.96 38.55
C ASN B 157 -34.42 38.60 37.11
N GLY B 158 -33.46 38.17 36.31
CA GLY B 158 -33.67 37.83 34.90
C GLY B 158 -33.96 39.01 33.97
N VAL B 159 -33.76 40.28 34.36
CA VAL B 159 -33.84 41.37 33.38
C VAL B 159 -32.68 41.30 32.40
N GLU B 160 -31.50 40.91 32.87
CA GLU B 160 -30.56 40.27 31.99
C GLU B 160 -30.86 38.86 31.50
N GLY B 161 -30.18 38.35 30.47
CA GLY B 161 -30.37 36.95 30.07
C GLY B 161 -29.81 35.91 31.06
N ASP B 162 -29.42 36.31 32.26
CA ASP B 162 -28.38 35.70 33.08
C ASP B 162 -28.82 35.09 34.40
N ASP B 163 -30.10 34.85 34.61
CA ASP B 163 -30.52 33.90 35.63
C ASP B 163 -30.11 32.47 35.23
N ILE B 164 -30.22 31.47 36.11
CA ILE B 164 -29.68 30.14 35.79
C ILE B 164 -30.34 29.50 34.57
N SER B 165 -31.64 29.67 34.38
CA SER B 165 -32.33 29.13 33.22
C SER B 165 -31.93 29.84 31.94
N GLY B 166 -31.69 31.14 31.97
CA GLY B 166 -31.12 31.85 30.82
C GLY B 166 -29.68 31.43 30.55
N SER B 167 -28.87 31.29 31.59
CA SER B 167 -27.50 30.84 31.50
C SER B 167 -27.37 29.44 30.91
N ILE B 168 -28.26 28.52 31.24
CA ILE B 168 -28.26 27.19 30.63
C ILE B 168 -28.47 27.29 29.13
N LEU B 169 -29.34 28.18 28.64
CA LEU B 169 -29.53 28.37 27.20
C LEU B 169 -28.32 29.00 26.53
N GLN B 170 -27.63 29.93 27.18
CA GLN B 170 -26.40 30.50 26.64
C GLN B 170 -25.29 29.44 26.53
N ALA B 171 -25.12 28.60 27.54
CA ALA B 171 -24.16 27.51 27.51
C ALA B 171 -24.54 26.43 26.48
N ALA B 172 -25.82 26.10 26.35
CA ALA B 172 -26.28 25.21 25.30
C ALA B 172 -26.00 25.79 23.91
N GLU B 173 -26.20 27.09 23.70
CA GLU B 173 -25.86 27.72 22.43
C GLU B 173 -24.37 27.61 22.11
N MET B 174 -23.49 27.83 23.09
CA MET B 174 -22.06 27.72 22.89
C MET B 174 -21.64 26.33 22.43
N VAL B 175 -22.18 25.26 23.02
CA VAL B 175 -21.89 23.89 22.58
C VAL B 175 -22.54 23.63 21.22
N ALA B 176 -23.78 24.07 21.01
CA ALA B 176 -24.52 23.84 19.77
C ALA B 176 -23.91 24.51 18.53
N ASP B 177 -22.99 25.44 18.70
CA ASP B 177 -22.26 26.10 17.62
C ASP B 177 -21.50 25.13 16.70
N VAL B 178 -20.92 24.07 17.27
CA VAL B 178 -20.13 23.04 16.51
C VAL B 178 -20.45 21.62 17.02
N TYR B 179 -21.46 21.41 17.88
CA TYR B 179 -21.74 20.09 18.52
C TYR B 179 -23.23 19.93 18.80
N ASP B 180 -23.67 18.80 19.37
CA ASP B 180 -25.08 18.56 19.79
C ASP B 180 -25.12 18.46 21.33
N PRO B 181 -25.37 19.54 22.12
CA PRO B 181 -25.45 19.39 23.57
C PRO B 181 -26.61 18.49 23.97
N SER B 182 -26.39 17.64 24.96
CA SER B 182 -27.41 16.65 25.36
C SER B 182 -27.48 16.37 26.86
N HIS B 183 -26.44 16.72 27.62
CA HIS B 183 -26.39 16.49 29.05
C HIS B 183 -26.05 17.77 29.78
N LEU B 184 -26.69 17.98 30.93
CA LEU B 184 -26.39 19.02 31.89
C LEU B 184 -25.89 18.33 33.16
N LEU B 185 -24.66 18.60 33.57
CA LEU B 185 -24.03 18.03 34.75
C LEU B 185 -24.06 19.08 35.86
N GLY B 186 -24.34 18.71 37.10
CA GLY B 186 -24.30 19.65 38.21
C GLY B 186 -24.38 18.99 39.57
N TYR B 187 -24.65 19.76 40.62
CA TYR B 187 -25.07 19.23 41.91
C TYR B 187 -26.60 19.20 42.01
N SER B 188 -27.13 18.31 42.85
CA SER B 188 -28.57 18.03 42.98
C SER B 188 -29.38 19.20 43.53
N GLY B 189 -30.71 19.06 43.53
CA GLY B 189 -31.64 20.08 43.97
C GLY B 189 -31.96 21.13 42.90
N LEU B 190 -31.62 20.88 41.65
CA LEU B 190 -31.79 21.84 40.55
C LEU B 190 -33.26 22.26 40.38
N ARG B 191 -34.23 21.34 40.52
CA ARG B 191 -35.66 21.64 40.54
C ARG B 191 -36.05 22.74 41.51
N TYR B 192 -35.48 22.78 42.70
CA TYR B 192 -35.76 23.85 43.67
C TYR B 192 -35.13 25.18 43.30
N ARG B 193 -34.09 25.19 42.45
CA ARG B 193 -33.45 26.40 41.93
C ARG B 193 -34.08 26.88 40.62
N LEU B 194 -34.74 26.00 39.86
CA LEU B 194 -35.51 26.28 38.66
C LEU B 194 -36.89 26.82 39.00
N ALA B 195 -37.63 26.16 39.89
CA ALA B 195 -38.64 26.84 40.68
C ALA B 195 -37.99 28.02 41.42
N ASN B 196 -38.76 28.96 41.95
CA ASN B 196 -38.21 30.07 42.74
C ASN B 196 -37.30 31.07 41.98
N GLN B 197 -37.12 30.94 40.66
CA GLN B 197 -36.60 32.03 39.82
C GLN B 197 -37.68 33.09 39.59
N ARG B 198 -37.37 34.37 39.81
CA ARG B 198 -38.40 35.43 39.88
C ARG B 198 -38.11 36.68 39.06
N ASP B 199 -39.17 37.27 38.51
CA ASP B 199 -39.21 38.62 37.92
C ASP B 199 -38.71 39.70 38.88
N ALA B 200 -38.46 40.89 38.34
CA ALA B 200 -38.38 42.11 39.14
C ALA B 200 -39.67 42.42 39.93
N ASN B 201 -40.81 41.81 39.58
CA ASN B 201 -42.07 41.87 40.33
C ASN B 201 -42.25 40.76 41.36
N GLY B 202 -41.44 39.70 41.34
CA GLY B 202 -41.63 38.55 42.21
C GLY B 202 -42.56 37.44 41.70
N GLN B 203 -43.17 37.57 40.51
CA GLN B 203 -43.80 36.44 39.83
C GLN B 203 -42.75 35.40 39.38
N PRO B 204 -43.09 34.10 39.25
CA PRO B 204 -42.14 33.10 38.77
C PRO B 204 -41.83 33.21 37.27
N LEU B 205 -40.56 33.06 36.90
CA LEU B 205 -40.10 33.01 35.49
C LEU B 205 -40.29 31.66 34.83
N PHE B 206 -40.17 30.58 35.61
CA PHE B 206 -39.88 29.27 35.05
C PHE B 206 -41.13 28.55 34.56
N GLN B 207 -42.19 28.55 35.37
CA GLN B 207 -43.50 27.99 35.08
C GLN B 207 -44.59 28.90 35.64
N PRO B 208 -45.87 28.78 35.25
CA PRO B 208 -46.86 29.82 35.47
C PRO B 208 -47.00 30.38 36.89
N TYR B 209 -47.20 29.52 37.89
CA TYR B 209 -47.48 29.92 39.27
C TYR B 209 -46.84 28.94 40.25
N MET B 210 -46.67 29.34 41.51
CA MET B 210 -46.01 28.50 42.52
C MET B 210 -46.75 27.20 42.88
N GLN B 211 -48.00 27.02 42.47
CA GLN B 211 -48.91 25.97 42.97
C GLN B 211 -48.33 24.55 42.98
N GLY B 212 -47.66 24.13 41.91
CA GLY B 212 -47.15 22.76 41.73
C GLY B 212 -45.68 22.75 41.33
N THR B 213 -44.90 23.63 41.94
CA THR B 213 -43.70 24.18 41.31
C THR B 213 -42.42 23.31 41.28
N PRO B 214 -42.07 22.46 42.25
CA PRO B 214 -40.88 21.63 42.11
C PRO B 214 -41.18 20.46 41.18
N GLY B 215 -41.09 20.69 39.87
CA GLY B 215 -41.23 19.66 38.83
C GLY B 215 -40.04 18.71 38.78
N SER B 216 -39.96 17.87 37.75
CA SER B 216 -38.88 16.88 37.59
C SER B 216 -37.52 17.53 37.32
N ASP B 217 -36.47 16.98 37.93
CA ASP B 217 -35.07 17.28 37.61
C ASP B 217 -34.60 16.68 36.29
N GLY B 218 -35.17 15.55 35.85
CA GLY B 218 -34.47 14.61 34.97
C GLY B 218 -34.15 15.13 33.57
N MET B 219 -34.97 16.05 33.07
CA MET B 219 -34.84 16.68 31.77
C MET B 219 -35.04 18.18 31.94
N VAL B 220 -34.12 19.00 31.43
CA VAL B 220 -34.09 20.46 31.63
C VAL B 220 -33.62 21.12 30.35
N HIS B 221 -34.43 21.95 29.72
CA HIS B 221 -34.10 22.59 28.43
C HIS B 221 -33.66 21.59 27.35
N GLY B 222 -34.27 20.40 27.34
CA GLY B 222 -33.92 19.33 26.42
C GLY B 222 -32.59 18.63 26.72
N LEU B 223 -31.92 18.96 27.81
CA LEU B 223 -30.71 18.31 28.29
C LEU B 223 -31.08 17.31 29.39
N ASN B 224 -30.55 16.10 29.35
CA ASN B 224 -30.67 15.16 30.46
C ASN B 224 -29.81 15.64 31.62
N THR B 225 -30.32 15.67 32.84
CA THR B 225 -29.50 16.07 33.99
C THR B 225 -28.71 14.89 34.57
N VAL B 226 -27.55 15.18 35.14
CA VAL B 226 -26.73 14.23 35.88
C VAL B 226 -26.18 14.92 37.13
N PHE B 227 -26.30 14.30 38.29
CA PHE B 227 -25.88 14.91 39.55
C PHE B 227 -24.67 14.22 40.16
N PHE B 228 -23.67 15.00 40.51
CA PHE B 228 -22.39 14.56 41.04
C PHE B 228 -22.25 14.99 42.50
N SER B 229 -21.69 14.11 43.34
CA SER B 229 -21.58 14.35 44.78
C SER B 229 -20.49 13.50 45.43
N GLY B 230 -20.06 13.92 46.62
CA GLY B 230 -19.07 13.23 47.44
C GLY B 230 -17.73 13.95 47.51
N ASN B 231 -16.73 13.25 48.03
CA ASN B 231 -15.39 13.77 48.24
C ASN B 231 -14.32 12.83 47.68
N VAL B 232 -13.14 13.37 47.48
CA VAL B 232 -11.95 12.73 46.92
C VAL B 232 -10.71 13.24 47.64
N ASP B 233 -9.59 12.55 47.45
CA ASP B 233 -8.33 12.85 48.12
C ASP B 233 -7.85 14.28 47.84
N ASP B 234 -7.63 15.10 48.85
CA ASP B 234 -7.06 16.43 48.66
C ASP B 234 -5.52 16.44 48.53
N GLY B 235 -4.86 15.27 48.57
CA GLY B 235 -3.41 15.17 48.58
C GLY B 235 -2.75 15.56 49.91
N SER B 236 -3.54 15.80 50.96
CA SER B 236 -3.08 16.29 52.26
C SER B 236 -3.89 15.71 53.43
N ASN B 237 -4.42 14.49 53.27
CA ASN B 237 -5.19 13.76 54.27
C ASN B 237 -6.47 14.47 54.78
N GLY B 238 -7.05 15.38 54.00
CA GLY B 238 -8.35 16.00 54.23
C GLY B 238 -9.37 15.57 53.16
N ASP B 239 -10.31 16.43 52.80
CA ASP B 239 -11.27 16.19 51.72
C ASP B 239 -11.23 17.30 50.68
N ALA B 240 -11.40 16.95 49.41
CA ALA B 240 -11.78 17.86 48.33
C ALA B 240 -13.11 17.39 47.73
N PRO B 241 -14.01 18.25 47.25
CA PRO B 241 -15.29 17.83 46.69
C PRO B 241 -15.15 17.24 45.28
N VAL B 242 -16.00 16.29 44.89
CA VAL B 242 -16.03 15.79 43.50
C VAL B 242 -16.39 16.92 42.53
N TRP B 243 -17.39 17.72 42.90
CA TRP B 243 -17.81 18.91 42.20
C TRP B 243 -17.63 20.13 43.10
N ASP B 244 -16.79 21.09 42.75
CA ASP B 244 -16.65 22.31 43.56
C ASP B 244 -17.69 23.37 43.18
N ARG B 245 -18.70 23.55 44.03
CA ARG B 245 -19.82 24.47 43.81
C ARG B 245 -19.39 25.93 43.71
N ASP B 246 -18.21 26.27 44.20
CA ASP B 246 -17.67 27.63 44.09
C ASP B 246 -17.03 27.92 42.73
N VAL B 247 -16.75 26.91 41.88
CA VAL B 247 -16.19 27.14 40.53
C VAL B 247 -17.22 26.94 39.44
N ALA B 248 -18.15 26.00 39.56
CA ALA B 248 -19.18 25.77 38.55
C ALA B 248 -20.54 25.46 39.18
N SER B 249 -21.60 26.04 38.63
CA SER B 249 -22.98 25.69 38.93
C SER B 249 -23.46 24.49 38.11
N ALA B 250 -23.06 24.43 36.83
CA ALA B 250 -23.37 23.32 35.95
C ALA B 250 -22.40 23.28 34.77
N ILE B 251 -22.38 22.17 34.04
CA ILE B 251 -21.66 21.99 32.79
C ILE B 251 -22.65 21.49 31.74
N VAL B 252 -22.64 22.07 30.55
CA VAL B 252 -23.37 21.56 29.39
C VAL B 252 -22.37 20.82 28.51
N VAL B 253 -22.72 19.64 28.03
CA VAL B 253 -21.81 18.80 27.24
C VAL B 253 -22.52 18.06 26.12
N ASP B 254 -21.83 17.88 25.00
CA ASP B 254 -22.19 16.85 24.02
C ASP B 254 -21.60 15.51 24.46
N ARG B 255 -22.46 14.65 25.01
CA ARG B 255 -22.09 13.33 25.54
C ARG B 255 -21.28 12.49 24.58
N SER B 256 -21.51 12.61 23.27
CA SER B 256 -20.90 11.74 22.26
C SER B 256 -19.41 11.97 22.08
N ARG B 257 -18.88 13.13 22.49
CA ARG B 257 -17.48 13.50 22.33
C ARG B 257 -16.59 13.05 23.49
N VAL B 258 -17.14 12.35 24.47
CA VAL B 258 -16.42 11.81 25.62
C VAL B 258 -16.30 10.30 25.44
N VAL B 259 -15.11 9.73 25.61
CA VAL B 259 -14.93 8.28 25.70
C VAL B 259 -14.30 7.96 27.04
N ILE B 260 -14.93 7.07 27.81
CA ILE B 260 -14.35 6.46 29.01
C ILE B 260 -13.88 5.06 28.63
N GLY B 261 -12.58 4.82 28.65
CA GLY B 261 -12.01 3.50 28.46
C GLY B 261 -12.01 2.72 29.76
N VAL B 262 -12.62 1.54 29.80
CA VAL B 262 -12.54 0.63 30.95
C VAL B 262 -11.61 -0.53 30.61
N ARG B 263 -10.37 -0.49 31.09
CA ARG B 263 -9.37 -1.55 30.84
C ARG B 263 -9.52 -2.71 31.81
N GLN B 264 -9.86 -2.43 33.06
CA GLN B 264 -10.15 -3.40 34.11
C GLN B 264 -11.18 -2.79 35.03
N ASP B 265 -12.37 -3.38 35.07
CA ASP B 265 -13.39 -2.99 36.05
C ASP B 265 -12.96 -3.41 37.46
N ILE B 266 -13.46 -2.73 38.49
CA ILE B 266 -12.92 -2.82 39.86
C ILE B 266 -12.88 -4.26 40.37
N THR B 267 -11.71 -4.71 40.80
CA THR B 267 -11.47 -6.03 41.39
C THR B 267 -11.06 -5.91 42.84
N VAL B 268 -11.56 -6.82 43.69
CA VAL B 268 -11.22 -6.91 45.11
C VAL B 268 -10.37 -8.16 45.38
N LYS B 269 -9.27 -8.02 46.11
CA LYS B 269 -8.42 -9.12 46.58
C LYS B 269 -8.34 -9.14 48.10
N TYR B 270 -8.64 -10.27 48.73
CA TYR B 270 -8.42 -10.47 50.16
C TYR B 270 -6.96 -10.81 50.45
N LEU B 271 -6.30 -10.02 51.29
CA LEU B 271 -4.91 -10.18 51.71
C LEU B 271 -4.86 -10.57 53.19
N ASP B 272 -4.18 -11.66 53.52
CA ASP B 272 -3.99 -12.08 54.91
C ASP B 272 -2.53 -12.35 55.28
N GLN B 273 -1.59 -12.30 54.34
CA GLN B 273 -0.16 -12.50 54.60
C GLN B 273 0.74 -11.36 54.11
N ALA B 274 0.28 -10.53 53.18
CA ALA B 274 1.09 -9.49 52.55
C ALA B 274 1.63 -8.44 53.53
N THR B 275 2.72 -7.76 53.18
CA THR B 275 3.11 -6.51 53.83
C THR B 275 2.48 -5.36 53.06
N VAL B 276 1.69 -4.51 53.73
CA VAL B 276 1.00 -3.37 53.09
C VAL B 276 1.22 -2.12 53.92
N GLY B 277 1.62 -1.00 53.32
CA GLY B 277 1.89 0.24 54.05
C GLY B 277 2.95 0.13 55.16
N GLY B 278 3.82 -0.87 55.11
CA GLY B 278 4.77 -1.19 56.18
C GLY B 278 4.24 -2.10 57.29
N ILE B 279 2.98 -2.57 57.20
CA ILE B 279 2.35 -3.49 58.15
C ILE B 279 2.53 -4.92 57.65
N ASN B 280 3.23 -5.78 58.38
CA ASN B 280 3.29 -7.21 58.09
C ASN B 280 1.99 -7.89 58.55
N LEU B 281 1.01 -8.09 57.67
CA LEU B 281 -0.36 -8.42 58.09
C LEU B 281 -0.45 -9.63 59.02
N ALA B 282 0.10 -10.79 58.64
CA ALA B 282 -0.06 -12.02 59.43
C ALA B 282 0.65 -11.95 60.78
N GLU B 283 1.82 -11.33 60.84
CA GLU B 283 2.60 -11.11 62.05
C GLU B 283 1.89 -10.21 63.06
N ARG B 284 1.04 -9.28 62.60
CA ARG B 284 0.25 -8.39 63.45
C ARG B 284 -1.19 -8.86 63.62
N ASP B 285 -1.52 -10.08 63.21
CA ASP B 285 -2.87 -10.64 63.26
C ASP B 285 -3.91 -9.76 62.56
N MET B 286 -3.56 -9.20 61.40
CA MET B 286 -4.39 -8.33 60.59
C MET B 286 -4.65 -8.92 59.21
N VAL B 287 -5.65 -8.39 58.52
CA VAL B 287 -6.00 -8.68 57.13
C VAL B 287 -6.25 -7.37 56.40
N ALA B 288 -6.30 -7.38 55.07
CA ALA B 288 -6.66 -6.22 54.29
C ALA B 288 -7.45 -6.60 53.05
N LEU B 289 -8.27 -5.68 52.54
CA LEU B 289 -8.84 -5.76 51.21
C LEU B 289 -8.10 -4.79 50.29
N ARG B 290 -7.69 -5.26 49.11
CA ARG B 290 -7.07 -4.44 48.06
C ARG B 290 -8.07 -4.23 46.93
N PHE B 291 -8.21 -3.00 46.48
CA PHE B 291 -9.11 -2.60 45.39
C PHE B 291 -8.32 -1.91 44.30
N CYS B 292 -8.58 -2.23 43.06
CA CYS B 292 -8.03 -1.50 41.93
C CYS B 292 -8.91 -1.62 40.70
N GLY B 293 -8.84 -0.62 39.83
CA GLY B 293 -9.38 -0.63 38.47
C GLY B 293 -8.49 0.18 37.55
N ARG B 294 -8.59 -0.05 36.25
CA ARG B 294 -7.79 0.66 35.23
C ARG B 294 -8.72 1.35 34.25
N PHE B 295 -8.51 2.65 34.03
CA PHE B 295 -9.40 3.52 33.27
C PHE B 295 -8.65 4.47 32.37
N ALA B 296 -9.29 4.95 31.32
CA ALA B 296 -8.76 5.96 30.41
C ALA B 296 -9.84 6.96 30.00
N TYR B 297 -9.45 8.15 29.56
CA TYR B 297 -10.37 9.18 29.13
C TYR B 297 -9.82 9.91 27.92
N ALA B 298 -10.67 10.16 26.92
CA ALA B 298 -10.35 10.99 25.78
C ALA B 298 -11.52 11.91 25.42
N LEU B 299 -11.21 13.14 25.01
CA LEU B 299 -12.18 14.12 24.56
C LEU B 299 -11.98 14.46 23.09
N GLY B 300 -13.01 14.26 22.27
CA GLY B 300 -13.02 14.57 20.84
C GLY B 300 -13.29 16.05 20.59
N ASP B 301 -12.41 16.93 21.07
CA ASP B 301 -12.65 18.35 21.25
C ASP B 301 -12.42 19.24 20.03
N ASN B 302 -11.49 18.94 19.13
CA ASN B 302 -11.06 19.85 18.07
C ASN B 302 -11.43 19.35 16.67
N ILE B 303 -12.72 19.18 16.38
CA ILE B 303 -13.20 18.90 15.02
C ILE B 303 -12.61 19.89 14.02
N ALA B 304 -12.11 19.39 12.88
CA ALA B 304 -11.48 20.18 11.84
C ALA B 304 -12.44 21.20 11.22
N GLN B 305 -11.94 22.38 10.86
CA GLN B 305 -12.74 23.44 10.26
C GLN B 305 -12.20 23.96 8.92
N GLY B 306 -10.96 23.68 8.55
CA GLY B 306 -10.39 24.19 7.30
C GLY B 306 -8.93 23.84 7.10
N ARG B 307 -8.15 24.78 6.56
CA ARG B 307 -6.72 24.62 6.30
C ARG B 307 -5.88 24.66 7.56
N VAL B 308 -6.25 25.45 8.57
CA VAL B 308 -5.52 25.54 9.83
C VAL B 308 -6.12 24.57 10.85
N ALA B 309 -5.31 24.04 11.75
CA ALA B 309 -5.79 23.18 12.82
C ALA B 309 -6.71 23.94 13.78
N ALA B 310 -7.93 23.44 13.98
CA ALA B 310 -8.99 24.13 14.71
C ALA B 310 -8.88 23.99 16.23
N GLU B 311 -9.44 24.93 16.98
CA GLU B 311 -9.68 24.81 18.42
C GLU B 311 -11.16 25.00 18.75
N ASN B 312 -11.80 24.00 19.34
CA ASN B 312 -13.22 24.03 19.74
C ASN B 312 -13.38 23.39 21.12
N SER B 313 -14.59 23.44 21.70
CA SER B 313 -14.94 22.63 22.86
C SER B 313 -16.35 22.08 22.73
N PRO B 314 -16.61 20.80 23.02
CA PRO B 314 -17.95 20.23 23.17
C PRO B 314 -18.54 20.48 24.56
N VAL B 315 -17.98 21.41 25.33
CA VAL B 315 -18.28 21.66 26.73
C VAL B 315 -18.41 23.15 26.99
N ALA B 316 -19.45 23.56 27.72
CA ALA B 316 -19.61 24.91 28.25
C ALA B 316 -19.89 24.88 29.74
N VAL B 317 -19.33 25.82 30.49
CA VAL B 317 -19.40 25.90 31.96
C VAL B 317 -20.29 27.06 32.37
N ILE B 318 -21.16 26.86 33.35
CA ILE B 318 -21.95 27.92 33.97
C ILE B 318 -21.38 28.19 35.36
N THR B 319 -21.01 29.42 35.69
CA THR B 319 -20.35 29.78 36.95
C THR B 319 -21.29 30.53 37.90
N PRO B 320 -21.17 30.32 39.22
CA PRO B 320 -22.06 30.94 40.18
C PRO B 320 -21.92 32.46 40.22
N TYR B 321 -22.94 33.15 40.73
CA TYR B 321 -22.87 34.59 40.95
C TYR B 321 -21.86 34.93 42.04
N ALA B 322 -20.74 35.55 41.65
CA ALA B 322 -19.61 35.81 42.54
C ALA B 322 -19.70 37.13 43.30
N GLY B 323 -20.53 38.07 42.85
CA GLY B 323 -20.65 39.40 43.46
C GLY B 323 -21.35 39.39 44.82
N SER B 324 -21.44 40.58 45.43
CA SER B 324 -22.24 40.84 46.65
C SER B 324 -23.73 40.56 46.42
N ALA C 2 15.53 -8.27 40.07
CA ALA C 2 15.10 -8.69 38.75
C ALA C 2 13.57 -8.90 38.69
N ASP C 3 12.84 -8.39 37.66
CA ASP C 3 11.34 -8.43 37.67
C ASP C 3 10.57 -8.42 36.33
N THR C 4 11.16 -8.57 35.13
CA THR C 4 10.41 -8.68 33.84
C THR C 4 9.42 -7.51 33.67
N ASN C 5 9.88 -6.26 33.78
CA ASN C 5 9.01 -5.03 33.70
C ASN C 5 8.32 -4.86 32.32
N ARG C 6 7.49 -3.81 32.13
CA ARG C 6 6.80 -3.51 30.86
C ARG C 6 7.78 -3.30 29.71
N THR C 7 8.91 -2.65 29.93
CA THR C 7 9.96 -2.61 28.89
C THR C 7 10.72 -3.88 28.49
N ASP C 8 10.74 -4.93 29.31
CA ASP C 8 11.24 -6.26 28.95
C ASP C 8 10.22 -7.05 28.13
N ALA C 9 8.94 -6.78 28.34
CA ALA C 9 7.84 -7.40 27.63
C ALA C 9 7.35 -6.59 26.43
N ALA C 10 7.96 -5.43 26.13
CA ALA C 10 7.41 -4.44 25.20
C ALA C 10 7.06 -4.98 23.81
N ALA C 11 7.87 -5.88 23.26
CA ALA C 11 7.64 -6.51 21.97
C ALA C 11 6.35 -7.35 21.93
N LEU C 12 5.83 -7.80 23.07
CA LEU C 12 4.52 -8.40 23.21
C LEU C 12 3.26 -7.54 23.37
N ILE C 13 3.42 -6.21 23.37
CA ILE C 13 2.37 -5.25 23.68
C ILE C 13 1.81 -4.26 22.64
N GLN C 14 0.92 -4.80 21.81
CA GLN C 14 0.30 -4.07 20.71
C GLN C 14 -0.61 -2.96 21.22
N GLU C 15 -0.53 -1.76 20.63
CA GLU C 15 -1.55 -0.72 20.79
C GLU C 15 -2.76 -1.03 19.90
N ALA C 16 -3.95 -0.64 20.33
CA ALA C 16 -5.16 -0.79 19.53
C ALA C 16 -5.50 0.49 18.75
N TYR C 17 -6.47 0.42 17.84
CA TYR C 17 -6.95 1.56 17.07
C TYR C 17 -8.48 1.66 17.08
N SER C 18 -9.01 2.86 17.23
CA SER C 18 -10.44 3.13 17.09
C SER C 18 -10.99 4.30 16.26
N ASP C 19 -11.96 4.00 15.40
CA ASP C 19 -12.65 5.01 14.61
C ASP C 19 -13.71 5.94 15.24
N VAL C 20 -13.83 5.92 16.56
CA VAL C 20 -14.90 6.61 17.30
C VAL C 20 -14.97 8.11 17.02
N PHE C 21 -13.82 8.77 16.80
CA PHE C 21 -13.74 10.20 16.48
C PHE C 21 -13.39 10.47 15.01
N LEU C 22 -13.35 9.46 14.14
CA LEU C 22 -12.94 9.62 12.75
C LEU C 22 -14.17 9.82 11.86
N ASP C 23 -14.20 10.95 11.16
CA ASP C 23 -15.27 11.36 10.25
C ASP C 23 -14.66 11.99 8.99
N SER C 24 -15.38 11.94 7.88
CA SER C 24 -15.05 12.71 6.68
C SER C 24 -15.33 14.21 6.91
N VAL C 25 -15.01 15.07 5.94
CA VAL C 25 -15.67 16.38 5.88
C VAL C 25 -17.18 16.20 5.72
N SER C 26 -17.95 17.14 6.25
CA SER C 26 -19.39 17.28 6.00
C SER C 26 -19.63 18.29 4.89
N GLU C 27 -20.64 18.06 4.07
CA GLU C 27 -21.05 19.01 3.03
C GLU C 27 -21.88 20.14 3.63
N THR C 28 -21.26 21.28 3.97
CA THR C 28 -21.95 22.41 4.62
C THR C 28 -22.58 23.41 3.64
N ALA C 29 -22.31 23.33 2.33
CA ALA C 29 -22.75 24.34 1.38
C ALA C 29 -24.27 24.36 1.17
N LYS C 30 -24.86 25.56 1.02
CA LYS C 30 -26.32 25.75 1.01
C LYS C 30 -26.89 26.57 -0.15
N VAL C 31 -26.14 27.40 -0.89
CA VAL C 31 -26.81 28.29 -1.87
C VAL C 31 -27.48 27.55 -3.02
N ILE C 32 -26.90 26.46 -3.54
CA ILE C 32 -27.53 25.67 -4.62
C ILE C 32 -28.80 24.94 -4.13
N GLY C 33 -28.85 24.53 -2.87
CA GLY C 33 -30.07 23.97 -2.29
C GLY C 33 -31.15 25.02 -2.04
N THR C 34 -30.74 26.24 -1.70
CA THR C 34 -31.64 27.32 -1.27
C THR C 34 -32.28 28.06 -2.44
N PHE C 35 -31.48 28.57 -3.37
CA PHE C 35 -31.94 29.49 -4.41
C PHE C 35 -32.20 28.77 -5.74
N PRO C 36 -33.09 29.28 -6.60
CA PRO C 36 -33.40 28.62 -7.85
C PRO C 36 -32.20 28.60 -8.80
N VAL C 37 -31.95 27.45 -9.42
CA VAL C 37 -30.81 27.24 -10.32
C VAL C 37 -31.23 27.32 -11.79
N TYR C 38 -30.47 28.05 -12.57
CA TYR C 38 -30.61 28.15 -14.01
C TYR C 38 -29.47 27.39 -14.70
N ASN C 39 -29.78 26.44 -15.58
CA ASN C 39 -28.77 25.70 -16.33
C ASN C 39 -28.26 26.54 -17.50
N MET C 40 -27.03 27.05 -17.44
CA MET C 40 -26.47 27.88 -18.50
C MET C 40 -25.90 27.04 -19.67
N GLY C 41 -26.23 27.42 -20.90
CA GLY C 41 -25.70 26.81 -22.13
C GLY C 41 -24.44 27.46 -22.69
N THR C 42 -24.01 28.59 -22.13
CA THR C 42 -22.87 29.40 -22.58
C THR C 42 -22.38 30.30 -21.45
N LYS C 43 -21.20 30.91 -21.55
CA LYS C 43 -20.57 31.67 -20.46
C LYS C 43 -21.41 32.83 -19.96
N THR C 44 -22.07 33.56 -20.85
CA THR C 44 -22.81 34.78 -20.50
C THR C 44 -24.29 34.60 -20.82
N THR C 45 -25.18 35.11 -19.98
CA THR C 45 -26.60 35.23 -20.26
C THR C 45 -27.10 36.61 -19.90
N ASN C 46 -27.97 37.17 -20.72
CA ASN C 46 -28.57 38.49 -20.55
C ASN C 46 -29.99 38.39 -20.01
N LEU C 47 -30.28 39.22 -19.02
CA LEU C 47 -31.54 39.27 -18.29
C LEU C 47 -32.12 40.68 -18.45
N PRO C 48 -33.05 40.91 -19.39
CA PRO C 48 -33.69 42.21 -19.55
C PRO C 48 -34.66 42.47 -18.40
N VAL C 49 -34.70 43.70 -17.89
CA VAL C 49 -35.59 44.15 -16.83
C VAL C 49 -36.22 45.48 -17.18
N LEU C 50 -37.48 45.71 -16.82
CA LEU C 50 -38.08 47.04 -16.87
C LEU C 50 -37.39 47.95 -15.85
N SER C 51 -37.05 49.17 -16.23
CA SER C 51 -36.30 50.13 -15.42
C SER C 51 -37.18 51.31 -14.98
N THR C 52 -37.97 51.89 -15.88
CA THR C 52 -38.88 53.00 -15.60
C THR C 52 -40.14 52.90 -16.46
N PHE C 53 -41.21 53.55 -16.04
CA PHE C 53 -42.50 53.61 -16.75
C PHE C 53 -43.17 54.98 -16.55
N PRO C 54 -44.13 55.38 -17.41
CA PRO C 54 -44.67 56.74 -17.41
C PRO C 54 -45.75 57.00 -16.37
N HIS C 55 -46.03 58.28 -16.09
CA HIS C 55 -47.18 58.74 -15.30
C HIS C 55 -48.12 59.65 -16.10
N ALA C 56 -49.43 59.54 -15.86
CA ALA C 56 -50.45 60.45 -16.37
C ALA C 56 -50.39 61.85 -15.71
N LYS C 57 -51.20 62.77 -16.22
CA LYS C 57 -51.47 64.08 -15.59
C LYS C 57 -52.94 64.44 -15.67
N TRP C 58 -53.37 65.32 -14.78
CA TRP C 58 -54.57 66.11 -14.98
C TRP C 58 -54.65 67.12 -16.15
N VAL C 59 -55.66 66.95 -16.97
CA VAL C 59 -55.82 67.70 -18.20
C VAL C 59 -56.99 68.71 -18.38
N GLY C 60 -56.63 69.90 -18.82
CA GLY C 60 -57.55 71.01 -19.00
C GLY C 60 -58.42 70.88 -20.25
N GLU C 61 -59.17 71.94 -20.57
CA GLU C 61 -59.84 72.00 -21.87
C GLU C 61 -59.46 73.06 -22.92
N SER C 62 -58.42 73.85 -22.67
CA SER C 62 -58.05 74.96 -23.55
C SER C 62 -57.55 74.52 -24.93
N ALA C 63 -57.85 75.30 -25.96
CA ALA C 63 -57.24 75.21 -27.29
C ALA C 63 -55.88 75.92 -27.38
N THR C 64 -55.48 76.73 -26.38
CA THR C 64 -54.28 77.57 -26.45
C THR C 64 -53.40 77.56 -25.19
N ALA C 65 -53.96 77.36 -24.00
CA ALA C 65 -53.18 77.40 -22.75
C ALA C 65 -52.41 76.09 -22.50
N PRO C 66 -51.29 76.11 -21.75
CA PRO C 66 -50.50 74.92 -21.46
C PRO C 66 -51.27 73.81 -20.75
N GLU C 67 -52.32 74.18 -20.02
CA GLU C 67 -53.16 73.25 -19.25
C GLU C 67 -53.88 72.22 -20.13
N GLY C 68 -54.19 72.58 -21.38
CA GLY C 68 -54.98 71.74 -22.29
C GLY C 68 -54.18 70.66 -23.01
N VAL C 69 -52.84 70.69 -22.92
CA VAL C 69 -51.97 69.68 -23.49
C VAL C 69 -51.71 68.32 -22.81
N LYS C 70 -52.15 67.25 -23.49
CA LYS C 70 -51.88 65.86 -23.06
C LYS C 70 -50.36 65.62 -23.11
N PRO C 71 -49.69 65.20 -22.03
CA PRO C 71 -48.24 65.14 -21.94
C PRO C 71 -47.62 63.92 -22.64
N THR C 72 -46.36 64.03 -23.03
CA THR C 72 -45.54 62.88 -23.44
C THR C 72 -44.50 62.22 -22.51
N ALA C 73 -44.35 60.91 -22.60
CA ALA C 73 -43.61 60.13 -21.60
C ALA C 73 -42.97 58.84 -22.16
N LYS C 74 -42.02 58.28 -21.40
CA LYS C 74 -41.14 57.17 -21.79
C LYS C 74 -41.37 55.93 -20.93
N ALA C 75 -41.17 54.75 -21.50
CA ALA C 75 -40.75 53.58 -20.73
C ALA C 75 -39.23 53.42 -20.89
N THR C 76 -38.57 52.60 -20.06
CA THR C 76 -37.16 52.24 -20.26
C THR C 76 -36.87 50.88 -19.67
N TRP C 77 -36.02 50.10 -20.32
CA TRP C 77 -35.51 48.83 -19.85
C TRP C 77 -34.01 48.90 -19.58
N ALA C 78 -33.51 47.94 -18.83
CA ALA C 78 -32.10 47.75 -18.48
C ALA C 78 -31.73 46.27 -18.61
N ASN C 79 -30.45 45.96 -18.46
CA ASN C 79 -29.93 44.61 -18.61
C ASN C 79 -29.12 44.21 -17.37
N LYS C 80 -29.31 42.97 -16.91
CA LYS C 80 -28.48 42.28 -15.91
C LYS C 80 -27.84 41.07 -16.56
N THR C 81 -26.68 40.61 -16.10
CA THR C 81 -25.97 39.47 -16.69
C THR C 81 -25.62 38.39 -15.69
N LEU C 82 -25.69 37.14 -16.13
CA LEU C 82 -25.01 36.01 -15.52
C LEU C 82 -23.72 35.76 -16.29
N VAL C 83 -22.56 35.79 -15.64
CA VAL C 83 -21.27 35.41 -16.24
C VAL C 83 -20.66 34.24 -15.48
N ALA C 84 -20.45 33.11 -16.13
CA ALA C 84 -19.92 31.92 -15.50
C ALA C 84 -18.42 32.04 -15.20
N GLU C 85 -18.03 31.56 -14.02
CA GLU C 85 -16.66 31.61 -13.51
C GLU C 85 -16.33 30.31 -12.79
N GLU C 86 -15.06 29.94 -12.73
CA GLU C 86 -14.66 28.58 -12.39
C GLU C 86 -14.01 28.44 -11.01
N LEU C 87 -14.52 27.50 -10.22
CA LEU C 87 -13.92 27.09 -8.94
C LEU C 87 -13.19 25.77 -9.14
N ALA C 88 -11.98 25.63 -8.63
CA ALA C 88 -11.19 24.41 -8.80
C ALA C 88 -10.16 24.13 -7.70
N VAL C 89 -9.73 22.87 -7.60
CA VAL C 89 -8.57 22.41 -6.82
C VAL C 89 -8.04 21.08 -7.38
N ILE C 90 -6.76 20.78 -7.23
CA ILE C 90 -6.15 19.48 -7.51
C ILE C 90 -5.59 18.89 -6.22
N LEU C 91 -5.93 17.63 -5.92
CA LEU C 91 -5.50 16.90 -4.73
C LEU C 91 -4.58 15.74 -5.10
N PRO C 92 -3.24 15.92 -5.10
CA PRO C 92 -2.28 14.86 -5.38
C PRO C 92 -2.02 13.98 -4.15
N ILE C 93 -1.81 12.68 -4.38
CA ILE C 93 -1.45 11.70 -3.35
C ILE C 93 -0.50 10.64 -3.93
N HIS C 94 0.36 10.06 -3.10
CA HIS C 94 1.29 9.01 -3.51
C HIS C 94 0.65 7.62 -3.45
N GLU C 95 0.92 6.79 -4.45
CA GLU C 95 0.28 5.47 -4.63
C GLU C 95 0.45 4.55 -3.43
N ASN C 96 1.64 4.52 -2.83
CA ASN C 96 1.91 3.65 -1.69
C ASN C 96 1.15 4.11 -0.45
N VAL C 97 1.07 5.42 -0.19
CA VAL C 97 0.28 5.98 0.92
C VAL C 97 -1.18 5.61 0.75
N LEU C 98 -1.69 5.74 -0.47
CA LEU C 98 -3.04 5.35 -0.82
C LEU C 98 -3.30 3.84 -0.67
N ALA C 99 -2.28 2.99 -0.83
CA ALA C 99 -2.39 1.55 -0.63
C ALA C 99 -2.23 1.11 0.84
N ASP C 100 -1.39 1.80 1.62
CA ASP C 100 -1.06 1.43 2.99
C ASP C 100 -2.05 1.98 4.03
N ALA C 101 -2.79 3.04 3.74
CA ALA C 101 -3.79 3.61 4.64
C ALA C 101 -4.99 2.68 4.84
N THR C 102 -5.60 2.73 6.03
CA THR C 102 -6.77 1.89 6.38
C THR C 102 -8.09 2.37 5.79
N GLU C 103 -8.19 3.67 5.50
CA GLU C 103 -9.36 4.31 4.89
C GLU C 103 -9.23 4.38 3.37
N ASP C 104 -10.35 4.47 2.64
CA ASP C 104 -10.31 4.80 1.21
C ASP C 104 -10.02 6.29 1.01
N LEU C 105 -8.74 6.67 1.03
CA LEU C 105 -8.36 8.06 0.89
C LEU C 105 -8.76 8.69 -0.45
N LEU C 106 -8.98 7.94 -1.53
CA LEU C 106 -9.55 8.57 -2.73
C LEU C 106 -11.01 8.94 -2.51
N ALA C 107 -11.79 8.16 -1.77
CA ALA C 107 -13.14 8.59 -1.41
C ALA C 107 -13.11 9.80 -0.47
N GLU C 108 -12.22 9.84 0.52
CA GLU C 108 -12.09 11.01 1.38
C GLU C 108 -11.67 12.26 0.60
N LEU C 109 -10.68 12.16 -0.28
CA LEU C 109 -10.31 13.28 -1.12
C LEU C 109 -11.43 13.67 -2.10
N ALA C 110 -12.20 12.73 -2.62
CA ALA C 110 -13.37 13.04 -3.44
C ALA C 110 -14.43 13.87 -2.69
N ARG C 111 -14.70 13.55 -1.42
CA ARG C 111 -15.58 14.35 -0.57
C ARG C 111 -15.02 15.74 -0.31
N MET C 112 -13.73 15.84 -0.03
CA MET C 112 -13.06 17.10 0.24
C MET C 112 -13.07 18.04 -0.95
N GLY C 113 -12.81 17.53 -2.15
CA GLY C 113 -12.84 18.33 -3.36
C GLY C 113 -14.22 18.90 -3.64
N GLY C 114 -15.26 18.06 -3.60
CA GLY C 114 -16.65 18.50 -3.76
C GLY C 114 -17.07 19.55 -2.73
N ALA C 115 -16.93 19.26 -1.44
CA ALA C 115 -17.30 20.19 -0.38
C ALA C 115 -16.56 21.52 -0.47
N SER C 116 -15.29 21.53 -0.87
CA SER C 116 -14.48 22.75 -0.91
C SER C 116 -15.01 23.77 -1.90
N ILE C 117 -15.57 23.31 -3.02
CA ILE C 117 -16.15 24.17 -4.05
C ILE C 117 -17.46 24.77 -3.57
N GLY C 118 -18.35 23.97 -2.97
CA GLY C 118 -19.61 24.48 -2.46
C GLY C 118 -19.44 25.60 -1.44
N ARG C 119 -18.52 25.46 -0.47
CA ARG C 119 -18.23 26.51 0.50
C ARG C 119 -17.78 27.82 -0.15
N ALA C 120 -16.93 27.75 -1.18
CA ALA C 120 -16.44 28.95 -1.85
C ALA C 120 -17.54 29.70 -2.59
N LEU C 121 -18.50 28.98 -3.16
CA LEU C 121 -19.67 29.57 -3.82
C LEU C 121 -20.58 30.30 -2.83
N ASP C 122 -20.90 29.69 -1.69
CA ASP C 122 -21.68 30.35 -0.64
C ASP C 122 -21.06 31.67 -0.19
N ALA C 123 -19.76 31.67 0.13
CA ALA C 123 -19.09 32.88 0.61
C ALA C 123 -19.10 34.02 -0.41
N ALA C 124 -19.02 33.71 -1.71
CA ALA C 124 -19.10 34.72 -2.75
C ALA C 124 -20.51 35.30 -2.87
N VAL C 125 -21.54 34.48 -2.82
CA VAL C 125 -22.94 34.93 -2.97
C VAL C 125 -23.41 35.74 -1.76
N LEU C 126 -23.15 35.28 -0.53
CA LEU C 126 -23.66 35.95 0.68
C LEU C 126 -22.96 37.27 0.97
N PHE C 127 -21.63 37.25 1.13
CA PHE C 127 -20.85 38.39 1.62
C PHE C 127 -19.90 38.98 0.59
N GLY C 128 -19.82 38.41 -0.61
CA GLY C 128 -18.93 38.90 -1.67
C GLY C 128 -17.47 38.52 -1.47
N HIS C 129 -17.19 37.53 -0.63
CA HIS C 129 -15.82 37.11 -0.32
C HIS C 129 -15.16 36.48 -1.55
N GLN C 130 -14.06 37.06 -2.03
CA GLN C 130 -13.38 36.65 -3.27
C GLN C 130 -14.32 36.55 -4.49
N LYS C 131 -15.43 37.30 -4.51
CA LYS C 131 -16.41 37.27 -5.60
C LYS C 131 -15.72 37.59 -6.93
N PRO C 132 -15.94 36.82 -8.01
CA PRO C 132 -15.33 37.11 -9.30
C PRO C 132 -15.63 38.53 -9.78
N VAL C 133 -14.64 39.22 -10.35
CA VAL C 133 -14.79 40.62 -10.78
C VAL C 133 -15.83 40.79 -11.88
N THR C 134 -16.06 39.76 -12.69
CA THR C 134 -17.09 39.75 -13.74
C THR C 134 -18.52 39.62 -13.23
N TRP C 135 -18.75 39.29 -11.95
CA TRP C 135 -20.10 39.28 -11.39
C TRP C 135 -20.54 40.70 -11.05
N ALA C 136 -21.44 41.25 -11.85
CA ALA C 136 -21.90 42.64 -11.71
C ALA C 136 -22.87 42.83 -10.54
N SER C 137 -23.62 41.80 -10.15
CA SER C 137 -24.56 41.86 -9.02
C SER C 137 -23.85 42.08 -7.70
N LYS C 138 -24.48 42.85 -6.80
CA LYS C 138 -24.09 42.95 -5.40
C LYS C 138 -24.28 41.60 -4.72
N SER C 139 -23.44 41.23 -3.77
CA SER C 139 -23.70 40.11 -2.87
C SER C 139 -24.90 40.39 -1.97
N LEU C 140 -25.48 39.39 -1.31
CA LEU C 140 -26.69 39.59 -0.50
C LEU C 140 -26.51 40.67 0.57
N PHE C 141 -25.46 40.59 1.39
CA PHE C 141 -25.20 41.61 2.40
C PHE C 141 -24.99 43.00 1.79
N GLU C 142 -24.21 43.09 0.72
CA GLU C 142 -23.87 44.32 0.03
C GLU C 142 -25.10 44.97 -0.62
N SER C 143 -26.02 44.18 -1.16
CA SER C 143 -27.29 44.69 -1.68
C SER C 143 -28.11 45.35 -0.58
N ALA C 144 -28.29 44.69 0.54
CA ALA C 144 -29.05 45.24 1.65
C ALA C 144 -28.39 46.47 2.28
N ASP C 145 -27.08 46.41 2.50
CA ASP C 145 -26.31 47.50 3.10
C ASP C 145 -26.32 48.76 2.22
N ASP C 146 -26.16 48.61 0.90
CA ASP C 146 -26.24 49.75 -0.01
C ASP C 146 -27.67 50.31 -0.12
N ALA C 147 -28.68 49.46 -0.10
CA ALA C 147 -30.08 49.89 -0.01
C ALA C 147 -30.45 50.47 1.38
N GLY C 148 -29.56 50.41 2.37
CA GLY C 148 -29.83 50.88 3.73
C GLY C 148 -30.85 50.05 4.50
N GLN C 149 -31.16 48.83 4.04
CA GLN C 149 -32.09 47.91 4.68
C GLN C 149 -31.42 47.12 5.81
N VAL C 150 -30.91 47.85 6.80
CA VAL C 150 -30.11 47.34 7.90
C VAL C 150 -30.78 47.67 9.22
N VAL C 151 -31.14 46.64 9.98
CA VAL C 151 -31.79 46.76 11.29
C VAL C 151 -30.80 46.37 12.37
N ALA C 152 -30.30 47.33 13.14
CA ALA C 152 -29.47 47.03 14.30
C ALA C 152 -30.34 46.57 15.47
N VAL C 153 -29.99 45.43 16.06
CA VAL C 153 -30.55 45.02 17.36
C VAL C 153 -30.13 46.02 18.43
N GLY C 154 -30.98 46.24 19.43
CA GLY C 154 -30.68 47.07 20.60
C GLY C 154 -30.93 46.34 21.92
N ASN C 155 -30.76 47.02 23.04
CA ASN C 155 -30.85 46.42 24.38
C ASN C 155 -31.94 47.04 25.27
N SER C 156 -33.08 47.44 24.70
CA SER C 156 -34.17 48.06 25.47
C SER C 156 -35.01 47.08 26.31
N ASN C 157 -34.65 45.80 26.37
CA ASN C 157 -35.54 44.71 26.82
C ASN C 157 -36.86 44.67 26.03
N GLY C 158 -36.82 45.07 24.75
CA GLY C 158 -38.00 45.09 23.89
C GLY C 158 -39.02 46.17 24.24
N VAL C 159 -38.62 47.23 24.95
CA VAL C 159 -39.47 48.41 25.12
C VAL C 159 -39.62 49.13 23.77
N GLU C 160 -38.55 49.19 22.98
CA GLU C 160 -38.69 49.28 21.53
C GLU C 160 -38.98 48.00 20.73
N GLY C 161 -39.18 48.08 19.42
CA GLY C 161 -39.13 46.89 18.57
C GLY C 161 -37.71 46.30 18.42
N ASP C 162 -36.71 46.82 19.11
CA ASP C 162 -35.29 46.59 18.82
C ASP C 162 -34.72 45.28 19.39
N ASP C 163 -35.53 44.45 20.04
CA ASP C 163 -35.16 43.08 20.38
C ASP C 163 -35.00 42.23 19.09
N ILE C 164 -34.43 41.02 19.14
CA ILE C 164 -34.16 40.28 17.89
C ILE C 164 -35.43 39.87 17.15
N SER C 165 -36.53 39.53 17.82
CA SER C 165 -37.77 39.22 17.14
C SER C 165 -38.39 40.46 16.51
N GLY C 166 -38.42 41.57 17.23
CA GLY C 166 -38.90 42.81 16.65
C GLY C 166 -38.02 43.26 15.49
N SER C 167 -36.71 43.06 15.59
CA SER C 167 -35.77 43.30 14.49
C SER C 167 -36.00 42.40 13.28
N ILE C 168 -36.33 41.13 13.47
CA ILE C 168 -36.66 40.23 12.37
C ILE C 168 -37.95 40.69 11.70
N LEU C 169 -38.98 41.08 12.45
CA LEU C 169 -40.21 41.61 11.86
C LEU C 169 -39.96 42.90 11.10
N GLN C 170 -39.15 43.82 11.61
CA GLN C 170 -38.78 45.02 10.88
C GLN C 170 -38.03 44.70 9.58
N ALA C 171 -37.05 43.81 9.62
CA ALA C 171 -36.31 43.41 8.43
C ALA C 171 -37.20 42.72 7.40
N ALA C 172 -38.13 41.87 7.84
CA ALA C 172 -39.11 41.27 6.95
C ALA C 172 -40.03 42.32 6.35
N GLU C 173 -40.47 43.32 7.12
CA GLU C 173 -41.30 44.41 6.62
C GLU C 173 -40.59 45.22 5.53
N MET C 174 -39.30 45.52 5.68
CA MET C 174 -38.52 46.18 4.64
C MET C 174 -38.51 45.41 3.33
N VAL C 175 -38.36 44.09 3.36
CA VAL C 175 -38.37 43.26 2.16
C VAL C 175 -39.78 43.16 1.59
N ALA C 176 -40.79 42.98 2.44
CA ALA C 176 -42.17 42.77 2.03
C ALA C 176 -42.82 43.98 1.33
N ASP C 177 -42.20 45.15 1.41
CA ASP C 177 -42.64 46.37 0.75
C ASP C 177 -42.73 46.20 -0.78
N VAL C 178 -41.61 45.89 -1.43
CA VAL C 178 -41.52 45.66 -2.89
C VAL C 178 -41.50 44.18 -3.24
N TYR C 179 -40.96 43.33 -2.37
CA TYR C 179 -40.72 41.90 -2.60
C TYR C 179 -41.59 41.02 -1.68
N ASP C 180 -41.30 39.73 -1.58
CA ASP C 180 -41.99 38.80 -0.70
C ASP C 180 -40.99 37.97 0.12
N PRO C 181 -40.66 38.33 1.36
CA PRO C 181 -39.65 37.62 2.14
C PRO C 181 -40.05 36.17 2.38
N SER C 182 -39.08 35.26 2.33
CA SER C 182 -39.36 33.82 2.29
C SER C 182 -38.40 33.00 3.14
N HIS C 183 -37.16 33.45 3.30
CA HIS C 183 -36.12 32.75 4.03
C HIS C 183 -35.39 33.69 4.99
N LEU C 184 -34.97 33.16 6.11
CA LEU C 184 -34.04 33.79 7.04
C LEU C 184 -32.72 33.02 7.00
N LEU C 185 -31.64 33.69 6.65
CA LEU C 185 -30.30 33.12 6.56
C LEU C 185 -29.51 33.53 7.80
N GLY C 186 -28.77 32.64 8.43
CA GLY C 186 -27.90 33.01 9.54
C GLY C 186 -26.94 31.92 9.96
N TYR C 187 -26.32 32.08 11.12
CA TYR C 187 -25.65 30.99 11.83
C TYR C 187 -26.58 30.29 12.83
N SER C 188 -26.27 29.04 13.15
CA SER C 188 -27.13 28.16 13.97
C SER C 188 -27.24 28.59 15.43
N GLY C 189 -28.14 27.93 16.18
CA GLY C 189 -28.44 28.25 17.57
C GLY C 189 -29.50 29.31 17.78
N LEU C 190 -30.20 29.72 16.73
CA LEU C 190 -31.21 30.76 16.76
C LEU C 190 -32.31 30.47 17.77
N ARG C 191 -32.73 29.22 17.92
CA ARG C 191 -33.65 28.75 18.97
C ARG C 191 -33.24 29.18 20.37
N TYR C 192 -31.96 29.13 20.71
CA TYR C 192 -31.46 29.57 22.02
C TYR C 192 -31.42 31.09 22.16
N ARG C 193 -31.42 31.84 21.05
CA ARG C 193 -31.44 33.31 21.04
C ARG C 193 -32.86 33.88 21.04
N LEU C 194 -33.82 33.16 20.47
CA LEU C 194 -35.24 33.49 20.47
C LEU C 194 -35.91 33.13 21.80
N ALA C 195 -35.63 31.96 22.35
CA ALA C 195 -35.70 31.77 23.79
C ALA C 195 -34.77 32.77 24.50
N ASN C 196 -34.97 33.05 25.77
CA ASN C 196 -34.12 33.99 26.53
C ASN C 196 -34.18 35.47 26.12
N GLN C 197 -35.09 35.88 25.24
CA GLN C 197 -35.47 37.28 25.09
C GLN C 197 -36.35 37.73 26.26
N ARG C 198 -36.04 38.84 26.96
CA ARG C 198 -36.68 39.22 28.23
C ARG C 198 -37.29 40.61 28.25
N ASP C 199 -38.46 40.75 28.87
CA ASP C 199 -39.13 41.99 29.26
C ASP C 199 -38.27 42.86 30.18
N ALA C 200 -38.65 44.12 30.37
CA ALA C 200 -38.04 44.98 31.37
C ALA C 200 -38.24 44.48 32.83
N ASN C 201 -39.19 43.57 33.07
CA ASN C 201 -39.35 42.85 34.34
C ASN C 201 -38.64 41.50 34.39
N GLY C 202 -38.04 41.04 33.28
CA GLY C 202 -37.32 39.77 33.18
C GLY C 202 -38.11 38.58 32.66
N GLN C 203 -39.44 38.67 32.48
CA GLN C 203 -40.22 37.59 31.86
C GLN C 203 -39.81 37.33 30.41
N PRO C 204 -39.86 36.09 29.91
CA PRO C 204 -39.62 35.82 28.50
C PRO C 204 -40.68 36.43 27.55
N LEU C 205 -40.26 36.88 26.37
CA LEU C 205 -41.13 37.41 25.30
C LEU C 205 -41.68 36.33 24.37
N PHE C 206 -40.80 35.45 23.87
CA PHE C 206 -41.09 34.68 22.66
C PHE C 206 -42.09 33.54 22.87
N GLN C 207 -42.19 33.06 24.11
CA GLN C 207 -43.01 31.94 24.57
C GLN C 207 -43.34 32.17 26.04
N PRO C 208 -44.40 31.54 26.61
CA PRO C 208 -44.94 31.95 27.90
C PRO C 208 -43.97 31.95 29.08
N TYR C 209 -43.26 30.85 29.31
CA TYR C 209 -42.41 30.67 30.50
C TYR C 209 -41.21 29.78 30.15
N MET C 210 -40.11 29.89 30.90
CA MET C 210 -38.85 29.23 30.54
C MET C 210 -38.90 27.70 30.51
N GLN C 211 -39.87 27.05 31.15
CA GLN C 211 -39.92 25.60 31.34
C GLN C 211 -39.69 24.74 30.09
N GLY C 212 -40.34 25.06 28.96
CA GLY C 212 -40.26 24.28 27.72
C GLY C 212 -39.52 24.99 26.59
N THR C 213 -38.59 25.87 26.92
CA THR C 213 -38.26 27.03 26.10
C THR C 213 -37.46 26.87 24.80
N PRO C 214 -36.47 25.97 24.62
CA PRO C 214 -35.80 25.85 23.32
C PRO C 214 -36.74 25.19 22.30
N GLY C 215 -37.53 25.99 21.59
CA GLY C 215 -38.42 25.53 20.53
C GLY C 215 -37.69 25.15 19.24
N SER C 216 -38.41 24.94 18.15
CA SER C 216 -37.84 24.61 16.85
C SER C 216 -37.10 25.78 16.20
N ASP C 217 -35.95 25.50 15.57
CA ASP C 217 -35.22 26.44 14.71
C ASP C 217 -35.89 26.63 13.34
N GLY C 218 -36.61 25.64 12.83
CA GLY C 218 -36.80 25.44 11.39
C GLY C 218 -37.68 26.45 10.65
N MET C 219 -38.46 27.23 11.40
CA MET C 219 -39.43 28.20 10.88
C MET C 219 -39.54 29.31 11.91
N VAL C 220 -39.19 30.54 11.54
CA VAL C 220 -39.15 31.69 12.45
C VAL C 220 -39.95 32.82 11.86
N HIS C 221 -41.03 33.25 12.51
CA HIS C 221 -41.93 34.30 12.00
C HIS C 221 -42.42 34.06 10.58
N GLY C 222 -42.68 32.80 10.22
CA GLY C 222 -43.14 32.41 8.89
C GLY C 222 -42.05 32.38 7.80
N LEU C 223 -40.78 32.60 8.15
CA LEU C 223 -39.63 32.49 7.25
C LEU C 223 -38.93 31.15 7.50
N ASN C 224 -38.59 30.41 6.46
CA ASN C 224 -37.77 29.21 6.57
C ASN C 224 -36.34 29.57 6.96
N THR C 225 -35.78 28.95 7.96
CA THR C 225 -34.38 29.22 8.34
C THR C 225 -33.41 28.41 7.52
N VAL C 226 -32.26 29.00 7.19
CA VAL C 226 -31.14 28.35 6.51
C VAL C 226 -29.87 28.70 7.27
N PHE C 227 -29.09 27.70 7.65
CA PHE C 227 -27.89 27.91 8.47
C PHE C 227 -26.61 27.69 7.69
N PHE C 228 -25.66 28.62 7.81
CA PHE C 228 -24.40 28.63 7.08
C PHE C 228 -23.22 28.41 8.03
N SER C 229 -22.24 27.64 7.59
CA SER C 229 -21.05 27.30 8.38
C SER C 229 -19.90 26.82 7.50
N GLY C 230 -18.70 26.84 8.06
CA GLY C 230 -17.47 26.40 7.43
C GLY C 230 -16.55 27.56 7.08
N ASN C 231 -15.46 27.26 6.39
CA ASN C 231 -14.42 28.22 6.03
C ASN C 231 -14.05 28.13 4.56
N VAL C 232 -13.38 29.17 4.08
CA VAL C 232 -12.97 29.42 2.70
C VAL C 232 -11.61 30.12 2.69
N ASP C 233 -10.97 30.15 1.52
CA ASP C 233 -9.64 30.72 1.34
C ASP C 233 -9.58 32.17 1.80
N ASP C 234 -8.65 32.53 2.68
CA ASP C 234 -8.45 33.91 3.10
C ASP C 234 -7.56 34.72 2.14
N GLY C 235 -6.99 34.10 1.10
CA GLY C 235 -6.01 34.69 0.21
C GLY C 235 -4.57 34.66 0.75
N SER C 236 -4.28 33.90 1.80
CA SER C 236 -2.95 33.83 2.46
C SER C 236 -2.70 32.50 3.19
N ASN C 237 -3.21 31.39 2.64
CA ASN C 237 -3.08 30.03 3.17
C ASN C 237 -3.75 29.78 4.54
N GLY C 238 -4.49 30.74 5.10
CA GLY C 238 -5.26 30.60 6.32
C GLY C 238 -6.73 30.26 6.03
N ASP C 239 -7.60 30.54 6.99
CA ASP C 239 -9.04 30.33 6.89
C ASP C 239 -9.80 31.66 7.05
N ALA C 240 -10.89 31.84 6.31
CA ALA C 240 -11.89 32.87 6.54
C ALA C 240 -13.29 32.24 6.65
N PRO C 241 -14.21 32.72 7.49
CA PRO C 241 -15.52 32.11 7.70
C PRO C 241 -16.48 32.37 6.54
N VAL C 242 -17.36 31.41 6.25
CA VAL C 242 -18.41 31.60 5.23
C VAL C 242 -19.40 32.69 5.64
N TRP C 243 -19.80 32.71 6.92
CA TRP C 243 -20.67 33.74 7.49
C TRP C 243 -19.87 34.62 8.45
N ASP C 244 -19.86 35.93 8.23
CA ASP C 244 -19.18 36.87 9.11
C ASP C 244 -20.11 37.41 10.22
N ARG C 245 -20.05 36.78 11.39
CA ARG C 245 -20.90 37.10 12.55
C ARG C 245 -20.66 38.49 13.10
N ASP C 246 -19.57 39.16 12.76
CA ASP C 246 -19.30 40.52 13.20
C ASP C 246 -20.11 41.57 12.42
N VAL C 247 -20.66 41.23 11.25
CA VAL C 247 -21.43 42.16 10.42
C VAL C 247 -22.90 41.78 10.27
N ALA C 248 -23.28 40.51 10.41
CA ALA C 248 -24.69 40.12 10.34
C ALA C 248 -25.07 39.06 11.37
N SER C 249 -26.15 39.30 12.11
CA SER C 249 -26.81 38.27 12.92
C SER C 249 -27.64 37.34 12.04
N ALA C 250 -28.33 37.91 11.06
CA ALA C 250 -29.14 37.18 10.08
C ALA C 250 -29.44 38.08 8.88
N ILE C 251 -29.88 37.48 7.78
CA ILE C 251 -30.34 38.15 6.57
C ILE C 251 -31.75 37.63 6.23
N VAL C 252 -32.70 38.51 5.96
CA VAL C 252 -33.99 38.14 5.39
C VAL C 252 -33.92 38.30 3.87
N VAL C 253 -34.44 37.35 3.11
CA VAL C 253 -34.39 37.38 1.65
C VAL C 253 -35.68 36.89 0.99
N ASP C 254 -36.08 37.51 -0.12
CA ASP C 254 -37.00 36.90 -1.08
C ASP C 254 -36.23 35.95 -2.00
N ARG C 255 -36.40 34.64 -1.78
CA ARG C 255 -35.70 33.58 -2.51
C ARG C 255 -35.82 33.70 -4.03
N SER C 256 -36.94 34.21 -4.54
CA SER C 256 -37.23 34.25 -5.97
C SER C 256 -36.39 35.26 -6.75
N ARG C 257 -35.75 36.21 -6.06
CA ARG C 257 -34.95 37.27 -6.67
C ARG C 257 -33.47 36.93 -6.81
N VAL C 258 -33.04 35.78 -6.34
CA VAL C 258 -31.68 35.27 -6.53
C VAL C 258 -31.73 34.21 -7.61
N VAL C 259 -30.88 34.29 -8.63
CA VAL C 259 -30.66 33.17 -9.55
C VAL C 259 -29.20 32.75 -9.52
N ILE C 260 -28.99 31.45 -9.31
CA ILE C 260 -27.67 30.82 -9.38
C ILE C 260 -27.58 30.13 -10.74
N GLY C 261 -26.63 30.51 -11.56
CA GLY C 261 -26.39 29.89 -12.85
C GLY C 261 -25.40 28.75 -12.68
N VAL C 262 -25.78 27.53 -13.07
CA VAL C 262 -24.87 26.38 -13.11
C VAL C 262 -24.47 26.16 -14.56
N ARG C 263 -23.27 26.58 -14.94
CA ARG C 263 -22.75 26.36 -16.30
C ARG C 263 -22.17 24.96 -16.45
N GLN C 264 -21.48 24.48 -15.43
CA GLN C 264 -20.99 23.12 -15.33
C GLN C 264 -20.99 22.73 -13.87
N ASP C 265 -21.74 21.71 -13.50
CA ASP C 265 -21.75 21.20 -12.14
C ASP C 265 -20.41 20.54 -11.78
N ILE C 266 -20.14 20.29 -10.50
CA ILE C 266 -18.83 19.80 -10.04
C ILE C 266 -18.47 18.49 -10.74
N THR C 267 -17.31 18.46 -11.39
CA THR C 267 -16.76 17.29 -12.08
C THR C 267 -15.42 16.89 -11.49
N VAL C 268 -15.14 15.59 -11.52
CA VAL C 268 -13.89 14.99 -11.05
C VAL C 268 -13.19 14.28 -12.19
N LYS C 269 -11.90 14.54 -12.37
CA LYS C 269 -11.00 13.86 -13.31
C LYS C 269 -9.90 13.18 -12.53
N TYR C 270 -9.58 11.93 -12.85
CA TYR C 270 -8.49 11.18 -12.23
C TYR C 270 -7.22 11.26 -13.08
N LEU C 271 -6.15 11.76 -12.50
CA LEU C 271 -4.88 12.03 -13.16
C LEU C 271 -3.81 11.07 -12.67
N ASP C 272 -3.12 10.43 -13.59
CA ASP C 272 -2.10 9.43 -13.32
C ASP C 272 -0.85 9.56 -14.21
N GLN C 273 -0.86 10.48 -15.18
CA GLN C 273 0.28 10.78 -16.07
C GLN C 273 0.69 12.25 -16.06
N ALA C 274 -0.22 13.16 -15.68
CA ALA C 274 -0.02 14.59 -15.76
C ALA C 274 1.15 15.15 -14.93
N THR C 275 1.52 16.40 -15.18
CA THR C 275 2.34 17.20 -14.28
C THR C 275 1.45 18.24 -13.62
N VAL C 276 1.41 18.28 -12.29
CA VAL C 276 0.57 19.21 -11.52
C VAL C 276 1.39 19.80 -10.38
N GLY C 277 1.38 21.10 -10.18
CA GLY C 277 2.14 21.74 -9.09
C GLY C 277 3.66 21.49 -9.13
N GLY C 278 4.22 21.20 -10.30
CA GLY C 278 5.62 20.79 -10.47
C GLY C 278 5.91 19.31 -10.17
N ILE C 279 4.89 18.53 -9.81
CA ILE C 279 5.00 17.08 -9.56
C ILE C 279 4.73 16.35 -10.88
N ASN C 280 5.69 15.62 -11.41
CA ASN C 280 5.45 14.68 -12.51
C ASN C 280 4.82 13.40 -11.96
N LEU C 281 3.53 13.16 -12.19
CA LEU C 281 2.82 12.10 -11.47
C LEU C 281 3.36 10.70 -11.74
N ALA C 282 3.54 10.31 -13.00
CA ALA C 282 3.84 8.92 -13.33
C ALA C 282 5.24 8.46 -12.91
N GLU C 283 6.26 9.32 -13.04
CA GLU C 283 7.62 8.97 -12.63
C GLU C 283 7.84 8.98 -11.12
N ARG C 284 6.86 9.46 -10.35
CA ARG C 284 6.91 9.49 -8.88
C ARG C 284 5.94 8.52 -8.21
N ASP C 285 5.15 7.75 -8.97
CA ASP C 285 4.03 6.97 -8.45
C ASP C 285 3.07 7.80 -7.62
N MET C 286 2.57 8.86 -8.21
CA MET C 286 1.54 9.68 -7.63
C MET C 286 0.33 9.70 -8.54
N VAL C 287 -0.81 10.03 -7.98
CA VAL C 287 -2.05 10.25 -8.70
C VAL C 287 -2.66 11.53 -8.17
N ALA C 288 -3.62 12.10 -8.86
CA ALA C 288 -4.33 13.26 -8.35
C ALA C 288 -5.77 13.23 -8.80
N LEU C 289 -6.64 13.85 -8.02
CA LEU C 289 -7.98 14.19 -8.44
C LEU C 289 -8.01 15.68 -8.78
N ARG C 290 -8.55 16.02 -9.95
CA ARG C 290 -8.83 17.40 -10.37
C ARG C 290 -10.32 17.64 -10.23
N PHE C 291 -10.69 18.68 -9.49
CA PHE C 291 -12.08 19.10 -9.29
C PHE C 291 -12.31 20.46 -9.92
N CYS C 292 -13.38 20.62 -10.68
CA CYS C 292 -13.84 21.95 -11.07
C CYS C 292 -15.34 22.00 -11.35
N GLY C 293 -15.90 23.21 -11.27
CA GLY C 293 -17.26 23.55 -11.68
C GLY C 293 -17.32 25.01 -12.10
N ARG C 294 -18.33 25.38 -12.89
CA ARG C 294 -18.52 26.74 -13.42
C ARG C 294 -19.87 27.28 -12.97
N PHE C 295 -19.88 28.42 -12.33
CA PHE C 295 -21.06 29.01 -11.68
C PHE C 295 -21.20 30.49 -11.99
N ALA C 296 -22.41 31.01 -11.96
CA ALA C 296 -22.72 32.43 -12.08
C ALA C 296 -23.78 32.83 -11.06
N TYR C 297 -23.90 34.12 -10.75
CA TYR C 297 -24.92 34.61 -9.84
C TYR C 297 -25.48 35.96 -10.30
N ALA C 298 -26.79 36.14 -10.20
CA ALA C 298 -27.43 37.42 -10.44
C ALA C 298 -28.57 37.67 -9.44
N LEU C 299 -28.72 38.93 -9.04
CA LEU C 299 -29.74 39.39 -8.11
C LEU C 299 -30.69 40.38 -8.79
N GLY C 300 -31.98 40.07 -8.81
CA GLY C 300 -33.02 40.88 -9.45
C GLY C 300 -33.53 42.00 -8.55
N ASP C 301 -32.68 42.97 -8.22
CA ASP C 301 -32.87 43.84 -7.06
C ASP C 301 -33.53 45.22 -7.25
N ASN C 302 -33.64 45.77 -8.45
CA ASN C 302 -34.18 47.13 -8.65
C ASN C 302 -35.44 47.13 -9.50
N ILE C 303 -36.51 46.46 -9.03
CA ILE C 303 -37.84 46.57 -9.65
C ILE C 303 -38.22 48.04 -9.83
N ALA C 304 -38.74 48.40 -11.01
CA ALA C 304 -39.14 49.77 -11.35
C ALA C 304 -40.30 50.27 -10.49
N GLN C 305 -40.23 51.53 -10.05
CA GLN C 305 -41.23 52.13 -9.16
C GLN C 305 -41.93 53.36 -9.76
N GLY C 306 -41.47 53.89 -10.89
CA GLY C 306 -42.01 55.09 -11.50
C GLY C 306 -41.18 55.54 -12.70
N ARG C 307 -41.13 56.85 -12.96
CA ARG C 307 -40.36 57.42 -14.08
C ARG C 307 -38.89 57.68 -13.78
N VAL C 308 -38.46 57.47 -12.55
CA VAL C 308 -37.06 57.57 -12.11
C VAL C 308 -36.56 56.17 -11.75
N ALA C 309 -35.34 55.83 -12.13
CA ALA C 309 -34.78 54.50 -11.89
C ALA C 309 -34.67 54.21 -10.39
N ALA C 310 -35.29 53.11 -9.95
CA ALA C 310 -35.43 52.77 -8.54
C ALA C 310 -34.15 52.22 -7.91
N GLU C 311 -34.07 52.28 -6.59
CA GLU C 311 -33.04 51.64 -5.78
C GLU C 311 -33.70 50.91 -4.62
N ASN C 312 -33.84 49.59 -4.75
CA ASN C 312 -34.44 48.72 -3.74
C ASN C 312 -33.44 47.62 -3.34
N SER C 313 -33.87 46.68 -2.51
CA SER C 313 -33.21 45.38 -2.39
C SER C 313 -34.22 44.31 -1.97
N PRO C 314 -34.10 43.06 -2.45
CA PRO C 314 -34.90 41.95 -1.98
C PRO C 314 -34.32 41.32 -0.70
N VAL C 315 -33.37 41.99 -0.06
CA VAL C 315 -32.56 41.52 1.06
C VAL C 315 -32.54 42.57 2.17
N ALA C 316 -32.68 42.16 3.43
CA ALA C 316 -32.48 43.03 4.58
C ALA C 316 -31.59 42.35 5.63
N VAL C 317 -30.79 43.11 6.37
CA VAL C 317 -29.84 42.58 7.36
C VAL C 317 -30.30 42.90 8.77
N ILE C 318 -30.22 41.93 9.68
CA ILE C 318 -30.25 42.21 11.11
C ILE C 318 -28.80 42.17 11.60
N THR C 319 -28.34 43.20 12.30
CA THR C 319 -26.95 43.30 12.75
C THR C 319 -26.85 43.27 14.27
N PRO C 320 -25.79 42.67 14.84
CA PRO C 320 -25.69 42.43 16.27
C PRO C 320 -25.62 43.74 17.06
N TYR C 321 -26.06 43.71 18.32
CA TYR C 321 -25.95 44.85 19.22
C TYR C 321 -24.48 45.13 19.57
N ALA C 322 -23.97 46.27 19.13
CA ALA C 322 -22.54 46.61 19.25
C ALA C 322 -22.18 47.34 20.55
N GLY C 323 -23.13 48.04 21.16
CA GLY C 323 -22.90 48.95 22.29
C GLY C 323 -22.62 48.26 23.63
N SER C 324 -22.31 49.09 24.64
CA SER C 324 -22.07 48.77 26.07
C SER C 324 -21.18 47.54 26.30
N ALA D 2 37.52 -7.11 -69.12
CA ALA D 2 36.60 -6.74 -68.06
C ALA D 2 35.50 -7.78 -67.82
N ASP D 3 34.87 -7.73 -66.64
CA ASP D 3 33.73 -8.56 -66.27
C ASP D 3 32.80 -7.80 -65.32
N THR D 4 31.56 -8.33 -65.25
CA THR D 4 30.54 -7.87 -64.28
C THR D 4 30.83 -8.59 -62.96
N ASN D 5 31.54 -7.93 -62.02
CA ASN D 5 31.89 -8.53 -60.74
C ASN D 5 30.80 -8.32 -59.68
N ARG D 6 30.98 -8.85 -58.48
CA ARG D 6 29.99 -8.75 -57.40
C ARG D 6 29.66 -7.31 -57.03
N THR D 7 30.63 -6.40 -57.01
CA THR D 7 30.38 -4.99 -56.69
C THR D 7 29.52 -4.31 -57.75
N ASP D 8 29.59 -4.73 -59.02
CA ASP D 8 28.74 -4.20 -60.09
C ASP D 8 27.30 -4.67 -59.99
N ALA D 9 27.09 -5.91 -59.53
CA ALA D 9 25.78 -6.48 -59.31
C ALA D 9 25.21 -6.23 -57.90
N ALA D 10 25.96 -5.60 -57.01
CA ALA D 10 25.64 -5.52 -55.58
C ALA D 10 24.25 -4.97 -55.28
N ALA D 11 23.75 -4.01 -56.08
CA ALA D 11 22.41 -3.45 -55.95
C ALA D 11 21.30 -4.50 -56.04
N LEU D 12 21.53 -5.58 -56.77
CA LEU D 12 20.64 -6.73 -56.81
C LEU D 12 21.03 -8.06 -56.15
N ILE D 13 21.95 -7.97 -55.19
CA ILE D 13 22.34 -9.02 -54.26
C ILE D 13 21.93 -8.92 -52.78
N GLN D 14 20.68 -9.25 -52.51
CA GLN D 14 20.05 -9.10 -51.20
C GLN D 14 20.64 -10.05 -50.16
N GLU D 15 20.82 -9.57 -48.92
CA GLU D 15 21.17 -10.41 -47.77
C GLU D 15 19.92 -11.02 -47.12
N ALA D 16 20.07 -12.19 -46.50
CA ALA D 16 19.03 -12.84 -45.72
C ALA D 16 19.12 -12.50 -44.22
N TYR D 17 18.09 -12.85 -43.46
CA TYR D 17 18.03 -12.70 -42.00
C TYR D 17 17.57 -13.99 -41.34
N SER D 18 18.17 -14.36 -40.21
CA SER D 18 17.72 -15.46 -39.36
C SER D 18 17.77 -15.36 -37.82
N ASP D 19 16.82 -15.96 -37.13
CA ASP D 19 16.69 -15.86 -35.68
C ASP D 19 17.33 -16.86 -34.70
N VAL D 20 18.22 -17.72 -35.18
CA VAL D 20 18.76 -18.85 -34.40
C VAL D 20 19.44 -18.43 -33.11
N PHE D 21 20.01 -17.22 -33.05
CA PHE D 21 20.69 -16.70 -31.87
C PHE D 21 19.92 -15.55 -31.19
N LEU D 22 18.67 -15.29 -31.55
CA LEU D 22 17.87 -14.21 -30.98
C LEU D 22 16.94 -14.75 -29.88
N ASP D 23 17.06 -14.21 -28.67
CA ASP D 23 16.31 -14.63 -27.49
C ASP D 23 15.97 -13.45 -26.57
N SER D 24 14.88 -13.56 -25.81
CA SER D 24 14.57 -12.66 -24.70
C SER D 24 15.50 -12.89 -23.52
N VAL D 25 15.53 -11.97 -22.55
CA VAL D 25 16.19 -12.26 -21.26
C VAL D 25 15.51 -13.41 -20.56
N SER D 26 16.31 -14.28 -19.94
CA SER D 26 15.83 -15.31 -19.04
C SER D 26 15.48 -14.72 -17.67
N GLU D 27 14.49 -15.29 -16.99
CA GLU D 27 14.16 -14.96 -15.61
C GLU D 27 15.01 -15.82 -14.66
N THR D 28 16.14 -15.29 -14.19
CA THR D 28 17.08 -16.01 -13.33
C THR D 28 16.79 -15.90 -11.84
N ALA D 29 15.84 -15.07 -11.40
CA ALA D 29 15.66 -14.76 -9.98
C ALA D 29 15.12 -15.92 -9.14
N LYS D 30 15.60 -16.08 -7.91
CA LYS D 30 15.28 -17.26 -7.06
C LYS D 30 14.60 -16.96 -5.73
N VAL D 31 14.86 -15.85 -5.03
CA VAL D 31 14.54 -15.82 -3.59
C VAL D 31 13.06 -15.92 -3.24
N ILE D 32 12.16 -15.36 -4.05
CA ILE D 32 10.71 -15.52 -3.86
C ILE D 32 10.28 -16.97 -4.11
N GLY D 33 10.97 -17.68 -5.00
CA GLY D 33 10.71 -19.10 -5.26
C GLY D 33 11.19 -20.03 -4.14
N THR D 34 12.31 -19.71 -3.48
CA THR D 34 12.94 -20.62 -2.52
C THR D 34 12.56 -20.35 -1.07
N PHE D 35 12.58 -19.09 -0.61
CA PHE D 35 12.33 -18.78 0.80
C PHE D 35 10.84 -18.61 1.13
N PRO D 36 10.45 -18.69 2.42
CA PRO D 36 9.10 -18.40 2.87
C PRO D 36 8.65 -16.99 2.51
N VAL D 37 7.46 -16.86 1.92
CA VAL D 37 6.88 -15.57 1.53
C VAL D 37 5.73 -15.19 2.44
N TYR D 38 5.75 -13.96 2.95
CA TYR D 38 4.69 -13.35 3.74
C TYR D 38 4.04 -12.22 2.93
N ASN D 39 2.71 -12.24 2.76
CA ASN D 39 2.00 -11.17 2.08
C ASN D 39 1.76 -10.00 3.03
N MET D 40 2.48 -8.90 2.87
CA MET D 40 2.33 -7.71 3.72
C MET D 40 1.08 -6.91 3.36
N GLY D 41 0.36 -6.40 4.35
CA GLY D 41 -0.84 -5.55 4.17
C GLY D 41 -0.60 -4.06 4.36
N THR D 42 0.59 -3.65 4.81
CA THR D 42 0.99 -2.27 5.13
C THR D 42 2.52 -2.18 5.14
N LYS D 43 3.12 -0.98 5.20
CA LYS D 43 4.57 -0.80 5.03
C LYS D 43 5.41 -1.60 6.03
N THR D 44 5.01 -1.66 7.30
CA THR D 44 5.83 -2.28 8.35
C THR D 44 5.09 -3.44 8.99
N THR D 45 5.82 -4.49 9.36
CA THR D 45 5.34 -5.58 10.21
C THR D 45 6.34 -5.81 11.33
N ASN D 46 5.84 -6.04 12.55
CA ASN D 46 6.64 -6.31 13.74
C ASN D 46 6.66 -7.81 14.03
N LEU D 47 7.85 -8.30 14.35
CA LEU D 47 8.15 -9.71 14.57
C LEU D 47 8.80 -9.87 15.95
N PRO D 48 8.03 -10.15 17.02
CA PRO D 48 8.59 -10.37 18.35
C PRO D 48 9.39 -11.66 18.45
N VAL D 49 10.47 -11.65 19.22
CA VAL D 49 11.35 -12.80 19.45
C VAL D 49 11.81 -12.83 20.91
N LEU D 50 11.95 -14.01 21.50
CA LEU D 50 12.57 -14.15 22.82
C LEU D 50 14.04 -13.74 22.73
N SER D 51 14.49 -12.86 23.62
CA SER D 51 15.84 -12.32 23.62
C SER D 51 16.73 -12.99 24.67
N THR D 52 16.22 -13.10 25.90
CA THR D 52 16.91 -13.76 27.02
C THR D 52 15.90 -14.47 27.91
N PHE D 53 16.36 -15.42 28.72
CA PHE D 53 15.52 -16.19 29.64
C PHE D 53 16.33 -16.59 30.88
N PRO D 54 15.70 -16.91 32.02
CA PRO D 54 16.39 -17.06 33.28
C PRO D 54 17.04 -18.43 33.50
N HIS D 55 18.04 -18.48 34.38
CA HIS D 55 18.50 -19.72 35.02
C HIS D 55 18.21 -20.04 36.50
N ALA D 56 18.07 -21.32 36.81
CA ALA D 56 17.97 -21.80 38.19
C ALA D 56 19.29 -21.64 38.96
N LYS D 57 19.26 -21.87 40.27
CA LYS D 57 20.45 -21.90 41.13
C LYS D 57 20.29 -22.96 42.21
N TRP D 58 21.39 -23.51 42.68
CA TRP D 58 21.42 -24.20 43.96
C TRP D 58 21.23 -23.42 45.28
N VAL D 59 20.39 -23.97 46.15
CA VAL D 59 20.06 -23.36 47.44
C VAL D 59 20.35 -24.05 48.77
N GLY D 60 20.79 -23.27 49.76
CA GLY D 60 20.88 -23.73 51.14
C GLY D 60 19.51 -23.79 51.82
N GLU D 61 19.49 -23.83 53.15
CA GLU D 61 18.24 -23.81 53.93
C GLU D 61 18.18 -22.71 55.00
N SER D 62 19.22 -21.89 55.15
CA SER D 62 19.28 -20.91 56.23
C SER D 62 18.11 -19.92 56.24
N ALA D 63 17.56 -19.65 57.43
CA ALA D 63 16.56 -18.61 57.67
C ALA D 63 17.13 -17.18 57.65
N THR D 64 18.45 -17.01 57.71
CA THR D 64 19.11 -15.70 57.90
C THR D 64 20.32 -15.45 57.00
N ALA D 65 21.10 -16.46 56.62
CA ALA D 65 22.29 -16.31 55.79
C ALA D 65 21.94 -16.15 54.29
N PRO D 66 22.70 -15.39 53.50
CA PRO D 66 22.35 -15.06 52.12
C PRO D 66 22.29 -16.27 51.18
N GLU D 67 23.03 -17.35 51.47
CA GLU D 67 22.81 -18.61 50.77
C GLU D 67 21.53 -19.46 50.91
N GLY D 68 20.59 -19.05 51.78
CA GLY D 68 19.28 -19.69 51.91
C GLY D 68 18.19 -19.04 51.05
N VAL D 69 18.49 -17.94 50.37
CA VAL D 69 17.51 -17.24 49.53
C VAL D 69 17.46 -17.50 48.02
N LYS D 70 16.26 -17.78 47.53
CA LYS D 70 16.02 -18.09 46.12
C LYS D 70 16.18 -16.85 45.25
N PRO D 71 16.87 -16.92 44.11
CA PRO D 71 17.12 -15.75 43.28
C PRO D 71 15.87 -15.32 42.50
N THR D 72 15.68 -14.02 42.34
CA THR D 72 14.88 -13.50 41.22
C THR D 72 15.50 -13.36 39.82
N ALA D 73 14.68 -13.40 38.77
CA ALA D 73 15.18 -13.42 37.40
C ALA D 73 14.18 -12.89 36.36
N LYS D 74 14.69 -12.42 35.21
CA LYS D 74 13.91 -11.88 34.09
C LYS D 74 13.93 -12.78 32.88
N ALA D 75 12.81 -12.90 32.18
CA ALA D 75 12.79 -13.18 30.75
C ALA D 75 12.73 -11.85 30.00
N THR D 76 13.07 -11.81 28.72
CA THR D 76 13.00 -10.57 27.92
C THR D 76 12.74 -10.88 26.46
N TRP D 77 11.99 -10.03 25.78
CA TRP D 77 11.71 -10.11 24.35
C TRP D 77 12.26 -8.91 23.60
N ALA D 78 12.51 -9.08 22.31
CA ALA D 78 12.97 -8.05 21.38
C ALA D 78 12.14 -8.09 20.10
N ASN D 79 12.29 -7.10 19.23
CA ASN D 79 11.49 -6.96 18.03
C ASN D 79 12.37 -6.88 16.77
N LYS D 80 12.11 -7.75 15.79
CA LYS D 80 12.59 -7.61 14.40
C LYS D 80 11.49 -6.98 13.54
N THR D 81 11.80 -6.37 12.40
CA THR D 81 10.79 -5.74 11.53
C THR D 81 10.99 -6.02 10.06
N LEU D 82 9.92 -6.35 9.34
CA LEU D 82 9.84 -6.16 7.90
C LEU D 82 9.50 -4.70 7.61
N VAL D 83 10.24 -4.04 6.71
CA VAL D 83 9.88 -2.73 6.17
C VAL D 83 9.85 -2.82 4.66
N ALA D 84 8.69 -2.59 4.04
CA ALA D 84 8.55 -2.68 2.60
C ALA D 84 9.27 -1.53 1.92
N GLU D 85 10.16 -1.87 1.00
CA GLU D 85 10.94 -0.96 0.18
C GLU D 85 10.68 -1.23 -1.29
N GLU D 86 10.81 -0.21 -2.12
CA GLU D 86 10.39 -0.27 -3.52
C GLU D 86 11.59 -0.26 -4.46
N LEU D 87 11.55 -1.07 -5.51
CA LEU D 87 12.49 -0.97 -6.62
C LEU D 87 11.77 -1.07 -7.95
N ALA D 88 12.33 -0.37 -8.95
CA ALA D 88 11.59 0.02 -10.14
C ALA D 88 12.50 0.36 -11.33
N VAL D 89 11.92 0.41 -12.53
CA VAL D 89 12.56 0.97 -13.73
C VAL D 89 11.52 1.50 -14.73
N ILE D 90 11.88 2.50 -15.54
CA ILE D 90 11.08 2.96 -16.68
C ILE D 90 11.82 2.69 -17.97
N LEU D 91 11.19 2.08 -18.97
CA LEU D 91 11.78 1.73 -20.25
C LEU D 91 11.13 2.54 -21.38
N PRO D 92 11.61 3.75 -21.69
CA PRO D 92 11.08 4.56 -22.77
C PRO D 92 11.57 4.11 -24.15
N ILE D 93 10.67 4.12 -25.13
CA ILE D 93 10.91 3.71 -26.52
C ILE D 93 10.14 4.62 -27.48
N HIS D 94 10.66 4.89 -28.66
CA HIS D 94 9.99 5.75 -29.63
C HIS D 94 8.99 4.98 -30.51
N GLU D 95 7.81 5.54 -30.75
CA GLU D 95 6.69 4.86 -31.42
C GLU D 95 7.04 4.37 -32.83
N ASN D 96 7.81 5.12 -33.61
CA ASN D 96 8.25 4.67 -34.94
C ASN D 96 9.18 3.47 -34.88
N VAL D 97 10.15 3.46 -33.95
CA VAL D 97 11.08 2.33 -33.77
C VAL D 97 10.33 1.07 -33.42
N LEU D 98 9.34 1.20 -32.54
CA LEU D 98 8.45 0.13 -32.15
C LEU D 98 7.59 -0.38 -33.33
N ALA D 99 7.26 0.46 -34.30
CA ALA D 99 6.55 0.07 -35.52
C ALA D 99 7.44 -0.55 -36.60
N ASP D 100 8.68 -0.10 -36.75
CA ASP D 100 9.59 -0.57 -37.79
C ASP D 100 10.34 -1.87 -37.44
N ALA D 101 10.48 -2.23 -36.17
CA ALA D 101 11.13 -3.47 -35.75
C ALA D 101 10.36 -4.74 -36.18
N THR D 102 11.09 -5.82 -36.45
CA THR D 102 10.51 -7.13 -36.82
C THR D 102 9.98 -7.93 -35.63
N GLU D 103 10.34 -7.54 -34.41
CA GLU D 103 9.95 -8.19 -33.15
C GLU D 103 9.10 -7.25 -32.30
N ASP D 104 8.20 -7.77 -31.46
CA ASP D 104 7.43 -6.94 -30.54
C ASP D 104 8.32 -6.42 -29.39
N LEU D 105 8.91 -5.25 -29.58
CA LEU D 105 9.77 -4.66 -28.55
C LEU D 105 9.03 -4.30 -27.26
N LEU D 106 7.70 -4.16 -27.23
CA LEU D 106 7.02 -4.02 -25.94
C LEU D 106 6.98 -5.36 -25.21
N ALA D 107 6.80 -6.48 -25.90
CA ALA D 107 6.93 -7.79 -25.25
C ALA D 107 8.35 -8.02 -24.73
N GLU D 108 9.37 -7.65 -25.50
CA GLU D 108 10.75 -7.75 -25.04
C GLU D 108 11.06 -6.84 -23.86
N LEU D 109 10.67 -5.57 -23.91
CA LEU D 109 10.90 -4.67 -22.78
C LEU D 109 10.07 -5.08 -21.55
N ALA D 110 8.87 -5.64 -21.71
CA ALA D 110 8.11 -6.20 -20.61
C ALA D 110 8.85 -7.33 -19.91
N ARG D 111 9.41 -8.28 -20.66
CA ARG D 111 10.25 -9.34 -20.12
C ARG D 111 11.47 -8.78 -19.39
N MET D 112 12.13 -7.79 -19.96
CA MET D 112 13.31 -7.16 -19.35
C MET D 112 13.01 -6.44 -18.04
N GLY D 113 11.94 -5.63 -17.97
CA GLY D 113 11.59 -4.91 -16.76
C GLY D 113 11.28 -5.84 -15.60
N GLY D 114 10.44 -6.85 -15.81
CA GLY D 114 10.08 -7.83 -14.79
C GLY D 114 11.30 -8.59 -14.27
N ALA D 115 12.09 -9.18 -15.16
CA ALA D 115 13.28 -9.93 -14.78
C ALA D 115 14.31 -9.09 -14.00
N SER D 116 14.41 -7.79 -14.28
CA SER D 116 15.41 -6.92 -13.67
C SER D 116 15.18 -6.72 -12.17
N ILE D 117 13.92 -6.70 -11.74
CA ILE D 117 13.55 -6.51 -10.34
C ILE D 117 13.89 -7.76 -9.53
N GLY D 118 13.58 -8.96 -10.03
CA GLY D 118 13.93 -10.20 -9.36
C GLY D 118 15.43 -10.33 -9.10
N ARG D 119 16.28 -10.05 -10.09
CA ARG D 119 17.74 -10.06 -9.89
C ARG D 119 18.19 -9.10 -8.80
N ALA D 120 17.68 -7.88 -8.80
CA ALA D 120 18.05 -6.87 -7.80
C ALA D 120 17.63 -7.26 -6.38
N LEU D 121 16.51 -7.96 -6.23
CA LEU D 121 16.06 -8.47 -4.94
C LEU D 121 16.98 -9.58 -4.42
N ASP D 122 17.32 -10.56 -5.25
CA ASP D 122 18.23 -11.64 -4.85
C ASP D 122 19.55 -11.11 -4.30
N ALA D 123 20.20 -10.17 -5.00
CA ALA D 123 21.49 -9.63 -4.60
C ALA D 123 21.46 -8.89 -3.25
N ALA D 124 20.33 -8.30 -2.88
CA ALA D 124 20.16 -7.64 -1.59
C ALA D 124 20.05 -8.67 -0.45
N VAL D 125 19.26 -9.72 -0.63
CA VAL D 125 19.08 -10.78 0.38
C VAL D 125 20.37 -11.57 0.63
N LEU D 126 21.06 -12.00 -0.43
CA LEU D 126 22.24 -12.87 -0.29
C LEU D 126 23.47 -12.13 0.21
N PHE D 127 23.90 -11.08 -0.48
CA PHE D 127 25.18 -10.42 -0.22
C PHE D 127 25.04 -8.99 0.29
N GLY D 128 23.82 -8.48 0.45
CA GLY D 128 23.59 -7.13 0.95
C GLY D 128 23.86 -6.04 -0.09
N HIS D 129 23.94 -6.39 -1.37
CA HIS D 129 24.29 -5.44 -2.43
C HIS D 129 23.19 -4.40 -2.60
N GLN D 130 23.52 -3.12 -2.38
CA GLN D 130 22.55 -2.01 -2.38
C GLN D 130 21.33 -2.24 -1.49
N LYS D 131 21.44 -3.08 -0.45
CA LYS D 131 20.35 -3.37 0.50
C LYS D 131 19.82 -2.06 1.07
N PRO D 132 18.51 -1.78 1.00
CA PRO D 132 17.98 -0.50 1.44
C PRO D 132 18.19 -0.33 2.94
N VAL D 133 18.49 0.90 3.37
CA VAL D 133 19.01 1.19 4.73
C VAL D 133 18.02 0.86 5.85
N THR D 134 16.72 0.83 5.55
CA THR D 134 15.66 0.46 6.51
C THR D 134 15.58 -1.03 6.80
N TRP D 135 16.23 -1.91 6.03
CA TRP D 135 16.32 -3.33 6.36
C TRP D 135 17.41 -3.55 7.41
N ALA D 136 17.00 -3.72 8.66
CA ALA D 136 17.90 -3.89 9.80
C ALA D 136 18.55 -5.29 9.86
N SER D 137 17.96 -6.30 9.22
CA SER D 137 18.53 -7.64 9.14
C SER D 137 19.81 -7.66 8.33
N LYS D 138 20.80 -8.43 8.78
CA LYS D 138 21.99 -8.75 7.99
C LYS D 138 21.63 -9.68 6.84
N SER D 139 22.20 -9.45 5.67
CA SER D 139 22.11 -10.35 4.52
C SER D 139 22.76 -11.70 4.83
N LEU D 140 22.50 -12.74 4.03
CA LEU D 140 22.94 -14.09 4.37
C LEU D 140 24.45 -14.18 4.56
N PHE D 141 25.24 -13.69 3.61
CA PHE D 141 26.69 -13.67 3.74
C PHE D 141 27.15 -12.85 4.96
N GLU D 142 26.59 -11.66 5.13
CA GLU D 142 26.93 -10.73 6.21
C GLU D 142 26.63 -11.33 7.59
N SER D 143 25.55 -12.11 7.71
CA SER D 143 25.19 -12.84 8.92
C SER D 143 26.18 -13.96 9.22
N ALA D 144 26.50 -14.82 8.26
CA ALA D 144 27.46 -15.90 8.44
C ALA D 144 28.85 -15.37 8.79
N ASP D 145 29.31 -14.35 8.08
CA ASP D 145 30.63 -13.76 8.25
C ASP D 145 30.77 -13.10 9.63
N ASP D 146 29.76 -12.36 10.11
CA ASP D 146 29.78 -11.82 11.46
C ASP D 146 29.77 -12.90 12.53
N ALA D 147 28.98 -13.96 12.35
CA ALA D 147 28.97 -15.09 13.29
C ALA D 147 30.27 -15.90 13.29
N GLY D 148 31.18 -15.66 12.33
CA GLY D 148 32.39 -16.46 12.15
C GLY D 148 32.12 -17.84 11.57
N GLN D 149 30.91 -18.10 11.06
CA GLN D 149 30.50 -19.37 10.47
C GLN D 149 31.00 -19.48 9.02
N VAL D 150 32.31 -19.39 8.86
CA VAL D 150 33.04 -19.40 7.59
C VAL D 150 33.89 -20.66 7.52
N VAL D 151 33.76 -21.45 6.46
CA VAL D 151 34.58 -22.65 6.22
C VAL D 151 35.39 -22.47 4.95
N ALA D 152 36.71 -22.32 5.05
CA ALA D 152 37.57 -22.21 3.89
C ALA D 152 37.95 -23.57 3.34
N VAL D 153 37.72 -23.82 2.04
CA VAL D 153 38.17 -25.04 1.37
C VAL D 153 39.71 -25.09 1.36
N GLY D 154 40.29 -26.27 1.58
CA GLY D 154 41.73 -26.49 1.59
C GLY D 154 42.22 -27.33 0.41
N ASN D 155 43.54 -27.46 0.30
CA ASN D 155 44.22 -28.23 -0.74
C ASN D 155 45.03 -29.37 -0.11
N SER D 156 44.36 -30.48 0.17
CA SER D 156 44.84 -31.55 1.05
C SER D 156 44.56 -32.96 0.49
N ASN D 157 43.83 -33.08 -0.63
CA ASN D 157 43.32 -34.35 -1.14
C ASN D 157 42.49 -35.11 -0.08
N GLY D 158 41.75 -34.38 0.75
CA GLY D 158 40.92 -34.92 1.82
C GLY D 158 41.69 -35.54 2.98
N VAL D 159 43.00 -35.31 3.14
CA VAL D 159 43.74 -35.79 4.31
C VAL D 159 43.24 -35.09 5.56
N GLU D 160 43.02 -33.78 5.49
CA GLU D 160 42.01 -33.15 6.33
C GLU D 160 40.56 -33.13 5.85
N GLY D 161 39.60 -32.81 6.69
CA GLY D 161 38.18 -32.80 6.28
C GLY D 161 37.76 -31.60 5.44
N ASP D 162 38.61 -31.12 4.53
CA ASP D 162 38.54 -29.76 3.98
C ASP D 162 38.54 -29.66 2.44
N ASP D 163 38.31 -30.75 1.73
CA ASP D 163 37.77 -30.69 0.36
C ASP D 163 36.36 -30.10 0.35
N ILE D 164 35.73 -29.89 -0.81
CA ILE D 164 34.42 -29.22 -0.82
C ILE D 164 33.34 -30.05 -0.14
N SER D 165 33.42 -31.37 -0.19
CA SER D 165 32.47 -32.28 0.45
C SER D 165 32.59 -32.22 1.97
N GLY D 166 33.81 -32.28 2.50
CA GLY D 166 34.07 -32.08 3.92
C GLY D 166 33.67 -30.70 4.37
N SER D 167 33.94 -29.68 3.56
CA SER D 167 33.53 -28.31 3.86
C SER D 167 32.01 -28.15 3.94
N ILE D 168 31.24 -28.78 3.07
CA ILE D 168 29.78 -28.76 3.16
C ILE D 168 29.32 -29.41 4.47
N LEU D 169 29.86 -30.56 4.87
CA LEU D 169 29.48 -31.18 6.13
C LEU D 169 29.88 -30.29 7.32
N GLN D 170 31.07 -29.70 7.31
CA GLN D 170 31.49 -28.78 8.36
C GLN D 170 30.57 -27.56 8.46
N ALA D 171 30.17 -26.97 7.34
CA ALA D 171 29.26 -25.84 7.32
C ALA D 171 27.87 -26.24 7.79
N ALA D 172 27.37 -27.40 7.38
CA ALA D 172 26.09 -27.91 7.86
C ALA D 172 26.09 -28.13 9.38
N GLU D 173 27.15 -28.67 9.98
CA GLU D 173 27.16 -28.82 11.45
C GLU D 173 27.28 -27.49 12.20
N MET D 174 27.78 -26.42 11.59
CA MET D 174 27.68 -25.08 12.20
C MET D 174 26.23 -24.63 12.29
N VAL D 175 25.47 -24.73 11.20
CA VAL D 175 24.07 -24.30 11.19
C VAL D 175 23.23 -25.20 12.09
N ALA D 176 23.45 -26.51 12.08
CA ALA D 176 22.71 -27.47 12.88
C ALA D 176 22.96 -27.37 14.40
N ASP D 177 23.92 -26.56 14.84
CA ASP D 177 24.20 -26.35 16.26
C ASP D 177 23.02 -25.69 17.00
N VAL D 178 22.28 -24.82 16.31
CA VAL D 178 21.13 -24.08 16.84
C VAL D 178 19.91 -24.19 15.92
N TYR D 179 20.11 -24.17 14.61
CA TYR D 179 19.06 -24.16 13.59
C TYR D 179 18.95 -25.54 12.92
N ASP D 180 18.36 -25.62 11.73
CA ASP D 180 18.24 -26.86 10.98
C ASP D 180 18.59 -26.65 9.49
N PRO D 181 19.82 -26.96 9.02
CA PRO D 181 20.23 -26.69 7.66
C PRO D 181 19.39 -27.48 6.66
N SER D 182 19.08 -26.85 5.53
CA SER D 182 18.08 -27.36 4.59
C SER D 182 18.42 -27.11 3.12
N HIS D 183 19.06 -25.98 2.81
CA HIS D 183 19.42 -25.59 1.45
C HIS D 183 20.89 -25.27 1.33
N LEU D 184 21.47 -25.59 0.18
CA LEU D 184 22.80 -25.18 -0.24
C LEU D 184 22.65 -24.23 -1.42
N LEU D 185 23.04 -22.97 -1.25
CA LEU D 185 23.00 -21.93 -2.28
C LEU D 185 24.37 -21.82 -2.93
N GLY D 186 24.43 -21.59 -4.23
CA GLY D 186 25.70 -21.35 -4.91
C GLY D 186 25.52 -21.00 -6.38
N TYR D 187 26.48 -21.41 -7.20
CA TYR D 187 26.42 -21.30 -8.66
C TYR D 187 26.52 -22.69 -9.30
N SER D 188 25.99 -22.83 -10.50
CA SER D 188 25.78 -24.13 -11.17
C SER D 188 27.07 -24.92 -11.43
N GLY D 189 26.93 -26.17 -11.85
CA GLY D 189 28.05 -27.05 -12.16
C GLY D 189 28.68 -27.72 -10.93
N LEU D 190 28.00 -27.69 -9.80
CA LEU D 190 28.46 -28.33 -8.56
C LEU D 190 28.71 -29.83 -8.73
N ARG D 191 27.92 -30.54 -9.54
CA ARG D 191 28.16 -31.93 -9.94
C ARG D 191 29.58 -32.19 -10.45
N TYR D 192 30.12 -31.32 -11.30
CA TYR D 192 31.48 -31.45 -11.82
C TYR D 192 32.56 -31.13 -10.77
N ARG D 193 32.22 -30.36 -9.73
CA ARG D 193 33.11 -30.06 -8.62
C ARG D 193 33.04 -31.12 -7.52
N LEU D 194 31.93 -31.83 -7.38
CA LEU D 194 31.75 -32.93 -6.44
C LEU D 194 32.39 -34.21 -6.96
N ALA D 195 32.11 -34.60 -8.19
CA ALA D 195 33.05 -35.42 -8.95
C ALA D 195 34.41 -34.73 -9.04
N ASN D 196 35.48 -35.44 -9.38
CA ASN D 196 36.84 -34.87 -9.43
C ASN D 196 37.39 -34.37 -8.08
N GLN D 197 36.74 -34.66 -6.95
CA GLN D 197 37.40 -34.66 -5.64
C GLN D 197 38.23 -35.91 -5.48
N ARG D 198 39.52 -35.77 -5.16
CA ARG D 198 40.48 -36.88 -5.20
C ARG D 198 41.16 -37.13 -3.87
N ASP D 199 41.32 -38.42 -3.58
CA ASP D 199 42.17 -38.99 -2.55
C ASP D 199 43.66 -38.69 -2.82
N ALA D 200 44.51 -38.80 -1.81
CA ALA D 200 45.95 -38.59 -1.95
C ALA D 200 46.64 -39.53 -2.95
N ASN D 201 46.04 -40.66 -3.33
CA ASN D 201 46.51 -41.53 -4.41
C ASN D 201 45.88 -41.24 -5.78
N GLY D 202 44.90 -40.34 -5.87
CA GLY D 202 44.17 -40.02 -7.11
C GLY D 202 42.84 -40.77 -7.29
N GLN D 203 42.42 -41.61 -6.36
CA GLN D 203 41.08 -42.20 -6.43
C GLN D 203 39.99 -41.14 -6.21
N PRO D 204 38.80 -41.26 -6.81
CA PRO D 204 37.67 -40.41 -6.48
C PRO D 204 37.17 -40.60 -5.05
N LEU D 205 36.78 -39.52 -4.38
CA LEU D 205 36.19 -39.56 -3.03
C LEU D 205 34.66 -39.63 -3.03
N PHE D 206 33.98 -38.93 -3.94
CA PHE D 206 32.55 -38.68 -3.81
C PHE D 206 31.67 -39.87 -4.22
N GLN D 207 32.12 -40.67 -5.18
CA GLN D 207 31.51 -41.91 -5.66
C GLN D 207 32.63 -42.86 -6.09
N PRO D 208 32.38 -44.15 -6.37
CA PRO D 208 33.44 -45.15 -6.47
C PRO D 208 34.49 -44.92 -7.55
N TYR D 209 34.08 -44.72 -8.80
CA TYR D 209 34.99 -44.65 -9.96
C TYR D 209 34.51 -43.62 -10.98
N MET D 210 35.40 -43.14 -11.84
CA MET D 210 35.09 -42.03 -12.74
C MET D 210 34.03 -42.34 -13.82
N GLN D 211 33.77 -43.59 -14.20
CA GLN D 211 33.02 -43.88 -15.44
C GLN D 211 31.59 -43.33 -15.52
N GLY D 212 30.89 -43.21 -14.39
CA GLY D 212 29.52 -42.66 -14.35
C GLY D 212 29.41 -41.34 -13.61
N THR D 213 30.51 -40.60 -13.49
CA THR D 213 30.72 -39.68 -12.37
C THR D 213 29.91 -38.37 -12.28
N PRO D 214 29.51 -37.65 -13.35
CA PRO D 214 28.71 -36.43 -13.16
C PRO D 214 27.26 -36.78 -12.81
N GLY D 215 26.99 -37.02 -11.53
CA GLY D 215 25.67 -37.29 -10.99
C GLY D 215 24.77 -36.05 -10.94
N SER D 216 23.65 -36.15 -10.23
CA SER D 216 22.70 -35.06 -10.08
C SER D 216 23.20 -33.94 -9.17
N ASP D 217 22.88 -32.69 -9.51
CA ASP D 217 23.05 -31.52 -8.65
C ASP D 217 21.98 -31.42 -7.55
N GLY D 218 20.78 -31.95 -7.76
CA GLY D 218 19.55 -31.44 -7.11
C GLY D 218 19.50 -31.54 -5.59
N MET D 219 20.15 -32.56 -5.03
CA MET D 219 20.28 -32.82 -3.61
C MET D 219 21.75 -33.12 -3.33
N VAL D 220 22.36 -32.47 -2.35
CA VAL D 220 23.78 -32.65 -2.00
C VAL D 220 23.91 -32.72 -0.50
N HIS D 221 24.38 -33.83 0.05
CA HIS D 221 24.47 -34.04 1.50
C HIS D 221 23.15 -33.77 2.23
N GLY D 222 22.03 -34.15 1.62
CA GLY D 222 20.69 -33.95 2.18
C GLY D 222 20.20 -32.50 2.18
N LEU D 223 20.94 -31.59 1.54
CA LEU D 223 20.56 -30.20 1.32
C LEU D 223 20.03 -30.05 -0.12
N ASN D 224 18.89 -29.40 -0.31
CA ASN D 224 18.43 -29.05 -1.64
C ASN D 224 19.32 -27.95 -2.21
N THR D 225 19.75 -28.06 -3.47
CA THR D 225 20.59 -27.03 -4.09
C THR D 225 19.78 -25.92 -4.76
N VAL D 226 20.34 -24.72 -4.76
CA VAL D 226 19.81 -23.54 -5.44
C VAL D 226 20.96 -22.83 -6.15
N PHE D 227 20.78 -22.41 -7.40
CA PHE D 227 21.82 -21.75 -8.18
C PHE D 227 21.43 -20.34 -8.59
N PHE D 228 22.36 -19.40 -8.42
CA PHE D 228 22.17 -17.97 -8.65
C PHE D 228 23.07 -17.50 -9.80
N SER D 229 22.54 -16.61 -10.63
CA SER D 229 23.23 -16.07 -11.80
C SER D 229 22.65 -14.73 -12.24
N GLY D 230 23.44 -14.00 -13.02
CA GLY D 230 23.09 -12.71 -13.58
C GLY D 230 23.81 -11.56 -12.90
N ASN D 231 23.49 -10.34 -13.33
CA ASN D 231 24.08 -9.12 -12.84
C ASN D 231 23.01 -8.14 -12.35
N VAL D 232 23.46 -7.13 -11.62
CA VAL D 232 22.68 -6.06 -11.00
C VAL D 232 23.46 -4.76 -11.09
N ASP D 233 22.78 -3.65 -10.78
CA ASP D 233 23.33 -2.31 -10.86
C ASP D 233 24.60 -2.16 -10.01
N ASP D 234 25.72 -1.75 -10.58
CA ASP D 234 26.94 -1.50 -9.82
C ASP D 234 27.00 -0.10 -9.19
N GLY D 235 26.01 0.75 -9.44
CA GLY D 235 26.01 2.15 -9.03
C GLY D 235 26.85 3.08 -9.92
N SER D 236 27.27 2.64 -11.11
CA SER D 236 28.10 3.41 -12.05
C SER D 236 27.87 2.99 -13.51
N ASN D 237 26.63 2.63 -13.84
CA ASN D 237 26.20 2.25 -15.20
C ASN D 237 26.92 1.02 -15.80
N GLY D 238 27.52 0.17 -14.99
CA GLY D 238 28.11 -1.11 -15.35
C GLY D 238 27.35 -2.28 -14.74
N ASP D 239 28.04 -3.39 -14.50
CA ASP D 239 27.49 -4.63 -13.94
C ASP D 239 28.22 -5.05 -12.67
N ALA D 240 27.48 -5.58 -11.70
CA ALA D 240 28.03 -6.37 -10.59
C ALA D 240 27.27 -7.71 -10.50
N PRO D 241 27.94 -8.84 -10.18
CA PRO D 241 27.31 -10.15 -10.21
C PRO D 241 26.40 -10.39 -9.01
N VAL D 242 25.29 -11.10 -9.22
CA VAL D 242 24.35 -11.46 -8.14
C VAL D 242 25.02 -12.33 -7.09
N TRP D 243 25.86 -13.28 -7.51
CA TRP D 243 26.72 -14.09 -6.64
C TRP D 243 28.19 -13.75 -6.90
N ASP D 244 28.95 -13.33 -5.90
CA ASP D 244 30.38 -13.06 -6.09
C ASP D 244 31.23 -14.29 -5.76
N ARG D 245 31.69 -14.98 -6.81
CA ARG D 245 32.44 -16.23 -6.70
C ARG D 245 33.81 -16.07 -6.03
N ASP D 246 34.32 -14.85 -5.88
CA ASP D 246 35.57 -14.63 -5.16
C ASP D 246 35.41 -14.66 -3.64
N VAL D 247 34.19 -14.47 -3.13
CA VAL D 247 33.94 -14.42 -1.68
C VAL D 247 33.24 -15.65 -1.14
N ALA D 248 32.46 -16.37 -1.96
CA ALA D 248 31.81 -17.60 -1.53
C ALA D 248 31.73 -18.64 -2.63
N SER D 249 32.03 -19.89 -2.30
CA SER D 249 31.73 -21.05 -3.15
C SER D 249 30.30 -21.53 -2.96
N ALA D 250 29.79 -21.50 -1.74
CA ALA D 250 28.42 -21.87 -1.42
C ALA D 250 27.99 -21.29 -0.07
N ILE D 251 26.70 -21.28 0.22
CA ILE D 251 26.12 -20.91 1.51
C ILE D 251 25.16 -22.01 1.94
N VAL D 252 25.26 -22.48 3.19
CA VAL D 252 24.28 -23.39 3.80
C VAL D 252 23.32 -22.57 4.64
N VAL D 253 22.02 -22.84 4.54
CA VAL D 253 21.00 -22.07 5.26
C VAL D 253 19.87 -22.94 5.80
N ASP D 254 19.33 -22.58 6.96
CA ASP D 254 18.00 -23.01 7.39
C ASP D 254 16.94 -22.10 6.74
N ARG D 255 16.31 -22.59 5.67
CA ARG D 255 15.26 -21.89 4.93
C ARG D 255 14.21 -21.26 5.83
N SER D 256 13.81 -21.92 6.91
CA SER D 256 12.70 -21.48 7.76
C SER D 256 12.98 -20.14 8.46
N ARG D 257 14.25 -19.75 8.58
CA ARG D 257 14.66 -18.54 9.28
C ARG D 257 14.71 -17.30 8.39
N VAL D 258 14.37 -17.40 7.12
CA VAL D 258 14.29 -16.26 6.19
C VAL D 258 12.83 -15.92 5.95
N VAL D 259 12.47 -14.65 6.03
CA VAL D 259 11.15 -14.17 5.58
C VAL D 259 11.32 -13.18 4.45
N ILE D 260 10.68 -13.44 3.31
CA ILE D 260 10.54 -12.47 2.23
C ILE D 260 9.14 -11.88 2.32
N GLY D 261 9.03 -10.60 2.59
CA GLY D 261 7.75 -9.88 2.60
C GLY D 261 7.43 -9.37 1.20
N VAL D 262 6.32 -9.76 0.61
CA VAL D 262 5.87 -9.22 -0.68
C VAL D 262 4.72 -8.27 -0.41
N ARG D 263 4.99 -6.96 -0.41
CA ARG D 263 3.98 -5.92 -0.18
C ARG D 263 3.19 -5.62 -1.45
N GLN D 264 3.84 -5.66 -2.60
CA GLN D 264 3.23 -5.51 -3.91
C GLN D 264 4.08 -6.28 -4.92
N ASP D 265 3.52 -7.33 -5.49
CA ASP D 265 4.18 -8.08 -6.56
C ASP D 265 4.33 -7.20 -7.81
N ILE D 266 5.25 -7.52 -8.73
CA ILE D 266 5.62 -6.64 -9.84
C ILE D 266 4.42 -6.27 -10.71
N THR D 267 4.19 -4.97 -10.89
CA THR D 267 3.14 -4.40 -11.74
C THR D 267 3.74 -3.58 -12.87
N VAL D 268 3.11 -3.63 -14.04
CA VAL D 268 3.52 -2.89 -15.24
C VAL D 268 2.46 -1.86 -15.61
N LYS D 269 2.87 -0.61 -15.85
CA LYS D 269 2.01 0.42 -16.44
C LYS D 269 2.59 0.92 -17.75
N TYR D 270 1.78 0.95 -18.80
CA TYR D 270 2.10 1.57 -20.07
C TYR D 270 1.83 3.08 -20.02
N LEU D 271 2.86 3.89 -20.25
CA LEU D 271 2.84 5.35 -20.22
C LEU D 271 2.96 5.90 -21.64
N ASP D 272 2.21 6.93 -21.95
CA ASP D 272 2.18 7.54 -23.28
C ASP D 272 1.97 9.05 -23.27
N GLN D 273 1.51 9.64 -22.17
CA GLN D 273 1.40 11.09 -22.01
C GLN D 273 2.38 11.68 -21.01
N ALA D 274 2.93 10.88 -20.11
CA ALA D 274 3.76 11.36 -19.00
C ALA D 274 5.06 12.05 -19.39
N THR D 275 5.62 12.84 -18.47
CA THR D 275 7.04 13.21 -18.52
C THR D 275 7.82 12.23 -17.64
N VAL D 276 8.78 11.52 -18.23
CA VAL D 276 9.65 10.58 -17.52
C VAL D 276 11.10 10.86 -17.84
N GLY D 277 11.96 11.02 -16.85
CA GLY D 277 13.40 11.23 -17.07
C GLY D 277 13.75 12.46 -17.93
N GLY D 278 12.88 13.47 -17.95
CA GLY D 278 12.98 14.66 -18.80
C GLY D 278 12.31 14.53 -20.18
N ILE D 279 11.84 13.34 -20.57
CA ILE D 279 11.21 13.04 -21.85
C ILE D 279 9.71 13.30 -21.73
N ASN D 280 9.16 14.31 -22.41
CA ASN D 280 7.72 14.48 -22.55
C ASN D 280 7.17 13.46 -23.56
N LEU D 281 6.60 12.34 -23.14
CA LEU D 281 6.36 11.20 -24.02
C LEU D 281 5.48 11.54 -25.23
N ALA D 282 4.31 12.15 -25.03
CA ALA D 282 3.39 12.42 -26.14
C ALA D 282 3.94 13.39 -27.17
N GLU D 283 4.58 14.45 -26.69
CA GLU D 283 5.21 15.51 -27.48
C GLU D 283 6.36 15.03 -28.35
N ARG D 284 6.87 13.82 -28.13
CA ARG D 284 8.03 13.26 -28.82
C ARG D 284 7.72 11.94 -29.50
N ASP D 285 6.44 11.55 -29.58
CA ASP D 285 5.97 10.22 -30.01
C ASP D 285 6.77 9.09 -29.37
N MET D 286 6.88 9.12 -28.05
CA MET D 286 7.44 8.03 -27.28
C MET D 286 6.36 7.42 -26.41
N VAL D 287 6.64 6.22 -25.95
CA VAL D 287 5.90 5.51 -24.92
C VAL D 287 6.91 4.96 -23.93
N ALA D 288 6.47 4.50 -22.79
CA ALA D 288 7.33 3.80 -21.86
C ALA D 288 6.56 2.69 -21.14
N LEU D 289 7.28 1.70 -20.63
CA LEU D 289 6.76 0.77 -19.63
C LEU D 289 7.36 1.14 -18.29
N ARG D 290 6.56 1.25 -17.24
CA ARG D 290 6.98 1.48 -15.86
C ARG D 290 6.78 0.21 -15.07
N PHE D 291 7.81 -0.27 -14.38
CA PHE D 291 7.77 -1.47 -13.56
C PHE D 291 8.08 -1.10 -12.12
N CYS D 292 7.31 -1.59 -11.17
CA CYS D 292 7.67 -1.50 -9.76
C CYS D 292 7.10 -2.67 -8.96
N GLY D 293 7.74 -2.96 -7.84
CA GLY D 293 7.27 -3.87 -6.81
C GLY D 293 7.78 -3.43 -5.45
N ARG D 294 7.15 -3.92 -4.37
CA ARG D 294 7.51 -3.58 -3.00
C ARG D 294 7.79 -4.82 -2.19
N PHE D 295 8.95 -4.89 -1.54
CA PHE D 295 9.46 -6.08 -0.88
C PHE D 295 10.12 -5.74 0.45
N ALA D 296 10.19 -6.72 1.34
CA ALA D 296 10.87 -6.63 2.63
C ALA D 296 11.61 -7.91 2.94
N TYR D 297 12.58 -7.85 3.84
CA TYR D 297 13.39 -8.99 4.26
C TYR D 297 13.59 -8.97 5.77
N ALA D 298 13.44 -10.12 6.42
CA ALA D 298 13.86 -10.33 7.79
C ALA D 298 14.58 -11.66 7.96
N LEU D 299 15.67 -11.66 8.73
CA LEU D 299 16.39 -12.87 9.10
C LEU D 299 16.17 -13.20 10.57
N GLY D 300 15.60 -14.36 10.85
CA GLY D 300 15.32 -14.89 12.18
C GLY D 300 16.54 -15.48 12.86
N ASP D 301 17.64 -14.73 12.92
CA ASP D 301 18.84 -15.10 13.66
C ASP D 301 18.75 -14.76 15.15
N ASN D 302 19.85 -14.97 15.89
CA ASN D 302 19.98 -14.66 17.31
C ASN D 302 18.88 -15.28 18.19
N ILE D 303 18.51 -16.53 17.90
CA ILE D 303 17.71 -17.35 18.84
C ILE D 303 18.35 -17.31 20.22
N ALA D 304 17.55 -17.16 21.28
CA ALA D 304 18.02 -16.99 22.64
C ALA D 304 18.64 -18.25 23.22
N GLN D 305 19.71 -18.09 23.99
CA GLN D 305 20.49 -19.18 24.59
C GLN D 305 20.56 -19.12 26.12
N GLY D 306 20.24 -17.99 26.75
CA GLY D 306 20.31 -17.87 28.20
C GLY D 306 20.12 -16.44 28.71
N ARG D 307 20.86 -16.12 29.76
CA ARG D 307 20.80 -14.88 30.54
C ARG D 307 21.26 -13.65 29.76
N VAL D 308 22.06 -13.84 28.72
CA VAL D 308 22.67 -12.79 27.89
C VAL D 308 22.13 -12.87 26.46
N ALA D 309 21.95 -11.75 25.78
CA ALA D 309 21.47 -11.72 24.41
C ALA D 309 22.45 -12.43 23.47
N ALA D 310 22.01 -13.50 22.82
CA ALA D 310 22.88 -14.41 22.07
C ALA D 310 23.17 -13.95 20.64
N GLU D 311 24.35 -14.29 20.12
CA GLU D 311 24.73 -14.03 18.73
C GLU D 311 24.97 -15.36 17.99
N ASN D 312 24.16 -15.66 16.97
CA ASN D 312 24.21 -16.93 16.24
C ASN D 312 23.42 -16.87 14.95
N SER D 313 24.02 -17.27 13.83
CA SER D 313 23.44 -17.17 12.50
C SER D 313 22.86 -18.50 11.98
N PRO D 314 21.71 -18.49 11.29
CA PRO D 314 21.19 -19.64 10.57
C PRO D 314 21.89 -19.89 9.23
N VAL D 315 23.07 -19.31 9.01
CA VAL D 315 23.79 -19.32 7.75
C VAL D 315 25.26 -19.64 7.98
N ALA D 316 25.84 -20.55 7.20
CA ALA D 316 27.28 -20.80 7.17
C ALA D 316 27.80 -20.72 5.74
N VAL D 317 28.93 -20.06 5.51
CA VAL D 317 29.48 -19.82 4.18
C VAL D 317 30.73 -20.64 3.93
N ILE D 318 30.83 -21.24 2.75
CA ILE D 318 31.99 -21.99 2.30
C ILE D 318 32.77 -21.12 1.33
N THR D 319 34.07 -20.93 1.52
CA THR D 319 34.87 -20.00 0.72
C THR D 319 35.95 -20.72 -0.08
N PRO D 320 36.29 -20.24 -1.29
CA PRO D 320 37.14 -20.96 -2.23
C PRO D 320 38.58 -21.07 -1.73
N TYR D 321 39.33 -22.06 -2.22
CA TYR D 321 40.75 -22.20 -1.91
C TYR D 321 41.55 -21.04 -2.50
N ALA D 322 42.34 -20.35 -1.68
CA ALA D 322 43.03 -19.12 -2.03
C ALA D 322 44.44 -19.30 -2.61
N GLY D 323 45.09 -20.44 -2.35
CA GLY D 323 46.52 -20.62 -2.61
C GLY D 323 46.90 -20.72 -4.09
N SER D 324 48.20 -20.58 -4.36
CA SER D 324 48.82 -20.56 -5.71
C SER D 324 50.30 -20.93 -5.66
N ALA E 2 72.29 -80.73 -67.49
CA ALA E 2 71.47 -79.54 -67.48
C ALA E 2 69.98 -79.83 -67.24
N ASP E 3 69.22 -78.80 -66.89
CA ASP E 3 67.78 -78.85 -66.65
C ASP E 3 67.12 -77.53 -67.06
N THR E 4 65.80 -77.56 -67.33
CA THR E 4 65.00 -76.34 -67.65
C THR E 4 64.71 -75.62 -66.33
N ASN E 5 65.49 -74.59 -65.98
CA ASN E 5 65.26 -73.78 -64.78
C ASN E 5 63.94 -73.00 -64.87
N ARG E 6 63.45 -72.47 -63.75
CA ARG E 6 62.40 -71.43 -63.79
C ARG E 6 62.85 -70.22 -64.62
N THR E 7 64.09 -69.79 -64.49
CA THR E 7 64.68 -68.81 -65.42
C THR E 7 64.67 -69.08 -66.93
N ASP E 8 64.55 -70.33 -67.37
CA ASP E 8 64.43 -70.72 -68.77
C ASP E 8 62.95 -70.75 -69.18
N ALA E 9 62.08 -71.23 -68.30
CA ALA E 9 60.64 -71.23 -68.51
C ALA E 9 59.98 -69.86 -68.25
N ALA E 10 60.73 -68.85 -67.81
CA ALA E 10 60.20 -67.60 -67.25
C ALA E 10 59.20 -66.87 -68.15
N ALA E 11 59.48 -66.78 -69.46
CA ALA E 11 58.58 -66.15 -70.43
C ALA E 11 57.23 -66.87 -70.55
N LEU E 12 57.19 -68.15 -70.21
CA LEU E 12 55.96 -68.93 -70.10
C LEU E 12 55.06 -68.77 -68.87
N ILE E 13 55.51 -68.06 -67.83
CA ILE E 13 54.79 -67.90 -66.57
C ILE E 13 54.27 -66.50 -66.18
N GLN E 14 53.00 -66.47 -65.81
CA GLN E 14 52.22 -65.24 -65.68
C GLN E 14 51.89 -64.94 -64.22
N GLU E 15 52.07 -63.70 -63.80
CA GLU E 15 51.65 -63.20 -62.49
C GLU E 15 50.14 -62.98 -62.49
N ALA E 16 49.44 -63.37 -61.41
CA ALA E 16 48.03 -63.07 -61.22
C ALA E 16 47.83 -61.71 -60.53
N TYR E 17 46.60 -61.23 -60.45
CA TYR E 17 46.24 -59.98 -59.76
C TYR E 17 45.11 -60.20 -58.77
N SER E 18 45.22 -59.59 -57.59
CA SER E 18 44.12 -59.44 -56.65
C SER E 18 43.84 -58.13 -55.88
N ASP E 19 42.60 -57.66 -55.99
CA ASP E 19 42.11 -56.49 -55.28
C ASP E 19 41.83 -56.49 -53.77
N VAL E 20 42.34 -57.50 -53.06
CA VAL E 20 42.06 -57.70 -51.63
C VAL E 20 42.44 -56.49 -50.76
N PHE E 21 43.46 -55.72 -51.15
CA PHE E 21 43.92 -54.53 -50.44
C PHE E 21 43.60 -53.21 -51.16
N LEU E 22 42.82 -53.22 -52.24
CA LEU E 22 42.49 -52.02 -53.00
C LEU E 22 41.13 -51.46 -52.59
N ASP E 23 41.10 -50.18 -52.21
CA ASP E 23 39.90 -49.46 -51.78
C ASP E 23 39.88 -48.04 -52.35
N SER E 24 38.70 -47.44 -52.45
CA SER E 24 38.55 -45.98 -52.61
C SER E 24 38.84 -45.25 -51.29
N VAL E 25 39.05 -43.93 -51.35
CA VAL E 25 38.98 -43.12 -50.12
C VAL E 25 37.58 -43.17 -49.51
N SER E 26 37.53 -43.15 -48.18
CA SER E 26 36.29 -42.98 -47.42
C SER E 26 36.04 -41.50 -47.12
N GLU E 27 34.78 -41.10 -47.03
CA GLU E 27 34.43 -39.80 -46.49
C GLU E 27 34.60 -39.80 -44.96
N THR E 28 35.66 -39.17 -44.44
CA THR E 28 35.88 -39.03 -42.99
C THR E 28 35.25 -37.79 -42.38
N ALA E 29 34.69 -36.87 -43.17
CA ALA E 29 34.24 -35.56 -42.67
C ALA E 29 33.05 -35.65 -41.70
N LYS E 30 32.96 -34.73 -40.72
CA LYS E 30 31.98 -34.79 -39.64
C LYS E 30 31.19 -33.51 -39.37
N VAL E 31 31.64 -32.30 -39.71
CA VAL E 31 30.92 -31.11 -39.18
C VAL E 31 29.51 -30.98 -39.72
N ILE E 32 29.24 -31.32 -40.98
CA ILE E 32 27.90 -31.25 -41.57
C ILE E 32 26.96 -32.32 -40.98
N GLY E 33 27.47 -33.45 -40.52
CA GLY E 33 26.68 -34.41 -39.75
C GLY E 33 26.47 -34.00 -38.28
N THR E 34 27.44 -33.31 -37.69
CA THR E 34 27.46 -33.04 -36.24
C THR E 34 26.62 -31.84 -35.85
N PHE E 35 26.85 -30.69 -36.48
CA PHE E 35 26.26 -29.43 -36.05
C PHE E 35 24.96 -29.09 -36.78
N PRO E 36 24.16 -28.14 -36.28
CA PRO E 36 23.01 -27.61 -36.99
C PRO E 36 23.37 -27.05 -38.37
N VAL E 37 22.66 -27.46 -39.41
CA VAL E 37 22.88 -27.04 -40.80
C VAL E 37 21.75 -26.17 -41.30
N TYR E 38 22.10 -25.02 -41.86
CA TYR E 38 21.21 -24.02 -42.44
C TYR E 38 21.47 -23.93 -43.95
N ASN E 39 20.42 -24.02 -44.77
CA ASN E 39 20.54 -23.85 -46.23
C ASN E 39 20.53 -22.37 -46.62
N MET E 40 21.69 -21.80 -46.93
CA MET E 40 21.79 -20.40 -47.37
C MET E 40 21.27 -20.22 -48.81
N GLY E 41 20.54 -19.14 -49.07
CA GLY E 41 20.06 -18.78 -50.42
C GLY E 41 20.79 -17.60 -51.08
N THR E 42 21.80 -17.03 -50.41
CA THR E 42 22.56 -15.85 -50.81
C THR E 42 23.89 -15.84 -50.06
N LYS E 43 24.89 -15.06 -50.46
CA LYS E 43 26.22 -15.10 -49.84
C LYS E 43 26.20 -14.73 -48.36
N THR E 44 25.38 -13.79 -47.93
CA THR E 44 25.39 -13.29 -46.54
C THR E 44 24.03 -13.43 -45.86
N THR E 45 24.03 -13.95 -44.65
CA THR E 45 22.87 -13.96 -43.74
C THR E 45 23.21 -13.20 -42.47
N ASN E 46 22.26 -12.42 -41.98
CA ASN E 46 22.35 -11.64 -40.75
C ASN E 46 21.63 -12.34 -39.62
N LEU E 47 22.28 -12.44 -38.47
CA LEU E 47 21.84 -13.15 -37.29
C LEU E 47 21.77 -12.15 -36.13
N PRO E 48 20.63 -11.46 -35.91
CA PRO E 48 20.47 -10.57 -34.77
C PRO E 48 20.59 -11.31 -33.43
N VAL E 49 21.15 -10.63 -32.43
CA VAL E 49 21.33 -11.14 -31.06
C VAL E 49 21.01 -10.05 -30.06
N LEU E 50 20.49 -10.39 -28.88
CA LEU E 50 20.45 -9.46 -27.76
C LEU E 50 21.87 -9.16 -27.30
N SER E 51 22.18 -7.90 -26.97
CA SER E 51 23.53 -7.46 -26.60
C SER E 51 23.60 -6.95 -25.17
N THR E 52 22.67 -6.11 -24.73
CA THR E 52 22.60 -5.61 -23.36
C THR E 52 21.16 -5.39 -22.94
N PHE E 53 20.88 -5.39 -21.64
CA PHE E 53 19.53 -5.23 -21.09
C PHE E 53 19.56 -4.45 -19.76
N PRO E 54 18.43 -3.85 -19.33
CA PRO E 54 18.40 -2.92 -18.20
C PRO E 54 18.45 -3.59 -16.81
N HIS E 55 18.74 -2.77 -15.80
CA HIS E 55 18.68 -3.11 -14.37
C HIS E 55 17.68 -2.24 -13.61
N ALA E 56 16.95 -2.80 -12.64
CA ALA E 56 16.15 -2.03 -11.70
C ALA E 56 17.01 -1.34 -10.64
N LYS E 57 16.47 -0.35 -9.95
CA LYS E 57 17.11 0.34 -8.83
C LYS E 57 16.11 0.60 -7.71
N TRP E 58 16.58 0.73 -6.48
CA TRP E 58 15.77 1.26 -5.38
C TRP E 58 15.17 2.67 -5.44
N VAL E 59 13.98 2.80 -4.89
CA VAL E 59 13.25 4.05 -4.76
C VAL E 59 12.67 4.53 -3.42
N GLY E 60 12.68 5.85 -3.21
CA GLY E 60 12.01 6.50 -2.09
C GLY E 60 10.55 6.82 -2.41
N GLU E 61 9.90 7.56 -1.52
CA GLU E 61 8.62 8.21 -1.78
C GLU E 61 8.76 9.70 -1.52
N SER E 62 8.58 10.53 -2.54
CA SER E 62 8.57 11.99 -2.37
C SER E 62 8.00 12.69 -3.58
N ALA E 63 7.14 13.68 -3.36
CA ALA E 63 6.68 14.59 -4.40
C ALA E 63 7.75 15.60 -4.86
N THR E 64 8.86 15.75 -4.13
CA THR E 64 9.85 16.82 -4.39
C THR E 64 11.31 16.37 -4.35
N ALA E 65 11.69 15.48 -3.45
CA ALA E 65 13.07 15.02 -3.31
C ALA E 65 13.50 14.09 -4.46
N PRO E 66 14.77 14.14 -4.92
CA PRO E 66 15.23 13.41 -6.10
C PRO E 66 15.00 11.91 -6.02
N GLU E 67 15.21 11.31 -4.85
CA GLU E 67 14.85 9.93 -4.61
C GLU E 67 13.41 9.39 -4.67
N GLY E 68 12.39 10.23 -4.90
CA GLY E 68 11.08 9.76 -5.30
C GLY E 68 11.02 9.34 -6.77
N VAL E 69 11.96 9.83 -7.59
CA VAL E 69 12.07 9.54 -9.02
C VAL E 69 12.56 8.19 -9.56
N LYS E 70 11.67 7.48 -10.26
CA LYS E 70 12.02 6.21 -10.91
C LYS E 70 12.96 6.43 -12.11
N PRO E 71 14.04 5.66 -12.23
CA PRO E 71 15.04 5.87 -13.26
C PRO E 71 14.62 5.31 -14.62
N THR E 72 15.05 5.94 -15.71
CA THR E 72 14.89 5.41 -17.07
C THR E 72 16.07 4.54 -17.48
N ALA E 73 15.84 3.49 -18.29
CA ALA E 73 16.85 2.55 -18.75
C ALA E 73 16.64 2.04 -20.18
N LYS E 74 17.58 1.24 -20.70
CA LYS E 74 17.78 0.95 -22.12
C LYS E 74 18.15 -0.51 -22.39
N ALA E 75 17.81 -1.02 -23.56
CA ALA E 75 18.24 -2.33 -24.07
C ALA E 75 18.91 -2.22 -25.45
N THR E 76 19.76 -3.16 -25.81
CA THR E 76 20.59 -3.09 -27.02
C THR E 76 20.66 -4.43 -27.73
N TRP E 77 20.59 -4.45 -29.04
CA TRP E 77 20.81 -5.62 -29.90
C TRP E 77 22.06 -5.44 -30.75
N ALA E 78 22.62 -6.54 -31.26
CA ALA E 78 23.78 -6.57 -32.14
C ALA E 78 23.55 -7.60 -33.25
N ASN E 79 24.51 -7.74 -34.16
CA ASN E 79 24.38 -8.58 -35.34
C ASN E 79 25.61 -9.50 -35.52
N LYS E 80 25.38 -10.79 -35.73
CA LYS E 80 26.37 -11.75 -36.25
C LYS E 80 26.06 -12.06 -37.71
N THR E 81 26.98 -12.66 -38.45
CA THR E 81 26.77 -13.00 -39.87
C THR E 81 27.28 -14.38 -40.25
N LEU E 82 26.60 -15.02 -41.20
CA LEU E 82 27.14 -16.13 -42.00
C LEU E 82 27.56 -15.56 -43.34
N VAL E 83 28.79 -15.78 -43.77
CA VAL E 83 29.29 -15.41 -45.10
C VAL E 83 29.76 -16.66 -45.82
N ALA E 84 29.14 -17.00 -46.94
CA ALA E 84 29.52 -18.17 -47.72
C ALA E 84 30.87 -17.98 -48.42
N GLU E 85 31.71 -19.00 -48.37
CA GLU E 85 33.04 -19.05 -48.98
C GLU E 85 33.25 -20.40 -49.67
N GLU E 86 34.16 -20.48 -50.64
CA GLU E 86 34.23 -21.60 -51.57
C GLU E 86 35.46 -22.50 -51.36
N LEU E 87 35.22 -23.81 -51.30
CA LEU E 87 36.23 -24.86 -51.34
C LEU E 87 36.19 -25.52 -52.71
N ALA E 88 37.36 -25.77 -53.31
CA ALA E 88 37.42 -26.43 -54.61
C ALA E 88 38.72 -27.19 -54.88
N VAL E 89 38.70 -28.08 -55.85
CA VAL E 89 39.89 -28.72 -56.44
C VAL E 89 39.64 -29.13 -57.88
N ILE E 90 40.67 -29.22 -58.70
CA ILE E 90 40.65 -29.78 -60.05
C ILE E 90 41.58 -30.98 -60.13
N LEU E 91 41.09 -32.10 -60.66
CA LEU E 91 41.82 -33.36 -60.79
C LEU E 91 42.07 -33.70 -62.27
N PRO E 92 43.16 -33.21 -62.89
CA PRO E 92 43.50 -33.50 -64.27
C PRO E 92 44.10 -34.90 -64.45
N ILE E 93 43.79 -35.57 -65.54
CA ILE E 93 44.30 -36.90 -65.90
C ILE E 93 44.37 -37.08 -67.43
N HIS E 94 45.29 -37.90 -67.93
CA HIS E 94 45.41 -38.18 -69.36
C HIS E 94 44.43 -39.24 -69.82
N GLU E 95 43.79 -39.04 -70.97
CA GLU E 95 42.82 -40.01 -71.51
C GLU E 95 43.40 -41.38 -71.84
N ASN E 96 44.70 -41.48 -72.13
CA ASN E 96 45.36 -42.77 -72.32
C ASN E 96 45.39 -43.56 -71.03
N VAL E 97 45.70 -42.93 -69.89
CA VAL E 97 45.67 -43.59 -68.58
C VAL E 97 44.27 -44.06 -68.26
N LEU E 98 43.23 -43.29 -68.55
CA LEU E 98 41.84 -43.74 -68.38
C LEU E 98 41.49 -44.96 -69.23
N ALA E 99 42.05 -45.08 -70.44
CA ALA E 99 41.81 -46.21 -71.32
C ALA E 99 42.62 -47.45 -70.92
N ASP E 100 43.86 -47.28 -70.47
CA ASP E 100 44.74 -48.36 -70.04
C ASP E 100 44.33 -49.00 -68.71
N ALA E 101 43.88 -48.22 -67.75
CA ALA E 101 43.62 -48.67 -66.38
C ALA E 101 42.44 -49.64 -66.27
N THR E 102 42.52 -50.60 -65.35
CA THR E 102 41.48 -51.61 -65.10
C THR E 102 40.32 -51.09 -64.25
N GLU E 103 40.54 -50.09 -63.41
CA GLU E 103 39.49 -49.47 -62.58
C GLU E 103 38.90 -48.24 -63.28
N ASP E 104 37.68 -47.83 -62.93
CA ASP E 104 37.14 -46.55 -63.37
C ASP E 104 37.79 -45.41 -62.59
N LEU E 105 38.89 -44.87 -63.10
CA LEU E 105 39.61 -43.79 -62.44
C LEU E 105 38.81 -42.50 -62.37
N LEU E 106 37.83 -42.24 -63.23
CA LEU E 106 36.96 -41.08 -63.02
C LEU E 106 36.01 -41.32 -61.86
N ALA E 107 35.55 -42.54 -61.60
CA ALA E 107 34.79 -42.83 -60.38
C ALA E 107 35.67 -42.71 -59.12
N GLU E 108 36.92 -43.14 -59.18
CA GLU E 108 37.85 -42.95 -58.06
C GLU E 108 38.14 -41.48 -57.80
N LEU E 109 38.47 -40.71 -58.83
CA LEU E 109 38.70 -39.28 -58.71
C LEU E 109 37.43 -38.53 -58.29
N ALA E 110 36.24 -38.95 -58.71
CA ALA E 110 34.99 -38.40 -58.19
C ALA E 110 34.83 -38.60 -56.69
N ARG E 111 35.08 -39.81 -56.16
CA ARG E 111 35.06 -40.07 -54.72
C ARG E 111 36.11 -39.24 -53.99
N MET E 112 37.30 -39.09 -54.57
CA MET E 112 38.39 -38.32 -53.96
C MET E 112 38.12 -36.83 -53.89
N GLY E 113 37.59 -36.24 -54.96
CA GLY E 113 37.27 -34.83 -55.01
C GLY E 113 36.26 -34.45 -53.94
N GLY E 114 35.14 -35.18 -53.87
CA GLY E 114 34.13 -34.98 -52.84
C GLY E 114 34.71 -35.06 -51.42
N ALA E 115 35.35 -36.18 -51.06
CA ALA E 115 35.92 -36.35 -49.73
C ALA E 115 36.95 -35.28 -49.36
N SER E 116 37.71 -34.78 -50.33
CA SER E 116 38.71 -33.75 -50.06
C SER E 116 38.11 -32.46 -49.53
N ILE E 117 36.92 -32.09 -49.98
CA ILE E 117 36.25 -30.85 -49.58
C ILE E 117 35.69 -31.00 -48.16
N GLY E 118 35.08 -32.14 -47.84
CA GLY E 118 34.60 -32.40 -46.48
C GLY E 118 35.69 -32.26 -45.42
N ARG E 119 36.86 -32.87 -45.63
CA ARG E 119 38.01 -32.76 -44.72
C ARG E 119 38.46 -31.33 -44.51
N ALA E 120 38.50 -30.52 -45.56
CA ALA E 120 38.97 -29.15 -45.48
C ALA E 120 38.02 -28.24 -44.70
N LEU E 121 36.71 -28.51 -44.75
CA LEU E 121 35.71 -27.79 -43.98
C LEU E 121 35.87 -28.04 -42.48
N ASP E 122 36.00 -29.30 -42.06
CA ASP E 122 36.20 -29.64 -40.65
C ASP E 122 37.38 -28.91 -40.03
N ALA E 123 38.54 -28.95 -40.70
CA ALA E 123 39.75 -28.33 -40.18
C ALA E 123 39.64 -26.80 -40.01
N ALA E 124 38.84 -26.13 -40.85
CA ALA E 124 38.59 -24.70 -40.71
C ALA E 124 37.69 -24.41 -39.52
N VAL E 125 36.58 -25.12 -39.37
CA VAL E 125 35.63 -24.91 -38.27
C VAL E 125 36.27 -25.18 -36.90
N LEU E 126 36.93 -26.33 -36.73
CA LEU E 126 37.49 -26.75 -35.45
C LEU E 126 38.70 -25.89 -35.06
N PHE E 127 39.76 -25.88 -35.87
CA PHE E 127 41.05 -25.31 -35.48
C PHE E 127 41.38 -24.00 -36.18
N GLY E 128 40.52 -23.53 -37.08
CA GLY E 128 40.78 -22.31 -37.83
C GLY E 128 41.84 -22.50 -38.91
N HIS E 129 42.16 -23.74 -39.30
CA HIS E 129 43.20 -24.02 -40.28
C HIS E 129 42.78 -23.51 -41.65
N GLN E 130 43.51 -22.54 -42.21
CA GLN E 130 43.16 -21.85 -43.45
C GLN E 130 41.75 -21.26 -43.45
N LYS E 131 41.20 -20.84 -42.30
CA LYS E 131 39.86 -20.26 -42.17
C LYS E 131 39.74 -19.05 -43.12
N PRO E 132 38.67 -18.92 -43.92
CA PRO E 132 38.44 -17.72 -44.72
C PRO E 132 38.45 -16.45 -43.88
N VAL E 133 39.10 -15.38 -44.33
CA VAL E 133 39.25 -14.14 -43.54
C VAL E 133 37.91 -13.43 -43.31
N THR E 134 36.95 -13.64 -44.21
CA THR E 134 35.58 -13.12 -44.12
C THR E 134 34.69 -13.84 -43.11
N TRP E 135 35.09 -15.00 -42.57
CA TRP E 135 34.38 -15.63 -41.45
C TRP E 135 34.73 -14.89 -40.16
N ALA E 136 33.81 -14.06 -39.67
CA ALA E 136 34.04 -13.23 -38.48
C ALA E 136 34.04 -14.04 -37.17
N SER E 137 33.39 -15.20 -37.13
CA SER E 137 33.38 -16.08 -35.96
C SER E 137 34.75 -16.69 -35.65
N LYS E 138 35.05 -16.87 -34.38
CA LYS E 138 36.21 -17.64 -33.93
C LYS E 138 35.99 -19.13 -34.19
N SER E 139 37.00 -19.85 -34.62
CA SER E 139 36.97 -21.31 -34.73
C SER E 139 36.83 -21.94 -33.35
N LEU E 140 36.40 -23.20 -33.23
CA LEU E 140 36.09 -23.77 -31.93
C LEU E 140 37.27 -23.70 -30.95
N PHE E 141 38.48 -24.07 -31.39
CA PHE E 141 39.66 -23.97 -30.56
C PHE E 141 39.93 -22.53 -30.12
N GLU E 142 39.95 -21.61 -31.08
CA GLU E 142 40.20 -20.18 -30.88
C GLU E 142 39.18 -19.50 -29.97
N SER E 143 37.91 -19.90 -30.05
CA SER E 143 36.85 -19.46 -29.16
C SER E 143 37.15 -19.80 -27.71
N ALA E 144 37.49 -21.06 -27.44
CA ALA E 144 37.87 -21.50 -26.10
C ALA E 144 39.16 -20.84 -25.62
N ASP E 145 40.17 -20.79 -26.49
CA ASP E 145 41.50 -20.30 -26.15
C ASP E 145 41.48 -18.82 -25.76
N ASP E 146 40.77 -17.99 -26.53
CA ASP E 146 40.62 -16.57 -26.20
C ASP E 146 39.76 -16.34 -24.96
N ALA E 147 38.80 -17.22 -24.66
CA ALA E 147 38.04 -17.21 -23.41
C ALA E 147 38.85 -17.71 -22.20
N GLY E 148 40.02 -18.31 -22.41
CA GLY E 148 40.81 -18.96 -21.36
C GLY E 148 40.21 -20.27 -20.85
N GLN E 149 39.27 -20.86 -21.57
CA GLN E 149 38.58 -22.10 -21.19
C GLN E 149 39.38 -23.32 -21.64
N VAL E 150 40.62 -23.41 -21.17
CA VAL E 150 41.61 -24.42 -21.56
C VAL E 150 42.10 -25.21 -20.34
N VAL E 151 41.98 -26.53 -20.36
CA VAL E 151 42.50 -27.42 -19.32
C VAL E 151 43.72 -28.18 -19.83
N ALA E 152 44.85 -28.09 -19.15
CA ALA E 152 46.00 -28.95 -19.45
C ALA E 152 45.87 -30.29 -18.73
N VAL E 153 45.98 -31.39 -19.46
CA VAL E 153 46.14 -32.72 -18.87
C VAL E 153 47.50 -32.78 -18.17
N GLY E 154 47.55 -33.42 -17.01
CA GLY E 154 48.76 -33.52 -16.19
C GLY E 154 49.31 -34.93 -16.07
N ASN E 155 50.41 -35.05 -15.33
CA ASN E 155 51.14 -36.30 -15.13
C ASN E 155 51.15 -36.75 -13.67
N SER E 156 50.05 -36.51 -12.95
CA SER E 156 49.98 -36.67 -11.50
C SER E 156 49.44 -38.03 -11.03
N ASN E 157 49.22 -38.99 -11.93
CA ASN E 157 48.39 -40.18 -11.66
C ASN E 157 46.99 -39.81 -11.15
N GLY E 158 46.47 -38.64 -11.54
CA GLY E 158 45.19 -38.14 -11.08
C GLY E 158 45.21 -37.55 -9.66
N VAL E 159 46.34 -37.45 -8.98
CA VAL E 159 46.41 -36.81 -7.65
C VAL E 159 46.05 -35.35 -7.76
N GLU E 160 46.56 -34.65 -8.77
CA GLU E 160 46.08 -33.32 -9.10
C GLU E 160 44.71 -33.11 -9.77
N GLY E 161 43.91 -34.17 -9.89
CA GLY E 161 42.62 -34.17 -10.58
C GLY E 161 42.69 -33.99 -12.10
N ASP E 162 43.87 -34.10 -12.70
CA ASP E 162 44.17 -33.63 -14.05
C ASP E 162 44.53 -34.74 -15.05
N ASP E 163 44.17 -35.99 -14.76
CA ASP E 163 44.04 -37.05 -15.76
C ASP E 163 43.02 -36.66 -16.85
N ILE E 164 42.92 -37.43 -17.93
CA ILE E 164 41.99 -37.08 -19.01
C ILE E 164 40.54 -37.08 -18.52
N SER E 165 40.15 -38.00 -17.66
CA SER E 165 38.78 -38.07 -17.16
C SER E 165 38.46 -36.90 -16.23
N GLY E 166 39.40 -36.51 -15.37
CA GLY E 166 39.28 -35.31 -14.55
C GLY E 166 39.22 -34.05 -15.39
N SER E 167 40.06 -33.96 -16.41
CA SER E 167 40.09 -32.85 -17.34
C SER E 167 38.80 -32.71 -18.14
N ILE E 168 38.15 -33.79 -18.55
CA ILE E 168 36.87 -33.70 -19.27
C ILE E 168 35.81 -33.05 -18.39
N LEU E 169 35.64 -33.44 -17.14
CA LEU E 169 34.69 -32.79 -16.23
C LEU E 169 35.04 -31.33 -16.00
N GLN E 170 36.32 -31.08 -15.75
CA GLN E 170 36.81 -29.74 -15.47
C GLN E 170 36.62 -28.80 -16.66
N ALA E 171 36.62 -29.33 -17.89
CA ALA E 171 36.24 -28.60 -19.10
C ALA E 171 34.73 -28.51 -19.31
N ALA E 172 33.98 -29.58 -19.06
CA ALA E 172 32.53 -29.55 -19.21
C ALA E 172 31.88 -28.54 -18.25
N GLU E 173 32.40 -28.39 -17.05
CA GLU E 173 31.98 -27.36 -16.11
C GLU E 173 32.11 -25.96 -16.70
N MET E 174 33.22 -25.64 -17.37
CA MET E 174 33.43 -24.33 -17.96
C MET E 174 32.41 -24.02 -19.04
N VAL E 175 31.98 -24.99 -19.83
CA VAL E 175 30.93 -24.78 -20.83
C VAL E 175 29.55 -24.69 -20.17
N ALA E 176 29.29 -25.50 -19.15
CA ALA E 176 28.03 -25.52 -18.42
C ALA E 176 27.75 -24.22 -17.63
N ASP E 177 28.76 -23.36 -17.44
CA ASP E 177 28.63 -22.09 -16.73
C ASP E 177 27.59 -21.14 -17.35
N VAL E 178 27.46 -21.14 -18.69
CA VAL E 178 26.52 -20.30 -19.45
C VAL E 178 25.73 -21.09 -20.49
N TYR E 179 26.33 -22.14 -21.05
CA TYR E 179 25.77 -22.98 -22.12
C TYR E 179 25.41 -24.37 -21.59
N ASP E 180 25.13 -25.32 -22.47
CA ASP E 180 24.78 -26.69 -22.11
C ASP E 180 25.62 -27.70 -22.92
N PRO E 181 26.79 -28.15 -22.43
CA PRO E 181 27.66 -29.02 -23.21
C PRO E 181 26.97 -30.33 -23.56
N SER E 182 27.22 -30.85 -24.75
CA SER E 182 26.58 -32.09 -25.21
C SER E 182 27.48 -33.01 -26.00
N HIS E 183 28.56 -32.50 -26.58
CA HIS E 183 29.45 -33.28 -27.43
C HIS E 183 30.90 -33.13 -26.99
N LEU E 184 31.64 -34.22 -27.06
CA LEU E 184 33.08 -34.27 -26.88
C LEU E 184 33.72 -34.61 -28.23
N LEU E 185 34.47 -33.69 -28.79
CA LEU E 185 35.15 -33.85 -30.07
C LEU E 185 36.57 -34.29 -29.81
N GLY E 186 37.11 -35.24 -30.59
CA GLY E 186 38.50 -35.66 -30.44
C GLY E 186 38.94 -36.60 -31.54
N TYR E 187 39.87 -37.47 -31.23
CA TYR E 187 40.34 -38.55 -32.10
C TYR E 187 40.08 -39.91 -31.45
N SER E 188 39.89 -40.93 -32.28
CA SER E 188 39.39 -42.25 -31.84
C SER E 188 40.31 -42.96 -30.85
N GLY E 189 39.81 -44.04 -30.25
CA GLY E 189 40.53 -44.83 -29.26
C GLY E 189 40.44 -44.27 -27.85
N LEU E 190 39.50 -43.36 -27.58
CA LEU E 190 39.32 -42.77 -26.27
C LEU E 190 39.03 -43.85 -25.21
N ARG E 191 38.27 -44.89 -25.55
CA ARG E 191 38.04 -46.08 -24.70
C ARG E 191 39.31 -46.70 -24.14
N TYR E 192 40.37 -46.80 -24.93
CA TYR E 192 41.65 -47.35 -24.46
C TYR E 192 42.44 -46.36 -23.61
N ARG E 193 42.18 -45.06 -23.74
CA ARG E 193 42.81 -44.01 -22.92
C ARG E 193 42.05 -43.75 -21.62
N LEU E 194 40.75 -44.01 -21.57
CA LEU E 194 39.92 -43.92 -20.37
C LEU E 194 40.18 -45.11 -19.45
N ALA E 195 40.08 -46.33 -19.97
CA ALA E 195 40.79 -47.47 -19.39
C ALA E 195 42.28 -47.14 -19.28
N ASN E 196 43.02 -47.82 -18.43
CA ASN E 196 44.46 -47.51 -18.23
C ASN E 196 44.80 -46.14 -17.62
N GLN E 197 43.81 -45.40 -17.12
CA GLN E 197 44.13 -44.20 -16.30
C GLN E 197 44.60 -44.83 -15.01
N ARG E 198 45.71 -44.40 -14.40
CA ARG E 198 46.30 -45.12 -13.24
C ARG E 198 46.40 -44.23 -12.02
N ASP E 199 46.52 -44.85 -10.85
CA ASP E 199 46.59 -44.16 -9.54
C ASP E 199 48.06 -44.08 -9.14
N ALA E 200 48.42 -43.39 -8.05
CA ALA E 200 49.78 -43.49 -7.55
C ALA E 200 50.17 -44.91 -7.09
N ASN E 201 49.20 -45.78 -6.81
CA ASN E 201 49.41 -47.20 -6.49
C ASN E 201 49.20 -48.15 -7.67
N GLY E 202 48.85 -47.67 -8.87
CA GLY E 202 48.73 -48.51 -10.07
C GLY E 202 47.35 -49.10 -10.32
N GLN E 203 46.42 -49.04 -9.37
CA GLN E 203 45.02 -49.43 -9.58
C GLN E 203 44.30 -48.50 -10.57
N PRO E 204 43.29 -48.95 -11.31
CA PRO E 204 42.49 -48.10 -12.19
C PRO E 204 41.62 -47.03 -11.50
N LEU E 205 41.46 -45.86 -12.15
CA LEU E 205 40.50 -44.81 -11.76
C LEU E 205 39.12 -44.96 -12.40
N PHE E 206 39.05 -45.44 -13.64
CA PHE E 206 37.88 -45.24 -14.47
C PHE E 206 36.76 -46.22 -14.18
N GLN E 207 37.11 -47.48 -14.02
CA GLN E 207 36.22 -48.59 -13.70
C GLN E 207 36.93 -49.53 -12.70
N PRO E 208 36.23 -50.47 -12.02
CA PRO E 208 36.79 -51.18 -10.88
C PRO E 208 38.13 -51.88 -11.08
N TYR E 209 38.25 -52.77 -12.06
CA TYR E 209 39.45 -53.57 -12.32
C TYR E 209 39.68 -53.77 -13.81
N MET E 210 40.89 -54.19 -14.19
CA MET E 210 41.27 -54.35 -15.60
C MET E 210 40.49 -55.45 -16.35
N GLN E 211 39.88 -56.43 -15.70
CA GLN E 211 39.30 -57.62 -16.33
C GLN E 211 38.33 -57.38 -17.50
N GLY E 212 37.51 -56.34 -17.45
CA GLY E 212 36.53 -56.03 -18.51
C GLY E 212 36.75 -54.66 -19.15
N THR E 213 37.98 -54.17 -19.15
CA THR E 213 38.24 -52.72 -19.13
C THR E 213 37.91 -51.88 -20.38
N PRO E 214 38.14 -52.27 -21.65
CA PRO E 214 37.77 -51.38 -22.77
C PRO E 214 36.25 -51.30 -22.90
N GLY E 215 35.65 -50.23 -22.38
CA GLY E 215 34.21 -49.95 -22.46
C GLY E 215 33.81 -49.35 -23.80
N SER E 216 32.60 -48.79 -23.89
CA SER E 216 32.14 -48.08 -25.09
C SER E 216 32.77 -46.69 -25.24
N ASP E 217 33.02 -46.26 -26.48
CA ASP E 217 33.42 -44.88 -26.80
C ASP E 217 32.25 -43.89 -26.82
N GLY E 218 31.02 -44.33 -27.09
CA GLY E 218 29.96 -43.46 -27.63
C GLY E 218 29.48 -42.34 -26.70
N MET E 219 29.34 -42.65 -25.41
CA MET E 219 29.01 -41.70 -24.35
C MET E 219 30.15 -41.64 -23.34
N VAL E 220 30.67 -40.46 -23.06
CA VAL E 220 31.72 -40.24 -22.06
C VAL E 220 31.32 -39.06 -21.20
N HIS E 221 31.18 -39.25 -19.88
CA HIS E 221 30.72 -38.21 -18.94
C HIS E 221 29.43 -37.50 -19.35
N GLY E 222 28.50 -38.22 -19.97
CA GLY E 222 27.25 -37.63 -20.46
C GLY E 222 27.38 -36.80 -21.74
N LEU E 223 28.56 -36.77 -22.37
CA LEU E 223 28.82 -36.14 -23.65
C LEU E 223 28.85 -37.19 -24.76
N ASN E 224 28.20 -36.94 -25.89
CA ASN E 224 28.33 -37.79 -27.07
C ASN E 224 29.70 -37.57 -27.73
N THR E 225 30.46 -38.62 -28.00
CA THR E 225 31.77 -38.47 -28.65
C THR E 225 31.64 -38.34 -30.16
N VAL E 226 32.53 -37.56 -30.77
CA VAL E 226 32.71 -37.47 -32.23
C VAL E 226 34.20 -37.51 -32.53
N PHE E 227 34.61 -38.35 -33.49
CA PHE E 227 36.01 -38.54 -33.83
C PHE E 227 36.36 -37.98 -35.21
N PHE E 228 37.44 -37.22 -35.29
CA PHE E 228 37.94 -36.56 -36.49
C PHE E 228 39.25 -37.21 -36.95
N SER E 229 39.39 -37.44 -38.26
CA SER E 229 40.54 -38.13 -38.84
C SER E 229 40.82 -37.71 -40.27
N GLY E 230 42.04 -37.96 -40.72
CA GLY E 230 42.53 -37.60 -42.04
C GLY E 230 43.39 -36.34 -42.03
N ASN E 231 43.77 -35.90 -43.23
CA ASN E 231 44.69 -34.78 -43.44
C ASN E 231 44.09 -33.75 -44.38
N VAL E 232 44.70 -32.58 -44.44
CA VAL E 232 44.32 -31.39 -45.21
C VAL E 232 45.58 -30.68 -45.69
N ASP E 233 45.40 -29.73 -46.60
CA ASP E 233 46.50 -28.98 -47.19
C ASP E 233 47.33 -28.25 -46.14
N ASP E 234 48.64 -28.47 -46.09
CA ASP E 234 49.55 -27.73 -45.21
C ASP E 234 50.03 -26.40 -45.82
N GLY E 235 49.58 -26.04 -47.02
CA GLY E 235 50.06 -24.87 -47.77
C GLY E 235 51.44 -25.03 -48.41
N SER E 236 52.04 -26.23 -48.36
CA SER E 236 53.41 -26.50 -48.82
C SER E 236 53.55 -27.85 -49.53
N ASN E 237 52.47 -28.38 -50.10
CA ASN E 237 52.43 -29.66 -50.80
C ASN E 237 52.82 -30.89 -49.92
N GLY E 238 52.65 -30.80 -48.61
CA GLY E 238 52.72 -31.91 -47.66
C GLY E 238 51.35 -32.23 -47.06
N ASP E 239 51.31 -32.78 -45.85
CA ASP E 239 50.09 -33.08 -45.10
C ASP E 239 50.07 -32.34 -43.77
N ALA E 240 48.93 -31.74 -43.43
CA ALA E 240 48.62 -31.33 -42.06
C ALA E 240 47.42 -32.14 -41.55
N PRO E 241 47.35 -32.54 -40.27
CA PRO E 241 46.22 -33.34 -39.76
C PRO E 241 44.96 -32.49 -39.61
N VAL E 242 43.76 -33.07 -39.79
CA VAL E 242 42.50 -32.39 -39.48
C VAL E 242 42.42 -32.06 -37.98
N TRP E 243 42.80 -33.03 -37.13
CA TRP E 243 42.91 -32.85 -35.70
C TRP E 243 44.38 -32.91 -35.29
N ASP E 244 44.97 -31.83 -34.82
CA ASP E 244 46.36 -31.87 -34.37
C ASP E 244 46.45 -32.33 -32.90
N ARG E 245 46.82 -33.60 -32.72
CA ARG E 245 46.94 -34.23 -31.41
C ARG E 245 47.96 -33.56 -30.49
N ASP E 246 48.87 -32.76 -31.01
CA ASP E 246 49.82 -32.00 -30.17
C ASP E 246 49.26 -30.68 -29.64
N VAL E 247 48.14 -30.16 -30.16
CA VAL E 247 47.52 -28.93 -29.64
C VAL E 247 46.27 -29.20 -28.81
N ALA E 248 45.50 -30.23 -29.13
CA ALA E 248 44.32 -30.60 -28.35
C ALA E 248 44.14 -32.11 -28.25
N SER E 249 43.77 -32.57 -27.06
CA SER E 249 43.35 -33.94 -26.80
C SER E 249 41.86 -34.13 -27.06
N ALA E 250 41.05 -33.14 -26.70
CA ALA E 250 39.62 -33.11 -26.93
C ALA E 250 39.06 -31.68 -26.83
N ILE E 251 37.85 -31.47 -27.32
CA ILE E 251 37.09 -30.22 -27.20
C ILE E 251 35.70 -30.54 -26.68
N VAL E 252 35.21 -29.80 -25.68
CA VAL E 252 33.82 -29.89 -25.21
C VAL E 252 33.03 -28.75 -25.84
N VAL E 253 31.83 -29.01 -26.33
CA VAL E 253 31.03 -27.98 -27.01
C VAL E 253 29.53 -28.09 -26.71
N ASP E 254 28.85 -26.96 -26.64
CA ASP E 254 27.39 -26.91 -26.80
C ASP E 254 27.06 -26.88 -28.29
N ARG E 255 26.69 -28.04 -28.83
CA ARG E 255 26.38 -28.25 -30.24
C ARG E 255 25.29 -27.33 -30.77
N SER E 256 24.42 -26.79 -29.92
CA SER E 256 23.33 -25.91 -30.36
C SER E 256 23.81 -24.53 -30.79
N ARG E 257 25.01 -24.11 -30.38
CA ARG E 257 25.55 -22.77 -30.63
C ARG E 257 26.42 -22.66 -31.87
N VAL E 258 26.62 -23.75 -32.60
CA VAL E 258 27.27 -23.76 -33.90
C VAL E 258 26.20 -23.76 -34.97
N VAL E 259 26.37 -23.00 -36.05
CA VAL E 259 25.58 -23.19 -37.26
C VAL E 259 26.48 -23.25 -38.48
N ILE E 260 26.27 -24.25 -39.32
CA ILE E 260 27.00 -24.45 -40.57
C ILE E 260 26.04 -24.09 -41.70
N GLY E 261 26.39 -23.09 -42.48
CA GLY E 261 25.65 -22.72 -43.68
C GLY E 261 26.13 -23.54 -44.87
N VAL E 262 25.25 -24.26 -45.54
CA VAL E 262 25.54 -24.85 -46.86
C VAL E 262 24.89 -23.97 -47.91
N ARG E 263 25.69 -23.18 -48.63
CA ARG E 263 25.21 -22.33 -49.72
C ARG E 263 25.08 -23.10 -51.03
N GLN E 264 26.00 -24.02 -51.27
CA GLN E 264 26.02 -24.88 -52.44
C GLN E 264 26.74 -26.17 -52.07
N ASP E 265 26.03 -27.29 -52.10
CA ASP E 265 26.63 -28.60 -51.85
C ASP E 265 27.57 -29.00 -52.99
N ILE E 266 28.40 -30.03 -52.82
CA ILE E 266 29.45 -30.37 -53.79
C ILE E 266 28.87 -30.56 -55.19
N THR E 267 29.42 -29.85 -56.16
CA THR E 267 29.10 -29.96 -57.59
C THR E 267 30.34 -30.40 -58.34
N VAL E 268 30.16 -31.19 -59.40
CA VAL E 268 31.25 -31.73 -60.23
C VAL E 268 31.04 -31.33 -61.68
N LYS E 269 32.03 -30.69 -62.29
CA LYS E 269 32.06 -30.34 -63.72
C LYS E 269 33.17 -31.11 -64.40
N TYR E 270 32.85 -31.85 -65.45
CA TYR E 270 33.83 -32.51 -66.31
C TYR E 270 34.35 -31.56 -67.39
N LEU E 271 35.67 -31.46 -67.56
CA LEU E 271 36.35 -30.53 -68.44
C LEU E 271 37.11 -31.25 -69.57
N ASP E 272 36.76 -30.95 -70.82
CA ASP E 272 37.47 -31.39 -72.03
C ASP E 272 38.55 -30.42 -72.51
N GLN E 273 38.31 -29.11 -72.43
CA GLN E 273 39.05 -28.11 -73.22
C GLN E 273 39.73 -26.99 -72.44
N ALA E 274 39.46 -26.86 -71.14
CA ALA E 274 39.94 -25.72 -70.35
C ALA E 274 41.47 -25.70 -70.19
N THR E 275 42.02 -24.57 -69.77
CA THR E 275 43.38 -24.50 -69.24
C THR E 275 43.28 -24.51 -67.73
N VAL E 276 43.88 -25.51 -67.06
CA VAL E 276 43.83 -25.68 -65.61
C VAL E 276 45.22 -25.79 -65.05
N GLY E 277 45.62 -24.93 -64.12
CA GLY E 277 46.97 -24.96 -63.54
C GLY E 277 48.10 -24.85 -64.57
N GLY E 278 47.85 -24.26 -65.73
CA GLY E 278 48.78 -24.18 -66.86
C GLY E 278 48.73 -25.35 -67.85
N ILE E 279 47.91 -26.37 -67.61
CA ILE E 279 47.73 -27.52 -68.49
C ILE E 279 46.61 -27.20 -69.49
N ASN E 280 46.92 -27.11 -70.78
CA ASN E 280 45.90 -27.02 -71.82
C ASN E 280 45.32 -28.40 -72.11
N LEU E 281 44.13 -28.71 -71.59
CA LEU E 281 43.66 -30.09 -71.54
C LEU E 281 43.53 -30.73 -72.93
N ALA E 282 42.89 -30.06 -73.88
CA ALA E 282 42.67 -30.61 -75.22
C ALA E 282 43.95 -30.73 -76.05
N GLU E 283 44.86 -29.76 -75.93
CA GLU E 283 46.17 -29.79 -76.58
C GLU E 283 47.03 -30.95 -76.11
N ARG E 284 46.83 -31.43 -74.87
CA ARG E 284 47.60 -32.49 -74.22
C ARG E 284 46.86 -33.82 -74.11
N ASP E 285 45.69 -33.99 -74.72
CA ASP E 285 44.88 -35.22 -74.65
C ASP E 285 44.53 -35.62 -73.19
N MET E 286 44.34 -34.61 -72.35
CA MET E 286 43.93 -34.72 -70.96
C MET E 286 42.48 -34.29 -70.78
N VAL E 287 41.92 -34.65 -69.63
CA VAL E 287 40.61 -34.24 -69.13
C VAL E 287 40.77 -33.89 -67.65
N ALA E 288 39.78 -33.24 -67.06
CA ALA E 288 39.78 -33.01 -65.62
C ALA E 288 38.36 -33.05 -65.04
N LEU E 289 38.26 -33.32 -63.75
CA LEU E 289 37.07 -33.05 -62.96
C LEU E 289 37.32 -31.84 -62.07
N ARG E 290 36.41 -30.87 -62.06
CA ARG E 290 36.41 -29.71 -61.16
C ARG E 290 35.35 -29.90 -60.10
N PHE E 291 35.73 -29.87 -58.84
CA PHE E 291 34.84 -30.00 -57.69
C PHE E 291 34.76 -28.68 -56.96
N CYS E 292 33.56 -28.20 -56.61
CA CYS E 292 33.44 -27.09 -55.68
C CYS E 292 32.15 -27.13 -54.88
N GLY E 293 32.17 -26.48 -53.72
CA GLY E 293 31.03 -26.25 -52.84
C GLY E 293 31.24 -24.99 -52.01
N ARG E 294 30.16 -24.40 -51.50
CA ARG E 294 30.18 -23.14 -50.74
C ARG E 294 29.60 -23.31 -49.34
N PHE E 295 30.32 -22.82 -48.35
CA PHE E 295 30.04 -23.05 -46.93
C PHE E 295 30.22 -21.79 -46.09
N ALA E 296 29.51 -21.70 -44.98
CA ALA E 296 29.66 -20.65 -43.98
C ALA E 296 29.63 -21.25 -42.58
N TYR E 297 30.19 -20.55 -41.61
CA TYR E 297 30.16 -20.96 -40.21
C TYR E 297 29.91 -19.76 -39.32
N ALA E 298 29.06 -19.92 -38.32
CA ALA E 298 28.87 -18.94 -37.26
C ALA E 298 28.77 -19.60 -35.90
N LEU E 299 29.35 -18.95 -34.88
CA LEU E 299 29.29 -19.38 -33.49
C LEU E 299 28.49 -18.38 -32.64
N GLY E 300 27.43 -18.82 -31.99
CA GLY E 300 26.57 -18.00 -31.13
C GLY E 300 27.19 -17.73 -29.76
N ASP E 301 28.38 -17.14 -29.72
CA ASP E 301 29.30 -17.26 -28.58
C ASP E 301 29.12 -16.29 -27.42
N ASN E 302 28.44 -15.15 -27.59
CA ASN E 302 28.37 -14.09 -26.58
C ASN E 302 26.93 -13.80 -26.18
N ILE E 303 26.27 -14.74 -25.50
CA ILE E 303 24.99 -14.51 -24.82
C ILE E 303 25.11 -13.30 -23.87
N ALA E 304 24.12 -12.41 -23.88
CA ALA E 304 24.09 -11.21 -23.06
C ALA E 304 23.92 -11.51 -21.56
N GLN E 305 24.62 -10.74 -20.71
CA GLN E 305 24.65 -10.97 -19.27
C GLN E 305 24.25 -9.74 -18.41
N GLY E 306 24.11 -8.54 -18.98
CA GLY E 306 23.82 -7.34 -18.20
C GLY E 306 23.78 -6.04 -19.01
N ARG E 307 24.21 -4.93 -18.40
CA ARG E 307 24.29 -3.62 -19.07
C ARG E 307 25.49 -3.49 -19.98
N VAL E 308 26.62 -4.12 -19.65
CA VAL E 308 27.81 -4.17 -20.50
C VAL E 308 27.73 -5.38 -21.43
N ALA E 309 28.25 -5.29 -22.65
CA ALA E 309 28.30 -6.42 -23.56
C ALA E 309 29.25 -7.51 -23.04
N ALA E 310 28.80 -8.76 -23.04
CA ALA E 310 29.49 -9.90 -22.42
C ALA E 310 30.48 -10.60 -23.34
N GLU E 311 31.45 -11.30 -22.75
CA GLU E 311 32.33 -12.24 -23.45
C GLU E 311 32.25 -13.64 -22.84
N ASN E 312 31.81 -14.63 -23.61
CA ASN E 312 31.71 -16.02 -23.20
C ASN E 312 32.28 -16.96 -24.29
N SER E 313 32.26 -18.27 -24.06
CA SER E 313 32.49 -19.28 -25.10
C SER E 313 31.63 -20.51 -24.84
N PRO E 314 30.94 -21.07 -25.84
CA PRO E 314 30.25 -22.35 -25.74
C PRO E 314 31.18 -23.55 -25.89
N VAL E 315 32.49 -23.33 -25.81
CA VAL E 315 33.55 -24.28 -26.14
C VAL E 315 34.64 -24.25 -25.08
N ALA E 316 35.14 -25.41 -24.67
CA ALA E 316 36.34 -25.55 -23.83
C ALA E 316 37.31 -26.59 -24.42
N VAL E 317 38.61 -26.38 -24.27
CA VAL E 317 39.67 -27.21 -24.88
C VAL E 317 40.43 -27.98 -23.82
N ILE E 318 40.73 -29.24 -24.08
CA ILE E 318 41.61 -30.05 -23.25
C ILE E 318 42.92 -30.24 -24.02
N THR E 319 44.06 -29.85 -23.47
CA THR E 319 45.37 -29.92 -24.13
C THR E 319 46.24 -31.04 -23.56
N PRO E 320 47.05 -31.73 -24.39
CA PRO E 320 47.83 -32.87 -23.96
C PRO E 320 48.90 -32.50 -22.94
N TYR E 321 49.42 -33.49 -22.20
CA TYR E 321 50.54 -33.25 -21.29
C TYR E 321 51.80 -32.90 -22.09
N ALA E 322 52.23 -31.64 -21.99
CA ALA E 322 53.34 -31.09 -22.78
C ALA E 322 54.72 -31.31 -22.14
N GLY E 323 54.78 -31.69 -20.87
CA GLY E 323 56.03 -31.82 -20.12
C GLY E 323 56.91 -32.99 -20.58
N SER E 324 58.19 -32.93 -20.20
CA SER E 324 59.22 -33.93 -20.50
C SER E 324 59.09 -35.19 -19.63
N ALA F 2 67.05 -125.55 -3.19
CA ALA F 2 66.00 -126.37 -2.59
C ALA F 2 64.57 -125.86 -2.88
N ASP F 3 64.40 -124.84 -3.72
CA ASP F 3 63.10 -124.30 -4.14
C ASP F 3 63.13 -123.76 -5.58
N THR F 4 61.96 -123.79 -6.25
CA THR F 4 61.79 -123.23 -7.62
C THR F 4 61.59 -121.72 -7.49
N ASN F 5 62.65 -120.91 -7.66
CA ASN F 5 62.60 -119.46 -7.55
C ASN F 5 62.27 -118.78 -8.89
N ARG F 6 62.16 -117.45 -8.89
CA ARG F 6 61.84 -116.66 -10.09
C ARG F 6 62.86 -116.81 -11.21
N THR F 7 64.14 -116.90 -10.89
CA THR F 7 65.16 -117.28 -11.86
C THR F 7 65.09 -118.65 -12.56
N ASP F 8 64.43 -119.65 -11.96
CA ASP F 8 64.16 -120.96 -12.55
C ASP F 8 62.89 -120.94 -13.38
N ALA F 9 61.85 -120.29 -12.88
CA ALA F 9 60.58 -120.14 -13.57
C ALA F 9 60.65 -119.15 -14.74
N ALA F 10 61.72 -118.36 -14.87
CA ALA F 10 61.85 -117.17 -15.72
C ALA F 10 61.34 -117.32 -17.15
N ALA F 11 61.63 -118.43 -17.83
CA ALA F 11 61.16 -118.68 -19.19
C ALA F 11 59.63 -118.73 -19.29
N LEU F 12 58.92 -119.02 -18.21
CA LEU F 12 57.49 -118.89 -18.11
C LEU F 12 56.83 -117.53 -17.79
N ILE F 13 57.62 -116.47 -17.65
CA ILE F 13 57.20 -115.16 -17.21
C ILE F 13 57.20 -113.95 -18.17
N GLN F 14 56.22 -113.94 -19.05
CA GLN F 14 56.03 -112.93 -20.09
C GLN F 14 55.72 -111.55 -19.53
N GLU F 15 56.26 -110.49 -20.12
CA GLU F 15 55.93 -109.10 -19.79
C GLU F 15 54.71 -108.61 -20.57
N ALA F 16 53.99 -107.64 -20.02
CA ALA F 16 52.86 -106.99 -20.66
C ALA F 16 53.26 -105.66 -21.32
N TYR F 17 52.38 -105.16 -22.19
CA TYR F 17 52.57 -103.87 -22.87
C TYR F 17 51.37 -102.96 -22.64
N SER F 18 51.65 -101.68 -22.41
CA SER F 18 50.61 -100.66 -22.39
C SER F 18 50.68 -99.33 -23.18
N ASP F 19 49.53 -99.02 -23.77
CA ASP F 19 49.36 -97.82 -24.56
C ASP F 19 49.04 -96.47 -23.86
N VAL F 20 49.06 -96.43 -22.51
CA VAL F 20 48.58 -95.30 -21.71
C VAL F 20 49.32 -94.00 -21.98
N PHE F 21 50.62 -94.06 -22.28
CA PHE F 21 51.47 -92.91 -22.60
C PHE F 21 51.82 -92.78 -24.08
N LEU F 22 51.25 -93.62 -24.95
CA LEU F 22 51.60 -93.60 -26.37
C LEU F 22 50.62 -92.70 -27.14
N ASP F 23 51.14 -91.60 -27.67
CA ASP F 23 50.43 -90.66 -28.52
C ASP F 23 51.22 -90.38 -29.80
N SER F 24 50.52 -90.14 -30.91
CA SER F 24 51.14 -89.52 -32.08
C SER F 24 51.56 -88.07 -31.78
N VAL F 25 52.33 -87.45 -32.68
CA VAL F 25 52.36 -85.98 -32.71
C VAL F 25 50.96 -85.44 -33.02
N SER F 26 50.74 -84.17 -32.68
CA SER F 26 49.52 -83.44 -32.99
C SER F 26 49.84 -82.22 -33.84
N GLU F 27 48.92 -81.80 -34.70
CA GLU F 27 49.08 -80.57 -35.46
C GLU F 27 48.83 -79.35 -34.54
N THR F 28 49.90 -78.68 -34.11
CA THR F 28 49.82 -77.48 -33.27
C THR F 28 49.65 -76.19 -34.07
N ALA F 29 49.85 -76.19 -35.39
CA ALA F 29 49.97 -74.97 -36.18
C ALA F 29 48.66 -74.18 -36.34
N LYS F 30 48.76 -72.85 -36.49
CA LYS F 30 47.62 -71.93 -36.37
C LYS F 30 47.46 -70.90 -37.49
N VAL F 31 48.47 -70.49 -38.28
CA VAL F 31 48.24 -69.33 -39.17
C VAL F 31 47.22 -69.60 -40.26
N ILE F 32 47.15 -70.81 -40.82
CA ILE F 32 46.15 -71.16 -41.85
C ILE F 32 44.73 -71.21 -41.26
N GLY F 33 44.57 -71.60 -40.00
CA GLY F 33 43.27 -71.52 -39.32
C GLY F 33 42.88 -70.10 -38.92
N THR F 34 43.86 -69.27 -38.57
CA THR F 34 43.65 -67.92 -38.05
C THR F 34 43.34 -66.91 -39.13
N PHE F 35 44.21 -66.75 -40.12
CA PHE F 35 44.15 -65.66 -41.08
C PHE F 35 43.41 -66.03 -42.36
N PRO F 36 42.97 -65.06 -43.17
CA PRO F 36 42.41 -65.31 -44.49
C PRO F 36 43.36 -66.11 -45.40
N VAL F 37 42.81 -67.09 -46.10
CA VAL F 37 43.54 -67.94 -47.06
C VAL F 37 43.06 -67.67 -48.48
N TYR F 38 44.00 -67.40 -49.37
CA TYR F 38 43.78 -67.21 -50.80
C TYR F 38 44.43 -68.36 -51.59
N ASN F 39 43.67 -69.05 -52.43
CA ASN F 39 44.21 -70.11 -53.28
C ASN F 39 44.93 -69.53 -54.50
N MET F 40 46.26 -69.60 -54.51
CA MET F 40 47.07 -69.15 -55.65
C MET F 40 47.10 -70.16 -56.79
N GLY F 41 47.00 -69.71 -58.04
CA GLY F 41 47.12 -70.55 -59.23
C GLY F 41 48.46 -70.45 -59.97
N THR F 42 49.41 -69.68 -59.44
CA THR F 42 50.71 -69.33 -60.05
C THR F 42 51.66 -68.89 -58.94
N LYS F 43 52.97 -68.80 -59.19
CA LYS F 43 53.94 -68.46 -58.14
C LYS F 43 53.73 -67.08 -57.55
N THR F 44 53.25 -66.11 -58.31
CA THR F 44 53.19 -64.71 -57.88
C THR F 44 51.82 -64.10 -58.11
N THR F 45 51.33 -63.33 -57.15
CA THR F 45 50.14 -62.47 -57.31
C THR F 45 50.51 -61.04 -56.94
N ASN F 46 50.16 -60.09 -57.79
CA ASN F 46 50.23 -58.67 -57.53
C ASN F 46 48.96 -58.18 -56.84
N LEU F 47 49.12 -57.29 -55.87
CA LEU F 47 48.09 -56.75 -55.03
C LEU F 47 48.19 -55.22 -55.11
N PRO F 48 47.43 -54.54 -55.98
CA PRO F 48 47.44 -53.09 -56.06
C PRO F 48 46.85 -52.45 -54.79
N VAL F 49 47.33 -51.27 -54.41
CA VAL F 49 46.84 -50.50 -53.26
C VAL F 49 46.80 -49.02 -53.59
N LEU F 50 45.87 -48.26 -53.02
CA LEU F 50 45.90 -46.79 -53.07
C LEU F 50 47.08 -46.31 -52.23
N SER F 51 47.77 -45.25 -52.65
CA SER F 51 49.00 -44.77 -52.01
C SER F 51 48.89 -43.33 -51.51
N THR F 52 48.36 -42.42 -52.32
CA THR F 52 48.14 -41.01 -51.95
C THR F 52 46.86 -40.48 -52.61
N PHE F 53 46.30 -39.39 -52.10
CA PHE F 53 45.06 -38.80 -52.62
C PHE F 53 44.98 -37.27 -52.40
N PRO F 54 44.04 -36.57 -53.08
CA PRO F 54 43.96 -35.11 -53.14
C PRO F 54 43.48 -34.38 -51.88
N HIS F 55 43.79 -33.09 -51.81
CA HIS F 55 43.26 -32.11 -50.86
C HIS F 55 42.63 -30.91 -51.59
N ALA F 56 41.49 -30.39 -51.14
CA ALA F 56 40.93 -29.13 -51.63
C ALA F 56 41.58 -27.90 -50.98
N LYS F 57 41.30 -26.70 -51.51
CA LYS F 57 41.66 -25.42 -50.89
C LYS F 57 40.50 -24.42 -50.98
N TRP F 58 40.57 -23.31 -50.21
CA TRP F 58 39.58 -22.19 -50.33
C TRP F 58 40.00 -21.38 -51.57
N VAL F 59 39.06 -20.88 -52.41
CA VAL F 59 39.40 -20.29 -53.76
C VAL F 59 38.88 -18.87 -54.06
N GLY F 60 38.49 -18.02 -53.11
CA GLY F 60 38.11 -16.59 -53.35
C GLY F 60 37.16 -16.36 -54.54
N GLU F 61 37.22 -15.21 -55.25
CA GLU F 61 36.37 -15.07 -56.43
C GLU F 61 36.72 -14.23 -57.68
N SER F 62 37.75 -13.37 -57.66
CA SER F 62 38.01 -12.46 -58.79
C SER F 62 38.41 -13.17 -60.09
N ALA F 63 38.29 -12.47 -61.21
CA ALA F 63 38.77 -12.89 -62.52
C ALA F 63 40.24 -12.55 -62.79
N THR F 64 41.00 -12.06 -61.81
CA THR F 64 42.30 -11.42 -62.06
C THR F 64 43.35 -11.61 -60.97
N ALA F 65 42.99 -11.65 -59.69
CA ALA F 65 43.94 -11.91 -58.61
C ALA F 65 44.27 -13.41 -58.50
N PRO F 66 45.47 -13.78 -58.04
CA PRO F 66 45.88 -15.18 -57.92
C PRO F 66 44.97 -16.02 -57.03
N GLU F 67 44.35 -15.40 -56.02
CA GLU F 67 43.49 -16.09 -55.07
C GLU F 67 42.25 -16.72 -55.72
N GLY F 68 41.79 -16.20 -56.86
CA GLY F 68 40.57 -16.65 -57.53
C GLY F 68 40.71 -17.97 -58.29
N VAL F 69 41.92 -18.50 -58.47
CA VAL F 69 42.20 -19.66 -59.32
C VAL F 69 42.02 -20.97 -58.55
N LYS F 70 41.13 -21.86 -59.00
CA LYS F 70 40.93 -23.20 -58.42
C LYS F 70 42.18 -24.07 -58.63
N PRO F 71 42.66 -24.82 -57.63
CA PRO F 71 43.95 -25.51 -57.67
C PRO F 71 43.89 -26.90 -58.32
N THR F 72 45.01 -27.38 -58.82
CA THR F 72 45.21 -28.79 -59.20
C THR F 72 45.85 -29.85 -58.27
N ALA F 73 45.44 -31.12 -58.39
CA ALA F 73 45.91 -32.21 -57.53
C ALA F 73 45.87 -33.60 -58.20
N LYS F 74 46.55 -34.59 -57.60
CA LYS F 74 46.70 -35.96 -58.12
C LYS F 74 46.46 -37.05 -57.08
N ALA F 75 46.11 -38.25 -57.52
CA ALA F 75 46.17 -39.47 -56.73
C ALA F 75 47.43 -40.30 -57.06
N THR F 76 47.66 -41.42 -56.39
CA THR F 76 48.75 -42.38 -56.68
C THR F 76 48.39 -43.76 -56.17
N TRP F 77 48.91 -44.82 -56.79
CA TRP F 77 48.75 -46.20 -56.37
C TRP F 77 50.12 -46.89 -56.25
N ALA F 78 50.17 -48.01 -55.54
CA ALA F 78 51.35 -48.83 -55.36
C ALA F 78 50.98 -50.32 -55.44
N ASN F 79 51.98 -51.20 -55.29
CA ASN F 79 51.81 -52.64 -55.47
C ASN F 79 52.50 -53.44 -54.36
N LYS F 80 51.87 -54.54 -53.95
CA LYS F 80 52.39 -55.54 -53.02
C LYS F 80 52.33 -56.91 -53.67
N THR F 81 53.18 -57.86 -53.29
CA THR F 81 53.23 -59.18 -53.95
C THR F 81 53.14 -60.34 -52.96
N LEU F 82 52.27 -61.30 -53.22
CA LEU F 82 52.44 -62.67 -52.72
C LEU F 82 53.44 -63.41 -53.61
N VAL F 83 54.40 -64.12 -53.05
CA VAL F 83 55.27 -65.05 -53.79
C VAL F 83 55.31 -66.39 -53.07
N ALA F 84 54.96 -67.47 -53.74
CA ALA F 84 54.94 -68.80 -53.14
C ALA F 84 56.33 -69.41 -53.02
N GLU F 85 56.57 -70.12 -51.92
CA GLU F 85 57.81 -70.82 -51.61
C GLU F 85 57.51 -72.19 -51.00
N GLU F 86 58.45 -73.12 -51.05
CA GLU F 86 58.21 -74.52 -50.71
C GLU F 86 58.80 -74.95 -49.37
N LEU F 87 58.00 -75.60 -48.52
CA LEU F 87 58.44 -76.33 -47.33
C LEU F 87 58.36 -77.82 -47.63
N ALA F 88 59.39 -78.59 -47.27
CA ALA F 88 59.44 -80.01 -47.54
C ALA F 88 60.26 -80.82 -46.54
N VAL F 89 59.98 -82.12 -46.41
CA VAL F 89 60.82 -83.07 -45.67
C VAL F 89 60.70 -84.47 -46.27
N ILE F 90 61.74 -85.29 -46.19
CA ILE F 90 61.72 -86.71 -46.54
C ILE F 90 61.95 -87.53 -45.28
N LEU F 91 61.10 -88.52 -45.01
CA LEU F 91 61.19 -89.43 -43.88
C LEU F 91 61.44 -90.88 -44.36
N PRO F 92 62.69 -91.36 -44.43
CA PRO F 92 63.00 -92.73 -44.81
C PRO F 92 62.84 -93.73 -43.67
N ILE F 93 62.50 -94.98 -43.97
CA ILE F 93 62.34 -96.10 -43.02
C ILE F 93 62.69 -97.43 -43.67
N HIS F 94 63.25 -98.40 -42.93
CA HIS F 94 63.59 -99.72 -43.47
C HIS F 94 62.40 -100.66 -43.44
N GLU F 95 62.12 -101.43 -44.50
CA GLU F 95 60.87 -102.18 -44.59
C GLU F 95 60.70 -103.27 -43.55
N ASN F 96 61.78 -103.90 -43.08
CA ASN F 96 61.65 -104.89 -42.01
C ASN F 96 61.18 -104.25 -40.70
N VAL F 97 61.62 -103.04 -40.36
CA VAL F 97 61.12 -102.29 -39.21
C VAL F 97 59.65 -101.98 -39.39
N LEU F 98 59.28 -101.52 -40.59
CA LEU F 98 57.91 -101.23 -40.97
C LEU F 98 57.02 -102.47 -40.81
N ALA F 99 57.50 -103.66 -41.17
CA ALA F 99 56.76 -104.91 -41.06
C ALA F 99 56.73 -105.48 -39.63
N ASP F 100 57.80 -105.33 -38.87
CA ASP F 100 57.93 -105.88 -37.52
C ASP F 100 57.22 -105.06 -36.44
N ALA F 101 57.11 -103.74 -36.60
CA ALA F 101 56.52 -102.87 -35.60
C ALA F 101 55.02 -103.16 -35.38
N THR F 102 54.52 -102.93 -34.18
CA THR F 102 53.10 -103.16 -33.82
C THR F 102 52.16 -102.04 -34.28
N GLU F 103 52.67 -100.83 -34.46
CA GLU F 103 51.90 -99.68 -34.97
C GLU F 103 52.05 -99.55 -36.49
N ASP F 104 51.09 -98.91 -37.17
CA ASP F 104 51.28 -98.48 -38.56
C ASP F 104 52.26 -97.30 -38.62
N LEU F 105 53.56 -97.58 -38.74
CA LEU F 105 54.57 -96.53 -38.74
C LEU F 105 54.47 -95.59 -39.94
N LEU F 106 53.93 -96.00 -41.09
CA LEU F 106 53.72 -95.03 -42.17
C LEU F 106 52.63 -94.03 -41.82
N ALA F 107 51.56 -94.43 -41.13
CA ALA F 107 50.57 -93.47 -40.65
C ALA F 107 51.17 -92.53 -39.59
N GLU F 108 52.05 -93.02 -38.73
CA GLU F 108 52.78 -92.14 -37.81
C GLU F 108 53.70 -91.17 -38.52
N LEU F 109 54.46 -91.62 -39.51
CA LEU F 109 55.32 -90.72 -40.28
C LEU F 109 54.50 -89.72 -41.11
N ALA F 110 53.34 -90.10 -41.63
CA ALA F 110 52.44 -89.18 -42.33
C ALA F 110 51.96 -88.03 -41.44
N ARG F 111 51.61 -88.31 -40.19
CA ARG F 111 51.26 -87.28 -39.20
C ARG F 111 52.43 -86.36 -38.94
N MET F 112 53.62 -86.90 -38.71
CA MET F 112 54.83 -86.10 -38.49
C MET F 112 55.22 -85.24 -39.67
N GLY F 113 55.06 -85.74 -40.89
CA GLY F 113 55.30 -84.99 -42.12
C GLY F 113 54.44 -83.75 -42.20
N GLY F 114 53.12 -83.89 -42.15
CA GLY F 114 52.20 -82.75 -42.23
C GLY F 114 52.41 -81.74 -41.10
N ALA F 115 52.43 -82.21 -39.85
CA ALA F 115 52.58 -81.35 -38.69
C ALA F 115 53.86 -80.51 -38.73
N SER F 116 54.96 -81.04 -39.27
CA SER F 116 56.23 -80.30 -39.33
C SER F 116 56.15 -79.05 -40.19
N ILE F 117 55.32 -79.07 -41.23
CA ILE F 117 55.26 -77.99 -42.22
C ILE F 117 54.41 -76.84 -41.69
N GLY F 118 53.31 -77.12 -40.99
CA GLY F 118 52.53 -76.09 -40.33
C GLY F 118 53.35 -75.27 -39.33
N ARG F 119 54.18 -75.91 -38.49
CA ARG F 119 55.02 -75.22 -37.52
C ARG F 119 56.03 -74.27 -38.16
N ALA F 120 56.64 -74.68 -39.26
CA ALA F 120 57.61 -73.86 -39.97
C ALA F 120 56.96 -72.63 -40.61
N LEU F 121 55.73 -72.78 -41.11
CA LEU F 121 54.97 -71.66 -41.64
C LEU F 121 54.61 -70.65 -40.55
N ASP F 122 54.10 -71.10 -39.40
CA ASP F 122 53.83 -70.21 -38.27
C ASP F 122 55.07 -69.42 -37.84
N ALA F 123 56.21 -70.08 -37.64
CA ALA F 123 57.43 -69.39 -37.20
C ALA F 123 57.95 -68.35 -38.21
N ALA F 124 57.74 -68.56 -39.50
CA ALA F 124 58.14 -67.62 -40.53
C ALA F 124 57.25 -66.39 -40.55
N VAL F 125 55.93 -66.56 -40.48
CA VAL F 125 54.98 -65.44 -40.54
C VAL F 125 55.08 -64.55 -39.31
N LEU F 126 55.11 -65.11 -38.10
CA LEU F 126 55.12 -64.35 -36.87
C LEU F 126 56.45 -63.63 -36.63
N PHE F 127 57.56 -64.36 -36.62
CA PHE F 127 58.86 -63.86 -36.17
C PHE F 127 59.91 -63.76 -37.27
N GLY F 128 59.60 -64.20 -38.49
CA GLY F 128 60.56 -64.17 -39.58
C GLY F 128 61.65 -65.23 -39.45
N HIS F 129 61.44 -66.27 -38.65
CA HIS F 129 62.38 -67.38 -38.51
C HIS F 129 62.48 -68.11 -39.84
N GLN F 130 63.66 -68.12 -40.44
CA GLN F 130 63.90 -68.74 -41.75
C GLN F 130 62.91 -68.25 -42.83
N LYS F 131 62.47 -67.00 -42.77
CA LYS F 131 61.57 -66.39 -43.76
C LYS F 131 62.26 -66.38 -45.14
N PRO F 132 61.62 -66.81 -46.23
CA PRO F 132 62.22 -66.73 -47.55
C PRO F 132 62.55 -65.28 -47.93
N VAL F 133 63.72 -65.05 -48.54
CA VAL F 133 64.11 -63.69 -48.97
C VAL F 133 63.24 -63.11 -50.09
N THR F 134 62.46 -63.95 -50.76
CA THR F 134 61.50 -63.56 -51.79
C THR F 134 60.20 -63.01 -51.23
N TRP F 135 59.90 -63.20 -49.95
CA TRP F 135 58.74 -62.58 -49.30
C TRP F 135 59.06 -61.12 -49.01
N ALA F 136 58.42 -60.19 -49.74
CA ALA F 136 58.66 -58.76 -49.59
C ALA F 136 58.06 -58.17 -48.31
N SER F 137 57.00 -58.78 -47.78
CA SER F 137 56.37 -58.36 -46.52
C SER F 137 57.24 -58.63 -45.31
N LYS F 138 57.21 -57.71 -44.36
CA LYS F 138 57.77 -57.89 -43.01
C LYS F 138 56.99 -58.98 -42.28
N SER F 139 57.63 -59.79 -41.46
CA SER F 139 56.95 -60.68 -40.52
C SER F 139 56.17 -59.87 -39.49
N LEU F 140 55.20 -60.45 -38.79
CA LEU F 140 54.32 -59.67 -37.90
C LEU F 140 55.11 -58.87 -36.86
N PHE F 141 56.06 -59.51 -36.18
CA PHE F 141 56.92 -58.85 -35.22
C PHE F 141 57.73 -57.71 -35.84
N GLU F 142 58.33 -57.95 -36.99
CA GLU F 142 59.18 -57.01 -37.73
C GLU F 142 58.38 -55.83 -38.29
N SER F 143 57.13 -56.04 -38.67
CA SER F 143 56.20 -54.96 -39.06
C SER F 143 55.96 -54.02 -37.91
N ALA F 144 55.60 -54.56 -36.74
CA ALA F 144 55.34 -53.76 -35.56
C ALA F 144 56.60 -53.03 -35.09
N ASP F 145 57.74 -53.69 -35.08
CA ASP F 145 59.02 -53.11 -34.68
C ASP F 145 59.44 -51.96 -35.58
N ASP F 146 59.38 -52.11 -36.90
CA ASP F 146 59.75 -51.02 -37.81
C ASP F 146 58.76 -49.85 -37.81
N ALA F 147 57.48 -50.11 -37.55
CA ALA F 147 56.49 -49.05 -37.31
C ALA F 147 56.60 -48.41 -35.92
N GLY F 148 57.45 -48.93 -35.02
CA GLY F 148 57.59 -48.45 -33.65
C GLY F 148 56.42 -48.79 -32.74
N GLN F 149 55.52 -49.68 -33.16
CA GLN F 149 54.35 -50.12 -32.42
C GLN F 149 54.71 -51.23 -31.42
N VAL F 150 55.70 -50.96 -30.58
CA VAL F 150 56.25 -51.87 -29.58
C VAL F 150 56.03 -51.30 -28.19
N VAL F 151 55.39 -52.07 -27.31
CA VAL F 151 55.07 -51.69 -25.93
C VAL F 151 55.85 -52.59 -24.99
N ALA F 152 56.88 -52.07 -24.33
CA ALA F 152 57.63 -52.83 -23.36
C ALA F 152 56.90 -52.88 -22.01
N VAL F 153 56.70 -54.07 -21.47
CA VAL F 153 56.16 -54.25 -20.11
C VAL F 153 57.15 -53.69 -19.10
N GLY F 154 56.68 -52.87 -18.17
CA GLY F 154 57.49 -52.30 -17.09
C GLY F 154 57.44 -53.12 -15.80
N ASN F 155 58.33 -52.80 -14.87
CA ASN F 155 58.31 -53.30 -13.49
C ASN F 155 57.66 -52.31 -12.51
N SER F 156 56.80 -51.40 -12.97
CA SER F 156 56.22 -50.32 -12.17
C SER F 156 55.07 -50.76 -11.25
N ASN F 157 54.73 -52.04 -11.20
CA ASN F 157 53.46 -52.53 -10.64
C ASN F 157 52.23 -51.81 -11.23
N GLY F 158 52.30 -51.38 -12.48
CA GLY F 158 51.20 -50.70 -13.16
C GLY F 158 51.05 -49.22 -12.85
N VAL F 159 51.87 -48.64 -11.97
CA VAL F 159 51.87 -47.19 -11.68
C VAL F 159 52.14 -46.39 -12.95
N GLU F 160 53.05 -46.89 -13.79
CA GLU F 160 53.21 -46.40 -15.15
C GLU F 160 52.25 -46.81 -16.28
N GLY F 161 51.15 -47.50 -15.94
CA GLY F 161 50.19 -48.03 -16.90
C GLY F 161 50.73 -49.15 -17.80
N ASP F 162 51.87 -49.74 -17.45
CA ASP F 162 52.70 -50.56 -18.34
C ASP F 162 52.92 -52.00 -17.85
N ASP F 163 52.07 -52.49 -16.94
CA ASP F 163 51.89 -53.92 -16.71
C ASP F 163 51.31 -54.62 -17.95
N ILE F 164 51.15 -55.95 -17.96
CA ILE F 164 50.75 -56.64 -19.20
C ILE F 164 49.37 -56.24 -19.71
N SER F 165 48.39 -56.00 -18.83
CA SER F 165 47.07 -55.50 -19.26
C SER F 165 47.14 -54.09 -19.80
N GLY F 166 47.85 -53.20 -19.12
CA GLY F 166 48.05 -51.84 -19.62
C GLY F 166 48.83 -51.80 -20.93
N SER F 167 49.72 -52.75 -21.14
CA SER F 167 50.45 -52.90 -22.40
C SER F 167 49.55 -53.41 -23.51
N ILE F 168 48.68 -54.38 -23.27
CA ILE F 168 47.72 -54.86 -24.27
C ILE F 168 46.79 -53.74 -24.72
N LEU F 169 46.33 -52.89 -23.80
CA LEU F 169 45.49 -51.74 -24.18
C LEU F 169 46.23 -50.72 -25.01
N GLN F 170 47.48 -50.39 -24.68
CA GLN F 170 48.26 -49.47 -25.51
C GLN F 170 48.52 -50.06 -26.89
N ALA F 171 48.88 -51.33 -26.99
CA ALA F 171 49.05 -52.01 -28.27
C ALA F 171 47.76 -52.04 -29.08
N ALA F 172 46.61 -52.33 -28.47
CA ALA F 172 45.33 -52.27 -29.14
C ALA F 172 45.01 -50.85 -29.63
N GLU F 173 45.30 -49.81 -28.84
CA GLU F 173 45.09 -48.44 -29.28
C GLU F 173 45.96 -48.08 -30.49
N MET F 174 47.23 -48.48 -30.51
CA MET F 174 48.12 -48.27 -31.65
C MET F 174 47.55 -48.90 -32.93
N VAL F 175 47.05 -50.13 -32.85
CA VAL F 175 46.45 -50.79 -34.02
C VAL F 175 45.13 -50.13 -34.41
N ALA F 176 44.28 -49.80 -33.44
CA ALA F 176 42.95 -49.23 -33.68
C ALA F 176 42.97 -47.83 -34.32
N ASP F 177 44.09 -47.12 -34.29
CA ASP F 177 44.23 -45.79 -34.88
C ASP F 177 43.88 -45.77 -36.38
N VAL F 178 44.33 -46.79 -37.13
CA VAL F 178 44.07 -46.93 -38.57
C VAL F 178 43.31 -48.22 -38.91
N TYR F 179 43.52 -49.30 -38.14
CA TYR F 179 42.98 -50.63 -38.41
C TYR F 179 41.93 -51.03 -37.38
N ASP F 180 41.53 -52.30 -37.34
CA ASP F 180 40.58 -52.82 -36.35
C ASP F 180 41.18 -54.06 -35.66
N PRO F 181 41.81 -53.95 -34.49
CA PRO F 181 42.41 -55.10 -33.82
C PRO F 181 41.35 -56.11 -33.41
N SER F 182 41.64 -57.40 -33.54
CA SER F 182 40.64 -58.44 -33.23
C SER F 182 41.22 -59.70 -32.58
N HIS F 183 42.51 -59.96 -32.74
CA HIS F 183 43.17 -61.14 -32.20
C HIS F 183 44.40 -60.74 -31.40
N LEU F 184 44.64 -61.48 -30.32
CA LEU F 184 45.85 -61.41 -29.52
C LEU F 184 46.59 -62.74 -29.70
N LEU F 185 47.77 -62.72 -30.28
CA LEU F 185 48.61 -63.89 -30.48
C LEU F 185 49.56 -64.01 -29.27
N GLY F 186 49.85 -65.21 -28.81
CA GLY F 186 50.81 -65.41 -27.72
C GLY F 186 51.13 -66.87 -27.45
N TYR F 187 51.78 -67.14 -26.33
CA TYR F 187 51.98 -68.49 -25.80
C TYR F 187 51.01 -68.78 -24.66
N SER F 188 50.62 -70.04 -24.51
CA SER F 188 49.53 -70.47 -23.63
C SER F 188 49.78 -70.20 -22.14
N GLY F 189 48.75 -70.41 -21.32
CA GLY F 189 48.79 -70.10 -19.89
C GLY F 189 48.63 -68.62 -19.57
N LEU F 190 48.03 -67.84 -20.47
CA LEU F 190 47.85 -66.40 -20.29
C LEU F 190 46.97 -66.06 -19.09
N ARG F 191 45.96 -66.89 -18.76
CA ARG F 191 45.12 -66.72 -17.56
C ARG F 191 45.94 -66.60 -16.29
N TYR F 192 47.00 -67.40 -16.13
CA TYR F 192 47.84 -67.36 -14.94
C TYR F 192 48.75 -66.15 -14.88
N ARG F 193 48.96 -65.44 -16.00
CA ARG F 193 49.76 -64.22 -16.08
C ARG F 193 48.90 -62.95 -15.92
N LEU F 194 47.64 -62.98 -16.32
CA LEU F 194 46.66 -61.90 -16.10
C LEU F 194 46.14 -61.89 -14.67
N ALA F 195 45.73 -63.04 -14.14
CA ALA F 195 45.74 -63.24 -12.70
C ALA F 195 47.17 -62.99 -12.18
N ASN F 196 47.35 -62.68 -10.90
CA ASN F 196 48.68 -62.41 -10.35
C ASN F 196 49.39 -61.16 -10.91
N GLN F 197 48.72 -60.30 -11.68
CA GLN F 197 49.13 -58.90 -11.87
C GLN F 197 48.85 -58.11 -10.59
N ARG F 198 49.86 -57.52 -9.96
CA ARG F 198 49.71 -56.80 -8.68
C ARG F 198 49.96 -55.30 -8.79
N ASP F 199 49.17 -54.52 -8.07
CA ASP F 199 49.39 -53.10 -7.86
C ASP F 199 50.59 -52.84 -6.93
N ALA F 200 50.94 -51.58 -6.68
CA ALA F 200 52.12 -51.23 -5.89
C ALA F 200 52.03 -51.64 -4.41
N ASN F 201 50.86 -52.03 -3.90
CA ASN F 201 50.67 -52.58 -2.55
C ASN F 201 50.57 -54.11 -2.54
N GLY F 202 50.60 -54.76 -3.69
CA GLY F 202 50.46 -56.22 -3.80
C GLY F 202 49.03 -56.70 -4.01
N GLN F 203 48.03 -55.82 -4.06
CA GLN F 203 46.66 -56.24 -4.39
C GLN F 203 46.55 -56.56 -5.88
N PRO F 204 45.68 -57.46 -6.32
CA PRO F 204 45.46 -57.68 -7.74
C PRO F 204 44.95 -56.45 -8.49
N LEU F 205 45.40 -56.25 -9.73
CA LEU F 205 44.86 -55.28 -10.70
C LEU F 205 43.73 -55.85 -11.55
N PHE F 206 43.77 -57.14 -11.85
CA PHE F 206 42.99 -57.70 -12.94
C PHE F 206 41.55 -58.02 -12.52
N GLN F 207 41.35 -58.72 -11.42
CA GLN F 207 40.07 -59.01 -10.79
C GLN F 207 40.16 -58.65 -9.30
N PRO F 208 39.08 -58.66 -8.51
CA PRO F 208 39.10 -58.05 -7.18
C PRO F 208 40.11 -58.63 -6.19
N TYR F 209 40.14 -59.94 -6.04
CA TYR F 209 40.99 -60.63 -5.04
C TYR F 209 41.52 -61.95 -5.61
N MET F 210 42.58 -62.50 -5.02
CA MET F 210 43.20 -63.76 -5.47
C MET F 210 42.34 -65.02 -5.28
N GLN F 211 41.11 -64.91 -4.82
CA GLN F 211 40.31 -66.02 -4.30
C GLN F 211 39.84 -67.02 -5.37
N GLY F 212 39.22 -66.55 -6.45
CA GLY F 212 38.77 -67.37 -7.59
C GLY F 212 39.60 -67.08 -8.84
N THR F 213 40.91 -66.92 -8.66
CA THR F 213 41.68 -66.06 -9.55
C THR F 213 41.92 -66.53 -10.99
N PRO F 214 42.05 -67.82 -11.36
CA PRO F 214 42.29 -68.17 -12.76
C PRO F 214 40.99 -68.06 -13.55
N GLY F 215 40.83 -66.99 -14.31
CA GLY F 215 39.72 -66.82 -15.24
C GLY F 215 39.91 -67.61 -16.53
N SER F 216 38.96 -67.49 -17.46
CA SER F 216 39.19 -67.89 -18.85
C SER F 216 40.13 -66.91 -19.57
N ASP F 217 40.80 -67.37 -20.62
CA ASP F 217 41.67 -66.56 -21.49
C ASP F 217 41.34 -66.74 -22.97
N GLY F 218 40.11 -67.14 -23.32
CA GLY F 218 39.63 -67.20 -24.71
C GLY F 218 39.42 -65.82 -25.32
N MET F 219 38.91 -64.88 -24.54
CA MET F 219 38.88 -63.44 -24.81
C MET F 219 39.74 -62.72 -23.79
N VAL F 220 40.54 -61.75 -24.22
CA VAL F 220 41.31 -60.87 -23.32
C VAL F 220 41.20 -59.45 -23.84
N HIS F 221 40.72 -58.51 -23.02
CA HIS F 221 40.55 -57.11 -23.41
C HIS F 221 39.80 -56.94 -24.74
N GLY F 222 38.78 -57.77 -24.99
CA GLY F 222 37.99 -57.74 -26.21
C GLY F 222 38.63 -58.40 -27.44
N LEU F 223 39.82 -58.98 -27.32
CA LEU F 223 40.55 -59.65 -28.39
C LEU F 223 40.47 -61.17 -28.24
N ASN F 224 40.23 -61.89 -29.33
CA ASN F 224 40.28 -63.34 -29.34
C ASN F 224 41.72 -63.83 -29.22
N THR F 225 42.03 -64.72 -28.29
CA THR F 225 43.39 -65.24 -28.16
C THR F 225 43.69 -66.35 -29.14
N VAL F 226 44.95 -66.42 -29.61
CA VAL F 226 45.49 -67.53 -30.39
C VAL F 226 46.80 -67.95 -29.78
N PHE F 227 46.97 -69.22 -29.46
CA PHE F 227 48.18 -69.72 -28.79
C PHE F 227 49.06 -70.55 -29.71
N PHE F 228 50.34 -70.24 -29.72
CA PHE F 228 51.36 -70.85 -30.57
C PHE F 228 52.33 -71.69 -29.75
N SER F 229 52.64 -72.90 -30.22
CA SER F 229 53.50 -73.85 -29.50
C SER F 229 54.22 -74.82 -30.43
N GLY F 230 55.29 -75.41 -29.91
CA GLY F 230 56.15 -76.34 -30.62
C GLY F 230 57.47 -75.72 -31.04
N ASN F 231 58.25 -76.48 -31.80
CA ASN F 231 59.57 -76.09 -32.25
C ASN F 231 59.69 -76.20 -33.78
N VAL F 232 60.78 -75.67 -34.30
CA VAL F 232 61.17 -75.65 -35.71
C VAL F 232 62.69 -75.84 -35.81
N ASP F 233 63.18 -76.20 -36.99
CA ASP F 233 64.61 -76.31 -37.29
C ASP F 233 65.38 -75.05 -36.88
N ASP F 234 66.44 -75.19 -36.09
CA ASP F 234 67.30 -74.07 -35.71
C ASP F 234 68.47 -73.82 -36.70
N GLY F 235 68.60 -74.62 -37.77
CA GLY F 235 69.68 -74.56 -38.74
C GLY F 235 70.97 -75.28 -38.31
N SER F 236 70.98 -75.96 -37.16
CA SER F 236 72.12 -76.68 -36.58
C SER F 236 71.74 -78.04 -36.00
N ASN F 237 70.66 -78.65 -36.51
CA ASN F 237 70.09 -79.91 -36.05
C ASN F 237 69.61 -79.93 -34.59
N GLY F 238 69.34 -78.77 -34.00
CA GLY F 238 68.64 -78.61 -32.72
C GLY F 238 67.16 -78.27 -32.91
N ASP F 239 66.60 -77.54 -31.94
CA ASP F 239 65.25 -76.98 -31.96
C ASP F 239 65.28 -75.49 -31.60
N ALA F 240 64.45 -74.70 -32.26
CA ALA F 240 64.11 -73.34 -31.86
C ALA F 240 62.58 -73.26 -31.68
N PRO F 241 62.04 -72.51 -30.71
CA PRO F 241 60.61 -72.45 -30.48
C PRO F 241 59.88 -71.66 -31.56
N VAL F 242 58.62 -72.02 -31.86
CA VAL F 242 57.77 -71.26 -32.79
C VAL F 242 57.55 -69.84 -32.31
N TRP F 243 57.32 -69.65 -31.00
CA TRP F 243 57.20 -68.34 -30.37
C TRP F 243 58.40 -68.09 -29.47
N ASP F 244 59.19 -67.04 -29.70
CA ASP F 244 60.31 -66.72 -28.82
C ASP F 244 59.90 -65.83 -27.66
N ARG F 245 59.70 -66.45 -26.48
CA ARG F 245 59.22 -65.77 -25.28
C ARG F 245 60.18 -64.69 -24.77
N ASP F 246 61.43 -64.70 -25.19
CA ASP F 246 62.38 -63.66 -24.80
C ASP F 246 62.28 -62.39 -25.65
N VAL F 247 61.59 -62.42 -26.79
CA VAL F 247 61.44 -61.23 -27.65
C VAL F 247 60.03 -60.64 -27.65
N ALA F 248 58.99 -61.44 -27.44
CA ALA F 248 57.62 -60.96 -27.37
C ALA F 248 56.79 -61.71 -26.34
N SER F 249 55.96 -60.99 -25.60
CA SER F 249 54.95 -61.52 -24.69
C SER F 249 53.65 -61.85 -25.43
N ALA F 250 53.22 -60.96 -26.33
CA ALA F 250 52.03 -61.12 -27.15
C ALA F 250 52.06 -60.16 -28.35
N ILE F 251 51.21 -60.39 -29.34
CA ILE F 251 51.06 -59.55 -30.52
C ILE F 251 49.59 -59.23 -30.71
N VAL F 252 49.24 -57.98 -30.98
CA VAL F 252 47.88 -57.54 -31.33
C VAL F 252 47.83 -57.32 -32.84
N VAL F 253 46.83 -57.87 -33.52
CA VAL F 253 46.72 -57.79 -34.98
C VAL F 253 45.28 -57.59 -35.46
N ASP F 254 45.11 -56.83 -36.54
CA ASP F 254 43.90 -56.87 -37.37
C ASP F 254 43.98 -58.04 -38.34
N ARG F 255 43.25 -59.11 -38.04
CA ARG F 255 43.23 -60.36 -38.82
C ARG F 255 43.01 -60.14 -40.31
N SER F 256 42.23 -59.13 -40.71
CA SER F 256 41.84 -58.90 -42.10
C SER F 256 42.98 -58.39 -42.98
N ARG F 257 44.07 -57.90 -42.37
CA ARG F 257 45.22 -57.32 -43.09
C ARG F 257 46.31 -58.31 -43.44
N VAL F 258 46.23 -59.55 -42.96
CA VAL F 258 47.11 -60.64 -43.35
C VAL F 258 46.41 -61.43 -44.45
N VAL F 259 47.14 -61.88 -45.47
CA VAL F 259 46.66 -62.93 -46.37
C VAL F 259 47.72 -64.01 -46.49
N ILE F 260 47.30 -65.26 -46.33
CA ILE F 260 48.14 -66.44 -46.53
C ILE F 260 47.76 -67.01 -47.88
N GLY F 261 48.72 -67.09 -48.80
CA GLY F 261 48.53 -67.73 -50.09
C GLY F 261 48.87 -69.20 -50.01
N VAL F 262 47.95 -70.08 -50.36
CA VAL F 262 48.23 -71.52 -50.49
C VAL F 262 48.33 -71.85 -51.96
N ARG F 263 49.55 -72.09 -52.45
CA ARG F 263 49.81 -72.43 -53.85
C ARG F 263 49.64 -73.92 -54.12
N GLN F 264 50.10 -74.75 -53.20
CA GLN F 264 49.92 -76.19 -53.19
C GLN F 264 49.80 -76.63 -51.74
N ASP F 265 48.75 -77.37 -51.40
CA ASP F 265 48.56 -77.93 -50.06
C ASP F 265 49.62 -79.01 -49.75
N ILE F 266 49.64 -79.54 -48.52
CA ILE F 266 50.53 -80.67 -48.20
C ILE F 266 50.21 -81.85 -49.11
N THR F 267 51.19 -82.32 -49.88
CA THR F 267 51.09 -83.53 -50.70
C THR F 267 52.18 -84.52 -50.29
N VAL F 268 51.86 -85.81 -50.33
CA VAL F 268 52.75 -86.90 -49.95
C VAL F 268 53.08 -87.76 -51.15
N LYS F 269 54.37 -87.98 -51.43
CA LYS F 269 54.82 -89.00 -52.38
C LYS F 269 55.51 -90.13 -51.64
N TYR F 270 55.08 -91.36 -51.86
CA TYR F 270 55.76 -92.56 -51.40
C TYR F 270 56.87 -92.98 -52.37
N LEU F 271 58.07 -93.23 -51.87
CA LEU F 271 59.27 -93.53 -52.65
C LEU F 271 59.80 -94.94 -52.36
N ASP F 272 59.83 -95.81 -53.36
CA ASP F 272 60.52 -97.11 -53.34
C ASP F 272 61.99 -97.05 -53.75
N GLN F 273 62.33 -96.25 -54.78
CA GLN F 273 63.56 -96.45 -55.55
C GLN F 273 64.55 -95.29 -55.52
N ALA F 274 64.14 -94.11 -55.07
CA ALA F 274 64.96 -92.92 -55.08
C ALA F 274 66.24 -93.06 -54.27
N THR F 275 67.23 -92.20 -54.50
CA THR F 275 68.33 -91.98 -53.57
C THR F 275 68.04 -90.69 -52.81
N VAL F 276 67.95 -90.76 -51.47
CA VAL F 276 67.55 -89.62 -50.62
C VAL F 276 68.53 -89.45 -49.48
N GLY F 277 69.07 -88.26 -49.27
CA GLY F 277 70.07 -88.03 -48.21
C GLY F 277 71.29 -88.97 -48.27
N GLY F 278 71.65 -89.48 -49.45
CA GLY F 278 72.72 -90.45 -49.65
C GLY F 278 72.31 -91.93 -49.48
N ILE F 279 71.05 -92.21 -49.16
CA ILE F 279 70.53 -93.57 -48.99
C ILE F 279 69.92 -94.03 -50.31
N ASN F 280 70.48 -95.05 -50.96
CA ASN F 280 69.85 -95.70 -52.10
C ASN F 280 68.71 -96.60 -51.61
N LEU F 281 67.45 -96.20 -51.77
CA LEU F 281 66.37 -96.89 -51.05
C LEU F 281 66.21 -98.35 -51.45
N ALA F 282 66.19 -98.67 -52.75
CA ALA F 282 65.93 -100.03 -53.21
C ALA F 282 67.09 -100.99 -52.94
N GLU F 283 68.33 -100.51 -53.06
CA GLU F 283 69.54 -101.28 -52.74
C GLU F 283 69.58 -101.71 -51.27
N ARG F 284 68.90 -100.99 -50.38
CA ARG F 284 68.94 -101.18 -48.93
C ARG F 284 67.61 -101.62 -48.33
N ASP F 285 66.65 -102.03 -49.14
CA ASP F 285 65.31 -102.49 -48.72
C ASP F 285 64.56 -101.46 -47.86
N MET F 286 64.80 -100.17 -48.11
CA MET F 286 64.15 -99.04 -47.47
C MET F 286 63.08 -98.43 -48.36
N VAL F 287 62.25 -97.58 -47.78
CA VAL F 287 61.27 -96.72 -48.45
C VAL F 287 61.32 -95.35 -47.82
N ALA F 288 60.68 -94.36 -48.42
CA ALA F 288 60.51 -93.06 -47.80
C ALA F 288 59.16 -92.43 -48.13
N LEU F 289 58.71 -91.51 -47.30
CA LEU F 289 57.65 -90.57 -47.63
C LEU F 289 58.29 -89.20 -47.82
N ARG F 290 57.95 -88.51 -48.91
CA ARG F 290 58.31 -87.12 -49.18
C ARG F 290 57.07 -86.26 -49.00
N PHE F 291 57.17 -85.21 -48.19
CA PHE F 291 56.13 -84.24 -47.96
C PHE F 291 56.54 -82.91 -48.52
N CYS F 292 55.63 -82.18 -49.16
CA CYS F 292 55.85 -80.78 -49.47
C CYS F 292 54.54 -79.99 -49.59
N GLY F 293 54.64 -78.68 -49.42
CA GLY F 293 53.58 -77.71 -49.66
C GLY F 293 54.17 -76.37 -50.04
N ARG F 294 53.38 -75.50 -50.68
CA ARG F 294 53.85 -74.20 -51.17
C ARG F 294 52.98 -73.06 -50.64
N PHE F 295 53.61 -72.08 -50.01
CA PHE F 295 52.94 -71.04 -49.25
C PHE F 295 53.51 -69.67 -49.53
N ALA F 296 52.67 -68.64 -49.42
CA ALA F 296 53.01 -67.24 -49.55
C ALA F 296 52.37 -66.44 -48.44
N TYR F 297 52.90 -65.27 -48.12
CA TYR F 297 52.35 -64.37 -47.11
C TYR F 297 52.51 -62.91 -47.52
N ALA F 298 51.47 -62.10 -47.35
CA ALA F 298 51.50 -60.67 -47.59
C ALA F 298 50.77 -59.89 -46.50
N LEU F 299 51.31 -58.73 -46.11
CA LEU F 299 50.74 -57.86 -45.09
C LEU F 299 50.28 -56.53 -45.69
N GLY F 300 49.00 -56.20 -45.58
CA GLY F 300 48.41 -54.97 -46.09
C GLY F 300 48.67 -53.77 -45.18
N ASP F 301 49.92 -53.34 -45.05
CA ASP F 301 50.36 -52.56 -43.90
C ASP F 301 50.29 -51.03 -44.00
N ASN F 302 50.28 -50.42 -45.18
CA ASN F 302 50.37 -48.97 -45.34
C ASN F 302 49.12 -48.39 -46.03
N ILE F 303 47.98 -48.38 -45.33
CA ILE F 303 46.78 -47.66 -45.78
C ILE F 303 47.10 -46.16 -45.99
N ALA F 304 46.63 -45.58 -47.09
CA ALA F 304 46.89 -44.19 -47.48
C ALA F 304 46.22 -43.17 -46.56
N GLN F 305 46.86 -42.02 -46.36
CA GLN F 305 46.44 -41.00 -45.38
C GLN F 305 46.30 -39.58 -45.95
N GLY F 306 46.97 -39.25 -47.06
CA GLY F 306 46.97 -37.89 -47.60
C GLY F 306 47.80 -37.75 -48.88
N ARG F 307 48.47 -36.62 -49.06
CA ARG F 307 49.32 -36.37 -50.23
C ARG F 307 50.65 -37.08 -50.14
N VAL F 308 51.19 -37.30 -48.95
CA VAL F 308 52.44 -38.05 -48.74
C VAL F 308 52.14 -39.54 -48.54
N ALA F 309 53.03 -40.43 -48.96
CA ALA F 309 52.87 -41.87 -48.74
C ALA F 309 52.93 -42.22 -47.25
N ALA F 310 51.98 -43.03 -46.78
CA ALA F 310 51.81 -43.37 -45.37
C ALA F 310 52.81 -44.42 -44.86
N GLU F 311 52.95 -44.50 -43.54
CA GLU F 311 53.71 -45.55 -42.83
C GLU F 311 52.92 -45.97 -41.59
N ASN F 312 52.36 -47.18 -41.60
CA ASN F 312 51.55 -47.75 -40.54
C ASN F 312 51.92 -49.23 -40.32
N SER F 313 51.36 -49.87 -39.30
CA SER F 313 51.35 -51.32 -39.16
C SER F 313 50.00 -51.75 -38.61
N PRO F 314 49.39 -52.83 -39.10
CA PRO F 314 48.18 -53.42 -38.51
C PRO F 314 48.52 -54.36 -37.35
N VAL F 315 49.72 -54.23 -36.79
CA VAL F 315 50.32 -55.14 -35.82
C VAL F 315 51.05 -54.33 -34.76
N ALA F 316 50.83 -54.63 -33.49
CA ALA F 316 51.60 -54.09 -32.37
C ALA F 316 52.11 -55.21 -31.46
N VAL F 317 53.28 -55.05 -30.85
CA VAL F 317 53.94 -56.07 -30.03
C VAL F 317 54.01 -55.64 -28.58
N ILE F 318 53.73 -56.54 -27.65
CA ILE F 318 54.07 -56.37 -26.24
C ILE F 318 55.35 -57.16 -25.98
N THR F 319 56.37 -56.55 -25.39
CA THR F 319 57.66 -57.22 -25.11
C THR F 319 57.91 -57.34 -23.62
N PRO F 320 58.56 -58.43 -23.17
CA PRO F 320 58.74 -58.70 -21.74
C PRO F 320 59.69 -57.71 -21.06
N TYR F 321 59.61 -57.62 -19.74
CA TYR F 321 60.51 -56.78 -18.95
C TYR F 321 61.94 -57.31 -19.01
N ALA F 322 62.84 -56.57 -19.66
CA ALA F 322 64.22 -56.99 -19.89
C ALA F 322 65.23 -56.46 -18.85
N GLY F 323 64.87 -55.43 -18.09
CA GLY F 323 65.79 -54.76 -17.17
C GLY F 323 66.14 -55.54 -15.90
N SER F 324 67.07 -54.97 -15.11
CA SER F 324 67.51 -55.38 -13.76
C SER F 324 67.77 -56.89 -13.60
N ALA G 2 -41.22 63.65 -24.78
CA ALA G 2 -40.31 62.52 -24.64
C ALA G 2 -40.79 61.23 -25.31
N ASP G 3 -39.87 60.35 -25.70
CA ASP G 3 -40.15 59.09 -26.40
C ASP G 3 -39.24 57.96 -25.91
N THR G 4 -39.65 56.71 -26.20
CA THR G 4 -38.83 55.50 -25.89
C THR G 4 -37.83 55.34 -27.05
N ASN G 5 -36.56 55.71 -26.84
CA ASN G 5 -35.49 55.58 -27.83
C ASN G 5 -35.10 54.12 -28.05
N ARG G 6 -34.30 53.85 -29.10
CA ARG G 6 -33.58 52.59 -29.24
C ARG G 6 -32.71 52.29 -28.03
N THR G 7 -31.97 53.28 -27.53
CA THR G 7 -31.33 53.18 -26.21
C THR G 7 -32.12 52.92 -24.91
N ASP G 8 -33.45 52.96 -24.96
CA ASP G 8 -34.34 52.64 -23.86
C ASP G 8 -34.97 51.27 -24.04
N ALA G 9 -35.23 50.85 -25.27
CA ALA G 9 -35.68 49.52 -25.62
C ALA G 9 -34.52 48.51 -25.75
N ALA G 10 -33.26 48.97 -25.70
CA ALA G 10 -32.05 48.22 -26.05
C ALA G 10 -31.98 46.80 -25.49
N ALA G 11 -32.31 46.58 -24.22
CA ALA G 11 -32.26 45.25 -23.61
C ALA G 11 -33.21 44.24 -24.28
N LEU G 12 -34.28 44.71 -24.91
CA LEU G 12 -35.12 43.90 -25.80
C LEU G 12 -34.70 43.64 -27.26
N ILE G 13 -33.54 44.14 -27.68
CA ILE G 13 -33.02 44.06 -29.04
C ILE G 13 -31.82 43.17 -29.40
N GLN G 14 -32.14 41.91 -29.62
CA GLN G 14 -31.16 40.86 -29.87
C GLN G 14 -30.54 40.99 -31.27
N GLU G 15 -29.24 40.70 -31.42
CA GLU G 15 -28.60 40.52 -32.73
C GLU G 15 -28.80 39.10 -33.26
N ALA G 16 -28.77 38.92 -34.57
CA ALA G 16 -28.81 37.62 -35.22
C ALA G 16 -27.41 37.09 -35.56
N TYR G 17 -27.32 35.81 -35.94
CA TYR G 17 -26.09 35.18 -36.41
C TYR G 17 -26.34 34.45 -37.73
N SER G 18 -25.40 34.57 -38.66
CA SER G 18 -25.40 33.82 -39.90
C SER G 18 -24.15 33.10 -40.43
N ASP G 19 -24.35 31.83 -40.79
CA ASP G 19 -23.27 31.02 -41.36
C ASP G 19 -22.76 31.22 -42.79
N VAL G 20 -23.23 32.26 -43.47
CA VAL G 20 -23.07 32.43 -44.93
C VAL G 20 -21.62 32.45 -45.38
N PHE G 21 -20.73 33.10 -44.61
CA PHE G 21 -19.31 33.20 -44.90
C PHE G 21 -18.44 32.27 -44.03
N LEU G 22 -19.04 31.38 -43.23
CA LEU G 22 -18.30 30.47 -42.38
C LEU G 22 -18.05 29.15 -43.11
N ASP G 23 -16.78 28.84 -43.32
CA ASP G 23 -16.29 27.61 -43.95
C ASP G 23 -15.19 26.98 -43.11
N SER G 24 -15.16 25.66 -43.03
CA SER G 24 -13.99 24.92 -42.54
C SER G 24 -12.82 25.04 -43.53
N VAL G 25 -11.58 24.81 -43.09
CA VAL G 25 -10.44 24.79 -44.03
C VAL G 25 -10.60 23.69 -45.09
N SER G 26 -10.08 23.94 -46.29
CA SER G 26 -10.12 23.01 -47.42
C SER G 26 -8.81 22.25 -47.57
N GLU G 27 -8.86 20.94 -47.83
CA GLU G 27 -7.68 20.17 -48.22
C GLU G 27 -7.26 20.52 -49.66
N THR G 28 -6.15 21.24 -49.83
CA THR G 28 -5.61 21.67 -51.12
C THR G 28 -4.50 20.79 -51.68
N ALA G 29 -3.96 19.84 -50.89
CA ALA G 29 -2.76 19.11 -51.25
C ALA G 29 -2.96 18.13 -52.42
N LYS G 30 -1.98 18.02 -53.32
CA LYS G 30 -2.12 17.22 -54.55
C LYS G 30 -1.15 16.06 -54.71
N VAL G 31 0.05 16.04 -54.13
CA VAL G 31 1.07 15.07 -54.59
C VAL G 31 0.66 13.61 -54.40
N ILE G 32 -0.03 13.28 -53.32
CA ILE G 32 -0.58 11.93 -53.08
C ILE G 32 -1.64 11.54 -54.12
N GLY G 33 -2.36 12.51 -54.68
CA GLY G 33 -3.37 12.29 -55.72
C GLY G 33 -2.78 12.17 -57.12
N THR G 34 -1.83 13.04 -57.48
CA THR G 34 -1.23 13.01 -58.82
C THR G 34 -0.19 11.90 -58.98
N PHE G 35 0.80 11.75 -58.10
CA PHE G 35 1.92 10.83 -58.32
C PHE G 35 1.68 9.39 -57.83
N PRO G 36 2.38 8.39 -58.38
CA PRO G 36 2.34 7.01 -57.88
C PRO G 36 2.68 6.87 -56.40
N VAL G 37 1.85 6.15 -55.65
CA VAL G 37 2.02 5.91 -54.22
C VAL G 37 2.45 4.47 -53.93
N TYR G 38 3.48 4.30 -53.12
CA TYR G 38 3.96 3.02 -52.62
C TYR G 38 3.79 2.92 -51.11
N ASN G 39 3.08 1.92 -50.61
CA ASN G 39 2.92 1.71 -49.17
C ASN G 39 4.15 1.04 -48.57
N MET G 40 4.91 1.75 -47.76
CA MET G 40 6.14 1.24 -47.14
C MET G 40 5.86 0.44 -45.86
N GLY G 41 6.61 -0.64 -45.62
CA GLY G 41 6.52 -1.46 -44.41
C GLY G 41 7.61 -1.20 -43.36
N THR G 42 8.58 -0.35 -43.64
CA THR G 42 9.75 -0.04 -42.78
C THR G 42 10.35 1.30 -43.18
N LYS G 43 11.28 1.89 -42.41
CA LYS G 43 11.79 3.25 -42.68
C LYS G 43 12.42 3.39 -44.06
N THR G 44 13.14 2.37 -44.54
CA THR G 44 13.95 2.48 -45.76
C THR G 44 13.60 1.39 -46.75
N THR G 45 13.55 1.75 -48.03
CA THR G 45 13.37 0.82 -49.15
C THR G 45 14.44 1.06 -50.19
N ASN G 46 15.01 0.00 -50.75
CA ASN G 46 16.03 0.04 -51.79
C ASN G 46 15.41 -0.16 -53.17
N LEU G 47 15.85 0.64 -54.14
CA LEU G 47 15.40 0.68 -55.51
C LEU G 47 16.61 0.44 -56.43
N PRO G 48 16.89 -0.79 -56.86
CA PRO G 48 17.97 -1.05 -57.81
C PRO G 48 17.64 -0.47 -59.19
N VAL G 49 18.65 0.03 -59.89
CA VAL G 49 18.56 0.60 -61.24
C VAL G 49 19.76 0.18 -62.06
N LEU G 50 19.61 0.01 -63.37
CA LEU G 50 20.74 -0.18 -64.26
C LEU G 50 21.55 1.12 -64.35
N SER G 51 22.87 1.04 -64.22
CA SER G 51 23.75 2.20 -64.21
C SER G 51 24.53 2.34 -65.51
N THR G 52 25.13 1.26 -66.01
CA THR G 52 25.88 1.25 -67.28
C THR G 52 25.79 -0.10 -67.97
N PHE G 53 26.01 -0.12 -69.28
CA PHE G 53 25.97 -1.30 -70.12
C PHE G 53 27.04 -1.24 -71.22
N PRO G 54 27.44 -2.38 -71.82
CA PRO G 54 28.59 -2.43 -72.72
C PRO G 54 28.29 -2.01 -74.16
N HIS G 55 29.36 -1.83 -74.95
CA HIS G 55 29.34 -1.58 -76.40
C HIS G 55 30.13 -2.62 -77.19
N ALA G 56 29.68 -2.96 -78.39
CA ALA G 56 30.43 -3.78 -79.36
C ALA G 56 31.60 -3.03 -80.01
N LYS G 57 32.50 -3.75 -80.68
CA LYS G 57 33.60 -3.17 -81.47
C LYS G 57 33.80 -3.87 -82.81
N TRP G 58 34.50 -3.23 -83.76
CA TRP G 58 34.80 -3.83 -85.10
C TRP G 58 36.03 -4.75 -85.00
N VAL G 59 35.84 -6.06 -84.75
CA VAL G 59 36.95 -7.06 -84.63
C VAL G 59 37.50 -7.41 -86.01
N GLY G 60 38.74 -7.91 -86.10
CA GLY G 60 39.41 -8.32 -87.35
C GLY G 60 39.38 -9.83 -87.54
N GLU G 61 40.41 -10.45 -88.14
CA GLU G 61 40.31 -11.92 -88.40
C GLU G 61 41.58 -12.77 -88.09
N SER G 62 42.69 -12.24 -87.59
CA SER G 62 43.92 -13.01 -87.40
C SER G 62 43.85 -14.03 -86.26
N ALA G 63 44.52 -15.17 -86.42
CA ALA G 63 44.82 -16.10 -85.33
C ALA G 63 46.01 -15.69 -84.46
N THR G 64 46.77 -14.64 -84.82
CA THR G 64 47.96 -14.20 -84.08
C THR G 64 48.08 -12.70 -83.86
N ALA G 65 47.55 -11.85 -84.75
CA ALA G 65 47.64 -10.39 -84.60
C ALA G 65 46.67 -9.85 -83.54
N PRO G 66 46.99 -8.73 -82.86
CA PRO G 66 46.18 -8.21 -81.75
C PRO G 66 44.73 -7.94 -82.13
N GLU G 67 44.47 -7.37 -83.32
CA GLU G 67 43.10 -7.19 -83.77
C GLU G 67 42.13 -8.34 -84.07
N GLY G 68 42.55 -9.60 -83.97
CA GLY G 68 41.67 -10.75 -84.16
C GLY G 68 40.85 -11.10 -82.93
N VAL G 69 41.27 -10.65 -81.74
CA VAL G 69 40.62 -11.00 -80.47
C VAL G 69 39.33 -10.22 -80.28
N LYS G 70 38.25 -10.92 -79.92
CA LYS G 70 37.03 -10.27 -79.40
C LYS G 70 37.08 -9.66 -77.98
N PRO G 71 36.69 -8.38 -77.85
CA PRO G 71 36.88 -7.64 -76.61
C PRO G 71 35.87 -8.03 -75.54
N THR G 72 36.32 -8.16 -74.30
CA THR G 72 35.45 -8.39 -73.12
C THR G 72 34.90 -7.08 -72.57
N ALA G 73 33.70 -7.11 -71.99
CA ALA G 73 32.98 -5.92 -71.51
C ALA G 73 32.03 -6.20 -70.34
N LYS G 74 31.53 -5.13 -69.71
CA LYS G 74 31.00 -5.09 -68.32
C LYS G 74 29.70 -4.29 -68.22
N ALA G 75 28.71 -4.82 -67.49
CA ALA G 75 27.50 -4.09 -67.07
C ALA G 75 27.59 -3.65 -65.61
N THR G 76 26.75 -2.72 -65.15
CA THR G 76 26.75 -2.26 -63.75
C THR G 76 25.40 -1.73 -63.32
N TRP G 77 25.05 -1.93 -62.05
CA TRP G 77 23.83 -1.44 -61.42
C TRP G 77 24.15 -0.51 -60.26
N ALA G 78 23.18 0.32 -59.88
CA ALA G 78 23.26 1.24 -58.77
C ALA G 78 21.96 1.18 -57.95
N ASN G 79 21.92 1.88 -56.84
CA ASN G 79 20.81 1.86 -55.90
C ASN G 79 20.30 3.27 -55.58
N LYS G 80 18.97 3.43 -55.54
CA LYS G 80 18.24 4.60 -55.03
C LYS G 80 17.43 4.20 -53.81
N THR G 81 17.10 5.13 -52.91
CA THR G 81 16.38 4.79 -51.67
C THR G 81 15.21 5.70 -51.39
N LEU G 82 14.09 5.12 -50.94
CA LEU G 82 13.08 5.83 -50.15
C LEU G 82 13.49 5.82 -48.68
N VAL G 83 13.38 6.95 -47.98
CA VAL G 83 13.55 7.03 -46.51
C VAL G 83 12.38 7.78 -45.91
N ALA G 84 11.59 7.14 -45.05
CA ALA G 84 10.44 7.77 -44.43
C ALA G 84 10.85 8.79 -43.36
N GLU G 85 10.21 9.95 -43.37
CA GLU G 85 10.39 11.06 -42.44
C GLU G 85 9.03 11.59 -42.01
N GLU G 86 8.95 12.28 -40.88
CA GLU G 86 7.69 12.56 -40.19
C GLU G 86 7.24 14.02 -40.27
N LEU G 87 5.98 14.25 -40.64
CA LEU G 87 5.31 15.54 -40.55
C LEU G 87 4.33 15.52 -39.38
N ALA G 88 4.28 16.59 -38.58
CA ALA G 88 3.41 16.63 -37.41
C ALA G 88 2.99 18.02 -36.93
N VAL G 89 1.91 18.08 -36.16
CA VAL G 89 1.47 19.27 -35.41
C VAL G 89 0.66 18.88 -34.17
N ILE G 90 0.69 19.69 -33.12
CA ILE G 90 -0.18 19.58 -31.95
C ILE G 90 -1.05 20.83 -31.85
N LEU G 91 -2.36 20.67 -31.68
CA LEU G 91 -3.33 21.76 -31.58
C LEU G 91 -3.98 21.83 -30.20
N PRO G 92 -3.40 22.55 -29.21
CA PRO G 92 -3.96 22.65 -27.87
C PRO G 92 -5.12 23.66 -27.81
N ILE G 93 -6.18 23.32 -27.08
CA ILE G 93 -7.36 24.15 -26.88
C ILE G 93 -7.92 23.96 -25.47
N HIS G 94 -8.43 25.02 -24.85
CA HIS G 94 -8.97 24.98 -23.49
C HIS G 94 -10.39 24.39 -23.45
N GLU G 95 -10.67 23.54 -22.46
CA GLU G 95 -11.91 22.76 -22.35
C GLU G 95 -13.18 23.60 -22.23
N ASN G 96 -13.16 24.72 -21.53
CA ASN G 96 -14.31 25.64 -21.47
C ASN G 96 -14.65 26.25 -22.83
N VAL G 97 -13.64 26.71 -23.58
CA VAL G 97 -13.83 27.27 -24.93
C VAL G 97 -14.44 26.24 -25.84
N LEU G 98 -13.96 25.01 -25.74
CA LEU G 98 -14.50 23.88 -26.48
C LEU G 98 -15.98 23.65 -26.18
N ALA G 99 -16.41 23.84 -24.94
CA ALA G 99 -17.78 23.65 -24.50
C ALA G 99 -18.71 24.83 -24.83
N ASP G 100 -18.21 26.07 -24.73
CA ASP G 100 -19.00 27.28 -24.97
C ASP G 100 -19.19 27.62 -26.45
N ALA G 101 -18.30 27.18 -27.35
CA ALA G 101 -18.41 27.45 -28.78
C ALA G 101 -19.63 26.78 -29.44
N THR G 102 -20.19 27.42 -30.47
CA THR G 102 -21.34 26.88 -31.23
C THR G 102 -20.94 25.82 -32.25
N GLU G 103 -19.71 25.87 -32.75
CA GLU G 103 -19.17 24.91 -33.71
C GLU G 103 -18.47 23.75 -32.99
N ASP G 104 -18.46 22.56 -33.59
CA ASP G 104 -17.66 21.44 -33.08
C ASP G 104 -16.18 21.68 -33.38
N LEU G 105 -15.50 22.44 -32.52
CA LEU G 105 -14.12 22.82 -32.75
C LEU G 105 -13.16 21.62 -32.80
N LEU G 106 -13.43 20.49 -32.17
CA LEU G 106 -12.57 19.32 -32.38
C LEU G 106 -12.69 18.83 -33.82
N ALA G 107 -13.86 18.87 -34.44
CA ALA G 107 -13.98 18.52 -35.86
C ALA G 107 -13.24 19.54 -36.74
N GLU G 108 -13.31 20.84 -36.42
CA GLU G 108 -12.57 21.86 -37.15
C GLU G 108 -11.06 21.71 -37.02
N LEU G 109 -10.55 21.50 -35.81
CA LEU G 109 -9.13 21.25 -35.58
C LEU G 109 -8.71 19.92 -36.21
N ALA G 110 -9.54 18.89 -36.20
CA ALA G 110 -9.25 17.63 -36.89
C ALA G 110 -9.08 17.83 -38.40
N ARG G 111 -9.94 18.63 -39.04
CA ARG G 111 -9.80 19.01 -40.45
C ARG G 111 -8.51 19.79 -40.69
N MET G 112 -8.20 20.77 -39.84
CA MET G 112 -7.00 21.59 -39.98
C MET G 112 -5.70 20.81 -39.83
N GLY G 113 -5.60 19.93 -38.83
CA GLY G 113 -4.41 19.12 -38.64
C GLY G 113 -4.10 18.26 -39.85
N GLY G 114 -5.07 17.47 -40.31
CA GLY G 114 -4.90 16.63 -41.50
C GLY G 114 -4.48 17.42 -42.74
N ALA G 115 -5.17 18.51 -43.07
CA ALA G 115 -4.84 19.32 -44.24
C ALA G 115 -3.46 19.97 -44.14
N SER G 116 -3.00 20.33 -42.94
CA SER G 116 -1.73 21.03 -42.77
C SER G 116 -0.52 20.18 -43.15
N ILE G 117 -0.62 18.86 -42.96
CA ILE G 117 0.40 17.90 -43.32
C ILE G 117 0.50 17.76 -44.84
N GLY G 118 -0.63 17.54 -45.52
CA GLY G 118 -0.64 17.43 -46.98
C GLY G 118 0.01 18.61 -47.69
N ARG G 119 -0.25 19.84 -47.25
CA ARG G 119 0.39 21.04 -47.80
C ARG G 119 1.91 21.00 -47.66
N ALA G 120 2.42 20.60 -46.50
CA ALA G 120 3.86 20.55 -46.25
C ALA G 120 4.55 19.45 -47.06
N LEU G 121 3.86 18.35 -47.35
CA LEU G 121 4.40 17.31 -48.22
C LEU G 121 4.60 17.83 -49.65
N ASP G 122 3.58 18.47 -50.23
CA ASP G 122 3.68 19.05 -51.57
C ASP G 122 4.88 19.99 -51.72
N ALA G 123 5.04 20.96 -50.82
CA ALA G 123 6.10 21.94 -50.92
C ALA G 123 7.50 21.33 -50.87
N ALA G 124 7.69 20.23 -50.14
CA ALA G 124 8.96 19.51 -50.09
C ALA G 124 9.26 18.79 -51.41
N VAL G 125 8.28 18.09 -51.98
CA VAL G 125 8.45 17.35 -53.24
C VAL G 125 8.69 18.29 -54.41
N LEU G 126 7.90 19.34 -54.56
CA LEU G 126 8.00 20.25 -55.69
C LEU G 126 9.26 21.13 -55.67
N PHE G 127 9.50 21.85 -54.59
CA PHE G 127 10.51 22.91 -54.53
C PHE G 127 11.63 22.64 -53.52
N GLY G 128 11.60 21.53 -52.81
CA GLY G 128 12.58 21.21 -51.80
C GLY G 128 12.45 22.05 -50.54
N HIS G 129 11.32 22.73 -50.34
CA HIS G 129 11.10 23.61 -49.19
C HIS G 129 11.09 22.82 -47.89
N GLN G 130 12.05 23.08 -47.00
CA GLN G 130 12.27 22.32 -45.76
C GLN G 130 12.42 20.81 -45.97
N LYS G 131 12.87 20.35 -47.14
CA LYS G 131 13.02 18.92 -47.46
C LYS G 131 13.89 18.22 -46.41
N PRO G 132 13.51 17.04 -45.90
CA PRO G 132 14.36 16.31 -44.98
C PRO G 132 15.72 15.96 -45.58
N VAL G 133 16.81 16.10 -44.81
CA VAL G 133 18.18 15.86 -45.29
C VAL G 133 18.40 14.40 -45.70
N THR G 134 17.67 13.47 -45.11
CA THR G 134 17.75 12.03 -45.43
C THR G 134 17.11 11.66 -46.76
N TRP G 135 16.33 12.55 -47.39
CA TRP G 135 15.80 12.32 -48.73
C TRP G 135 16.88 12.60 -49.78
N ALA G 136 17.49 11.55 -50.33
CA ALA G 136 18.62 11.65 -51.24
C ALA G 136 18.26 12.19 -52.63
N SER G 137 17.00 12.04 -53.06
CA SER G 137 16.52 12.58 -54.34
C SER G 137 16.47 14.11 -54.35
N LYS G 138 16.72 14.71 -55.51
CA LYS G 138 16.44 16.13 -55.77
C LYS G 138 14.94 16.36 -55.79
N SER G 139 14.45 17.48 -55.29
CA SER G 139 13.06 17.92 -55.51
C SER G 139 12.81 18.18 -56.99
N LEU G 140 11.55 18.28 -57.44
CA LEU G 140 11.28 18.40 -58.87
C LEU G 140 11.97 19.61 -59.51
N PHE G 141 11.79 20.81 -58.95
CA PHE G 141 12.46 22.00 -59.44
C PHE G 141 13.99 21.86 -59.45
N GLU G 142 14.56 21.29 -58.41
CA GLU G 142 15.99 21.10 -58.25
C GLU G 142 16.57 20.07 -59.23
N SER G 143 15.80 19.03 -59.56
CA SER G 143 16.19 18.05 -60.58
C SER G 143 16.34 18.74 -61.93
N ALA G 144 15.32 19.48 -62.35
CA ALA G 144 15.35 20.22 -63.61
C ALA G 144 16.43 21.29 -63.64
N ASP G 145 16.60 22.04 -62.56
CA ASP G 145 17.58 23.11 -62.46
C ASP G 145 19.01 22.57 -62.58
N ASP G 146 19.36 21.52 -61.86
CA ASP G 146 20.68 20.89 -61.98
C ASP G 146 20.90 20.22 -63.34
N ALA G 147 19.85 19.69 -63.96
CA ALA G 147 19.89 19.20 -65.32
C ALA G 147 19.96 20.31 -66.38
N GLY G 148 19.84 21.58 -66.00
CA GLY G 148 19.79 22.72 -66.92
C GLY G 148 18.52 22.80 -67.77
N GLN G 149 17.50 22.01 -67.46
CA GLN G 149 16.23 21.92 -68.18
C GLN G 149 15.27 23.02 -67.75
N VAL G 150 15.74 24.25 -67.85
CA VAL G 150 15.05 25.48 -67.43
C VAL G 150 14.80 26.36 -68.64
N VAL G 151 13.54 26.69 -68.89
CA VAL G 151 13.10 27.53 -70.00
C VAL G 151 12.60 28.87 -69.45
N ALA G 152 13.23 29.97 -69.80
CA ALA G 152 12.81 31.30 -69.33
C ALA G 152 11.78 31.92 -70.28
N VAL G 153 10.62 32.32 -69.75
CA VAL G 153 9.65 33.12 -70.50
C VAL G 153 10.24 34.48 -70.83
N GLY G 154 9.96 35.01 -72.02
CA GLY G 154 10.50 36.27 -72.52
C GLY G 154 9.45 37.36 -72.73
N ASN G 155 9.90 38.46 -73.30
CA ASN G 155 9.07 39.64 -73.57
C ASN G 155 9.00 39.98 -75.08
N SER G 156 9.17 38.99 -75.95
CA SER G 156 9.29 39.16 -77.41
C SER G 156 7.95 39.19 -78.15
N ASN G 157 6.81 39.14 -77.47
CA ASN G 157 5.51 38.88 -78.10
C ASN G 157 5.51 37.59 -78.94
N GLY G 158 6.28 36.59 -78.51
CA GLY G 158 6.40 35.32 -79.23
C GLY G 158 7.12 35.43 -80.58
N VAL G 159 7.85 36.51 -80.85
CA VAL G 159 8.74 36.58 -82.03
C VAL G 159 9.84 35.54 -81.89
N GLU G 160 10.28 35.28 -80.67
CA GLU G 160 10.93 34.03 -80.35
C GLU G 160 10.08 32.89 -79.77
N GLY G 161 10.62 31.71 -79.50
CA GLY G 161 9.80 30.66 -78.88
C GLY G 161 9.32 30.96 -77.46
N ASP G 162 9.69 32.12 -76.90
CA ASP G 162 9.72 32.39 -75.47
C ASP G 162 8.42 32.94 -74.87
N ASP G 163 7.29 32.91 -75.59
CA ASP G 163 5.97 33.07 -74.96
C ASP G 163 5.64 31.84 -74.07
N ILE G 164 4.54 31.85 -73.31
CA ILE G 164 4.28 30.72 -72.41
C ILE G 164 3.91 29.44 -73.16
N SER G 165 3.22 29.51 -74.31
CA SER G 165 2.96 28.32 -75.12
C SER G 165 4.23 27.71 -75.70
N GLY G 166 5.09 28.52 -76.31
CA GLY G 166 6.35 28.04 -76.85
C GLY G 166 7.28 27.57 -75.74
N SER G 167 7.28 28.23 -74.58
CA SER G 167 8.02 27.74 -73.43
C SER G 167 7.52 26.39 -72.91
N ILE G 168 6.22 26.13 -72.88
CA ILE G 168 5.69 24.82 -72.52
C ILE G 168 6.13 23.77 -73.53
N LEU G 169 6.07 24.05 -74.83
CA LEU G 169 6.54 23.13 -75.85
C LEU G 169 8.04 22.83 -75.73
N GLN G 170 8.88 23.82 -75.45
CA GLN G 170 10.29 23.59 -75.21
C GLN G 170 10.55 22.75 -73.96
N ALA G 171 9.84 23.01 -72.85
CA ALA G 171 9.97 22.20 -71.66
C ALA G 171 9.47 20.77 -71.89
N ALA G 172 8.38 20.58 -72.61
CA ALA G 172 7.90 19.26 -72.98
C ALA G 172 8.88 18.53 -73.88
N GLU G 173 9.48 19.21 -74.86
CA GLU G 173 10.52 18.64 -75.71
C GLU G 173 11.72 18.15 -74.90
N MET G 174 12.18 18.91 -73.91
CA MET G 174 13.29 18.49 -73.05
C MET G 174 12.96 17.19 -72.31
N VAL G 175 11.81 17.09 -71.65
CA VAL G 175 11.44 15.86 -70.94
C VAL G 175 11.30 14.69 -71.92
N ALA G 176 10.69 14.90 -73.08
CA ALA G 176 10.49 13.86 -74.09
C ALA G 176 11.78 13.28 -74.68
N ASP G 177 12.94 13.89 -74.45
CA ASP G 177 14.23 13.40 -74.94
C ASP G 177 14.55 12.00 -74.43
N VAL G 178 14.36 11.76 -73.13
CA VAL G 178 14.64 10.48 -72.46
C VAL G 178 13.38 9.87 -71.84
N TYR G 179 12.39 10.69 -71.49
CA TYR G 179 11.20 10.34 -70.72
C TYR G 179 9.93 10.55 -71.53
N ASP G 180 8.77 10.60 -70.90
CA ASP G 180 7.48 10.84 -71.53
C ASP G 180 6.70 11.92 -70.76
N PRO G 181 6.72 13.21 -71.17
CA PRO G 181 6.02 14.26 -70.45
C PRO G 181 4.52 13.97 -70.39
N SER G 182 3.92 14.22 -69.24
CA SER G 182 2.58 13.72 -68.93
C SER G 182 1.69 14.76 -68.26
N HIS G 183 2.28 15.62 -67.44
CA HIS G 183 1.58 16.60 -66.63
C HIS G 183 2.26 17.95 -66.70
N LEU G 184 1.47 19.01 -66.57
CA LEU G 184 1.92 20.37 -66.38
C LEU G 184 1.46 20.82 -64.99
N LEU G 185 2.39 21.14 -64.11
CA LEU G 185 2.13 21.57 -62.74
C LEU G 185 2.23 23.09 -62.70
N GLY G 186 1.35 23.78 -61.99
CA GLY G 186 1.42 25.23 -61.86
C GLY G 186 0.45 25.79 -60.84
N TYR G 187 0.23 27.10 -60.88
CA TYR G 187 -0.88 27.77 -60.20
C TYR G 187 -2.07 27.95 -61.14
N SER G 188 -3.27 28.01 -60.58
CA SER G 188 -4.55 28.07 -61.32
C SER G 188 -4.70 29.32 -62.19
N GLY G 189 -5.74 29.36 -63.01
CA GLY G 189 -6.01 30.48 -63.91
C GLY G 189 -5.15 30.51 -65.17
N LEU G 190 -4.55 29.38 -65.54
CA LEU G 190 -3.69 29.26 -66.71
C LEU G 190 -4.43 29.60 -68.01
N ARG G 191 -5.73 29.27 -68.12
CA ARG G 191 -6.63 29.69 -69.18
C ARG G 191 -6.56 31.18 -69.49
N TYR G 192 -6.55 32.05 -68.49
CA TYR G 192 -6.46 33.50 -68.67
C TYR G 192 -5.07 33.99 -69.06
N ARG G 193 -4.03 33.18 -68.86
CA ARG G 193 -2.66 33.50 -69.27
C ARG G 193 -2.33 32.94 -70.66
N LEU G 194 -2.94 31.83 -71.06
CA LEU G 194 -2.81 31.21 -72.38
C LEU G 194 -3.61 31.96 -73.44
N ALA G 195 -4.89 32.23 -73.17
CA ALA G 195 -5.57 33.34 -73.81
C ALA G 195 -4.82 34.64 -73.46
N ASN G 196 -5.00 35.71 -74.23
CA ASN G 196 -4.27 36.96 -74.01
C ASN G 196 -2.75 36.88 -74.22
N GLN G 197 -2.23 35.80 -74.81
CA GLN G 197 -0.91 35.80 -75.46
C GLN G 197 -1.00 36.54 -76.79
N ARG G 198 -0.18 37.57 -76.98
CA ARG G 198 -0.29 38.48 -78.13
C ARG G 198 0.92 38.40 -79.05
N ASP G 199 0.65 38.26 -80.34
CA ASP G 199 1.56 38.50 -81.45
C ASP G 199 2.16 39.92 -81.39
N ALA G 200 3.25 40.19 -82.10
CA ALA G 200 3.88 41.50 -82.12
C ALA G 200 2.99 42.62 -82.69
N ASN G 201 1.93 42.32 -83.44
CA ASN G 201 0.91 43.30 -83.83
C ASN G 201 -0.23 43.41 -82.82
N GLY G 202 -0.29 42.58 -81.79
CA GLY G 202 -1.34 42.56 -80.79
C GLY G 202 -2.45 41.55 -81.05
N GLN G 203 -2.44 40.82 -82.17
CA GLN G 203 -3.37 39.72 -82.41
C GLN G 203 -3.19 38.57 -81.41
N PRO G 204 -4.21 37.78 -81.09
CA PRO G 204 -4.04 36.60 -80.27
C PRO G 204 -3.22 35.49 -80.97
N LEU G 205 -2.38 34.78 -80.21
CA LEU G 205 -1.61 33.62 -80.69
C LEU G 205 -2.33 32.29 -80.50
N PHE G 206 -3.00 32.09 -79.37
CA PHE G 206 -3.44 30.79 -78.88
C PHE G 206 -4.70 30.24 -79.55
N GLN G 207 -5.58 31.13 -79.99
CA GLN G 207 -6.83 30.87 -80.71
C GLN G 207 -7.17 32.07 -81.58
N PRO G 208 -8.04 31.97 -82.59
CA PRO G 208 -8.13 32.96 -83.66
C PRO G 208 -8.36 34.41 -83.22
N TYR G 209 -9.34 34.67 -82.37
CA TYR G 209 -9.77 36.01 -81.97
C TYR G 209 -10.20 36.04 -80.51
N MET G 210 -10.30 37.22 -79.90
CA MET G 210 -10.64 37.36 -78.48
C MET G 210 -12.07 36.96 -78.10
N GLN G 211 -12.98 36.78 -79.05
CA GLN G 211 -14.43 36.69 -78.83
C GLN G 211 -14.89 35.73 -77.72
N GLY G 212 -14.34 34.52 -77.67
CA GLY G 212 -14.76 33.46 -76.74
C GLY G 212 -13.58 32.87 -75.99
N THR G 213 -12.62 33.72 -75.64
CA THR G 213 -11.22 33.32 -75.48
C THR G 213 -10.83 32.52 -74.24
N PRO G 214 -11.39 32.66 -73.01
CA PRO G 214 -11.00 31.78 -71.92
C PRO G 214 -11.51 30.36 -72.20
N GLY G 215 -10.63 29.47 -72.63
CA GLY G 215 -10.92 28.06 -72.85
C GLY G 215 -10.89 27.23 -71.57
N SER G 216 -10.79 25.91 -71.69
CA SER G 216 -10.59 25.02 -70.56
C SER G 216 -9.15 25.00 -70.06
N ASP G 217 -8.95 24.84 -68.76
CA ASP G 217 -7.64 24.61 -68.12
C ASP G 217 -7.15 23.16 -68.22
N GLY G 218 -8.03 22.18 -68.48
CA GLY G 218 -7.78 20.79 -68.10
C GLY G 218 -6.63 20.09 -68.83
N MET G 219 -6.47 20.39 -70.11
CA MET G 219 -5.42 19.89 -71.00
C MET G 219 -4.75 21.07 -71.68
N VAL G 220 -3.43 21.08 -71.71
CA VAL G 220 -2.64 22.15 -72.33
C VAL G 220 -1.50 21.50 -73.09
N HIS G 221 -1.43 21.67 -74.40
CA HIS G 221 -0.40 21.07 -75.26
C HIS G 221 -0.24 19.55 -75.06
N GLY G 222 -1.34 18.84 -74.79
CA GLY G 222 -1.35 17.39 -74.56
C GLY G 222 -1.02 16.95 -73.14
N LEU G 223 -0.63 17.87 -72.26
CA LEU G 223 -0.33 17.61 -70.86
C LEU G 223 -1.57 17.84 -69.99
N ASN G 224 -1.84 16.96 -69.04
CA ASN G 224 -2.86 17.18 -68.02
C ASN G 224 -2.38 18.23 -67.02
N THR G 225 -3.18 19.24 -66.69
CA THR G 225 -2.79 20.23 -65.70
C THR G 225 -3.06 19.78 -64.27
N VAL G 226 -2.23 20.23 -63.33
CA VAL G 226 -2.45 20.09 -61.89
C VAL G 226 -2.14 21.44 -61.25
N PHE G 227 -3.02 21.95 -60.39
CA PHE G 227 -2.84 23.25 -59.76
C PHE G 227 -2.56 23.16 -58.26
N PHE G 228 -1.60 23.93 -57.78
CA PHE G 228 -1.13 23.92 -56.41
C PHE G 228 -1.38 25.26 -55.73
N SER G 229 -1.75 25.24 -54.46
CA SER G 229 -2.17 26.41 -53.71
C SER G 229 -2.06 26.21 -52.21
N GLY G 230 -2.09 27.32 -51.47
CA GLY G 230 -1.96 27.35 -50.02
C GLY G 230 -0.57 27.73 -49.56
N ASN G 231 -0.39 27.72 -48.25
CA ASN G 231 0.82 28.15 -47.58
C ASN G 231 1.35 27.06 -46.66
N VAL G 232 2.59 27.22 -46.25
CA VAL G 232 3.37 26.32 -45.40
C VAL G 232 4.26 27.14 -44.47
N ASP G 233 4.83 26.50 -43.45
CA ASP G 233 5.76 27.10 -42.53
C ASP G 233 6.93 27.81 -43.23
N ASP G 234 7.24 29.05 -42.85
CA ASP G 234 8.41 29.78 -43.35
C ASP G 234 9.63 29.68 -42.40
N GLY G 235 9.57 28.81 -41.39
CA GLY G 235 10.60 28.66 -40.37
C GLY G 235 10.70 29.86 -39.41
N SER G 236 9.78 30.81 -39.48
CA SER G 236 9.90 32.16 -38.92
C SER G 236 8.58 32.70 -38.36
N ASN G 237 7.62 31.81 -38.09
CA ASN G 237 6.27 32.12 -37.62
C ASN G 237 5.43 33.02 -38.54
N GLY G 238 5.63 32.92 -39.86
CA GLY G 238 4.79 33.49 -40.90
C GLY G 238 4.40 32.44 -41.94
N ASP G 239 4.05 32.88 -43.14
CA ASP G 239 3.62 32.04 -44.26
C ASP G 239 4.63 32.06 -45.42
N ALA G 240 4.98 30.89 -45.95
CA ALA G 240 5.62 30.73 -47.26
C ALA G 240 4.62 30.07 -48.23
N PRO G 241 4.62 30.38 -49.53
CA PRO G 241 3.70 29.79 -50.49
C PRO G 241 4.10 28.35 -50.86
N VAL G 242 3.13 27.46 -51.10
CA VAL G 242 3.43 26.11 -51.60
C VAL G 242 4.09 26.15 -52.98
N TRP G 243 3.59 27.00 -53.87
CA TRP G 243 4.18 27.29 -55.16
C TRP G 243 4.71 28.73 -55.16
N ASP G 244 6.02 28.93 -55.21
CA ASP G 244 6.55 30.29 -55.33
C ASP G 244 6.51 30.78 -56.77
N ARG G 245 5.52 31.61 -57.09
CA ARG G 245 5.28 32.15 -58.43
C ARG G 245 6.45 32.98 -58.95
N ASP G 246 7.36 33.42 -58.09
CA ASP G 246 8.55 34.17 -58.51
C ASP G 246 9.70 33.28 -58.98
N VAL G 247 9.70 31.97 -58.72
CA VAL G 247 10.78 31.07 -59.20
C VAL G 247 10.35 30.18 -60.36
N ALA G 248 9.07 29.81 -60.45
CA ALA G 248 8.57 28.98 -61.53
C ALA G 248 7.16 29.38 -61.95
N SER G 249 6.90 29.45 -63.25
CA SER G 249 5.55 29.61 -63.80
C SER G 249 4.84 28.28 -63.93
N ALA G 250 5.56 27.23 -64.31
CA ALA G 250 5.02 25.88 -64.44
C ALA G 250 6.15 24.85 -64.48
N ILE G 251 5.84 23.59 -64.26
CA ILE G 251 6.79 22.48 -64.31
C ILE G 251 6.19 21.39 -65.19
N VAL G 252 6.95 20.84 -66.12
CA VAL G 252 6.55 19.69 -66.94
C VAL G 252 7.20 18.44 -66.39
N VAL G 253 6.46 17.34 -66.25
CA VAL G 253 6.98 16.12 -65.62
C VAL G 253 6.48 14.84 -66.28
N ASP G 254 7.32 13.81 -66.28
CA ASP G 254 6.89 12.43 -66.45
C ASP G 254 6.47 11.85 -65.09
N ARG G 255 5.15 11.73 -64.88
CA ARG G 255 4.54 11.25 -63.65
C ARG G 255 5.11 9.92 -63.20
N SER G 256 5.42 9.03 -64.13
CA SER G 256 5.81 7.66 -63.82
C SER G 256 7.15 7.57 -63.08
N ARG G 257 7.97 8.63 -63.15
CA ARG G 257 9.32 8.67 -62.57
C ARG G 257 9.35 9.22 -61.16
N VAL G 258 8.21 9.62 -60.61
CA VAL G 258 8.06 10.03 -59.22
C VAL G 258 7.42 8.88 -58.45
N VAL G 259 7.93 8.58 -57.26
CA VAL G 259 7.19 7.73 -56.32
C VAL G 259 7.14 8.37 -54.96
N ILE G 260 5.97 8.35 -54.36
CA ILE G 260 5.70 8.84 -53.01
C ILE G 260 5.53 7.62 -52.12
N GLY G 261 6.37 7.49 -51.11
CA GLY G 261 6.25 6.44 -50.11
C GLY G 261 5.35 6.88 -48.98
N VAL G 262 4.36 6.08 -48.60
CA VAL G 262 3.50 6.34 -47.46
C VAL G 262 3.76 5.26 -46.42
N ARG G 263 4.57 5.58 -45.41
CA ARG G 263 4.92 4.66 -44.33
C ARG G 263 3.86 4.62 -43.24
N GLN G 264 3.25 5.77 -42.97
CA GLN G 264 2.14 5.91 -42.03
C GLN G 264 1.26 7.04 -42.50
N ASP G 265 0.00 6.75 -42.82
CA ASP G 265 -0.98 7.78 -43.16
C ASP G 265 -1.28 8.68 -41.96
N ILE G 266 -2.00 9.79 -42.13
CA ILE G 266 -2.34 10.69 -41.03
C ILE G 266 -3.01 9.94 -39.89
N THR G 267 -2.47 10.04 -38.67
CA THR G 267 -3.07 9.52 -37.44
C THR G 267 -3.29 10.66 -36.45
N VAL G 268 -4.29 10.52 -35.58
CA VAL G 268 -4.64 11.54 -34.59
C VAL G 268 -4.70 10.92 -33.19
N LYS G 269 -4.09 11.57 -32.20
CA LYS G 269 -4.22 11.20 -30.78
C LYS G 269 -4.80 12.36 -29.99
N TYR G 270 -5.83 12.10 -29.21
CA TYR G 270 -6.37 13.04 -28.24
C TYR G 270 -5.52 13.03 -26.97
N LEU G 271 -5.01 14.18 -26.57
CA LEU G 271 -4.18 14.38 -25.38
C LEU G 271 -4.96 15.17 -24.34
N ASP G 272 -4.86 14.79 -23.08
CA ASP G 272 -5.59 15.42 -21.98
C ASP G 272 -4.78 15.53 -20.69
N GLN G 273 -3.64 14.83 -20.59
CA GLN G 273 -2.73 14.89 -19.46
C GLN G 273 -1.34 15.42 -19.83
N ALA G 274 -0.94 15.35 -21.10
CA ALA G 274 0.42 15.63 -21.53
C ALA G 274 0.94 17.04 -21.21
N THR G 275 2.25 17.23 -21.25
CA THR G 275 2.85 18.57 -21.37
C THR G 275 3.24 18.76 -22.83
N VAL G 276 2.72 19.79 -23.48
CA VAL G 276 3.00 20.09 -24.89
C VAL G 276 3.27 21.58 -25.06
N GLY G 277 4.30 21.99 -25.79
CA GLY G 277 4.61 23.41 -25.99
C GLY G 277 4.88 24.20 -24.70
N GLY G 278 5.24 23.52 -23.60
CA GLY G 278 5.33 24.10 -22.25
C GLY G 278 4.02 24.19 -21.46
N ILE G 279 2.90 23.75 -22.02
CA ILE G 279 1.57 23.79 -21.41
C ILE G 279 1.29 22.44 -20.75
N ASN G 280 1.02 22.41 -19.44
CA ASN G 280 0.54 21.21 -18.77
C ASN G 280 -0.96 21.07 -18.99
N LEU G 281 -1.41 20.15 -19.82
CA LEU G 281 -2.80 20.12 -20.27
C LEU G 281 -3.79 19.96 -19.11
N ALA G 282 -3.60 19.00 -18.21
CA ALA G 282 -4.56 18.73 -17.14
C ALA G 282 -4.65 19.88 -16.12
N GLU G 283 -3.50 20.43 -15.73
CA GLU G 283 -3.35 21.51 -14.77
C GLU G 283 -4.05 22.81 -15.17
N ARG G 284 -4.30 23.01 -16.47
CA ARG G 284 -4.90 24.22 -17.05
C ARG G 284 -6.23 23.98 -17.75
N ASP G 285 -6.85 22.82 -17.58
CA ASP G 285 -8.03 22.36 -18.31
C ASP G 285 -7.92 22.55 -19.81
N MET G 286 -6.92 21.92 -20.42
CA MET G 286 -6.74 21.90 -21.86
C MET G 286 -6.74 20.50 -22.39
N VAL G 287 -6.99 20.38 -23.67
CA VAL G 287 -6.87 19.16 -24.43
C VAL G 287 -6.10 19.49 -25.70
N ALA G 288 -5.53 18.50 -26.37
CA ALA G 288 -4.87 18.72 -27.63
C ALA G 288 -5.13 17.57 -28.58
N LEU G 289 -5.07 17.85 -29.88
CA LEU G 289 -4.99 16.84 -30.90
C LEU G 289 -3.56 16.82 -31.42
N ARG G 290 -2.91 15.66 -31.42
CA ARG G 290 -1.60 15.41 -32.02
C ARG G 290 -1.81 14.71 -33.34
N PHE G 291 -1.28 15.27 -34.41
CA PHE G 291 -1.33 14.71 -35.76
C PHE G 291 0.06 14.30 -36.21
N CYS G 292 0.22 13.12 -36.80
CA CYS G 292 1.45 12.78 -37.51
C CYS G 292 1.22 11.82 -38.66
N GLY G 293 2.11 11.87 -39.64
CA GLY G 293 2.23 10.94 -40.76
C GLY G 293 3.68 10.81 -41.19
N ARG G 294 4.03 9.67 -41.79
CA ARG G 294 5.40 9.36 -42.24
C ARG G 294 5.43 9.15 -43.74
N PHE G 295 6.26 9.92 -44.43
CA PHE G 295 6.30 10.00 -45.88
C PHE G 295 7.73 9.89 -46.41
N ALA G 296 7.86 9.40 -47.63
CA ALA G 296 9.12 9.33 -48.36
C ALA G 296 8.91 9.77 -49.81
N TYR G 297 9.99 10.10 -50.50
CA TYR G 297 9.97 10.48 -51.90
C TYR G 297 11.21 9.97 -52.61
N ALA G 298 11.07 9.47 -53.83
CA ALA G 298 12.18 9.14 -54.71
C ALA G 298 11.88 9.54 -56.16
N LEU G 299 12.92 9.98 -56.87
CA LEU G 299 12.87 10.35 -58.28
C LEU G 299 13.75 9.43 -59.12
N GLY G 300 13.18 8.74 -60.10
CA GLY G 300 13.89 7.83 -61.00
C GLY G 300 14.53 8.53 -62.19
N ASP G 301 15.55 9.37 -61.94
CA ASP G 301 15.96 10.43 -62.86
C ASP G 301 17.24 10.23 -63.68
N ASN G 302 18.04 9.20 -63.45
CA ASN G 302 19.27 8.97 -64.22
C ASN G 302 19.18 7.64 -64.96
N ILE G 303 18.30 7.56 -65.97
CA ILE G 303 18.23 6.39 -66.84
C ILE G 303 19.59 6.18 -67.53
N ALA G 304 20.06 4.94 -67.59
CA ALA G 304 21.35 4.59 -68.18
C ALA G 304 21.39 4.87 -69.69
N GLN G 305 22.54 5.30 -70.20
CA GLN G 305 22.71 5.72 -71.59
C GLN G 305 23.89 5.05 -72.32
N GLY G 306 24.75 4.32 -71.63
CA GLY G 306 25.92 3.68 -72.22
C GLY G 306 26.93 3.21 -71.19
N ARG G 307 28.21 3.33 -71.53
CA ARG G 307 29.35 2.80 -70.76
C ARG G 307 29.64 3.61 -69.50
N VAL G 308 29.27 4.89 -69.48
CA VAL G 308 29.51 5.85 -68.40
C VAL G 308 28.19 6.24 -67.73
N ALA G 309 28.21 6.41 -66.41
CA ALA G 309 27.02 6.74 -65.62
C ALA G 309 26.38 8.05 -66.10
N ALA G 310 25.09 8.00 -66.41
CA ALA G 310 24.34 9.10 -67.02
C ALA G 310 23.84 10.14 -66.02
N GLU G 311 23.68 11.37 -66.48
CA GLU G 311 22.91 12.43 -65.80
C GLU G 311 21.77 12.89 -66.72
N ASN G 312 20.52 12.79 -66.29
CA ASN G 312 19.36 13.36 -66.98
C ASN G 312 18.27 13.75 -65.96
N SER G 313 17.08 14.14 -66.41
CA SER G 313 15.96 14.46 -65.53
C SER G 313 14.61 14.27 -66.22
N PRO G 314 13.57 13.77 -65.52
CA PRO G 314 12.21 13.66 -66.03
C PRO G 314 11.39 14.93 -65.82
N VAL G 315 12.03 16.06 -65.51
CA VAL G 315 11.41 17.32 -65.11
C VAL G 315 12.01 18.47 -65.89
N ALA G 316 11.19 19.42 -66.34
CA ALA G 316 11.64 20.69 -66.91
C ALA G 316 10.81 21.85 -66.34
N VAL G 317 11.42 23.00 -66.11
CA VAL G 317 10.81 24.15 -65.44
C VAL G 317 10.64 25.30 -66.41
N ILE G 318 9.48 25.93 -66.45
CA ILE G 318 9.26 27.22 -67.10
C ILE G 318 9.38 28.29 -66.03
N THR G 319 10.20 29.31 -66.22
CA THR G 319 10.40 30.39 -65.23
C THR G 319 9.84 31.72 -65.76
N PRO G 320 9.31 32.59 -64.88
CA PRO G 320 8.67 33.83 -65.32
C PRO G 320 9.67 34.84 -65.89
N TYR G 321 9.19 35.77 -66.71
CA TYR G 321 10.00 36.89 -67.18
C TYR G 321 10.34 37.84 -66.03
N ALA G 322 11.58 38.34 -66.01
CA ALA G 322 12.12 39.09 -64.88
C ALA G 322 12.93 40.33 -65.29
N GLY G 323 12.85 40.77 -66.54
CA GLY G 323 13.52 41.99 -67.01
C GLY G 323 12.81 43.27 -66.60
N SER G 324 13.51 44.40 -66.76
CA SER G 324 13.07 45.75 -66.38
C SER G 324 13.76 46.82 -67.22
N ALA H 2 -56.43 96.79 -95.45
CA ALA H 2 -56.50 96.04 -94.20
C ALA H 2 -56.99 94.59 -94.42
N ASP H 3 -56.67 93.70 -93.48
CA ASP H 3 -57.09 92.31 -93.46
C ASP H 3 -57.25 91.79 -92.02
N THR H 4 -58.00 90.69 -91.86
CA THR H 4 -58.16 89.99 -90.55
C THR H 4 -57.00 88.99 -90.42
N ASN H 5 -55.87 89.41 -89.84
CA ASN H 5 -54.69 88.57 -89.66
C ASN H 5 -54.83 87.59 -88.49
N ARG H 6 -53.78 86.81 -88.21
CA ARG H 6 -53.79 85.82 -87.11
C ARG H 6 -53.86 86.44 -85.72
N THR H 7 -53.31 87.64 -85.52
CA THR H 7 -53.46 88.35 -84.23
C THR H 7 -54.91 88.78 -84.00
N ASP H 8 -55.58 89.29 -85.02
CA ASP H 8 -56.99 89.67 -84.96
C ASP H 8 -57.91 88.46 -84.73
N ALA H 9 -57.61 87.31 -85.33
CA ALA H 9 -58.39 86.10 -85.15
C ALA H 9 -58.04 85.27 -83.90
N ALA H 10 -56.99 85.63 -83.16
CA ALA H 10 -56.31 84.77 -82.20
C ALA H 10 -57.21 84.11 -81.14
N ALA H 11 -58.21 84.79 -80.63
CA ALA H 11 -59.14 84.25 -79.64
C ALA H 11 -59.91 83.02 -80.16
N LEU H 12 -60.07 82.87 -81.47
CA LEU H 12 -60.59 81.65 -82.07
C LEU H 12 -59.65 80.48 -82.43
N ILE H 13 -58.37 80.60 -82.10
CA ILE H 13 -57.32 79.66 -82.46
C ILE H 13 -56.61 78.80 -81.39
N GLN H 14 -57.29 77.73 -81.01
CA GLN H 14 -56.88 76.84 -79.91
C GLN H 14 -55.67 75.96 -80.27
N GLU H 15 -54.74 75.80 -79.35
CA GLU H 15 -53.62 74.85 -79.47
C GLU H 15 -54.05 73.42 -79.15
N ALA H 16 -53.35 72.43 -79.70
CA ALA H 16 -53.52 71.01 -79.38
C ALA H 16 -52.44 70.47 -78.43
N TYR H 17 -52.66 69.28 -77.88
CA TYR H 17 -51.73 68.60 -76.96
C TYR H 17 -51.43 67.18 -77.41
N SER H 18 -50.18 66.76 -77.22
CA SER H 18 -49.78 65.36 -77.38
C SER H 18 -48.84 64.67 -76.37
N ASP H 19 -49.06 63.37 -76.16
CA ASP H 19 -48.24 62.58 -75.25
C ASP H 19 -47.03 61.77 -75.74
N VAL H 20 -46.60 61.98 -76.99
CA VAL H 20 -45.57 61.18 -77.65
C VAL H 20 -44.21 61.19 -76.96
N PHE H 21 -43.88 62.27 -76.25
CA PHE H 21 -42.64 62.43 -75.52
C PHE H 21 -42.85 62.47 -74.00
N LEU H 22 -44.01 62.04 -73.50
CA LEU H 22 -44.31 62.03 -72.08
C LEU H 22 -44.17 60.61 -71.52
N ASP H 23 -43.36 60.46 -70.48
CA ASP H 23 -43.05 59.19 -69.83
C ASP H 23 -42.85 59.37 -68.32
N SER H 24 -43.11 58.31 -67.56
CA SER H 24 -42.70 58.23 -66.14
C SER H 24 -41.19 58.07 -66.00
N VAL H 25 -40.65 58.19 -64.79
CA VAL H 25 -39.34 57.60 -64.49
C VAL H 25 -39.39 56.09 -64.64
N SER H 26 -38.21 55.47 -64.76
CA SER H 26 -38.05 54.03 -64.89
C SER H 26 -37.22 53.45 -63.75
N GLU H 27 -37.47 52.19 -63.43
CA GLU H 27 -36.81 51.47 -62.34
C GLU H 27 -35.41 50.99 -62.77
N THR H 28 -34.40 51.87 -62.78
CA THR H 28 -33.05 51.53 -63.26
C THR H 28 -32.20 50.71 -62.29
N ALA H 29 -32.62 50.55 -61.03
CA ALA H 29 -31.79 49.97 -59.98
C ALA H 29 -31.54 48.47 -60.14
N LYS H 30 -30.35 47.98 -59.79
CA LYS H 30 -29.91 46.60 -60.10
C LYS H 30 -29.35 45.78 -58.94
N VAL H 31 -28.83 46.35 -57.85
CA VAL H 31 -28.09 45.51 -56.87
C VAL H 31 -28.97 44.46 -56.17
N ILE H 32 -30.22 44.77 -55.84
CA ILE H 32 -31.16 43.78 -55.29
C ILE H 32 -31.53 42.71 -56.33
N GLY H 33 -31.47 43.03 -57.62
CA GLY H 33 -31.70 42.06 -58.69
C GLY H 33 -30.54 41.09 -58.88
N THR H 34 -29.29 41.57 -58.77
CA THR H 34 -28.12 40.78 -59.15
C THR H 34 -27.45 40.04 -57.99
N PHE H 35 -27.31 40.65 -56.83
CA PHE H 35 -26.62 40.01 -55.69
C PHE H 35 -27.56 39.17 -54.82
N PRO H 36 -27.03 38.22 -54.03
CA PRO H 36 -27.81 37.48 -53.04
C PRO H 36 -28.49 38.39 -52.01
N VAL H 37 -29.77 38.13 -51.72
CA VAL H 37 -30.57 38.87 -50.74
C VAL H 37 -30.82 38.03 -49.49
N TYR H 38 -30.56 38.61 -48.32
CA TYR H 38 -30.83 38.02 -47.02
C TYR H 38 -31.93 38.81 -46.30
N ASN H 39 -33.03 38.18 -45.91
CA ASN H 39 -34.10 38.83 -45.16
C ASN H 39 -33.71 39.00 -43.69
N MET H 40 -33.35 40.20 -43.27
CA MET H 40 -32.98 40.48 -41.89
C MET H 40 -34.20 40.56 -40.97
N GLY H 41 -34.12 39.98 -39.78
CA GLY H 41 -35.17 40.03 -38.75
C GLY H 41 -34.90 41.00 -37.59
N THR H 42 -33.77 41.69 -37.59
CA THR H 42 -33.32 42.61 -36.54
C THR H 42 -32.30 43.60 -37.12
N LYS H 43 -31.95 44.71 -36.46
CA LYS H 43 -31.04 45.72 -37.02
C LYS H 43 -29.67 45.16 -37.40
N THR H 44 -29.15 44.17 -36.67
CA THR H 44 -27.77 43.70 -36.84
C THR H 44 -27.66 42.20 -36.93
N THR H 45 -26.84 41.69 -37.84
CA THR H 45 -26.49 40.26 -37.95
C THR H 45 -24.98 40.09 -37.95
N ASN H 46 -24.49 39.12 -37.20
CA ASN H 46 -23.08 38.73 -37.13
C ASN H 46 -22.81 37.57 -38.06
N LEU H 47 -21.72 37.64 -38.80
CA LEU H 47 -21.27 36.69 -39.79
C LEU H 47 -19.86 36.23 -39.38
N PRO H 48 -19.70 35.16 -38.58
CA PRO H 48 -18.40 34.62 -38.26
C PRO H 48 -17.69 34.07 -39.50
N VAL H 49 -16.37 34.17 -39.54
CA VAL H 49 -15.52 33.68 -40.62
C VAL H 49 -14.24 33.07 -40.07
N LEU H 50 -13.69 32.04 -40.70
CA LEU H 50 -12.34 31.57 -40.39
C LEU H 50 -11.33 32.64 -40.80
N SER H 51 -10.36 32.93 -39.94
CA SER H 51 -9.39 34.02 -40.14
C SER H 51 -7.97 33.51 -40.34
N THR H 52 -7.52 32.53 -39.56
CA THR H 52 -6.18 31.92 -39.68
C THR H 52 -6.24 30.45 -39.30
N PHE H 53 -5.30 29.66 -39.78
CA PHE H 53 -5.24 28.21 -39.53
C PHE H 53 -3.78 27.71 -39.46
N PRO H 54 -3.51 26.54 -38.87
CA PRO H 54 -2.15 26.08 -38.56
C PRO H 54 -1.37 25.44 -39.73
N HIS H 55 -0.05 25.31 -39.55
CA HIS H 55 0.85 24.58 -40.44
C HIS H 55 1.61 23.46 -39.72
N ALA H 56 1.81 22.31 -40.35
CA ALA H 56 2.70 21.26 -39.84
C ALA H 56 4.18 21.61 -40.00
N LYS H 57 5.06 20.88 -39.31
CA LYS H 57 6.51 20.90 -39.55
C LYS H 57 7.07 19.48 -39.67
N TRP H 58 8.25 19.34 -40.30
CA TRP H 58 8.97 18.05 -40.34
C TRP H 58 9.61 17.89 -38.95
N VAL H 59 9.64 16.67 -38.38
CA VAL H 59 10.12 16.43 -36.98
C VAL H 59 10.96 15.14 -36.94
N GLY H 60 11.90 15.05 -35.99
CA GLY H 60 12.76 13.86 -35.79
C GLY H 60 12.16 12.88 -34.81
N GLU H 61 12.88 11.81 -34.46
CA GLU H 61 12.44 10.78 -33.46
C GLU H 61 13.32 10.92 -32.21
N SER H 62 13.99 12.06 -31.99
CA SER H 62 14.91 12.28 -30.86
C SER H 62 14.19 12.25 -29.51
N ALA H 63 14.85 11.82 -28.42
CA ALA H 63 14.29 11.86 -27.04
C ALA H 63 14.92 13.04 -26.26
N THR H 64 16.11 13.53 -26.66
CA THR H 64 16.80 14.65 -25.99
C THR H 64 17.00 15.85 -26.90
N ALA H 65 17.47 15.68 -28.13
CA ALA H 65 17.68 16.81 -29.02
C ALA H 65 16.52 17.66 -29.58
N PRO H 66 16.72 18.99 -29.69
CA PRO H 66 15.62 19.90 -29.93
C PRO H 66 14.60 19.78 -31.08
N GLU H 67 14.87 18.95 -32.09
CA GLU H 67 13.93 18.55 -33.11
C GLU H 67 13.08 17.29 -33.04
N GLY H 68 13.17 16.50 -31.97
CA GLY H 68 12.21 15.41 -31.71
C GLY H 68 10.86 15.90 -31.20
N VAL H 69 10.83 17.12 -30.67
CA VAL H 69 9.64 17.81 -30.14
C VAL H 69 8.76 18.25 -31.29
N LYS H 70 7.50 17.76 -31.35
CA LYS H 70 6.52 18.37 -32.24
C LYS H 70 5.90 19.74 -31.89
N PRO H 71 5.59 20.56 -32.91
CA PRO H 71 5.24 21.95 -32.71
C PRO H 71 3.79 22.14 -32.26
N THR H 72 3.56 23.12 -31.40
CA THR H 72 2.22 23.70 -31.24
C THR H 72 1.68 24.76 -32.22
N ALA H 73 0.38 24.76 -32.46
CA ALA H 73 -0.28 25.73 -33.34
C ALA H 73 -1.74 26.00 -32.96
N LYS H 74 -2.31 27.05 -33.55
CA LYS H 74 -3.64 27.58 -33.25
C LYS H 74 -4.40 27.95 -34.52
N ALA H 75 -5.72 28.09 -34.39
CA ALA H 75 -6.61 28.62 -35.40
C ALA H 75 -7.39 29.83 -34.86
N THR H 76 -7.89 30.70 -35.74
CA THR H 76 -8.55 31.95 -35.33
C THR H 76 -9.76 32.22 -36.19
N TRP H 77 -10.80 32.78 -35.60
CA TRP H 77 -12.01 33.25 -36.26
C TRP H 77 -12.21 34.74 -36.04
N ALA H 78 -12.92 35.37 -36.95
CA ALA H 78 -13.28 36.79 -36.90
C ALA H 78 -14.76 36.97 -37.25
N ASN H 79 -15.24 38.20 -37.21
CA ASN H 79 -16.66 38.54 -37.41
C ASN H 79 -16.84 39.69 -38.39
N LYS H 80 -17.84 39.58 -39.25
CA LYS H 80 -18.34 40.62 -40.17
C LYS H 80 -19.80 40.91 -39.85
N THR H 81 -20.31 42.11 -40.10
CA THR H 81 -21.69 42.48 -39.72
C THR H 81 -22.50 43.08 -40.85
N LEU H 82 -23.78 42.73 -40.90
CA LEU H 82 -24.83 43.50 -41.55
C LEU H 82 -25.44 44.45 -40.54
N VAL H 83 -25.60 45.73 -40.86
CA VAL H 83 -26.35 46.70 -40.05
C VAL H 83 -27.38 47.41 -40.92
N ALA H 84 -28.66 47.32 -40.60
CA ALA H 84 -29.73 47.92 -41.37
C ALA H 84 -29.79 49.43 -41.19
N GLU H 85 -29.86 50.16 -42.29
CA GLU H 85 -29.94 51.62 -42.38
C GLU H 85 -31.07 52.02 -43.33
N GLU H 86 -31.65 53.21 -43.16
CA GLU H 86 -32.91 53.60 -43.81
C GLU H 86 -32.74 54.62 -44.94
N LEU H 87 -33.35 54.34 -46.09
CA LEU H 87 -33.48 55.28 -47.21
C LEU H 87 -34.93 55.77 -47.28
N ALA H 88 -35.14 57.07 -47.43
CA ALA H 88 -36.47 57.66 -47.39
C ALA H 88 -36.60 58.96 -48.20
N VAL H 89 -37.80 59.27 -48.66
CA VAL H 89 -38.17 60.56 -49.25
C VAL H 89 -39.63 60.88 -48.97
N ILE H 90 -39.99 62.16 -48.86
CA ILE H 90 -41.38 62.62 -48.79
C ILE H 90 -41.66 63.55 -49.95
N LEU H 91 -42.74 63.27 -50.70
CA LEU H 91 -43.17 64.02 -51.87
C LEU H 91 -44.52 64.71 -51.60
N PRO H 92 -44.53 65.97 -51.12
CA PRO H 92 -45.75 66.75 -50.91
C PRO H 92 -46.31 67.34 -52.21
N ILE H 93 -47.63 67.46 -52.32
CA ILE H 93 -48.33 68.08 -53.45
C ILE H 93 -49.68 68.70 -53.02
N HIS H 94 -50.10 69.79 -53.65
CA HIS H 94 -51.37 70.44 -53.34
C HIS H 94 -52.56 69.79 -54.05
N GLU H 95 -53.70 69.62 -53.38
CA GLU H 95 -54.78 68.79 -53.91
C GLU H 95 -55.46 69.35 -55.16
N ASN H 96 -55.45 70.66 -55.36
CA ASN H 96 -55.98 71.25 -56.59
C ASN H 96 -55.13 70.89 -57.80
N VAL H 97 -53.81 70.79 -57.66
CA VAL H 97 -52.92 70.35 -58.74
C VAL H 97 -53.24 68.91 -59.14
N LEU H 98 -53.53 68.03 -58.17
CA LEU H 98 -53.98 66.68 -58.48
C LEU H 98 -55.29 66.65 -59.24
N ALA H 99 -56.22 67.55 -58.93
CA ALA H 99 -57.50 67.62 -59.60
C ALA H 99 -57.41 68.24 -61.01
N ASP H 100 -56.55 69.25 -61.18
CA ASP H 100 -56.38 69.99 -62.43
C ASP H 100 -55.52 69.28 -63.47
N ALA H 101 -54.51 68.52 -63.06
CA ALA H 101 -53.61 67.83 -63.96
C ALA H 101 -54.32 66.78 -64.84
N THR H 102 -53.85 66.60 -66.07
CA THR H 102 -54.40 65.59 -67.00
C THR H 102 -53.88 64.18 -66.73
N GLU H 103 -52.71 64.04 -66.08
CA GLU H 103 -52.13 62.77 -65.68
C GLU H 103 -52.46 62.45 -64.21
N ASP H 104 -52.41 61.18 -63.81
CA ASP H 104 -52.46 60.82 -62.40
C ASP H 104 -51.12 61.09 -61.71
N LEU H 105 -50.96 62.28 -61.15
CA LEU H 105 -49.72 62.65 -60.48
C LEU H 105 -49.44 61.85 -59.22
N LEU H 106 -50.42 61.26 -58.53
CA LEU H 106 -50.08 60.39 -57.40
C LEU H 106 -49.46 59.09 -57.89
N ALA H 107 -49.87 58.56 -59.04
CA ALA H 107 -49.17 57.42 -59.62
C ALA H 107 -47.76 57.79 -60.10
N GLU H 108 -47.57 58.96 -60.67
CA GLU H 108 -46.22 59.43 -61.04
C GLU H 108 -45.32 59.62 -59.82
N LEU H 109 -45.80 60.27 -58.77
CA LEU H 109 -45.02 60.42 -57.55
C LEU H 109 -44.76 59.06 -56.88
N ALA H 110 -45.71 58.12 -56.91
CA ALA H 110 -45.50 56.77 -56.42
C ALA H 110 -44.33 56.06 -57.14
N ARG H 111 -44.22 56.19 -58.45
CA ARG H 111 -43.08 55.66 -59.22
C ARG H 111 -41.79 56.39 -58.91
N MET H 112 -41.78 57.71 -58.85
CA MET H 112 -40.57 58.48 -58.52
C MET H 112 -40.01 58.14 -57.15
N GLY H 113 -40.87 58.02 -56.14
CA GLY H 113 -40.46 57.65 -54.80
C GLY H 113 -39.81 56.27 -54.77
N GLY H 114 -40.49 55.23 -55.27
CA GLY H 114 -39.94 53.89 -55.31
C GLY H 114 -38.59 53.80 -56.03
N ALA H 115 -38.49 54.34 -57.24
CA ALA H 115 -37.27 54.28 -58.04
C ALA H 115 -36.08 54.99 -57.38
N SER H 116 -36.31 56.08 -56.64
CA SER H 116 -35.21 56.83 -56.04
C SER H 116 -34.43 56.04 -54.99
N ILE H 117 -35.11 55.19 -54.25
CA ILE H 117 -34.51 54.39 -53.17
C ILE H 117 -33.59 53.34 -53.77
N GLY H 118 -34.02 52.65 -54.83
CA GLY H 118 -33.18 51.69 -55.53
C GLY H 118 -31.88 52.32 -56.03
N ARG H 119 -31.93 53.48 -56.68
CA ARG H 119 -30.73 54.16 -57.17
C ARG H 119 -29.75 54.53 -56.06
N ALA H 120 -30.22 54.94 -54.89
CA ALA H 120 -29.34 55.31 -53.79
C ALA H 120 -28.60 54.10 -53.21
N LEU H 121 -29.27 52.96 -53.12
CA LEU H 121 -28.67 51.71 -52.69
C LEU H 121 -27.59 51.21 -53.68
N ASP H 122 -27.82 51.28 -54.98
CA ASP H 122 -26.81 50.91 -55.98
C ASP H 122 -25.52 51.73 -55.82
N ALA H 123 -25.62 53.05 -55.73
CA ALA H 123 -24.45 53.91 -55.65
C ALA H 123 -23.61 53.68 -54.37
N ALA H 124 -24.26 53.34 -53.26
CA ALA H 124 -23.59 53.02 -52.01
C ALA H 124 -22.80 51.71 -52.11
N VAL H 125 -23.40 50.65 -52.64
CA VAL H 125 -22.74 49.34 -52.77
C VAL H 125 -21.55 49.40 -53.72
N LEU H 126 -21.72 49.97 -54.92
CA LEU H 126 -20.68 49.94 -55.95
C LEU H 126 -19.48 50.82 -55.61
N PHE H 127 -19.71 52.09 -55.28
CA PHE H 127 -18.65 53.10 -55.15
C PHE H 127 -18.54 53.72 -53.77
N GLY H 128 -19.39 53.31 -52.83
CA GLY H 128 -19.37 53.86 -51.48
C GLY H 128 -19.95 55.27 -51.39
N HIS H 129 -20.70 55.72 -52.40
CA HIS H 129 -21.26 57.06 -52.42
C HIS H 129 -22.31 57.22 -51.32
N GLN H 130 -22.10 58.17 -50.40
CA GLN H 130 -22.94 58.38 -49.22
C GLN H 130 -23.22 57.09 -48.43
N LYS H 131 -22.29 56.14 -48.43
CA LYS H 131 -22.42 54.86 -47.71
C LYS H 131 -22.57 55.13 -46.20
N PRO H 132 -23.55 54.54 -45.50
CA PRO H 132 -23.70 54.71 -44.06
C PRO H 132 -22.43 54.34 -43.29
N VAL H 133 -22.07 55.13 -42.28
CA VAL H 133 -20.83 54.94 -41.50
C VAL H 133 -20.80 53.60 -40.77
N THR H 134 -21.97 53.06 -40.43
CA THR H 134 -22.15 51.77 -39.77
C THR H 134 -21.90 50.58 -40.66
N TRP H 135 -21.84 50.74 -41.99
CA TRP H 135 -21.46 49.67 -42.90
C TRP H 135 -19.94 49.52 -42.90
N ALA H 136 -19.43 48.53 -42.18
CA ALA H 136 -17.99 48.31 -42.04
C ALA H 136 -17.34 47.73 -43.30
N SER H 137 -18.10 47.02 -44.14
CA SER H 137 -17.60 46.49 -45.40
C SER H 137 -17.18 47.60 -46.36
N LYS H 138 -16.09 47.38 -47.11
CA LYS H 138 -15.69 48.25 -48.20
C LYS H 138 -16.71 48.14 -49.34
N SER H 139 -16.97 49.22 -50.05
CA SER H 139 -17.73 49.15 -51.31
C SER H 139 -16.97 48.35 -52.35
N LEU H 140 -17.61 47.91 -53.43
CA LEU H 140 -16.93 47.05 -54.40
C LEU H 140 -15.68 47.71 -54.96
N PHE H 141 -15.75 48.95 -55.42
CA PHE H 141 -14.60 49.66 -55.95
C PHE H 141 -13.49 49.79 -54.91
N GLU H 142 -13.84 50.19 -53.70
CA GLU H 142 -12.91 50.39 -52.58
C GLU H 142 -12.24 49.08 -52.16
N SER H 143 -12.95 47.97 -52.24
CA SER H 143 -12.39 46.66 -51.97
C SER H 143 -11.33 46.27 -52.99
N ALA H 144 -11.62 46.41 -54.28
CA ALA H 144 -10.66 46.14 -55.34
C ALA H 144 -9.46 47.09 -55.28
N ASP H 145 -9.71 48.38 -55.10
CA ASP H 145 -8.67 49.41 -55.07
C ASP H 145 -7.69 49.19 -53.91
N ASP H 146 -8.18 48.88 -52.72
CA ASP H 146 -7.31 48.59 -51.58
C ASP H 146 -6.57 47.25 -51.70
N ALA H 147 -7.20 46.22 -52.28
CA ALA H 147 -6.54 44.97 -52.60
C ALA H 147 -5.51 45.08 -53.73
N GLY H 148 -5.43 46.22 -54.42
CA GLY H 148 -4.55 46.42 -55.57
C GLY H 148 -5.00 45.69 -56.83
N GLN H 149 -6.23 45.17 -56.86
CA GLN H 149 -6.81 44.44 -58.00
C GLN H 149 -7.37 45.39 -59.06
N VAL H 150 -6.52 46.27 -59.56
CA VAL H 150 -6.86 47.32 -60.52
C VAL H 150 -6.07 47.12 -61.81
N VAL H 151 -6.77 47.05 -62.93
CA VAL H 151 -6.17 46.93 -64.27
C VAL H 151 -6.43 48.21 -65.05
N ALA H 152 -5.40 48.93 -65.45
CA ALA H 152 -5.56 50.11 -66.28
C ALA H 152 -5.57 49.74 -67.77
N VAL H 153 -6.61 50.12 -68.51
CA VAL H 153 -6.60 50.00 -69.98
C VAL H 153 -5.50 50.88 -70.56
N GLY H 154 -4.83 50.41 -71.60
CA GLY H 154 -3.79 51.14 -72.32
C GLY H 154 -4.13 51.36 -73.80
N ASN H 155 -3.30 52.13 -74.50
CA ASN H 155 -3.43 52.39 -75.94
C ASN H 155 -2.33 51.69 -76.78
N SER H 156 -1.95 50.47 -76.38
CA SER H 156 -0.93 49.66 -77.07
C SER H 156 -1.40 49.03 -78.39
N ASN H 157 -2.64 49.26 -78.82
CA ASN H 157 -3.32 48.47 -79.86
C ASN H 157 -3.28 46.97 -79.55
N GLY H 158 -3.35 46.59 -78.28
CA GLY H 158 -3.27 45.21 -77.84
C GLY H 158 -1.87 44.57 -77.93
N VAL H 159 -0.80 45.33 -78.17
CA VAL H 159 0.57 44.79 -78.17
C VAL H 159 0.94 44.37 -76.75
N GLU H 160 0.55 45.14 -75.74
CA GLU H 160 0.32 44.49 -74.46
C GLU H 160 -1.07 43.91 -74.26
N GLY H 161 -1.27 43.03 -73.29
CA GLY H 161 -2.59 42.43 -73.05
C GLY H 161 -3.58 43.38 -72.38
N ASP H 162 -3.60 44.66 -72.77
CA ASP H 162 -4.17 45.78 -72.02
C ASP H 162 -5.12 46.66 -72.84
N ASP H 163 -5.61 46.16 -73.98
CA ASP H 163 -6.90 46.63 -74.49
C ASP H 163 -8.01 46.19 -73.53
N ILE H 164 -9.27 46.63 -73.72
CA ILE H 164 -10.31 46.32 -72.73
C ILE H 164 -10.56 44.82 -72.59
N SER H 165 -10.43 44.06 -73.67
CA SER H 165 -10.64 42.61 -73.64
C SER H 165 -9.54 41.88 -72.88
N GLY H 166 -8.28 42.21 -73.14
CA GLY H 166 -7.15 41.70 -72.38
C GLY H 166 -7.19 42.15 -70.93
N SER H 167 -7.69 43.36 -70.67
CA SER H 167 -7.90 43.86 -69.32
C SER H 167 -8.99 43.12 -68.56
N ILE H 168 -10.09 42.73 -69.21
CA ILE H 168 -11.12 41.93 -68.55
C ILE H 168 -10.58 40.55 -68.21
N LEU H 169 -9.76 39.94 -69.06
CA LEU H 169 -9.13 38.65 -68.74
C LEU H 169 -8.17 38.75 -67.57
N GLN H 170 -7.33 39.78 -67.51
CA GLN H 170 -6.48 40.05 -66.35
C GLN H 170 -7.29 40.24 -65.08
N ALA H 171 -8.38 41.01 -65.12
CA ALA H 171 -9.26 41.19 -63.99
C ALA H 171 -9.97 39.89 -63.57
N ALA H 172 -10.46 39.08 -64.50
CA ALA H 172 -11.02 37.78 -64.18
C ALA H 172 -9.99 36.87 -63.52
N GLU H 173 -8.73 36.88 -63.96
CA GLU H 173 -7.68 36.12 -63.32
C GLU H 173 -7.42 36.57 -61.87
N MET H 174 -7.39 37.87 -61.59
CA MET H 174 -7.20 38.40 -60.24
C MET H 174 -8.26 37.88 -59.28
N VAL H 175 -9.54 37.91 -59.68
CA VAL H 175 -10.62 37.40 -58.85
C VAL H 175 -10.55 35.88 -58.73
N ALA H 176 -10.31 35.16 -59.83
CA ALA H 176 -10.28 33.70 -59.87
C ALA H 176 -9.16 33.07 -59.03
N ASP H 177 -8.14 33.84 -58.65
CA ASP H 177 -7.04 33.35 -57.83
C ASP H 177 -7.49 32.78 -56.48
N VAL H 178 -8.53 33.37 -55.86
CA VAL H 178 -9.13 32.92 -54.58
C VAL H 178 -10.63 32.66 -54.70
N TYR H 179 -11.33 33.36 -55.58
CA TYR H 179 -12.78 33.34 -55.71
C TYR H 179 -13.24 32.73 -57.04
N ASP H 180 -14.50 32.88 -57.40
CA ASP H 180 -15.05 32.38 -58.66
C ASP H 180 -15.81 33.50 -59.41
N PRO H 181 -15.14 34.31 -60.25
CA PRO H 181 -15.78 35.46 -60.89
C PRO H 181 -16.91 35.04 -61.81
N SER H 182 -17.98 35.82 -61.85
CA SER H 182 -19.17 35.47 -62.63
C SER H 182 -19.90 36.63 -63.27
N HIS H 183 -19.73 37.86 -62.80
CA HIS H 183 -20.40 39.04 -63.34
C HIS H 183 -19.41 40.12 -63.72
N LEU H 184 -19.71 40.82 -64.81
CA LEU H 184 -19.03 42.02 -65.23
C LEU H 184 -20.02 43.18 -65.11
N LEU H 185 -19.74 44.12 -64.22
CA LEU H 185 -20.59 45.27 -63.94
C LEU H 185 -20.02 46.47 -64.69
N GLY H 186 -20.85 47.29 -65.34
CA GLY H 186 -20.39 48.50 -66.00
C GLY H 186 -21.53 49.37 -66.47
N TYR H 187 -21.31 50.10 -67.56
CA TYR H 187 -22.31 50.92 -68.23
C TYR H 187 -22.53 50.44 -69.66
N SER H 188 -23.73 50.68 -70.18
CA SER H 188 -24.23 50.08 -71.42
C SER H 188 -23.40 50.38 -72.66
N GLY H 189 -23.65 49.64 -73.75
CA GLY H 189 -22.98 49.83 -75.03
C GLY H 189 -21.61 49.18 -75.12
N LEU H 190 -21.28 48.28 -74.21
CA LEU H 190 -20.01 47.54 -74.21
C LEU H 190 -19.82 46.76 -75.52
N ARG H 191 -20.89 46.30 -76.19
CA ARG H 191 -20.84 45.70 -77.52
C ARG H 191 -20.11 46.55 -78.56
N TYR H 192 -20.29 47.87 -78.52
CA TYR H 192 -19.63 48.80 -79.44
C TYR H 192 -18.19 49.11 -79.07
N ARG H 193 -17.79 48.81 -77.84
CA ARG H 193 -16.41 48.99 -77.33
C ARG H 193 -15.58 47.73 -77.48
N LEU H 194 -16.21 46.55 -77.45
CA LEU H 194 -15.55 45.26 -77.66
C LEU H 194 -15.26 45.02 -79.13
N ALA H 195 -16.27 45.07 -79.99
CA ALA H 195 -16.07 45.33 -81.41
C ALA H 195 -15.31 46.65 -81.55
N ASN H 196 -14.64 46.91 -82.67
CA ASN H 196 -13.81 48.09 -82.83
C ASN H 196 -12.56 48.17 -81.91
N GLN H 197 -12.18 47.11 -81.19
CA GLN H 197 -10.80 46.94 -80.72
C GLN H 197 -9.90 46.55 -81.89
N ARG H 198 -8.80 47.25 -82.12
CA ARG H 198 -7.92 47.06 -83.28
C ARG H 198 -6.51 46.67 -82.90
N ASP H 199 -5.89 45.82 -83.70
CA ASP H 199 -4.47 45.50 -83.63
C ASP H 199 -3.60 46.65 -84.17
N ALA H 200 -2.28 46.52 -84.14
CA ALA H 200 -1.36 47.57 -84.55
C ALA H 200 -1.40 47.90 -86.06
N ASN H 201 -2.02 47.06 -86.89
CA ASN H 201 -2.28 47.33 -88.29
C ASN H 201 -3.72 47.82 -88.53
N GLY H 202 -4.53 47.98 -87.50
CA GLY H 202 -5.91 48.42 -87.62
C GLY H 202 -6.92 47.30 -87.87
N GLN H 203 -6.52 46.04 -87.94
CA GLN H 203 -7.47 44.92 -88.06
C GLN H 203 -8.20 44.69 -86.74
N PRO H 204 -9.46 44.25 -86.72
CA PRO H 204 -10.14 43.87 -85.49
C PRO H 204 -9.46 42.75 -84.71
N LEU H 205 -9.54 42.81 -83.37
CA LEU H 205 -9.07 41.76 -82.45
C LEU H 205 -10.18 40.84 -81.95
N PHE H 206 -11.40 41.36 -81.79
CA PHE H 206 -12.44 40.68 -81.03
C PHE H 206 -13.19 39.64 -81.85
N GLN H 207 -13.47 39.96 -83.11
CA GLN H 207 -14.12 39.10 -84.09
C GLN H 207 -13.42 39.32 -85.44
N PRO H 208 -13.59 38.45 -86.44
CA PRO H 208 -12.72 38.44 -87.62
C PRO H 208 -12.64 39.75 -88.41
N TYR H 209 -13.78 40.32 -88.81
CA TYR H 209 -13.85 41.49 -89.68
C TYR H 209 -14.92 42.46 -89.19
N MET H 210 -14.87 43.72 -89.64
CA MET H 210 -15.87 44.74 -89.30
C MET H 210 -17.23 44.51 -89.96
N GLN H 211 -17.35 43.52 -90.85
CA GLN H 211 -18.45 43.37 -91.80
C GLN H 211 -19.81 43.00 -91.18
N GLY H 212 -19.85 42.51 -89.94
CA GLY H 212 -21.08 42.22 -89.19
C GLY H 212 -20.88 42.44 -87.70
N THR H 213 -20.40 43.61 -87.33
CA THR H 213 -19.58 43.78 -86.15
C THR H 213 -20.26 43.92 -84.79
N PRO H 214 -21.43 44.57 -84.58
CA PRO H 214 -21.99 44.69 -83.24
C PRO H 214 -22.51 43.32 -82.78
N GLY H 215 -21.86 42.72 -81.79
CA GLY H 215 -22.24 41.43 -81.22
C GLY H 215 -23.30 41.55 -80.13
N SER H 216 -23.66 40.43 -79.51
CA SER H 216 -24.46 40.41 -78.29
C SER H 216 -23.69 40.95 -77.10
N ASP H 217 -24.37 41.51 -76.11
CA ASP H 217 -23.74 42.18 -74.96
C ASP H 217 -23.96 41.46 -73.62
N GLY H 218 -24.76 40.38 -73.60
CA GLY H 218 -25.24 39.75 -72.37
C GLY H 218 -24.20 38.91 -71.62
N MET H 219 -23.15 38.49 -72.31
CA MET H 219 -22.16 37.52 -71.84
C MET H 219 -20.81 37.85 -72.48
N VAL H 220 -19.83 38.24 -71.68
CA VAL H 220 -18.50 38.66 -72.15
C VAL H 220 -17.45 37.83 -71.43
N HIS H 221 -16.62 37.08 -72.15
CA HIS H 221 -15.59 36.23 -71.54
C HIS H 221 -16.14 35.26 -70.48
N GLY H 222 -17.36 34.77 -70.67
CA GLY H 222 -18.04 33.88 -69.72
C GLY H 222 -18.56 34.58 -68.45
N LEU H 223 -18.50 35.90 -68.38
CA LEU H 223 -19.08 36.71 -67.31
C LEU H 223 -20.43 37.27 -67.78
N ASN H 224 -21.48 37.15 -66.98
CA ASN H 224 -22.75 37.82 -67.26
C ASN H 224 -22.60 39.32 -67.07
N THR H 225 -23.06 40.13 -68.00
CA THR H 225 -22.96 41.58 -67.87
C THR H 225 -24.10 42.18 -67.06
N VAL H 226 -23.84 43.30 -66.38
CA VAL H 226 -24.83 44.11 -65.68
C VAL H 226 -24.54 45.57 -65.96
N PHE H 227 -25.55 46.33 -66.42
CA PHE H 227 -25.38 47.73 -66.77
C PHE H 227 -26.11 48.65 -65.79
N PHE H 228 -25.40 49.65 -65.26
CA PHE H 228 -25.87 50.59 -64.25
C PHE H 228 -26.08 52.00 -64.83
N SER H 229 -27.11 52.69 -64.39
CA SER H 229 -27.48 54.01 -64.91
C SER H 229 -28.32 54.83 -63.94
N GLY H 230 -28.36 56.13 -64.17
CA GLY H 230 -29.11 57.10 -63.40
C GLY H 230 -28.24 57.94 -62.50
N ASN H 231 -28.87 58.73 -61.65
CA ASN H 231 -28.22 59.69 -60.76
C ASN H 231 -28.76 59.58 -59.34
N VAL H 232 -28.03 60.15 -58.40
CA VAL H 232 -28.29 60.16 -56.96
C VAL H 232 -27.91 61.52 -56.38
N ASP H 233 -28.35 61.80 -55.16
CA ASP H 233 -28.00 63.02 -54.42
C ASP H 233 -26.50 63.29 -54.38
N ASP H 234 -26.04 64.50 -54.71
CA ASP H 234 -24.64 64.90 -54.54
C ASP H 234 -24.36 65.56 -53.18
N GLY H 235 -25.37 65.72 -52.32
CA GLY H 235 -25.28 66.42 -51.04
C GLY H 235 -25.41 67.94 -51.13
N SER H 236 -25.70 68.51 -52.32
CA SER H 236 -25.76 69.95 -52.60
C SER H 236 -26.90 70.32 -53.55
N ASN H 237 -28.00 69.58 -53.52
CA ASN H 237 -29.17 69.76 -54.39
C ASN H 237 -28.90 69.57 -55.90
N GLY H 238 -27.79 68.93 -56.28
CA GLY H 238 -27.50 68.50 -57.63
C GLY H 238 -27.51 66.99 -57.80
N ASP H 239 -26.86 66.51 -58.86
CA ASP H 239 -26.74 65.09 -59.21
C ASP H 239 -25.29 64.60 -59.15
N ALA H 240 -25.10 63.38 -58.68
CA ALA H 240 -23.93 62.56 -58.94
C ALA H 240 -24.37 61.31 -59.71
N PRO H 241 -23.58 60.74 -60.63
CA PRO H 241 -23.96 59.54 -61.38
C PRO H 241 -23.87 58.28 -60.51
N VAL H 242 -24.71 57.28 -60.75
CA VAL H 242 -24.63 55.99 -60.04
C VAL H 242 -23.33 55.27 -60.36
N TRP H 243 -22.89 55.28 -61.62
CA TRP H 243 -21.58 54.80 -62.06
C TRP H 243 -20.73 55.97 -62.54
N ASP H 244 -19.59 56.26 -61.89
CA ASP H 244 -18.70 57.31 -62.36
C ASP H 244 -17.72 56.78 -63.42
N ARG H 245 -17.97 57.10 -64.69
CA ARG H 245 -17.22 56.55 -65.82
C ARG H 245 -15.76 57.00 -65.84
N ASP H 246 -15.40 58.07 -65.13
CA ASP H 246 -14.02 58.52 -65.05
C ASP H 246 -13.15 57.68 -64.11
N VAL H 247 -13.73 56.89 -63.20
CA VAL H 247 -12.96 56.07 -62.25
C VAL H 247 -12.90 54.59 -62.64
N ALA H 248 -13.96 54.02 -63.20
CA ALA H 248 -14.01 52.62 -63.60
C ALA H 248 -14.72 52.43 -64.94
N SER H 249 -14.17 51.60 -65.81
CA SER H 249 -14.82 51.15 -67.05
C SER H 249 -15.71 49.95 -66.78
N ALA H 250 -15.28 49.03 -65.91
CA ALA H 250 -16.04 47.88 -65.49
C ALA H 250 -15.47 47.30 -64.19
N ILE H 251 -16.24 46.44 -63.54
CA ILE H 251 -15.86 45.70 -62.33
C ILE H 251 -16.14 44.22 -62.57
N VAL H 252 -15.19 43.34 -62.29
CA VAL H 252 -15.40 41.90 -62.26
C VAL H 252 -15.66 41.49 -60.82
N VAL H 253 -16.63 40.62 -60.58
CA VAL H 253 -17.00 40.23 -59.22
C VAL H 253 -17.43 38.76 -59.14
N ASP H 254 -17.17 38.11 -58.01
CA ASP H 254 -17.87 36.90 -57.60
C ASP H 254 -19.12 37.27 -56.80
N ARG H 255 -20.31 37.18 -57.39
CA ARG H 255 -21.55 37.62 -56.73
C ARG H 255 -21.82 36.91 -55.41
N SER H 256 -21.33 35.70 -55.22
CA SER H 256 -21.63 34.90 -54.03
C SER H 256 -21.03 35.50 -52.76
N ARG H 257 -20.04 36.38 -52.89
CA ARG H 257 -19.37 37.05 -51.78
C ARG H 257 -20.01 38.35 -51.35
N VAL H 258 -21.11 38.76 -52.00
CA VAL H 258 -21.89 39.95 -51.64
C VAL H 258 -23.17 39.50 -50.96
N VAL H 259 -23.54 40.11 -49.84
CA VAL H 259 -24.86 39.94 -49.24
C VAL H 259 -25.55 41.28 -49.17
N ILE H 260 -26.76 41.38 -49.73
CA ILE H 260 -27.65 42.52 -49.56
C ILE H 260 -28.67 42.12 -48.51
N GLY H 261 -28.62 42.74 -47.34
CA GLY H 261 -29.59 42.53 -46.28
C GLY H 261 -30.80 43.42 -46.52
N VAL H 262 -31.97 42.83 -46.72
CA VAL H 262 -33.23 43.60 -46.76
C VAL H 262 -33.90 43.46 -45.41
N ARG H 263 -33.90 44.53 -44.61
CA ARG H 263 -34.58 44.56 -43.31
C ARG H 263 -36.04 44.92 -43.45
N GLN H 264 -36.36 45.84 -44.35
CA GLN H 264 -37.73 46.24 -44.65
C GLN H 264 -37.76 46.72 -46.09
N ASP H 265 -38.56 46.07 -46.93
CA ASP H 265 -38.72 46.48 -48.33
C ASP H 265 -39.37 47.86 -48.44
N ILE H 266 -39.38 48.47 -49.63
CA ILE H 266 -39.93 49.81 -49.84
C ILE H 266 -41.42 49.83 -49.47
N THR H 267 -41.78 50.73 -48.56
CA THR H 267 -43.16 50.98 -48.11
C THR H 267 -43.57 52.39 -48.46
N VAL H 268 -44.85 52.59 -48.79
CA VAL H 268 -45.45 53.89 -49.11
C VAL H 268 -46.57 54.21 -48.13
N LYS H 269 -46.53 55.39 -47.52
CA LYS H 269 -47.56 55.92 -46.63
C LYS H 269 -48.15 57.18 -47.24
N TYR H 270 -49.45 57.20 -47.49
CA TYR H 270 -50.17 58.40 -47.89
C TYR H 270 -50.49 59.29 -46.69
N LEU H 271 -50.01 60.53 -46.70
CA LEU H 271 -50.16 61.51 -45.62
C LEU H 271 -51.13 62.61 -46.03
N ASP H 272 -52.11 62.93 -45.20
CA ASP H 272 -53.08 64.01 -45.45
C ASP H 272 -53.24 64.99 -44.28
N GLN H 273 -52.73 64.69 -43.09
CA GLN H 273 -52.81 65.54 -41.89
C GLN H 273 -51.48 65.81 -41.22
N ALA H 274 -50.41 65.10 -41.58
CA ALA H 274 -49.10 65.28 -40.99
C ALA H 274 -48.52 66.68 -41.23
N THR H 275 -47.49 67.05 -40.48
CA THR H 275 -46.64 68.19 -40.83
C THR H 275 -45.34 67.67 -41.43
N VAL H 276 -44.98 68.10 -42.62
CA VAL H 276 -43.77 67.62 -43.31
C VAL H 276 -43.00 68.80 -43.89
N GLY H 277 -41.70 68.92 -43.63
CA GLY H 277 -40.90 70.06 -44.09
C GLY H 277 -41.42 71.43 -43.63
N GLY H 278 -42.18 71.48 -42.55
CA GLY H 278 -42.89 72.69 -42.07
C GLY H 278 -44.24 72.97 -42.75
N ILE H 279 -44.66 72.15 -43.72
CA ILE H 279 -45.97 72.19 -44.37
C ILE H 279 -46.98 71.46 -43.49
N ASN H 280 -47.97 72.17 -42.93
CA ASN H 280 -49.10 71.54 -42.25
C ASN H 280 -50.09 71.03 -43.30
N LEU H 281 -50.07 69.74 -43.65
CA LEU H 281 -50.72 69.28 -44.88
C LEU H 281 -52.23 69.56 -44.91
N ALA H 282 -52.97 69.18 -43.87
CA ALA H 282 -54.43 69.36 -43.85
C ALA H 282 -54.84 70.82 -43.86
N GLU H 283 -54.14 71.66 -43.10
CA GLU H 283 -54.40 73.09 -43.04
C GLU H 283 -54.23 73.80 -44.38
N ARG H 284 -53.29 73.34 -45.23
CA ARG H 284 -52.95 73.96 -46.52
C ARG H 284 -53.53 73.23 -47.72
N ASP H 285 -54.46 72.30 -47.52
CA ASP H 285 -55.09 71.49 -48.56
C ASP H 285 -54.08 70.71 -49.43
N MET H 286 -53.01 70.25 -48.79
CA MET H 286 -51.98 69.42 -49.41
C MET H 286 -52.05 67.98 -48.94
N VAL H 287 -51.34 67.11 -49.63
CA VAL H 287 -51.09 65.71 -49.26
C VAL H 287 -49.62 65.39 -49.51
N ALA H 288 -49.14 64.26 -49.01
CA ALA H 288 -47.81 63.77 -49.36
C ALA H 288 -47.79 62.26 -49.49
N LEU H 289 -46.80 61.74 -50.21
CA LEU H 289 -46.41 60.35 -50.13
C LEU H 289 -45.07 60.26 -49.41
N ARG H 290 -44.97 59.40 -48.41
CA ARG H 290 -43.73 59.06 -47.69
C ARG H 290 -43.27 57.68 -48.13
N PHE H 291 -42.04 57.56 -48.58
CA PHE H 291 -41.41 56.32 -49.00
C PHE H 291 -40.28 55.99 -48.06
N CYS H 292 -40.18 54.75 -47.58
CA CYS H 292 -38.94 54.31 -46.95
C CYS H 292 -38.71 52.81 -47.04
N GLY H 293 -37.45 52.40 -46.96
CA GLY H 293 -36.99 51.02 -46.89
C GLY H 293 -35.70 50.93 -46.08
N ARG H 294 -35.37 49.75 -45.55
CA ARG H 294 -34.20 49.52 -44.68
C ARG H 294 -33.33 48.40 -45.23
N PHE H 295 -32.05 48.69 -45.41
CA PHE H 295 -31.11 47.83 -46.12
C PHE H 295 -29.76 47.74 -45.42
N ALA H 296 -29.00 46.68 -45.69
CA ALA H 296 -27.65 46.45 -45.22
C ALA H 296 -26.80 45.81 -46.32
N TYR H 297 -25.49 45.87 -46.19
CA TYR H 297 -24.56 45.26 -47.13
C TYR H 297 -23.36 44.66 -46.38
N ALA H 298 -22.93 43.47 -46.79
CA ALA H 298 -21.69 42.87 -46.33
C ALA H 298 -20.92 42.23 -47.48
N LEU H 299 -19.58 42.31 -47.43
CA LEU H 299 -18.68 41.71 -48.39
C LEU H 299 -17.79 40.66 -47.73
N GLY H 300 -17.84 39.42 -48.22
CA GLY H 300 -17.06 38.30 -47.71
C GLY H 300 -15.64 38.26 -48.26
N ASP H 301 -14.85 39.31 -48.03
CA ASP H 301 -13.65 39.57 -48.82
C ASP H 301 -12.31 38.97 -48.39
N ASN H 302 -12.16 38.46 -47.17
CA ASN H 302 -10.87 37.98 -46.66
C ASN H 302 -10.93 36.51 -46.25
N ILE H 303 -11.11 35.61 -47.22
CA ILE H 303 -10.91 34.17 -47.03
C ILE H 303 -9.50 33.89 -46.48
N ALA H 304 -9.40 33.07 -45.44
CA ALA H 304 -8.15 32.72 -44.76
C ALA H 304 -7.19 31.94 -45.65
N GLN H 305 -5.87 32.10 -45.44
CA GLN H 305 -4.84 31.49 -46.28
C GLN H 305 -3.71 30.81 -45.50
N GLY H 306 -3.49 31.13 -44.23
CA GLY H 306 -2.39 30.58 -43.43
C GLY H 306 -2.39 31.08 -42.00
N ARG H 307 -1.20 31.26 -41.41
CA ARG H 307 -1.01 31.76 -40.05
C ARG H 307 -1.40 33.22 -39.90
N VAL H 308 -1.05 34.05 -40.88
CA VAL H 308 -1.29 35.49 -40.86
C VAL H 308 -2.66 35.78 -41.44
N ALA H 309 -3.39 36.76 -40.90
CA ALA H 309 -4.68 37.16 -41.45
C ALA H 309 -4.51 37.69 -42.88
N ALA H 310 -5.20 37.09 -43.83
CA ALA H 310 -5.07 37.39 -45.26
C ALA H 310 -5.78 38.68 -45.66
N GLU H 311 -5.31 39.32 -46.72
CA GLU H 311 -6.01 40.38 -47.44
C GLU H 311 -6.26 39.96 -48.89
N ASN H 312 -7.52 39.83 -49.29
CA ASN H 312 -7.93 39.53 -50.66
C ASN H 312 -9.06 40.47 -51.08
N SER H 313 -9.58 40.31 -52.30
CA SER H 313 -10.88 40.87 -52.66
C SER H 313 -11.58 39.97 -53.67
N PRO H 314 -12.91 39.81 -53.63
CA PRO H 314 -13.67 39.11 -54.65
C PRO H 314 -14.02 40.01 -55.83
N VAL H 315 -13.37 41.16 -55.93
CA VAL H 315 -13.66 42.25 -56.86
C VAL H 315 -12.38 42.70 -57.56
N ALA H 316 -12.40 42.89 -58.88
CA ALA H 316 -11.33 43.56 -59.61
C ALA H 316 -11.89 44.67 -60.50
N VAL H 317 -11.16 45.78 -60.63
CA VAL H 317 -11.59 46.98 -61.36
C VAL H 317 -10.80 47.12 -62.65
N ILE H 318 -11.46 47.43 -63.75
CA ILE H 318 -10.81 47.92 -64.97
C ILE H 318 -10.99 49.43 -65.00
N THR H 319 -9.92 50.22 -65.10
CA THR H 319 -10.00 51.69 -65.19
C THR H 319 -9.79 52.18 -66.61
N PRO H 320 -10.45 53.26 -67.04
CA PRO H 320 -10.27 53.80 -68.39
C PRO H 320 -8.83 54.22 -68.65
N TYR H 321 -8.43 54.27 -69.92
CA TYR H 321 -7.16 54.86 -70.31
C TYR H 321 -7.16 56.36 -70.01
N ALA H 322 -6.29 56.79 -69.11
CA ALA H 322 -6.26 58.17 -68.63
C ALA H 322 -5.37 59.12 -69.46
N GLY H 323 -4.39 58.58 -70.18
CA GLY H 323 -3.34 59.36 -70.83
C GLY H 323 -3.76 60.09 -72.11
N SER H 324 -2.76 60.68 -72.78
CA SER H 324 -2.89 61.46 -74.04
C SER H 324 -3.92 62.60 -73.97
N ALA I 2 37.95 -67.40 59.59
CA ALA I 2 37.34 -66.13 59.21
C ALA I 2 35.81 -66.20 59.25
N ASP I 3 35.15 -65.06 59.46
CA ASP I 3 33.69 -64.93 59.47
C ASP I 3 33.24 -63.54 59.00
N THR I 4 32.01 -63.41 58.48
CA THR I 4 31.46 -62.09 58.20
C THR I 4 31.05 -61.43 59.51
N ASN I 5 31.86 -60.47 59.95
CA ASN I 5 31.67 -59.73 61.19
C ASN I 5 30.42 -58.83 61.11
N ARG I 6 29.96 -58.28 62.23
CA ARG I 6 28.89 -57.27 62.21
C ARG I 6 29.31 -55.99 61.49
N THR I 7 30.61 -55.62 61.59
CA THR I 7 31.17 -54.45 60.86
C THR I 7 31.18 -54.76 59.35
N ASP I 8 31.38 -56.01 58.95
CA ASP I 8 31.37 -56.40 57.53
C ASP I 8 29.96 -56.33 56.95
N ALA I 9 28.98 -56.81 57.70
CA ALA I 9 27.58 -56.78 57.32
C ALA I 9 26.88 -55.43 57.59
N ALA I 10 27.55 -54.43 58.16
CA ALA I 10 26.90 -53.23 58.71
C ALA I 10 26.03 -52.47 57.69
N ALA I 11 26.46 -52.37 56.43
CA ALA I 11 25.66 -51.73 55.37
C ALA I 11 24.31 -52.42 55.13
N LEU I 12 24.22 -53.73 55.42
CA LEU I 12 22.97 -54.48 55.46
C LEU I 12 21.98 -54.26 56.62
N ILE I 13 22.38 -53.48 57.63
CA ILE I 13 21.64 -53.21 58.86
C ILE I 13 21.08 -51.80 59.15
N GLN I 14 19.76 -51.72 59.25
CA GLN I 14 19.04 -50.47 59.49
C GLN I 14 18.94 -50.13 60.98
N GLU I 15 18.96 -48.84 61.30
CA GLU I 15 18.51 -48.34 62.60
C GLU I 15 16.98 -48.17 62.63
N ALA I 16 16.38 -48.24 63.81
CA ALA I 16 15.00 -47.83 63.98
C ALA I 16 14.64 -46.52 64.69
N TYR I 17 13.34 -46.22 64.76
CA TYR I 17 12.81 -44.99 65.33
C TYR I 17 11.64 -45.28 66.26
N SER I 18 11.60 -44.57 67.39
CA SER I 18 10.53 -44.67 68.38
C SER I 18 10.26 -43.31 69.03
N ASP I 19 9.01 -43.05 69.37
CA ASP I 19 8.52 -41.79 69.92
C ASP I 19 8.26 -41.83 71.44
N VAL I 20 8.71 -42.86 72.16
CA VAL I 20 8.37 -43.08 73.57
C VAL I 20 8.71 -41.92 74.50
N PHE I 21 9.73 -41.12 74.22
CA PHE I 21 10.09 -39.94 75.01
C PHE I 21 9.48 -38.63 74.52
N LEU I 22 8.72 -38.63 73.42
CA LEU I 22 7.90 -37.48 73.04
C LEU I 22 6.60 -37.46 73.85
N ASP I 23 6.03 -36.29 74.07
CA ASP I 23 4.74 -36.17 74.76
C ASP I 23 3.61 -36.81 73.93
N SER I 24 2.69 -37.51 74.58
CA SER I 24 1.57 -38.19 73.91
C SER I 24 0.31 -37.33 73.79
N VAL I 25 0.23 -36.22 74.53
CA VAL I 25 -0.97 -35.39 74.65
C VAL I 25 -0.61 -33.92 74.85
N SER I 26 -1.44 -33.01 74.35
CA SER I 26 -1.25 -31.58 74.59
C SER I 26 -1.50 -31.24 76.05
N GLU I 27 -0.66 -30.37 76.61
CA GLU I 27 -0.97 -29.71 77.87
C GLU I 27 -2.22 -28.81 77.75
N THR I 28 -2.74 -28.39 78.90
CA THR I 28 -3.69 -27.29 79.01
C THR I 28 -3.46 -26.36 80.21
N ALA I 29 -3.95 -25.11 80.17
CA ALA I 29 -3.75 -24.20 81.29
C ALA I 29 -4.35 -24.83 82.55
N LYS I 30 -3.59 -24.98 83.63
CA LYS I 30 -4.13 -25.57 84.86
C LYS I 30 -5.22 -24.70 85.46
N VAL I 31 -5.23 -23.39 85.21
CA VAL I 31 -6.37 -22.56 85.55
C VAL I 31 -7.63 -22.96 84.76
N ILE I 32 -7.54 -23.26 83.46
CA ILE I 32 -8.69 -23.75 82.68
C ILE I 32 -9.14 -25.11 83.19
N GLY I 33 -8.20 -25.96 83.58
CA GLY I 33 -8.53 -27.27 84.12
C GLY I 33 -9.24 -27.25 85.48
N THR I 34 -9.09 -26.19 86.28
CA THR I 34 -9.46 -26.20 87.70
C THR I 34 -10.47 -25.13 88.11
N PHE I 35 -10.44 -23.93 87.54
CA PHE I 35 -11.43 -22.89 87.81
C PHE I 35 -12.60 -22.94 86.83
N PRO I 36 -13.76 -22.35 87.15
CA PRO I 36 -14.88 -22.21 86.22
C PRO I 36 -14.48 -21.53 84.90
N VAL I 37 -14.99 -22.02 83.78
CA VAL I 37 -14.72 -21.49 82.45
C VAL I 37 -15.98 -20.91 81.82
N TYR I 38 -15.91 -19.68 81.31
CA TYR I 38 -16.98 -19.01 80.58
C TYR I 38 -16.59 -18.75 79.12
N ASN I 39 -17.37 -19.21 78.15
CA ASN I 39 -17.09 -18.98 76.73
C ASN I 39 -17.59 -17.60 76.30
N MET I 40 -16.70 -16.65 76.03
CA MET I 40 -17.07 -15.27 75.70
C MET I 40 -17.45 -15.10 74.21
N GLY I 41 -18.42 -14.24 73.90
CA GLY I 41 -18.83 -13.93 72.52
C GLY I 41 -18.25 -12.63 71.94
N THR I 42 -17.61 -11.79 72.77
CA THR I 42 -17.09 -10.47 72.42
C THR I 42 -16.02 -10.05 73.42
N LYS I 43 -15.25 -8.98 73.17
CA LYS I 43 -14.09 -8.62 73.98
C LYS I 43 -14.40 -8.36 75.45
N THR I 44 -15.48 -7.65 75.78
CA THR I 44 -15.85 -7.34 77.17
C THR I 44 -17.14 -8.04 77.57
N THR I 45 -17.14 -8.74 78.70
CA THR I 45 -18.36 -9.26 79.34
C THR I 45 -18.55 -8.62 80.70
N ASN I 46 -19.74 -8.11 81.00
CA ASN I 46 -20.12 -7.62 82.32
C ASN I 46 -20.64 -8.74 83.20
N LEU I 47 -20.19 -8.76 84.45
CA LEU I 47 -20.53 -9.76 85.46
C LEU I 47 -21.03 -9.02 86.72
N PRO I 48 -22.34 -8.97 87.00
CA PRO I 48 -22.84 -8.41 88.24
C PRO I 48 -22.42 -9.26 89.43
N VAL I 49 -22.13 -8.62 90.56
CA VAL I 49 -21.93 -9.29 91.86
C VAL I 49 -22.76 -8.56 92.91
N LEU I 50 -23.41 -9.29 93.81
CA LEU I 50 -24.19 -8.68 94.88
C LEU I 50 -23.25 -8.01 95.89
N SER I 51 -23.55 -6.78 96.27
CA SER I 51 -22.68 -5.92 97.07
C SER I 51 -23.20 -5.70 98.50
N THR I 52 -24.51 -5.52 98.68
CA THR I 52 -25.20 -5.47 99.98
C THR I 52 -26.60 -6.06 99.85
N PHE I 53 -27.21 -6.50 100.96
CA PHE I 53 -28.51 -7.18 100.94
C PHE I 53 -29.40 -6.87 102.15
N PRO I 54 -30.71 -7.15 102.09
CA PRO I 54 -31.66 -6.94 103.18
C PRO I 54 -31.43 -7.79 104.43
N HIS I 55 -32.04 -7.38 105.53
CA HIS I 55 -32.26 -8.21 106.73
C HIS I 55 -33.74 -8.18 107.11
N ALA I 56 -34.29 -9.30 107.57
CA ALA I 56 -35.66 -9.40 108.06
C ALA I 56 -35.81 -8.93 109.52
N LYS I 57 -37.05 -8.73 109.98
CA LYS I 57 -37.39 -8.52 111.40
C LYS I 57 -38.51 -9.44 111.85
N TRP I 58 -38.54 -9.70 113.15
CA TRP I 58 -39.71 -10.21 113.84
C TRP I 58 -40.76 -9.12 113.95
N VAL I 59 -42.00 -9.44 113.62
CA VAL I 59 -43.14 -8.52 113.72
C VAL I 59 -44.25 -9.13 114.55
N GLY I 60 -44.89 -8.30 115.38
CA GLY I 60 -46.10 -8.65 116.11
C GLY I 60 -47.35 -8.44 115.28
N GLU I 61 -48.49 -8.90 115.77
CA GLU I 61 -49.79 -8.56 115.21
C GLU I 61 -50.28 -7.26 115.86
N SER I 62 -50.03 -6.13 115.21
CA SER I 62 -50.60 -4.84 115.59
C SER I 62 -51.21 -3.89 114.56
N ALA I 63 -52.34 -3.29 114.91
CA ALA I 63 -53.00 -2.29 114.09
C ALA I 63 -52.43 -0.88 114.29
N THR I 64 -51.73 -0.62 115.39
CA THR I 64 -51.30 0.74 115.79
C THR I 64 -49.87 0.83 116.29
N ALA I 65 -49.30 -0.20 116.90
CA ALA I 65 -47.94 -0.13 117.44
C ALA I 65 -46.86 -0.32 116.36
N PRO I 66 -45.67 0.30 116.52
CA PRO I 66 -44.45 -0.20 115.88
C PRO I 66 -44.16 -1.62 116.32
N GLU I 67 -43.32 -2.34 115.56
CA GLU I 67 -43.25 -3.81 115.55
C GLU I 67 -44.49 -4.50 114.99
N GLY I 68 -45.63 -3.82 114.83
CA GLY I 68 -46.68 -4.27 113.92
C GLY I 68 -46.35 -4.07 112.43
N VAL I 69 -45.29 -3.33 112.11
CA VAL I 69 -45.00 -2.81 110.76
C VAL I 69 -43.85 -3.59 110.14
N LYS I 70 -44.09 -4.23 108.98
CA LYS I 70 -43.06 -4.96 108.22
C LYS I 70 -42.04 -3.96 107.66
N PRO I 71 -40.72 -4.14 107.84
CA PRO I 71 -39.73 -3.14 107.48
C PRO I 71 -39.39 -3.11 105.99
N THR I 72 -39.00 -1.94 105.47
CA THR I 72 -38.36 -1.82 104.16
C THR I 72 -36.84 -1.94 103.99
N ALA I 73 -36.36 -2.31 102.80
CA ALA I 73 -34.94 -2.60 102.60
C ALA I 73 -34.41 -2.38 101.16
N LYS I 74 -33.10 -2.18 101.08
CA LYS I 74 -32.29 -1.96 99.87
C LYS I 74 -31.41 -3.19 99.60
N ALA I 75 -31.34 -3.66 98.36
CA ALA I 75 -30.21 -4.44 97.85
C ALA I 75 -29.30 -3.56 96.99
N THR I 76 -28.08 -3.98 96.65
CA THR I 76 -27.19 -3.28 95.72
C THR I 76 -26.25 -4.24 95.03
N TRP I 77 -25.89 -3.98 93.77
CA TRP I 77 -24.91 -4.75 93.01
C TRP I 77 -23.72 -3.90 92.58
N ALA I 78 -22.57 -4.54 92.44
CA ALA I 78 -21.39 -4.02 91.76
C ALA I 78 -21.18 -4.76 90.44
N ASN I 79 -20.19 -4.37 89.65
CA ASN I 79 -19.87 -4.97 88.37
C ASN I 79 -18.39 -5.37 88.30
N LYS I 80 -18.13 -6.53 87.70
CA LYS I 80 -16.80 -7.03 87.33
C LYS I 80 -16.79 -7.22 85.81
N THR I 81 -15.65 -7.08 85.16
CA THR I 81 -15.54 -7.30 83.71
C THR I 81 -14.49 -8.34 83.37
N LEU I 82 -14.86 -9.34 82.58
CA LEU I 82 -13.90 -10.07 81.75
C LEU I 82 -13.53 -9.22 80.55
N VAL I 83 -12.24 -9.01 80.28
CA VAL I 83 -11.73 -8.38 79.06
C VAL I 83 -10.79 -9.34 78.35
N ALA I 84 -11.11 -9.76 77.14
CA ALA I 84 -10.33 -10.74 76.40
C ALA I 84 -9.03 -10.13 75.84
N GLU I 85 -7.91 -10.77 76.10
CA GLU I 85 -6.56 -10.38 75.64
C GLU I 85 -5.90 -11.58 74.96
N GLU I 86 -4.99 -11.34 74.02
CA GLU I 86 -4.46 -12.38 73.14
C GLU I 86 -3.05 -12.85 73.53
N LEU I 87 -2.85 -14.16 73.62
CA LEU I 87 -1.55 -14.81 73.70
C LEU I 87 -1.24 -15.42 72.35
N ALA I 88 -0.01 -15.27 71.87
CA ALA I 88 0.39 -15.81 70.58
C ALA I 88 1.88 -16.16 70.49
N VAL I 89 2.23 -17.08 69.60
CA VAL I 89 3.61 -17.39 69.21
C VAL I 89 3.66 -17.84 67.75
N ILE I 90 4.75 -17.54 67.04
CA ILE I 90 4.98 -18.00 65.66
C ILE I 90 6.18 -18.94 65.64
N LEU I 91 6.01 -20.14 65.08
CA LEU I 91 7.08 -21.13 64.94
C LEU I 91 7.50 -21.26 63.46
N PRO I 92 8.50 -20.49 62.98
CA PRO I 92 9.01 -20.62 61.63
C PRO I 92 9.89 -21.88 61.47
N ILE I 93 9.71 -22.61 60.38
CA ILE I 93 10.46 -23.82 60.04
C ILE I 93 10.61 -23.96 58.51
N HIS I 94 11.68 -24.57 58.04
CA HIS I 94 11.90 -24.78 56.61
C HIS I 94 11.00 -25.88 56.06
N GLU I 95 10.41 -25.74 54.87
CA GLU I 95 9.47 -26.72 54.32
C GLU I 95 10.08 -28.10 54.11
N ASN I 96 11.31 -28.18 53.61
CA ASN I 96 11.96 -29.48 53.44
C ASN I 96 12.11 -30.22 54.77
N VAL I 97 12.34 -29.51 55.88
CA VAL I 97 12.43 -30.15 57.20
C VAL I 97 11.08 -30.74 57.60
N LEU I 98 9.96 -30.04 57.38
CA LEU I 98 8.64 -30.62 57.58
C LEU I 98 8.37 -31.80 56.64
N ALA I 99 8.80 -31.73 55.39
CA ALA I 99 8.58 -32.79 54.42
C ALA I 99 9.39 -34.06 54.73
N ASP I 100 10.62 -33.89 55.22
CA ASP I 100 11.55 -34.97 55.52
C ASP I 100 11.33 -35.64 56.88
N ALA I 101 10.88 -34.90 57.90
CA ALA I 101 10.70 -35.43 59.25
C ALA I 101 9.55 -36.44 59.34
N THR I 102 9.51 -37.21 60.43
CA THR I 102 8.39 -38.11 60.74
C THR I 102 7.12 -37.33 61.07
N GLU I 103 5.98 -38.04 61.12
CA GLU I 103 4.68 -37.48 61.51
C GLU I 103 4.72 -36.74 62.86
N ASP I 104 5.65 -37.12 63.74
CA ASP I 104 5.84 -36.57 65.06
C ASP I 104 6.23 -35.09 65.08
N LEU I 105 6.85 -34.55 64.03
CA LEU I 105 7.28 -33.15 64.05
C LEU I 105 6.09 -32.17 64.04
N LEU I 106 5.09 -32.36 63.18
CA LEU I 106 3.89 -31.51 63.22
C LEU I 106 3.12 -31.67 64.53
N ALA I 107 3.02 -32.90 65.04
CA ALA I 107 2.39 -33.16 66.32
C ALA I 107 3.13 -32.45 67.47
N GLU I 108 4.45 -32.49 67.50
CA GLU I 108 5.25 -31.79 68.49
C GLU I 108 5.11 -30.28 68.40
N LEU I 109 5.19 -29.69 67.21
CA LEU I 109 4.99 -28.25 67.04
C LEU I 109 3.60 -27.83 67.50
N ALA I 110 2.56 -28.61 67.16
CA ALA I 110 1.21 -28.31 67.61
C ALA I 110 1.09 -28.35 69.14
N ARG I 111 1.72 -29.32 69.81
CA ARG I 111 1.79 -29.37 71.27
C ARG I 111 2.57 -28.19 71.85
N MET I 112 3.75 -27.88 71.33
CA MET I 112 4.59 -26.79 71.84
C MET I 112 3.90 -25.44 71.80
N GLY I 113 3.21 -25.13 70.70
CA GLY I 113 2.45 -23.89 70.56
C GLY I 113 1.37 -23.77 71.63
N GLY I 114 0.40 -24.69 71.64
CA GLY I 114 -0.68 -24.66 72.62
C GLY I 114 -0.24 -24.75 74.08
N ALA I 115 0.76 -25.57 74.39
CA ALA I 115 1.31 -25.67 75.75
C ALA I 115 1.91 -24.36 76.22
N SER I 116 2.67 -23.66 75.37
CA SER I 116 3.29 -22.39 75.74
C SER I 116 2.25 -21.31 76.09
N ILE I 117 1.13 -21.29 75.37
CA ILE I 117 0.02 -20.39 75.62
C ILE I 117 -0.61 -20.72 76.98
N GLY I 118 -0.99 -21.96 77.24
CA GLY I 118 -1.59 -22.31 78.53
C GLY I 118 -0.67 -22.01 79.72
N ARG I 119 0.62 -22.29 79.56
CA ARG I 119 1.65 -22.02 80.56
C ARG I 119 1.81 -20.53 80.86
N ALA I 120 1.65 -19.64 79.87
CA ALA I 120 1.65 -18.20 80.09
C ALA I 120 0.38 -17.68 80.76
N LEU I 121 -0.78 -18.27 80.46
CA LEU I 121 -2.04 -17.93 81.10
C LEU I 121 -2.03 -18.25 82.59
N ASP I 122 -1.54 -19.42 82.98
CA ASP I 122 -1.38 -19.80 84.39
C ASP I 122 -0.55 -18.78 85.18
N ALA I 123 0.60 -18.35 84.66
CA ALA I 123 1.47 -17.39 85.33
C ALA I 123 0.84 -16.00 85.52
N ALA I 124 -0.01 -15.56 84.58
CA ALA I 124 -0.71 -14.29 84.68
C ALA I 124 -1.76 -14.31 85.79
N VAL I 125 -2.58 -15.35 85.85
CA VAL I 125 -3.67 -15.47 86.84
C VAL I 125 -3.14 -15.59 88.26
N LEU I 126 -2.14 -16.43 88.49
CA LEU I 126 -1.63 -16.69 89.83
C LEU I 126 -0.84 -15.50 90.40
N PHE I 127 0.17 -15.02 89.68
CA PHE I 127 1.12 -14.04 90.22
C PHE I 127 1.10 -12.68 89.53
N GLY I 128 0.27 -12.50 88.51
CA GLY I 128 0.24 -11.27 87.74
C GLY I 128 1.42 -11.11 86.78
N HIS I 129 2.19 -12.17 86.52
CA HIS I 129 3.36 -12.11 85.64
C HIS I 129 2.95 -11.75 84.22
N GLN I 130 3.43 -10.62 83.72
CA GLN I 130 3.06 -10.04 82.42
C GLN I 130 1.53 -9.90 82.22
N LYS I 131 0.75 -9.75 83.30
CA LYS I 131 -0.71 -9.66 83.23
C LYS I 131 -1.13 -8.42 82.41
N PRO I 132 -2.07 -8.52 81.47
CA PRO I 132 -2.54 -7.38 80.71
C PRO I 132 -3.13 -6.28 81.61
N VAL I 133 -2.87 -5.01 81.30
CA VAL I 133 -3.38 -3.89 82.11
C VAL I 133 -4.89 -3.69 81.99
N THR I 134 -5.53 -4.25 80.97
CA THR I 134 -7.00 -4.25 80.82
C THR I 134 -7.70 -5.23 81.76
N TRP I 135 -6.99 -6.19 82.37
CA TRP I 135 -7.55 -7.05 83.41
C TRP I 135 -7.64 -6.30 84.73
N ALA I 136 -8.83 -5.80 85.05
CA ALA I 136 -9.08 -5.02 86.26
C ALA I 136 -9.02 -5.84 87.55
N SER I 137 -9.28 -7.15 87.49
CA SER I 137 -9.12 -8.06 88.63
C SER I 137 -7.66 -8.25 89.01
N LYS I 138 -7.42 -8.35 90.30
CA LYS I 138 -6.12 -8.69 90.88
C LYS I 138 -5.81 -10.17 90.66
N SER I 139 -4.55 -10.50 90.38
CA SER I 139 -4.08 -11.88 90.38
C SER I 139 -4.28 -12.52 91.75
N LEU I 140 -4.31 -13.84 91.83
CA LEU I 140 -4.58 -14.54 93.08
C LEU I 140 -3.64 -14.08 94.20
N PHE I 141 -2.35 -13.93 93.92
CA PHE I 141 -1.39 -13.43 94.89
C PHE I 141 -1.69 -11.99 95.32
N GLU I 142 -1.85 -11.05 94.41
CA GLU I 142 -2.00 -9.65 94.83
C GLU I 142 -3.38 -9.37 95.42
N SER I 143 -4.40 -10.18 95.13
CA SER I 143 -5.67 -10.15 95.84
C SER I 143 -5.50 -10.49 97.32
N ALA I 144 -4.86 -11.62 97.62
CA ALA I 144 -4.60 -12.01 99.00
C ALA I 144 -3.71 -10.99 99.72
N ASP I 145 -2.67 -10.49 99.04
CA ASP I 145 -1.73 -9.54 99.59
C ASP I 145 -2.39 -8.20 99.96
N ASP I 146 -3.18 -7.63 99.05
CA ASP I 146 -3.89 -6.38 99.33
C ASP I 146 -5.01 -6.54 100.35
N ALA I 147 -5.62 -7.73 100.44
CA ALA I 147 -6.55 -8.07 101.51
C ALA I 147 -5.85 -8.35 102.85
N GLY I 148 -4.52 -8.39 102.90
CA GLY I 148 -3.75 -8.72 104.11
C GLY I 148 -3.84 -10.20 104.53
N GLN I 149 -4.38 -11.07 103.68
CA GLN I 149 -4.55 -12.50 103.94
C GLN I 149 -3.28 -13.28 103.60
N VAL I 150 -2.17 -12.88 104.21
CA VAL I 150 -0.84 -13.46 104.02
C VAL I 150 -0.34 -14.05 105.33
N VAL I 151 0.02 -15.33 105.33
CA VAL I 151 0.58 -16.04 106.48
C VAL I 151 2.05 -16.35 106.19
N ALA I 152 2.97 -15.87 107.01
CA ALA I 152 4.39 -16.18 106.88
C ALA I 152 4.75 -17.42 107.70
N VAL I 153 5.38 -18.42 107.08
CA VAL I 153 5.86 -19.62 107.75
C VAL I 153 6.95 -19.26 108.77
N GLY I 154 6.88 -19.84 109.96
CA GLY I 154 7.83 -19.66 111.07
C GLY I 154 8.75 -20.85 111.28
N ASN I 155 9.40 -20.91 112.44
CA ASN I 155 10.48 -21.87 112.73
C ASN I 155 10.40 -22.47 114.14
N SER I 156 9.21 -22.80 114.62
CA SER I 156 8.97 -23.36 115.96
C SER I 156 9.02 -24.89 116.05
N ASN I 157 9.33 -25.61 114.96
CA ASN I 157 9.05 -27.05 114.80
C ASN I 157 7.58 -27.37 115.09
N GLY I 158 6.67 -26.51 114.62
CA GLY I 158 5.22 -26.67 114.77
C GLY I 158 4.66 -26.32 116.15
N VAL I 159 5.49 -26.12 117.19
CA VAL I 159 5.07 -25.79 118.56
C VAL I 159 4.18 -24.55 118.59
N GLU I 160 4.46 -23.57 117.73
CA GLU I 160 3.61 -22.41 117.51
C GLU I 160 2.47 -22.41 116.50
N GLY I 161 2.17 -23.57 115.90
CA GLY I 161 1.17 -23.74 114.85
C GLY I 161 1.52 -23.05 113.53
N ASP I 162 2.79 -22.76 113.27
CA ASP I 162 3.25 -21.78 112.28
C ASP I 162 4.20 -22.37 111.21
N ASP I 163 4.33 -23.69 111.13
CA ASP I 163 4.96 -24.36 109.99
C ASP I 163 4.09 -24.25 108.72
N ILE I 164 4.46 -24.93 107.63
CA ILE I 164 3.75 -24.80 106.36
C ILE I 164 2.31 -25.30 106.51
N SER I 165 2.12 -26.45 107.16
CA SER I 165 0.82 -27.06 107.40
C SER I 165 -0.05 -26.17 108.28
N GLY I 166 0.50 -25.64 109.37
CA GLY I 166 -0.18 -24.70 110.23
C GLY I 166 -0.55 -23.44 109.48
N SER I 167 0.34 -22.91 108.66
CA SER I 167 0.06 -21.75 107.83
C SER I 167 -1.01 -22.00 106.78
N ILE I 168 -1.05 -23.18 106.16
CA ILE I 168 -2.12 -23.56 105.26
C ILE I 168 -3.46 -23.53 105.99
N LEU I 169 -3.54 -24.10 107.19
CA LEU I 169 -4.77 -24.10 107.98
C LEU I 169 -5.19 -22.71 108.43
N GLN I 170 -4.26 -21.85 108.84
CA GLN I 170 -4.56 -20.45 109.15
C GLN I 170 -5.06 -19.68 107.92
N ALA I 171 -4.41 -19.84 106.77
CA ALA I 171 -4.85 -19.21 105.53
C ALA I 171 -6.23 -19.71 105.11
N ALA I 172 -6.49 -21.01 105.23
CA ALA I 172 -7.81 -21.56 104.97
C ALA I 172 -8.87 -20.99 105.91
N GLU I 173 -8.55 -20.74 107.17
CA GLU I 173 -9.47 -20.11 108.11
C GLU I 173 -9.82 -18.67 107.70
N MET I 174 -8.86 -17.88 107.21
CA MET I 174 -9.14 -16.53 106.70
C MET I 174 -10.13 -16.55 105.54
N VAL I 175 -9.99 -17.49 104.61
CA VAL I 175 -10.94 -17.64 103.51
C VAL I 175 -12.29 -18.16 104.01
N ALA I 176 -12.30 -19.18 104.88
CA ALA I 176 -13.52 -19.79 105.43
C ALA I 176 -14.41 -18.83 106.24
N ASP I 177 -13.86 -17.71 106.70
CA ASP I 177 -14.59 -16.67 107.42
C ASP I 177 -15.79 -16.12 106.62
N VAL I 178 -15.71 -16.11 105.29
CA VAL I 178 -16.70 -15.50 104.38
C VAL I 178 -16.96 -16.36 103.13
N TYR I 179 -15.93 -17.05 102.63
CA TYR I 179 -15.98 -17.91 101.45
C TYR I 179 -15.89 -19.39 101.84
N ASP I 180 -15.85 -20.28 100.85
CA ASP I 180 -15.71 -21.72 101.05
C ASP I 180 -14.39 -22.21 100.43
N PRO I 181 -13.25 -22.18 101.15
CA PRO I 181 -11.97 -22.58 100.57
C PRO I 181 -12.00 -24.02 100.13
N SER I 182 -11.51 -24.30 98.93
CA SER I 182 -11.63 -25.65 98.35
C SER I 182 -10.40 -26.14 97.63
N HIS I 183 -9.51 -25.25 97.19
CA HIS I 183 -8.28 -25.63 96.51
C HIS I 183 -7.06 -25.09 97.23
N LEU I 184 -5.99 -25.86 97.19
CA LEU I 184 -4.64 -25.49 97.56
C LEU I 184 -3.77 -25.56 96.30
N LEU I 185 -3.16 -24.44 95.93
CA LEU I 185 -2.22 -24.36 94.81
C LEU I 185 -0.81 -24.30 95.38
N GLY I 186 0.15 -25.00 94.78
CA GLY I 186 1.55 -24.93 95.19
C GLY I 186 2.52 -25.29 94.07
N TYR I 187 3.81 -25.23 94.32
CA TYR I 187 4.81 -25.69 93.35
C TYR I 187 4.87 -27.22 93.26
N SER I 188 5.26 -27.77 92.11
CA SER I 188 5.59 -29.20 92.00
C SER I 188 6.71 -29.57 92.97
N GLY I 189 6.40 -30.46 93.91
CA GLY I 189 7.28 -30.82 95.01
C GLY I 189 6.77 -30.40 96.39
N LEU I 190 5.79 -29.49 96.49
CA LEU I 190 5.24 -29.09 97.79
C LEU I 190 4.66 -30.29 98.55
N ARG I 191 4.05 -31.25 97.86
CA ARG I 191 3.55 -32.50 98.44
C ARG I 191 4.57 -33.22 99.30
N TYR I 192 5.79 -33.34 98.82
CA TYR I 192 6.90 -34.00 99.53
C TYR I 192 7.63 -33.10 100.52
N ARG I 193 7.30 -31.80 100.55
CA ARG I 193 7.72 -30.85 101.59
C ARG I 193 6.72 -30.77 102.74
N LEU I 194 5.44 -31.06 102.49
CA LEU I 194 4.40 -31.19 103.51
C LEU I 194 4.50 -32.53 104.23
N ALA I 195 4.59 -33.65 103.51
CA ALA I 195 5.21 -34.83 104.09
C ALA I 195 6.64 -34.46 104.52
N ASN I 196 7.20 -35.13 105.52
CA ASN I 196 8.48 -34.72 106.13
C ASN I 196 8.46 -33.35 106.84
N GLN I 197 7.30 -32.74 107.08
CA GLN I 197 7.13 -31.82 108.22
C GLN I 197 7.29 -32.61 109.52
N ARG I 198 8.06 -32.12 110.48
CA ARG I 198 8.31 -32.78 111.78
C ARG I 198 7.92 -31.92 112.96
N ASP I 199 7.44 -32.53 114.03
CA ASP I 199 7.34 -31.86 115.33
C ASP I 199 8.71 -31.75 116.02
N ALA I 200 8.74 -31.18 117.23
CA ALA I 200 9.96 -30.99 118.00
C ALA I 200 10.70 -32.29 118.39
N ASN I 201 10.06 -33.45 118.33
CA ASN I 201 10.64 -34.76 118.61
C ASN I 201 10.88 -35.58 117.33
N GLY I 202 10.74 -34.99 116.15
CA GLY I 202 10.99 -35.68 114.89
C GLY I 202 9.83 -36.54 114.40
N GLN I 203 8.67 -36.51 115.05
CA GLN I 203 7.49 -37.25 114.57
C GLN I 203 6.89 -36.54 113.35
N PRO I 204 6.61 -37.22 112.22
CA PRO I 204 6.00 -36.59 111.06
C PRO I 204 4.59 -36.08 111.33
N LEU I 205 4.16 -35.02 110.64
CA LEU I 205 2.76 -34.56 110.69
C LEU I 205 1.82 -35.38 109.80
N PHE I 206 2.34 -36.01 108.74
CA PHE I 206 1.61 -36.87 107.82
C PHE I 206 2.03 -38.33 108.03
N GLN I 207 1.07 -39.24 108.19
CA GLN I 207 1.36 -40.68 108.24
C GLN I 207 1.76 -41.20 106.84
N PRO I 208 2.72 -42.12 106.72
CA PRO I 208 3.08 -42.75 105.44
C PRO I 208 1.91 -43.41 104.70
N GLY I 218 -5.03 -35.43 94.09
CA GLY I 218 -5.01 -35.72 95.52
C GLY I 218 -5.49 -34.55 96.38
N MET I 219 -5.71 -34.82 97.67
CA MET I 219 -6.36 -33.91 98.61
C MET I 219 -5.59 -33.80 99.92
N VAL I 220 -5.39 -32.58 100.43
CA VAL I 220 -4.57 -32.29 101.61
C VAL I 220 -5.30 -31.26 102.47
N HIS I 221 -5.42 -31.49 103.79
CA HIS I 221 -6.22 -30.65 104.70
C HIS I 221 -7.66 -30.43 104.22
N GLY I 222 -8.23 -31.39 103.49
CA GLY I 222 -9.57 -31.29 102.90
C GLY I 222 -9.67 -30.36 101.68
N LEU I 223 -8.56 -29.82 101.18
CA LEU I 223 -8.49 -28.98 100.00
C LEU I 223 -8.02 -29.83 98.81
N ASN I 224 -8.64 -29.70 97.65
CA ASN I 224 -8.11 -30.26 96.41
C ASN I 224 -6.75 -29.63 96.09
N THR I 225 -5.75 -30.40 95.70
CA THR I 225 -4.41 -29.87 95.41
C THR I 225 -4.16 -29.71 93.92
N VAL I 226 -3.48 -28.62 93.54
CA VAL I 226 -3.01 -28.37 92.17
C VAL I 226 -1.56 -27.94 92.25
N PHE I 227 -0.68 -28.50 91.42
CA PHE I 227 0.75 -28.20 91.48
C PHE I 227 1.26 -27.60 90.18
N PHE I 228 2.12 -26.60 90.28
CA PHE I 228 2.58 -25.77 89.17
C PHE I 228 4.09 -25.87 89.00
N SER I 229 4.53 -25.92 87.76
CA SER I 229 5.94 -25.94 87.35
C SER I 229 6.07 -25.56 85.87
N GLY I 230 7.30 -25.34 85.44
CA GLY I 230 7.63 -24.84 84.12
C GLY I 230 7.97 -23.37 84.12
N ASN I 231 8.23 -22.83 82.93
CA ASN I 231 8.77 -21.49 82.77
C ASN I 231 7.98 -20.71 81.73
N VAL I 232 8.12 -19.40 81.79
CA VAL I 232 7.47 -18.41 80.93
C VAL I 232 8.50 -17.35 80.54
N ASP I 233 8.18 -16.55 79.54
CA ASP I 233 8.98 -15.43 79.09
C ASP I 233 9.39 -14.50 80.26
N ASP I 234 10.67 -14.26 80.45
CA ASP I 234 11.17 -13.28 81.43
C ASP I 234 11.19 -11.84 80.89
N GLY I 235 10.84 -11.62 79.62
CA GLY I 235 10.91 -10.32 78.94
C GLY I 235 12.31 -9.94 78.43
N SER I 236 13.29 -10.83 78.52
CA SER I 236 14.70 -10.63 78.17
C SER I 236 15.28 -11.82 77.37
N ASN I 237 14.42 -12.56 76.66
CA ASN I 237 14.76 -13.77 75.91
C ASN I 237 15.37 -14.90 76.77
N GLY I 238 14.96 -15.01 78.03
CA GLY I 238 15.28 -16.13 78.92
C GLY I 238 14.02 -16.70 79.59
N ASP I 239 14.23 -17.41 80.69
CA ASP I 239 13.18 -18.09 81.45
C ASP I 239 12.92 -17.44 82.81
N ALA I 240 11.66 -17.28 83.17
CA ALA I 240 11.20 -17.02 84.53
C ALA I 240 10.25 -18.16 84.95
N PRO I 241 10.22 -18.59 86.22
CA PRO I 241 9.37 -19.70 86.65
C PRO I 241 7.89 -19.31 86.66
N VAL I 242 7.00 -20.26 86.37
CA VAL I 242 5.54 -20.05 86.49
C VAL I 242 5.13 -19.77 87.94
N TRP I 243 5.71 -20.50 88.89
CA TRP I 243 5.55 -20.28 90.31
C TRP I 243 6.87 -19.84 90.92
N ASP I 244 6.95 -18.65 91.49
CA ASP I 244 8.17 -18.20 92.18
C ASP I 244 8.14 -18.58 93.67
N ARG I 245 8.88 -19.62 94.04
CA ARG I 245 8.94 -20.11 95.43
C ARG I 245 9.49 -19.10 96.41
N ASP I 246 10.14 -18.03 95.96
CA ASP I 246 10.64 -16.98 96.84
C ASP I 246 9.56 -15.97 97.24
N VAL I 247 8.39 -15.95 96.57
CA VAL I 247 7.28 -15.08 96.97
C VAL I 247 6.12 -15.85 97.62
N ALA I 248 5.86 -17.10 97.24
CA ALA I 248 4.83 -17.91 97.88
C ALA I 248 5.21 -19.39 97.95
N SER I 249 4.91 -20.04 99.07
CA SER I 249 4.94 -21.50 99.18
C SER I 249 3.66 -22.12 98.65
N ALA I 250 2.51 -21.51 98.93
CA ALA I 250 1.19 -22.00 98.50
C ALA I 250 0.14 -20.89 98.50
N ILE I 251 -0.99 -21.13 97.83
CA ILE I 251 -2.17 -20.26 97.76
C ILE I 251 -3.39 -21.11 98.13
N VAL I 252 -4.27 -20.61 98.99
CA VAL I 252 -5.56 -21.24 99.31
C VAL I 252 -6.67 -20.41 98.71
N VAL I 253 -7.62 -21.03 98.01
CA VAL I 253 -8.64 -20.31 97.26
C VAL I 253 -10.00 -20.99 97.30
N ASP I 254 -11.06 -20.20 97.32
CA ASP I 254 -12.40 -20.65 96.93
C ASP I 254 -12.52 -20.65 95.41
N ARG I 255 -12.41 -21.84 94.82
CA ARG I 255 -12.49 -22.09 93.38
C ARG I 255 -13.73 -21.53 92.72
N SER I 256 -14.83 -21.33 93.43
CA SER I 256 -16.08 -20.86 92.85
C SER I 256 -16.07 -19.37 92.48
N ARG I 257 -15.11 -18.61 93.02
CA ARG I 257 -15.03 -17.15 92.90
C ARG I 257 -14.11 -16.64 91.79
N VAL I 258 -13.32 -17.52 91.19
CA VAL I 258 -12.57 -17.25 89.96
C VAL I 258 -13.45 -17.56 88.76
N VAL I 259 -13.27 -16.87 87.65
CA VAL I 259 -13.71 -17.34 86.34
C VAL I 259 -12.64 -17.06 85.29
N ILE I 260 -12.43 -18.01 84.39
CA ILE I 260 -11.55 -17.87 83.23
C ILE I 260 -12.45 -17.73 82.01
N GLY I 261 -12.35 -16.60 81.32
CA GLY I 261 -13.08 -16.36 80.09
C GLY I 261 -12.28 -16.85 78.89
N VAL I 262 -12.81 -17.78 78.10
CA VAL I 262 -12.19 -18.22 76.86
C VAL I 262 -12.93 -17.57 75.69
N ARG I 263 -12.35 -16.52 75.11
CA ARG I 263 -12.93 -15.81 73.96
C ARG I 263 -12.67 -16.52 72.64
N GLN I 264 -11.49 -17.11 72.51
CA GLN I 264 -11.10 -17.93 71.37
C GLN I 264 -10.05 -18.91 71.85
N ASP I 265 -10.39 -20.18 71.92
CA ASP I 265 -9.44 -21.22 72.29
C ASP I 265 -8.32 -21.33 71.24
N ILE I 266 -7.20 -21.98 71.55
CA ILE I 266 -6.00 -21.98 70.72
C ILE I 266 -6.29 -22.41 69.29
N THR I 267 -5.98 -21.55 68.33
CA THR I 267 -6.07 -21.81 66.88
C THR I 267 -4.71 -21.73 66.25
N VAL I 268 -4.53 -22.42 65.13
CA VAL I 268 -3.29 -22.45 64.35
C VAL I 268 -3.57 -22.00 62.92
N LYS I 269 -2.79 -21.04 62.41
CA LYS I 269 -2.75 -20.69 60.98
C LYS I 269 -1.40 -21.04 60.39
N TYR I 270 -1.44 -21.67 59.20
CA TYR I 270 -0.24 -22.08 58.42
C TYR I 270 0.15 -20.90 57.52
N LEU I 271 1.30 -20.27 57.78
CA LEU I 271 1.83 -19.16 57.00
C LEU I 271 2.90 -19.66 56.05
N ASP I 272 2.87 -19.18 54.81
CA ASP I 272 3.75 -19.62 53.74
C ASP I 272 4.19 -18.50 52.80
N GLN I 273 3.70 -17.27 53.00
CA GLN I 273 4.10 -16.08 52.23
C GLN I 273 4.45 -14.88 53.09
N ALA I 274 4.02 -14.85 54.35
CA ALA I 274 4.24 -13.73 55.23
C ALA I 274 5.72 -13.47 55.50
N THR I 275 6.03 -12.27 55.99
CA THR I 275 7.31 -11.99 56.63
C THR I 275 7.11 -12.02 58.13
N VAL I 276 7.86 -12.85 58.84
CA VAL I 276 7.74 -13.03 60.30
C VAL I 276 9.11 -12.93 60.95
N GLY I 277 9.30 -12.07 61.94
CA GLY I 277 10.60 -11.88 62.57
C GLY I 277 11.73 -11.48 61.62
N GLY I 278 11.40 -10.85 60.50
CA GLY I 278 12.32 -10.52 59.41
C GLY I 278 12.59 -11.65 58.40
N ILE I 279 12.09 -12.86 58.63
CA ILE I 279 12.20 -13.99 57.70
C ILE I 279 11.14 -13.85 56.62
N ASN I 280 11.52 -13.70 55.35
CA ASN I 280 10.58 -13.77 54.23
C ASN I 280 10.26 -15.23 53.91
N LEU I 281 9.09 -15.73 54.26
CA LEU I 281 8.82 -17.17 54.19
C LEU I 281 8.91 -17.74 52.77
N ALA I 282 8.23 -17.13 51.79
CA ALA I 282 8.17 -17.68 50.43
C ALA I 282 9.52 -17.66 49.71
N GLU I 283 10.28 -16.58 49.88
CA GLU I 283 11.62 -16.39 49.31
C GLU I 283 12.65 -17.43 49.79
N ARG I 284 12.37 -18.11 50.90
CA ARG I 284 13.32 -18.98 51.61
C ARG I 284 12.83 -20.41 51.76
N ASP I 285 11.74 -20.78 51.10
CA ASP I 285 11.04 -22.07 51.25
C ASP I 285 10.74 -22.41 52.71
N MET I 286 10.43 -21.40 53.52
CA MET I 286 9.99 -21.61 54.89
C MET I 286 8.48 -21.50 54.99
N VAL I 287 7.97 -22.01 56.10
CA VAL I 287 6.59 -21.83 56.55
C VAL I 287 6.62 -21.52 58.02
N ALA I 288 5.53 -21.02 58.57
CA ALA I 288 5.42 -20.83 60.00
C ALA I 288 4.05 -21.28 60.48
N LEU I 289 3.97 -21.68 61.73
CA LEU I 289 2.70 -21.91 62.41
C LEU I 289 2.46 -20.75 63.35
N ARG I 290 1.38 -20.00 63.13
CA ARG I 290 0.94 -18.91 64.01
C ARG I 290 -0.10 -19.46 64.96
N PHE I 291 0.27 -19.57 66.23
CA PHE I 291 -0.62 -20.01 67.30
C PHE I 291 -1.15 -18.80 68.03
N CYS I 292 -2.45 -18.72 68.26
CA CYS I 292 -2.96 -17.75 69.23
C CYS I 292 -4.26 -18.21 69.90
N GLY I 293 -4.52 -17.68 71.09
CA GLY I 293 -5.78 -17.81 71.80
C GLY I 293 -6.09 -16.51 72.54
N ARG I 294 -7.37 -16.26 72.82
CA ARG I 294 -7.87 -15.05 73.51
C ARG I 294 -8.51 -15.44 74.83
N PHE I 295 -8.05 -14.85 75.92
CA PHE I 295 -8.39 -15.23 77.29
C PHE I 295 -8.68 -14.02 78.17
N ALA I 296 -9.45 -14.22 79.22
CA ALA I 296 -9.81 -13.24 80.21
C ALA I 296 -9.86 -13.88 81.60
N TYR I 297 -9.75 -13.07 82.65
CA TYR I 297 -9.85 -13.52 84.02
C TYR I 297 -10.62 -12.52 84.87
N ALA I 298 -11.46 -13.00 85.78
CA ALA I 298 -12.13 -12.17 86.78
C ALA I 298 -12.21 -12.86 88.15
N LEU I 299 -12.12 -12.07 89.22
CA LEU I 299 -12.24 -12.53 90.60
C LEU I 299 -13.41 -11.83 91.30
N GLY I 300 -14.40 -12.58 91.79
CA GLY I 300 -15.52 -12.03 92.56
C GLY I 300 -15.20 -11.95 94.06
N ASP I 301 -14.66 -10.84 94.53
CA ASP I 301 -13.87 -10.80 95.76
C ASP I 301 -14.39 -9.96 96.94
N ASN I 302 -15.39 -9.09 96.74
CA ASN I 302 -16.02 -8.33 97.81
C ASN I 302 -17.48 -8.77 97.95
N ILE I 303 -17.71 -10.01 98.37
CA ILE I 303 -19.05 -10.61 98.43
C ILE I 303 -19.94 -9.90 99.46
N ALA I 304 -21.24 -9.87 99.24
CA ALA I 304 -22.18 -9.22 100.15
C ALA I 304 -22.21 -9.90 101.53
N GLN I 305 -22.25 -9.09 102.57
CA GLN I 305 -22.10 -9.54 103.96
C GLN I 305 -23.17 -8.96 104.91
N GLY I 306 -24.03 -8.07 104.43
CA GLY I 306 -25.08 -7.42 105.22
C GLY I 306 -25.57 -6.13 104.56
N ARG I 307 -26.03 -5.17 105.37
CA ARG I 307 -26.44 -3.83 104.93
C ARG I 307 -25.27 -2.94 104.50
N VAL I 308 -24.09 -3.16 105.07
CA VAL I 308 -22.87 -2.37 104.84
C VAL I 308 -21.98 -3.11 103.84
N ALA I 309 -21.40 -2.40 102.87
CA ALA I 309 -20.48 -2.99 101.91
C ALA I 309 -19.16 -3.39 102.58
N ALA I 310 -18.63 -4.57 102.25
CA ALA I 310 -17.49 -5.18 102.92
C ALA I 310 -16.31 -5.42 101.96
N GLU I 311 -15.09 -5.45 102.49
CA GLU I 311 -13.88 -5.78 101.74
C GLU I 311 -13.37 -7.17 102.15
N ASN I 312 -13.14 -8.06 101.20
CA ASN I 312 -12.66 -9.42 101.45
C ASN I 312 -11.66 -9.85 100.39
N SER I 313 -11.23 -11.11 100.45
CA SER I 313 -10.74 -11.84 99.29
C SER I 313 -11.09 -13.33 99.45
N PRO I 314 -11.39 -14.05 98.36
CA PRO I 314 -11.50 -15.50 98.36
C PRO I 314 -10.15 -16.21 98.34
N VAL I 315 -9.04 -15.48 98.49
CA VAL I 315 -7.68 -15.99 98.35
C VAL I 315 -6.84 -15.63 99.56
N ALA I 316 -6.06 -16.58 100.05
CA ALA I 316 -5.05 -16.38 101.08
C ALA I 316 -3.74 -17.02 100.64
N VAL I 317 -2.61 -16.48 101.11
CA VAL I 317 -1.27 -16.83 100.65
C VAL I 317 -0.40 -17.27 101.81
N ILE I 318 0.42 -18.30 101.58
CA ILE I 318 1.43 -18.78 102.51
C ILE I 318 2.80 -18.43 101.94
N THR I 319 3.67 -17.78 102.71
CA THR I 319 5.00 -17.34 102.25
C THR I 319 6.13 -18.04 103.01
N PRO I 320 7.26 -18.33 102.36
CA PRO I 320 8.33 -19.13 102.95
C PRO I 320 8.98 -18.48 104.18
N TYR I 321 9.62 -19.29 105.02
CA TYR I 321 10.38 -18.78 106.16
C TYR I 321 11.60 -18.00 105.67
N ALA I 322 11.64 -16.71 106.00
CA ALA I 322 12.66 -15.79 105.53
C ALA I 322 13.96 -15.81 106.34
N GLY I 323 13.92 -16.24 107.61
CA GLY I 323 15.05 -16.17 108.53
C GLY I 323 16.23 -17.09 108.19
N SER I 324 17.39 -16.80 108.81
CA SER I 324 18.67 -17.50 108.59
C SER I 324 19.54 -17.51 109.85
#